data_5WER
#
_entry.id   5WER
#
_cell.length_a   169.050
_cell.length_b   169.050
_cell.length_c   139.410
_cell.angle_alpha   90.00
_cell.angle_beta   90.00
_cell.angle_gamma   120.00
#
_symmetry.space_group_name_H-M   'P 31'
#
loop_
_entity.id
_entity.type
_entity.pdbx_description
1 polymer 'H-2 class I histocompatibility antigen, D-D alpha chain'
2 polymer Beta-2-microglobulin
3 polymer 'TAP binding protein related'
4 non-polymer 1,2-ETHANEDIOL
5 non-polymer GLYCEROL
6 non-polymer 'PENTAETHYLENE GLYCOL'
7 non-polymer 'CITRIC ACID'
#
loop_
_entity_poly.entity_id
_entity_poly.type
_entity_poly.pdbx_seq_one_letter_code
_entity_poly.pdbx_strand_id
1 'polypeptide(L)'
;MSHSLRYFVTAVSRPGFGEPRYMEVGYVDNTEFVRFDSDAENPRYEPRARWIEQEGPEYWERETRRAKGNEQCFRVDLRT
ALRYYNQSAGGSHTLQWMAGCDVESDGRLLRGYWQFAYDGCDYIALNEDLKTWTAADMAAQITRRKWEQAGAAERDRAYL
EGECVEWLRRYLKNGNATLLRTDPPKAHVTHHRRPEGDVTLRCWALGFYPADITLTWQLNGEELTQEMELVETRPAGDGT
FQKWASVVVPLGKEQKYTCHVEHEGLPEPLTLRWGKE
;
A,D,G,J
2 'polypeptide(L)'
;MIQRTPKIQVYSRHPAENGKSNFLNCYVSGFHPSDIEVDLLKNGERIEKVEHSDLSFSKDWSFYLLYYTEFTPTEKDEYA
CRVNHVTLSQPKIVKWDRDM
;
B,E,H,K
3 'polypeptide(L)'
;KPHPAEGQWRAVDVVLDCFLVKDGAHRGALASSEDRARASLVLKQVPVLDDGSLEDFTDFQGGTLAQDDPPIIFEASVDL
VQIPQAEALLHADCSGKEVTCEISRYFLQMTETTVKTAAWFMANVQVSGGGPSISLVMKTPRVAKNEVLWHPTLNLPLSP
QGTVRTAVEFQVMTQTQSLSFLLGSSASLDCGFSMAPGLDLISVEWRLQHKGRGQLVYSWTAGQGQAVRKGATLEPAQLG
MARDASLTLPGLTIQDEGTYICQITTSLYRAQQIIQLNIQASPKVRLSLANEALLPTLICDIAGYYPLDVVVTWTREELG
GSPAQVSGASFSSLRQSVAGTYSISSSLTAEPGSAGATYTCQVTHISLEEPLGASTQVVPPERRLEGGLEVLFQ
;
C,F,I,L
#
# COMPACT_ATOMS: atom_id res chain seq x y z
N SER A 2 40.92 -3.25 -42.64
CA SER A 2 39.57 -3.45 -42.12
C SER A 2 39.39 -4.87 -41.59
N HIS A 3 40.51 -5.54 -41.30
CA HIS A 3 40.47 -6.90 -40.75
C HIS A 3 41.39 -6.96 -39.54
N SER A 4 41.17 -7.97 -38.70
CA SER A 4 41.91 -8.05 -37.44
C SER A 4 41.89 -9.47 -36.90
N LEU A 5 42.97 -9.83 -36.22
CA LEU A 5 43.08 -11.09 -35.49
C LEU A 5 43.39 -10.76 -34.04
N ARG A 6 42.60 -11.30 -33.12
CA ARG A 6 42.75 -10.94 -31.71
C ARG A 6 42.69 -12.17 -30.83
N TYR A 7 43.65 -12.27 -29.92
CA TYR A 7 43.69 -13.32 -28.90
C TYR A 7 43.25 -12.72 -27.58
N PHE A 8 42.22 -13.32 -26.97
CA PHE A 8 41.71 -12.91 -25.68
C PHE A 8 42.02 -13.99 -24.66
N VAL A 9 42.64 -13.60 -23.56
CA VAL A 9 43.03 -14.51 -22.49
C VAL A 9 42.46 -13.97 -21.18
N THR A 10 41.95 -14.88 -20.35
CA THR A 10 41.27 -14.48 -19.13
C THR A 10 41.59 -15.47 -18.02
N ALA A 11 41.92 -14.95 -16.84
CA ALA A 11 42.14 -15.75 -15.64
C ALA A 11 41.23 -15.24 -14.53
N VAL A 12 40.49 -16.16 -13.90
CA VAL A 12 39.51 -15.83 -12.89
C VAL A 12 39.84 -16.57 -11.61
N SER A 13 39.78 -15.86 -10.49
CA SER A 13 40.11 -16.41 -9.17
C SER A 13 38.87 -17.09 -8.59
N ARG A 14 38.87 -18.43 -8.58
CA ARG A 14 37.79 -19.19 -7.97
C ARG A 14 38.15 -19.48 -6.51
N PRO A 15 37.48 -18.86 -5.55
CA PRO A 15 37.82 -19.11 -4.14
C PRO A 15 37.30 -20.45 -3.67
N GLY A 16 38.08 -21.06 -2.77
CA GLY A 16 37.76 -22.39 -2.29
C GLY A 16 37.97 -23.48 -3.30
N PHE A 17 38.38 -23.15 -4.53
CA PHE A 17 38.63 -24.13 -5.58
C PHE A 17 40.03 -23.88 -6.11
N GLY A 18 40.88 -24.90 -6.05
CA GLY A 18 42.29 -24.76 -6.37
C GLY A 18 42.59 -24.17 -7.73
N GLU A 19 42.11 -24.80 -8.78
CA GLU A 19 42.43 -24.36 -10.12
C GLU A 19 41.68 -23.09 -10.48
N PRO A 20 42.36 -21.97 -10.72
CA PRO A 20 41.67 -20.78 -11.23
C PRO A 20 41.25 -21.01 -12.66
N ARG A 21 40.12 -20.40 -13.03
CA ARG A 21 39.56 -20.64 -14.35
C ARG A 21 40.37 -19.89 -15.39
N TYR A 22 40.94 -20.61 -16.34
CA TYR A 22 41.76 -20.02 -17.39
C TYR A 22 41.11 -20.32 -18.73
N MET A 23 40.84 -19.26 -19.50
CA MET A 23 40.16 -19.41 -20.78
C MET A 23 40.82 -18.52 -21.83
N GLU A 24 40.76 -18.97 -23.08
CA GLU A 24 41.29 -18.19 -24.20
C GLU A 24 40.34 -18.33 -25.37
N VAL A 25 40.13 -17.24 -26.12
CA VAL A 25 39.33 -17.27 -27.34
C VAL A 25 40.02 -16.43 -28.40
N GLY A 26 40.04 -16.95 -29.62
CA GLY A 26 40.61 -16.20 -30.74
C GLY A 26 39.55 -15.68 -31.68
N TYR A 27 39.86 -14.61 -32.40
CA TYR A 27 38.88 -14.01 -33.30
C TYR A 27 39.55 -13.47 -34.55
N VAL A 28 38.87 -13.67 -35.68
CA VAL A 28 39.14 -12.92 -36.90
C VAL A 28 37.98 -11.96 -37.09
N ASP A 29 38.26 -10.66 -37.07
CA ASP A 29 37.23 -9.62 -36.94
C ASP A 29 36.48 -9.92 -35.64
N ASN A 30 35.16 -10.01 -35.65
CA ASN A 30 34.38 -10.45 -34.50
C ASN A 30 33.86 -11.86 -34.68
N THR A 31 34.56 -12.67 -35.47
CA THR A 31 34.22 -14.06 -35.70
C THR A 31 35.10 -14.95 -34.81
N GLU A 32 34.46 -15.82 -34.04
CA GLU A 32 35.18 -16.61 -33.05
C GLU A 32 35.79 -17.85 -33.67
N PHE A 33 36.94 -18.26 -33.14
CA PHE A 33 37.58 -19.51 -33.50
C PHE A 33 38.61 -19.84 -32.44
N VAL A 34 39.17 -21.05 -32.53
CA VAL A 34 40.07 -21.67 -31.56
C VAL A 34 39.75 -21.28 -30.12
N ARG A 35 38.51 -21.54 -29.69
CA ARG A 35 38.19 -21.36 -28.29
C ARG A 35 38.85 -22.45 -27.44
N PHE A 36 39.27 -22.06 -26.24
CA PHE A 36 40.06 -22.88 -25.34
C PHE A 36 39.57 -22.69 -23.91
N ASP A 37 39.43 -23.80 -23.21
CA ASP A 37 38.86 -23.83 -21.86
C ASP A 37 39.62 -24.85 -21.02
N SER A 38 39.54 -24.67 -19.70
CA SER A 38 40.12 -25.61 -18.75
C SER A 38 39.10 -26.54 -18.11
N ASP A 39 37.81 -26.22 -18.22
CA ASP A 39 36.74 -27.05 -17.67
C ASP A 39 36.03 -27.85 -18.75
N ALA A 40 36.79 -28.40 -19.69
CA ALA A 40 36.24 -29.26 -20.74
C ALA A 40 36.86 -30.65 -20.63
N GLU A 41 36.09 -31.66 -21.03
CA GLU A 41 36.54 -33.04 -20.91
C GLU A 41 37.78 -33.28 -21.77
N ASN A 42 38.86 -33.71 -21.13
CA ASN A 42 40.16 -33.88 -21.77
C ASN A 42 40.55 -32.57 -22.43
N PRO A 43 41.09 -31.62 -21.66
CA PRO A 43 41.26 -30.24 -22.17
C PRO A 43 42.42 -30.13 -23.15
N ARG A 44 42.14 -29.48 -24.27
CA ARG A 44 43.16 -29.05 -25.23
C ARG A 44 42.54 -27.92 -26.05
N TYR A 45 43.30 -27.42 -27.02
CA TYR A 45 42.73 -26.46 -27.97
C TYR A 45 41.70 -27.15 -28.85
N GLU A 46 40.52 -26.56 -28.96
CA GLU A 46 39.48 -27.11 -29.80
C GLU A 46 39.01 -26.05 -30.80
N PRO A 47 38.79 -26.43 -32.05
CA PRO A 47 38.35 -25.46 -33.05
C PRO A 47 36.84 -25.31 -33.12
N ARG A 48 36.34 -24.07 -33.02
CA ARG A 48 34.91 -23.85 -33.12
C ARG A 48 34.47 -23.72 -34.58
N ALA A 49 35.13 -22.85 -35.33
CA ALA A 49 34.76 -22.61 -36.72
C ALA A 49 34.95 -23.88 -37.55
N ARG A 50 34.21 -23.95 -38.66
CA ARG A 50 34.32 -25.11 -39.54
C ARG A 50 35.53 -25.00 -40.45
N TRP A 51 35.96 -23.77 -40.78
CA TRP A 51 37.08 -23.56 -41.69
C TRP A 51 38.44 -23.69 -41.01
N ILE A 52 38.50 -23.49 -39.68
CA ILE A 52 39.77 -23.63 -38.99
C ILE A 52 40.17 -25.10 -38.89
N GLU A 53 39.20 -26.01 -38.91
CA GLU A 53 39.42 -27.44 -38.77
C GLU A 53 40.40 -27.99 -39.80
N GLN A 54 40.79 -27.16 -40.77
CA GLN A 54 41.69 -27.58 -41.82
C GLN A 54 43.16 -27.42 -41.44
N GLU A 55 43.45 -27.05 -40.19
CA GLU A 55 44.85 -26.88 -39.80
C GLU A 55 45.44 -28.18 -39.28
N GLY A 56 46.78 -28.24 -39.29
CA GLY A 56 47.49 -29.45 -38.94
C GLY A 56 47.53 -29.70 -37.46
N PRO A 57 47.95 -30.91 -37.09
CA PRO A 57 48.04 -31.24 -35.65
C PRO A 57 49.13 -30.49 -34.93
N GLU A 58 50.21 -30.13 -35.63
CA GLU A 58 51.26 -29.32 -35.04
C GLU A 58 50.70 -28.04 -34.44
N TYR A 59 49.71 -27.44 -35.10
CA TYR A 59 49.01 -26.29 -34.55
C TYR A 59 48.46 -26.62 -33.16
N TRP A 60 47.85 -27.80 -33.02
CA TRP A 60 47.17 -28.12 -31.78
C TRP A 60 48.15 -28.48 -30.66
N GLU A 61 49.21 -29.23 -30.97
CA GLU A 61 50.17 -29.58 -29.94
C GLU A 61 51.04 -28.40 -29.55
N ARG A 62 51.66 -27.75 -30.54
CA ARG A 62 52.47 -26.57 -30.26
C ARG A 62 51.64 -25.50 -29.57
N GLU A 63 50.48 -25.17 -30.14
CA GLU A 63 49.64 -24.12 -29.56
C GLU A 63 49.16 -24.51 -28.17
N THR A 64 48.84 -25.80 -27.95
CA THR A 64 48.38 -26.15 -26.61
C THR A 64 49.50 -26.04 -25.59
N ARG A 65 50.75 -26.27 -26.01
CA ARG A 65 51.88 -25.93 -25.14
C ARG A 65 51.90 -24.44 -24.85
N ARG A 66 51.61 -23.61 -25.86
CA ARG A 66 51.49 -22.17 -25.62
C ARG A 66 50.45 -21.88 -24.54
N ALA A 67 49.29 -22.53 -24.63
CA ALA A 67 48.24 -22.32 -23.63
C ALA A 67 48.72 -22.74 -22.24
N LYS A 68 49.45 -23.86 -22.15
CA LYS A 68 49.95 -24.29 -20.85
C LYS A 68 50.89 -23.25 -20.26
N GLY A 69 51.85 -22.77 -21.06
CA GLY A 69 52.75 -21.74 -20.57
C GLY A 69 52.01 -20.50 -20.11
N ASN A 70 51.13 -19.97 -20.97
CA ASN A 70 50.33 -18.81 -20.62
C ASN A 70 49.37 -19.07 -19.46
N GLU A 71 49.13 -20.32 -19.10
CA GLU A 71 48.23 -20.65 -18.00
C GLU A 71 48.97 -20.73 -16.67
N GLN A 72 50.05 -21.51 -16.60
CA GLN A 72 50.85 -21.53 -15.38
C GLN A 72 51.42 -20.15 -15.10
N CYS A 73 51.73 -19.38 -16.15
CA CYS A 73 52.17 -18.00 -15.96
C CYS A 73 51.14 -17.20 -15.17
N PHE A 74 49.89 -17.21 -15.60
CA PHE A 74 48.85 -16.47 -14.90
C PHE A 74 48.58 -17.05 -13.53
N ARG A 75 48.68 -18.37 -13.38
CA ARG A 75 48.58 -18.99 -12.06
C ARG A 75 49.58 -18.38 -11.10
N VAL A 76 50.83 -18.24 -11.53
CA VAL A 76 51.83 -17.59 -10.69
C VAL A 76 51.53 -16.11 -10.54
N ASP A 77 50.86 -15.50 -11.53
CA ASP A 77 50.68 -14.05 -11.53
C ASP A 77 49.56 -13.59 -10.59
N LEU A 78 48.53 -14.42 -10.40
CA LEU A 78 47.43 -14.00 -9.54
C LEU A 78 47.86 -13.89 -8.08
N ARG A 79 48.67 -14.85 -7.61
CA ARG A 79 49.24 -14.74 -6.27
C ARG A 79 50.11 -13.50 -6.13
N THR A 80 50.75 -13.06 -7.23
CA THR A 80 51.48 -11.80 -7.20
C THR A 80 50.52 -10.62 -7.06
N ALA A 81 49.38 -10.67 -7.76
CA ALA A 81 48.37 -9.62 -7.62
C ALA A 81 47.91 -9.50 -6.18
N LEU A 82 47.57 -10.64 -5.55
CA LEU A 82 47.11 -10.59 -4.16
C LEU A 82 48.24 -10.32 -3.18
N ARG A 83 49.49 -10.56 -3.57
CA ARG A 83 50.61 -10.24 -2.68
C ARG A 83 50.92 -8.74 -2.71
N TYR A 84 50.67 -8.08 -3.84
CA TYR A 84 50.82 -6.63 -3.87
C TYR A 84 49.61 -5.93 -3.28
N TYR A 85 48.42 -6.50 -3.47
CA TYR A 85 47.17 -5.91 -2.97
C TYR A 85 46.64 -6.77 -1.83
N ASN A 86 46.70 -6.26 -0.60
CA ASN A 86 46.07 -6.95 0.52
C ASN A 86 44.57 -6.91 0.32
N GLN A 87 44.02 -8.00 -0.20
CA GLN A 87 42.59 -8.15 -0.39
C GLN A 87 42.16 -9.50 0.17
N SER A 88 40.91 -9.57 0.61
CA SER A 88 40.37 -10.81 1.14
C SER A 88 40.47 -11.92 0.10
N ALA A 89 41.15 -13.01 0.47
CA ALA A 89 41.39 -14.08 -0.50
C ALA A 89 40.10 -14.72 -0.97
N GLY A 90 39.05 -14.69 -0.13
CA GLY A 90 37.77 -15.27 -0.49
C GLY A 90 37.07 -14.58 -1.65
N GLY A 91 37.53 -13.39 -2.05
CA GLY A 91 36.92 -12.70 -3.15
C GLY A 91 37.41 -13.20 -4.50
N SER A 92 36.54 -13.12 -5.50
CA SER A 92 36.84 -13.57 -6.84
C SER A 92 37.35 -12.39 -7.65
N HIS A 93 38.56 -12.51 -8.19
CA HIS A 93 39.19 -11.48 -8.99
C HIS A 93 39.55 -12.02 -10.36
N THR A 94 39.62 -11.11 -11.33
CA THR A 94 39.91 -11.46 -12.71
C THR A 94 41.06 -10.62 -13.24
N LEU A 95 41.91 -11.25 -14.05
CA LEU A 95 42.98 -10.56 -14.77
C LEU A 95 42.93 -11.01 -16.23
N GLN A 96 42.86 -10.06 -17.13
CA GLN A 96 42.66 -10.32 -18.55
C GLN A 96 43.84 -9.77 -19.36
N TRP A 97 44.15 -10.49 -20.43
CA TRP A 97 45.30 -10.20 -21.28
C TRP A 97 44.87 -10.32 -22.73
N MET A 98 44.99 -9.24 -23.49
CA MET A 98 44.55 -9.20 -24.88
C MET A 98 45.72 -8.87 -25.78
N ALA A 99 45.83 -9.59 -26.90
CA ALA A 99 46.90 -9.35 -27.85
C ALA A 99 46.40 -9.61 -29.26
N GLY A 100 46.37 -8.56 -30.09
CA GLY A 100 45.86 -8.69 -31.44
C GLY A 100 46.50 -7.70 -32.38
N CYS A 101 46.26 -7.92 -33.67
CA CYS A 101 46.81 -7.11 -34.75
C CYS A 101 45.71 -6.82 -35.77
N ASP A 102 45.63 -5.55 -36.16
CA ASP A 102 44.64 -5.06 -37.10
C ASP A 102 45.35 -4.60 -38.38
N VAL A 103 45.02 -5.23 -39.50
CA VAL A 103 45.62 -4.94 -40.79
C VAL A 103 44.53 -4.53 -41.77
N GLU A 104 44.90 -3.66 -42.70
CA GLU A 104 44.00 -3.21 -43.74
C GLU A 104 43.96 -4.22 -44.90
N SER A 105 42.94 -4.08 -45.74
CA SER A 105 42.77 -4.99 -46.87
C SER A 105 43.89 -4.86 -47.89
N ASP A 106 44.58 -3.72 -47.92
CA ASP A 106 45.65 -3.49 -48.89
C ASP A 106 46.97 -4.16 -48.50
N GLY A 107 47.03 -4.81 -47.34
CA GLY A 107 48.21 -5.48 -46.87
C GLY A 107 49.06 -4.67 -45.91
N ARG A 108 49.01 -3.34 -46.01
CA ARG A 108 49.74 -2.50 -45.08
C ARG A 108 49.21 -2.67 -43.66
N LEU A 109 50.12 -2.80 -42.70
CA LEU A 109 49.71 -2.92 -41.31
C LEU A 109 49.06 -1.63 -40.84
N LEU A 110 47.89 -1.76 -40.23
CA LEU A 110 47.13 -0.59 -39.77
C LEU A 110 47.50 -0.23 -38.33
N ARG A 111 47.33 -1.16 -37.39
CA ARG A 111 47.58 -0.88 -35.99
C ARG A 111 47.73 -2.20 -35.26
N GLY A 112 48.37 -2.15 -34.09
CA GLY A 112 48.55 -3.34 -33.27
C GLY A 112 48.28 -3.06 -31.80
N TYR A 113 47.63 -4.00 -31.11
CA TYR A 113 47.25 -3.81 -29.72
C TYR A 113 47.75 -4.96 -28.86
N TRP A 114 48.22 -4.60 -27.66
CA TRP A 114 48.74 -5.58 -26.69
C TRP A 114 48.54 -4.96 -25.32
N GLN A 115 47.49 -5.38 -24.61
CA GLN A 115 47.07 -4.69 -23.41
C GLN A 115 46.70 -5.70 -22.32
N PHE A 116 46.69 -5.21 -21.08
CA PHE A 116 46.43 -6.05 -19.91
C PHE A 116 45.66 -5.27 -18.86
N ALA A 117 44.55 -5.86 -18.39
CA ALA A 117 43.70 -5.22 -17.40
C ALA A 117 43.47 -6.16 -16.22
N TYR A 118 43.14 -5.57 -15.08
CA TYR A 118 42.92 -6.28 -13.83
C TYR A 118 41.60 -5.85 -13.23
N ASP A 119 40.69 -6.81 -13.04
CA ASP A 119 39.43 -6.59 -12.34
C ASP A 119 38.65 -5.43 -12.98
N GLY A 120 38.52 -5.49 -14.29
CA GLY A 120 37.79 -4.47 -15.04
C GLY A 120 38.46 -3.14 -15.14
N CYS A 121 39.56 -2.90 -14.42
CA CYS A 121 40.30 -1.65 -14.50
C CYS A 121 41.57 -1.89 -15.32
N ASP A 122 41.83 -1.00 -16.27
CA ASP A 122 43.05 -1.12 -17.06
C ASP A 122 44.27 -1.15 -16.16
N TYR A 123 45.28 -1.92 -16.58
CA TYR A 123 46.51 -2.02 -15.79
C TYR A 123 47.70 -1.49 -16.58
N ILE A 124 48.10 -2.17 -17.66
CA ILE A 124 49.19 -1.73 -18.50
C ILE A 124 48.78 -1.94 -19.94
N ALA A 125 49.31 -1.12 -20.83
CA ALA A 125 49.00 -1.23 -22.24
C ALA A 125 50.20 -0.81 -23.06
N LEU A 126 50.23 -1.27 -24.31
CA LEU A 126 51.26 -0.86 -25.26
C LEU A 126 50.79 0.38 -26.01
N ASN A 127 51.65 1.39 -26.05
CA ASN A 127 51.23 2.68 -26.59
C ASN A 127 51.06 2.59 -28.10
N GLU A 128 50.44 3.63 -28.66
CA GLU A 128 50.31 3.71 -30.11
C GLU A 128 51.67 3.86 -30.78
N ASP A 129 52.67 4.39 -30.06
CA ASP A 129 54.00 4.50 -30.61
C ASP A 129 54.64 3.14 -30.88
N LEU A 130 54.12 2.08 -30.26
CA LEU A 130 54.61 0.71 -30.40
C LEU A 130 56.02 0.54 -29.86
N LYS A 131 56.53 1.50 -29.11
CA LYS A 131 57.83 1.39 -28.46
C LYS A 131 57.81 1.77 -27.00
N THR A 132 56.70 2.30 -26.49
CA THR A 132 56.59 2.75 -25.11
C THR A 132 55.35 2.12 -24.49
N TRP A 133 55.44 1.79 -23.20
CA TRP A 133 54.29 1.30 -22.46
C TRP A 133 53.59 2.46 -21.77
N THR A 134 52.34 2.21 -21.38
CA THR A 134 51.58 3.17 -20.59
C THR A 134 50.80 2.40 -19.53
N ALA A 135 51.08 2.70 -18.26
CA ALA A 135 50.48 2.00 -17.14
C ALA A 135 49.34 2.83 -16.57
N ALA A 136 48.30 2.14 -16.08
CA ALA A 136 47.12 2.82 -15.60
C ALA A 136 47.09 3.04 -14.09
N ASP A 137 47.83 2.23 -13.31
CA ASP A 137 47.82 2.43 -11.86
C ASP A 137 49.23 2.31 -11.29
N MET A 138 49.32 2.66 -10.01
CA MET A 138 50.59 2.68 -9.29
C MET A 138 51.28 1.33 -9.37
N ALA A 139 50.52 0.23 -9.28
CA ALA A 139 51.11 -1.09 -9.34
C ALA A 139 51.73 -1.37 -10.70
N ALA A 140 51.07 -0.93 -11.77
CA ALA A 140 51.60 -1.14 -13.11
C ALA A 140 52.71 -0.19 -13.48
N GLN A 141 52.93 0.87 -12.69
CA GLN A 141 54.09 1.72 -12.92
C GLN A 141 55.40 0.92 -12.92
N ILE A 142 55.61 0.12 -11.88
CA ILE A 142 56.85 -0.65 -11.77
C ILE A 142 56.95 -1.68 -12.88
N THR A 143 55.84 -2.32 -13.22
CA THR A 143 55.83 -3.26 -14.33
C THR A 143 56.23 -2.55 -15.62
N ARG A 144 55.82 -1.30 -15.78
CA ARG A 144 56.12 -0.55 -16.99
C ARG A 144 57.60 -0.17 -17.05
N ARG A 145 58.16 0.32 -15.95
CA ARG A 145 59.58 0.66 -15.94
C ARG A 145 60.44 -0.59 -16.13
N LYS A 146 60.16 -1.64 -15.37
CA LYS A 146 60.92 -2.88 -15.48
C LYS A 146 60.84 -3.44 -16.90
N TRP A 147 59.64 -3.46 -17.47
CA TRP A 147 59.50 -3.92 -18.85
C TRP A 147 60.22 -2.99 -19.82
N GLU A 148 60.34 -1.71 -19.48
CA GLU A 148 61.10 -0.78 -20.31
C GLU A 148 62.58 -1.17 -20.33
N GLN A 149 63.16 -1.40 -19.14
CA GLN A 149 64.56 -1.77 -19.08
C GLN A 149 64.80 -3.12 -19.75
N ALA A 150 63.88 -4.06 -19.56
CA ALA A 150 63.98 -5.34 -20.26
C ALA A 150 63.80 -5.18 -21.76
N GLY A 151 63.13 -4.12 -22.20
CA GLY A 151 62.85 -3.93 -23.61
C GLY A 151 61.91 -4.96 -24.19
N ALA A 152 60.78 -5.20 -23.52
CA ALA A 152 59.80 -6.13 -24.05
C ALA A 152 59.13 -5.62 -25.32
N ALA A 153 59.19 -4.30 -25.55
CA ALA A 153 58.49 -3.72 -26.69
C ALA A 153 59.05 -4.19 -28.02
N GLU A 154 60.33 -4.57 -28.07
CA GLU A 154 60.91 -4.99 -29.34
C GLU A 154 60.49 -6.41 -29.69
N ARG A 155 60.43 -7.30 -28.70
CA ARG A 155 59.96 -8.66 -28.96
C ARG A 155 58.46 -8.67 -29.24
N ASP A 156 57.69 -7.91 -28.45
CA ASP A 156 56.25 -7.82 -28.70
C ASP A 156 55.97 -7.19 -30.05
N ARG A 157 56.75 -6.16 -30.41
CA ARG A 157 56.65 -5.58 -31.74
C ARG A 157 57.02 -6.59 -32.82
N ALA A 158 57.97 -7.47 -32.53
CA ALA A 158 58.31 -8.53 -33.47
C ALA A 158 57.12 -9.46 -33.69
N TYR A 159 56.44 -9.85 -32.62
CA TYR A 159 55.28 -10.74 -32.76
C TYR A 159 54.12 -10.05 -33.48
N LEU A 160 53.86 -8.79 -33.13
CA LEU A 160 52.70 -8.09 -33.68
C LEU A 160 52.91 -7.67 -35.12
N GLU A 161 54.15 -7.34 -35.49
CA GLU A 161 54.44 -6.93 -36.86
C GLU A 161 54.75 -8.12 -37.77
N GLY A 162 55.25 -9.22 -37.22
CA GLY A 162 55.62 -10.35 -38.06
C GLY A 162 54.66 -11.53 -38.03
N GLU A 163 54.83 -12.39 -37.02
CA GLU A 163 54.11 -13.66 -36.96
C GLU A 163 52.61 -13.44 -37.01
N CYS A 164 52.10 -12.46 -36.26
CA CYS A 164 50.66 -12.27 -36.14
C CYS A 164 50.05 -11.78 -37.45
N VAL A 165 50.78 -10.95 -38.19
CA VAL A 165 50.28 -10.51 -39.50
C VAL A 165 50.30 -11.66 -40.49
N GLU A 166 51.37 -12.46 -40.51
CA GLU A 166 51.41 -13.60 -41.41
C GLU A 166 50.28 -14.59 -41.10
N TRP A 167 50.00 -14.81 -39.81
CA TRP A 167 48.87 -15.65 -39.45
C TRP A 167 47.56 -15.04 -39.92
N LEU A 168 47.35 -13.74 -39.67
CA LEU A 168 46.12 -13.09 -40.09
C LEU A 168 45.88 -13.28 -41.58
N ARG A 169 46.91 -13.05 -42.39
CA ARG A 169 46.79 -13.35 -43.82
C ARG A 169 46.53 -14.84 -44.05
N ARG A 170 47.00 -15.70 -43.15
CA ARG A 170 46.74 -17.14 -43.32
C ARG A 170 45.27 -17.47 -43.08
N TYR A 171 44.63 -16.81 -42.11
CA TYR A 171 43.23 -17.10 -41.83
C TYR A 171 42.30 -16.43 -42.84
N LEU A 172 42.62 -15.21 -43.26
CA LEU A 172 41.77 -14.53 -44.23
C LEU A 172 41.98 -15.07 -45.64
N LYS A 173 43.20 -15.52 -45.94
CA LYS A 173 43.54 -16.02 -47.27
C LYS A 173 43.24 -17.50 -47.44
N ASN A 174 43.49 -18.31 -46.40
CA ASN A 174 43.26 -19.74 -46.50
C ASN A 174 41.78 -20.06 -46.65
N GLY A 175 40.95 -19.56 -45.74
CA GLY A 175 39.52 -19.74 -45.84
C GLY A 175 38.85 -18.61 -46.59
N ASN A 176 38.76 -18.73 -47.91
CA ASN A 176 38.21 -17.66 -48.73
C ASN A 176 36.69 -17.73 -48.89
N ALA A 177 36.08 -18.88 -48.57
CA ALA A 177 34.63 -19.01 -48.68
C ALA A 177 33.89 -18.15 -47.66
N THR A 178 34.59 -17.67 -46.64
CA THR A 178 33.96 -16.84 -45.62
C THR A 178 33.78 -15.42 -46.12
N LEU A 179 33.06 -14.62 -45.31
CA LEU A 179 32.81 -13.20 -45.60
C LEU A 179 32.08 -13.02 -46.93
N LEU A 180 31.23 -13.96 -47.30
CA LEU A 180 30.47 -13.87 -48.53
C LEU A 180 29.02 -13.47 -48.33
N ARG A 181 28.55 -13.37 -47.08
CA ARG A 181 27.25 -12.77 -46.85
C ARG A 181 27.24 -11.30 -47.26
N THR A 182 28.43 -10.66 -47.24
CA THR A 182 28.71 -9.36 -47.85
C THR A 182 27.72 -8.26 -47.43
N ASP A 183 27.01 -8.46 -46.31
CA ASP A 183 26.12 -7.44 -45.77
C ASP A 183 25.07 -7.06 -46.81
N PRO A 184 24.03 -7.88 -46.99
CA PRO A 184 23.01 -7.58 -47.97
C PRO A 184 21.69 -7.26 -47.28
N PRO A 185 21.64 -6.19 -46.50
CA PRO A 185 20.49 -6.00 -45.61
C PRO A 185 19.24 -5.57 -46.37
N LYS A 186 18.10 -6.14 -45.98
CA LYS A 186 16.81 -5.76 -46.53
C LYS A 186 16.17 -4.76 -45.58
N ALA A 187 16.56 -3.50 -45.74
CA ALA A 187 16.21 -2.44 -44.80
C ALA A 187 14.90 -1.80 -45.21
N HIS A 188 13.94 -1.78 -44.29
CA HIS A 188 12.67 -1.10 -44.50
C HIS A 188 12.24 -0.47 -43.19
N VAL A 189 11.41 0.55 -43.29
CA VAL A 189 11.00 1.35 -42.14
C VAL A 189 9.60 0.94 -41.72
N THR A 190 9.39 0.86 -40.40
CA THR A 190 8.10 0.64 -39.80
C THR A 190 7.69 1.86 -38.98
N HIS A 191 6.38 2.00 -38.78
CA HIS A 191 5.82 3.14 -38.07
C HIS A 191 4.60 2.71 -37.28
N HIS A 192 4.51 3.18 -36.05
CA HIS A 192 3.31 3.11 -35.22
C HIS A 192 3.00 4.52 -34.75
N ARG A 193 1.96 4.65 -33.93
CA ARG A 193 1.64 5.93 -33.30
C ARG A 193 1.61 5.71 -31.78
N ARG A 194 2.66 6.14 -31.11
CA ARG A 194 2.65 6.12 -29.65
C ARG A 194 1.72 7.22 -29.15
N PRO A 195 1.00 6.97 -28.05
CA PRO A 195 0.05 7.98 -27.55
C PRO A 195 0.70 9.34 -27.36
N GLU A 196 -0.13 10.38 -27.37
CA GLU A 196 0.33 11.75 -27.27
C GLU A 196 1.38 12.07 -28.34
N GLY A 197 1.42 11.26 -29.41
CA GLY A 197 2.37 11.50 -30.47
C GLY A 197 3.81 11.28 -30.08
N ASP A 198 4.06 10.40 -29.11
CA ASP A 198 5.42 10.02 -28.78
C ASP A 198 5.97 8.96 -29.73
N VAL A 199 5.40 8.85 -30.93
CA VAL A 199 5.77 7.81 -31.88
C VAL A 199 7.15 8.07 -32.45
N THR A 200 7.67 7.10 -33.20
CA THR A 200 8.99 7.19 -33.81
C THR A 200 9.02 6.29 -35.04
N LEU A 201 9.74 6.72 -36.07
CA LEU A 201 9.91 5.91 -37.27
C LEU A 201 11.16 5.05 -37.13
N ARG A 202 11.02 3.76 -37.43
CA ARG A 202 12.10 2.79 -37.18
C ARG A 202 12.58 2.19 -38.50
N CYS A 203 13.81 2.52 -38.89
CA CYS A 203 14.46 1.87 -40.02
C CYS A 203 15.11 0.58 -39.55
N TRP A 204 14.85 -0.50 -40.27
CA TRP A 204 15.33 -1.83 -39.88
C TRP A 204 16.22 -2.38 -40.98
N ALA A 205 17.46 -2.71 -40.62
CA ALA A 205 18.39 -3.42 -41.49
C ALA A 205 18.73 -4.74 -40.82
N LEU A 206 18.37 -5.85 -41.46
CA LEU A 206 18.43 -7.17 -40.85
C LEU A 206 19.22 -8.13 -41.73
N GLY A 207 19.76 -9.16 -41.09
CA GLY A 207 20.34 -10.29 -41.79
C GLY A 207 21.62 -10.03 -42.54
N PHE A 208 22.36 -8.98 -42.19
CA PHE A 208 23.57 -8.64 -42.91
C PHE A 208 24.79 -9.20 -42.19
N TYR A 209 25.94 -9.07 -42.85
CA TYR A 209 27.22 -9.61 -42.40
C TYR A 209 28.26 -9.25 -43.44
N PRO A 210 29.35 -8.56 -43.05
CA PRO A 210 29.91 -8.14 -41.75
C PRO A 210 29.04 -7.19 -40.91
N ALA A 211 29.50 -6.96 -39.67
CA ALA A 211 28.74 -6.19 -38.70
C ALA A 211 28.94 -4.68 -38.87
N ASP A 212 30.07 -4.25 -39.45
CA ASP A 212 30.30 -2.83 -39.66
C ASP A 212 29.27 -2.27 -40.65
N ILE A 213 28.52 -1.25 -40.20
CA ILE A 213 27.43 -0.69 -40.99
C ILE A 213 27.12 0.68 -40.40
N THR A 214 26.50 1.56 -41.20
CA THR A 214 26.13 2.88 -40.69
C THR A 214 24.67 3.17 -41.03
N LEU A 215 23.85 3.32 -39.99
CA LEU A 215 22.46 3.75 -40.15
C LEU A 215 22.37 5.26 -39.99
N THR A 216 21.62 5.90 -40.87
CA THR A 216 21.42 7.34 -40.80
C THR A 216 19.95 7.68 -41.07
N TRP A 217 19.59 8.93 -40.78
CA TRP A 217 18.25 9.44 -41.05
C TRP A 217 18.35 10.93 -41.36
N GLN A 218 17.58 11.38 -42.32
CA GLN A 218 17.60 12.79 -42.72
C GLN A 218 16.28 13.12 -43.40
N LEU A 219 16.19 14.33 -43.96
CA LEU A 219 14.98 14.80 -44.61
C LEU A 219 14.91 14.35 -46.07
N GLU A 223 17.19 15.49 -38.87
CA GLU A 223 17.38 14.11 -38.44
C GLU A 223 18.84 13.71 -38.56
N LEU A 224 19.64 14.59 -39.15
CA LEU A 224 21.04 14.26 -39.42
C LEU A 224 21.90 14.27 -38.16
N THR A 225 21.51 15.05 -37.15
CA THR A 225 22.31 15.19 -35.94
C THR A 225 21.40 15.32 -34.73
N GLN A 226 21.84 14.74 -33.60
CA GLN A 226 21.13 14.80 -32.32
C GLN A 226 19.78 14.11 -32.39
N GLU A 227 19.30 13.83 -33.58
CA GLU A 227 18.07 13.10 -33.80
C GLU A 227 18.38 11.62 -33.91
N MET A 228 17.35 10.84 -34.25
CA MET A 228 17.28 9.39 -34.27
C MET A 228 17.42 8.85 -32.84
N GLU A 229 17.68 7.54 -32.73
CA GLU A 229 17.79 6.80 -31.47
C GLU A 229 18.08 5.36 -31.88
N LEU A 230 19.10 4.73 -31.30
CA LEU A 230 19.53 3.47 -31.85
C LEU A 230 19.98 2.55 -30.72
N VAL A 231 20.34 1.32 -31.08
CA VAL A 231 20.81 0.29 -30.17
C VAL A 231 22.19 -0.16 -30.63
N GLU A 232 22.85 -0.94 -29.78
CA GLU A 232 24.14 -1.50 -30.15
C GLU A 232 23.92 -2.70 -31.08
N THR A 233 24.85 -2.86 -32.02
CA THR A 233 24.77 -3.96 -32.97
C THR A 233 24.56 -5.28 -32.25
N ARG A 234 23.52 -6.00 -32.63
CA ARG A 234 23.18 -7.25 -31.98
C ARG A 234 23.26 -8.40 -32.98
N PRO A 235 23.94 -9.49 -32.62
CA PRO A 235 24.05 -10.64 -33.52
C PRO A 235 22.78 -11.48 -33.49
N ALA A 236 22.30 -11.85 -34.68
CA ALA A 236 21.17 -12.75 -34.76
C ALA A 236 21.62 -14.20 -34.62
N GLY A 237 20.65 -15.08 -34.34
CA GLY A 237 20.97 -16.47 -34.16
C GLY A 237 21.42 -17.17 -35.43
N ASP A 238 21.00 -16.65 -36.60
CA ASP A 238 21.38 -17.22 -37.88
C ASP A 238 22.85 -17.01 -38.21
N GLY A 239 23.62 -16.39 -37.32
CA GLY A 239 24.95 -15.95 -37.66
C GLY A 239 25.00 -14.60 -38.33
N THR A 240 23.85 -13.96 -38.53
CA THR A 240 23.76 -12.64 -39.11
C THR A 240 23.64 -11.60 -37.99
N PHE A 241 23.30 -10.37 -38.36
CA PHE A 241 23.21 -9.28 -37.39
C PHE A 241 22.03 -8.40 -37.77
N GLN A 242 21.57 -7.60 -36.81
CA GLN A 242 20.41 -6.78 -37.10
C GLN A 242 20.50 -5.45 -36.35
N LYS A 243 19.76 -4.45 -36.85
CA LYS A 243 19.83 -3.10 -36.30
C LYS A 243 18.60 -2.30 -36.73
N TRP A 244 18.26 -1.31 -35.91
CA TRP A 244 17.12 -0.43 -36.20
C TRP A 244 17.39 0.93 -35.56
N ALA A 245 16.88 1.99 -36.21
CA ALA A 245 17.03 3.36 -35.72
C ALA A 245 15.70 4.09 -35.81
N SER A 246 15.31 4.74 -34.70
CA SER A 246 14.02 5.42 -34.61
C SER A 246 14.22 6.93 -34.53
N VAL A 247 13.30 7.68 -35.14
CA VAL A 247 13.33 9.13 -35.10
C VAL A 247 12.02 9.66 -34.54
N VAL A 248 12.14 10.77 -33.80
CA VAL A 248 11.00 11.45 -33.19
C VAL A 248 10.20 12.20 -34.25
N GLN A 255 6.81 16.56 -43.57
CA GLN A 255 7.04 15.26 -42.97
C GLN A 255 7.78 14.33 -43.92
N LYS A 256 8.82 14.86 -44.57
CA LYS A 256 9.65 14.09 -45.49
C LYS A 256 10.92 13.68 -44.77
N TYR A 257 10.96 12.43 -44.32
CA TYR A 257 12.10 11.89 -43.58
C TYR A 257 12.63 10.67 -44.32
N THR A 258 13.96 10.57 -44.42
CA THR A 258 14.62 9.53 -45.20
C THR A 258 15.62 8.76 -44.35
N CYS A 259 15.66 7.44 -44.55
CA CYS A 259 16.63 6.57 -43.91
C CYS A 259 17.71 6.19 -44.93
N HIS A 260 18.91 6.71 -44.76
CA HIS A 260 20.05 6.36 -45.59
C HIS A 260 20.98 5.43 -44.82
N VAL A 261 21.46 4.40 -45.50
CA VAL A 261 22.27 3.35 -44.89
C VAL A 261 23.55 3.19 -45.70
N GLU A 262 24.68 3.10 -45.01
CA GLU A 262 25.96 2.80 -45.63
C GLU A 262 26.31 1.35 -45.33
N HIS A 263 26.41 0.54 -46.38
CA HIS A 263 26.60 -0.90 -46.29
C HIS A 263 27.56 -1.34 -47.41
N GLU A 264 27.74 -2.65 -47.54
CA GLU A 264 28.55 -3.24 -48.60
C GLU A 264 27.63 -3.65 -49.75
N GLY A 265 27.67 -2.90 -50.84
CA GLY A 265 26.85 -3.23 -51.98
C GLY A 265 27.20 -2.38 -53.18
N LEU A 266 26.44 -2.60 -54.26
CA LEU A 266 26.60 -1.80 -55.47
C LEU A 266 26.38 -0.32 -55.15
N PRO A 267 26.99 0.60 -55.93
CA PRO A 267 26.82 2.04 -55.67
C PRO A 267 25.39 2.44 -55.39
N GLU A 268 24.96 2.20 -54.15
CA GLU A 268 23.61 2.48 -53.68
C GLU A 268 23.56 2.42 -52.17
N PRO A 269 23.46 3.57 -51.48
CA PRO A 269 23.26 3.54 -50.03
C PRO A 269 21.90 2.99 -49.66
N LEU A 270 20.94 3.88 -49.41
CA LEU A 270 19.56 3.53 -49.11
C LEU A 270 18.73 4.79 -49.07
N THR A 271 17.48 4.67 -49.52
CA THR A 271 16.51 5.77 -49.45
C THR A 271 15.16 5.17 -49.11
N LEU A 272 14.61 5.57 -47.96
CA LEU A 272 13.38 4.94 -47.47
C LEU A 272 12.55 5.95 -46.71
N ARG A 273 11.27 6.02 -47.08
CA ARG A 273 10.24 6.73 -46.33
C ARG A 273 9.13 5.72 -45.98
N TRP A 274 8.00 6.23 -45.50
CA TRP A 274 6.88 5.35 -45.18
C TRP A 274 6.31 4.77 -46.46
N GLY A 275 6.60 3.50 -46.71
CA GLY A 275 6.13 2.83 -47.90
C GLY A 275 4.81 2.11 -47.69
N ILE B 2 36.63 -1.68 -11.57
CA ILE B 2 35.36 -1.13 -12.04
C ILE B 2 34.46 -2.25 -12.53
N GLN B 3 33.19 -2.20 -12.10
CA GLN B 3 32.17 -3.15 -12.51
C GLN B 3 31.20 -2.47 -13.46
N ARG B 4 30.76 -3.20 -14.50
CA ARG B 4 29.95 -2.63 -15.56
C ARG B 4 28.60 -3.35 -15.63
N THR B 5 27.53 -2.59 -15.40
CA THR B 5 26.18 -3.12 -15.50
C THR B 5 25.93 -3.64 -16.91
N PRO B 6 25.20 -4.74 -17.08
CA PRO B 6 25.03 -5.32 -18.42
C PRO B 6 24.11 -4.50 -19.32
N LYS B 7 24.30 -4.72 -20.62
CA LYS B 7 23.45 -4.18 -21.68
C LYS B 7 22.58 -5.31 -22.19
N ILE B 8 21.25 -5.14 -22.13
CA ILE B 8 20.32 -6.21 -22.44
C ILE B 8 19.47 -5.82 -23.64
N GLN B 9 19.46 -6.70 -24.65
CA GLN B 9 18.60 -6.55 -25.82
C GLN B 9 17.96 -7.91 -26.10
N VAL B 10 16.64 -7.98 -25.98
CA VAL B 10 15.89 -9.20 -26.22
C VAL B 10 15.15 -9.05 -27.55
N TYR B 11 15.29 -10.05 -28.42
CA TYR B 11 14.72 -9.93 -29.76
C TYR B 11 14.62 -11.29 -30.41
N SER B 12 13.98 -11.31 -31.57
CA SER B 12 13.78 -12.52 -32.35
C SER B 12 14.61 -12.48 -33.63
N ARG B 13 14.81 -13.65 -34.22
CA ARG B 13 15.52 -13.73 -35.49
C ARG B 13 14.66 -13.19 -36.63
N HIS B 14 13.35 -13.44 -36.58
CA HIS B 14 12.42 -13.04 -37.61
C HIS B 14 11.38 -12.05 -37.07
N PRO B 15 10.81 -11.21 -37.93
CA PRO B 15 9.65 -10.42 -37.51
C PRO B 15 8.51 -11.34 -37.09
N ALA B 16 7.86 -11.00 -35.98
CA ALA B 16 6.94 -11.90 -35.29
C ALA B 16 5.55 -11.79 -35.90
N GLU B 17 5.19 -12.77 -36.72
CA GLU B 17 3.80 -12.97 -37.16
C GLU B 17 3.41 -14.39 -36.83
N ASN B 18 2.41 -14.54 -35.95
CA ASN B 18 2.02 -15.84 -35.42
C ASN B 18 1.48 -16.76 -36.51
N GLY B 19 2.35 -17.61 -37.08
CA GLY B 19 1.94 -18.48 -38.15
C GLY B 19 2.78 -19.73 -38.29
N LYS B 20 4.10 -19.59 -38.17
CA LYS B 20 5.01 -20.72 -38.33
C LYS B 20 6.08 -20.63 -37.26
N SER B 21 7.18 -21.34 -37.46
CA SER B 21 8.22 -21.50 -36.44
C SER B 21 9.42 -20.59 -36.72
N ASN B 22 9.97 -20.02 -35.65
CA ASN B 22 11.18 -19.21 -35.71
C ASN B 22 12.07 -19.52 -34.52
N PHE B 23 12.90 -18.56 -34.11
CA PHE B 23 13.80 -18.72 -32.97
C PHE B 23 14.04 -17.37 -32.32
N LEU B 24 14.04 -17.36 -30.98
CA LEU B 24 14.16 -16.13 -30.21
C LEU B 24 15.47 -16.14 -29.43
N ASN B 25 15.98 -14.95 -29.14
CA ASN B 25 17.26 -14.83 -28.45
C ASN B 25 17.30 -13.63 -27.52
N CYS B 26 17.85 -13.86 -26.34
CA CYS B 26 18.19 -12.81 -25.38
C CYS B 26 19.69 -12.56 -25.47
N TYR B 27 20.07 -11.34 -25.83
CA TYR B 27 21.46 -10.97 -26.06
C TYR B 27 21.91 -10.00 -24.97
N VAL B 28 22.88 -10.42 -24.17
CA VAL B 28 23.43 -9.59 -23.10
C VAL B 28 24.90 -9.33 -23.42
N SER B 29 25.31 -8.08 -23.33
CA SER B 29 26.66 -7.70 -23.72
C SER B 29 27.18 -6.63 -22.76
N GLY B 30 28.48 -6.40 -22.81
CA GLY B 30 29.07 -5.29 -22.07
C GLY B 30 28.80 -5.33 -20.58
N PHE B 31 29.30 -6.36 -19.91
CA PHE B 31 29.14 -6.48 -18.47
C PHE B 31 30.45 -6.92 -17.85
N HIS B 32 30.61 -6.58 -16.58
CA HIS B 32 31.78 -6.98 -15.81
C HIS B 32 31.45 -6.82 -14.33
N PRO B 33 31.77 -7.84 -13.52
CA PRO B 33 32.47 -9.08 -13.85
C PRO B 33 31.64 -10.11 -14.62
N SER B 34 32.06 -11.37 -14.52
CA SER B 34 31.52 -12.45 -15.34
C SER B 34 30.42 -13.25 -14.68
N ASP B 35 30.24 -13.13 -13.36
CA ASP B 35 29.18 -13.85 -12.68
C ASP B 35 27.82 -13.37 -13.20
N ILE B 36 27.31 -14.03 -14.23
CA ILE B 36 26.07 -13.64 -14.88
C ILE B 36 25.14 -14.83 -14.92
N GLU B 37 23.92 -14.64 -14.43
CA GLU B 37 22.89 -15.68 -14.42
C GLU B 37 21.72 -15.20 -15.27
N VAL B 38 21.47 -15.89 -16.38
CA VAL B 38 20.48 -15.47 -17.37
C VAL B 38 19.47 -16.60 -17.56
N ASP B 39 18.18 -16.24 -17.58
CA ASP B 39 17.08 -17.16 -17.70
C ASP B 39 16.08 -16.62 -18.72
N LEU B 40 15.50 -17.53 -19.52
CA LEU B 40 14.43 -17.20 -20.45
C LEU B 40 13.09 -17.56 -19.83
N LEU B 41 12.19 -16.59 -19.75
CA LEU B 41 10.91 -16.75 -19.09
C LEU B 41 9.77 -16.65 -20.10
N LYS B 42 8.83 -17.59 -20.02
CA LYS B 42 7.61 -17.56 -20.80
C LYS B 42 6.44 -17.43 -19.82
N ASN B 43 5.66 -16.35 -19.97
CA ASN B 43 4.46 -16.12 -19.18
C ASN B 43 4.73 -16.17 -17.68
N GLY B 44 5.96 -15.83 -17.29
CA GLY B 44 6.33 -15.77 -15.89
C GLY B 44 7.07 -16.98 -15.37
N GLU B 45 7.12 -18.08 -16.14
CA GLU B 45 7.79 -19.29 -15.71
C GLU B 45 9.03 -19.53 -16.55
N ARG B 46 10.12 -19.92 -15.89
CA ARG B 46 11.40 -20.09 -16.56
C ARG B 46 11.35 -21.25 -17.55
N ILE B 47 11.84 -21.01 -18.77
CA ILE B 47 12.01 -22.09 -19.73
C ILE B 47 13.15 -22.99 -19.28
N GLU B 48 12.93 -24.30 -19.38
CA GLU B 48 13.80 -25.28 -18.73
C GLU B 48 15.21 -25.35 -19.33
N LYS B 49 15.32 -25.82 -20.57
CA LYS B 49 16.62 -26.12 -21.16
C LYS B 49 16.83 -25.32 -22.44
N VAL B 50 17.77 -24.39 -22.41
CA VAL B 50 18.17 -23.60 -23.56
C VAL B 50 19.58 -24.04 -23.94
N GLU B 51 20.30 -23.18 -24.68
CA GLU B 51 21.70 -23.41 -25.00
C GLU B 51 22.53 -22.28 -24.40
N HIS B 52 23.29 -22.60 -23.36
CA HIS B 52 24.17 -21.63 -22.69
C HIS B 52 25.50 -21.64 -23.42
N SER B 53 25.69 -20.68 -24.31
CA SER B 53 26.92 -20.62 -25.09
C SER B 53 28.13 -20.36 -24.19
N ASP B 54 29.30 -20.73 -24.69
CA ASP B 54 30.53 -20.46 -23.97
C ASP B 54 30.78 -18.95 -23.91
N LEU B 55 31.50 -18.53 -22.88
CA LEU B 55 31.70 -17.11 -22.63
C LEU B 55 32.61 -16.50 -23.70
N SER B 56 32.28 -15.27 -24.10
CA SER B 56 33.06 -14.53 -25.09
C SER B 56 33.44 -13.17 -24.55
N PHE B 57 34.63 -12.72 -24.96
CA PHE B 57 35.20 -11.46 -24.51
C PHE B 57 35.24 -10.47 -25.67
N SER B 58 34.89 -9.22 -25.38
CA SER B 58 34.97 -8.14 -26.34
C SER B 58 36.28 -7.37 -26.17
N LYS B 59 36.52 -6.45 -27.10
CA LYS B 59 37.74 -5.64 -27.05
C LYS B 59 37.77 -4.72 -25.84
N ASP B 60 36.66 -4.60 -25.11
CA ASP B 60 36.54 -3.65 -24.00
C ASP B 60 36.50 -4.35 -22.64
N TRP B 61 37.08 -5.56 -22.56
CA TRP B 61 37.12 -6.36 -21.34
C TRP B 61 35.74 -6.80 -20.88
N SER B 62 34.69 -6.27 -21.49
CA SER B 62 33.32 -6.58 -21.11
C SER B 62 32.82 -7.76 -21.94
N PHE B 63 32.40 -8.82 -21.26
CA PHE B 63 32.01 -10.06 -21.90
C PHE B 63 30.65 -9.90 -22.58
N TYR B 64 30.27 -10.93 -23.35
CA TYR B 64 28.95 -10.94 -23.97
C TYR B 64 28.48 -12.36 -24.19
N LEU B 65 27.22 -12.63 -23.84
CA LEU B 65 26.59 -13.92 -24.00
C LEU B 65 25.29 -13.75 -24.78
N LEU B 66 24.86 -14.85 -25.39
CA LEU B 66 23.62 -14.89 -26.16
C LEU B 66 22.93 -16.23 -25.90
N TYR B 67 21.70 -16.17 -25.41
CA TYR B 67 20.88 -17.36 -25.22
C TYR B 67 19.75 -17.37 -26.25
N TYR B 68 19.35 -18.55 -26.68
CA TYR B 68 18.35 -18.62 -27.74
C TYR B 68 17.64 -19.96 -27.70
N THR B 69 16.44 -19.98 -28.28
CA THR B 69 15.65 -21.19 -28.44
C THR B 69 14.97 -21.17 -29.80
N GLU B 70 14.58 -22.36 -30.26
CA GLU B 70 13.83 -22.53 -31.50
C GLU B 70 12.41 -22.94 -31.15
N PHE B 71 11.44 -22.09 -31.47
CA PHE B 71 10.06 -22.31 -31.04
C PHE B 71 9.12 -21.59 -32.01
N THR B 72 7.82 -21.71 -31.73
CA THR B 72 6.79 -21.06 -32.54
C THR B 72 6.05 -20.04 -31.69
N PRO B 73 6.11 -18.75 -32.00
CA PRO B 73 5.42 -17.75 -31.19
C PRO B 73 3.94 -17.66 -31.52
N THR B 74 3.17 -17.31 -30.51
CA THR B 74 1.73 -17.15 -30.63
C THR B 74 1.34 -15.73 -30.22
N GLU B 75 0.04 -15.46 -30.21
CA GLU B 75 -0.49 -14.12 -29.96
C GLU B 75 -1.08 -13.96 -28.57
N LYS B 76 -1.05 -15.00 -27.73
CA LYS B 76 -1.66 -14.95 -26.41
C LYS B 76 -0.64 -15.16 -25.28
N ASP B 77 0.64 -15.06 -25.59
CA ASP B 77 1.70 -15.29 -24.61
C ASP B 77 2.70 -14.15 -24.64
N GLU B 78 3.18 -13.74 -23.47
CA GLU B 78 4.23 -12.74 -23.35
C GLU B 78 5.52 -13.40 -22.88
N TYR B 79 6.63 -13.01 -23.50
CA TYR B 79 7.94 -13.59 -23.20
C TYR B 79 8.85 -12.53 -22.63
N ALA B 80 9.88 -12.98 -21.90
CA ALA B 80 10.73 -12.06 -21.17
C ALA B 80 12.07 -12.75 -20.88
N CYS B 81 13.03 -11.93 -20.47
CA CYS B 81 14.37 -12.40 -20.12
C CYS B 81 14.75 -11.85 -18.75
N ARG B 82 15.13 -12.74 -17.84
CA ARG B 82 15.52 -12.38 -16.49
C ARG B 82 17.03 -12.55 -16.34
N VAL B 83 17.70 -11.51 -15.85
CA VAL B 83 19.14 -11.54 -15.65
C VAL B 83 19.45 -11.01 -14.25
N ASN B 84 20.35 -11.69 -13.54
CA ASN B 84 20.77 -11.28 -12.21
C ASN B 84 22.30 -11.32 -12.17
N HIS B 85 22.91 -10.29 -12.73
CA HIS B 85 24.33 -10.06 -12.55
C HIS B 85 24.60 -9.63 -11.11
N VAL B 86 25.89 -9.53 -10.77
CA VAL B 86 26.26 -9.08 -9.42
C VAL B 86 26.25 -7.57 -9.28
N THR B 87 26.16 -6.82 -10.39
CA THR B 87 26.21 -5.37 -10.31
C THR B 87 24.87 -4.77 -9.89
N LEU B 88 23.77 -5.41 -10.24
CA LEU B 88 22.44 -4.95 -9.87
C LEU B 88 21.91 -5.76 -8.70
N SER B 89 21.25 -5.09 -7.76
CA SER B 89 20.78 -5.74 -6.56
C SER B 89 19.50 -6.54 -6.77
N GLN B 90 18.73 -6.23 -7.81
CA GLN B 90 17.50 -6.95 -8.07
C GLN B 90 17.51 -7.51 -9.49
N PRO B 91 17.05 -8.75 -9.68
CA PRO B 91 17.05 -9.33 -11.03
C PRO B 91 16.18 -8.54 -11.99
N LYS B 92 16.79 -8.11 -13.09
CA LYS B 92 16.07 -7.35 -14.10
C LYS B 92 15.37 -8.29 -15.07
N ILE B 93 14.21 -7.85 -15.55
CA ILE B 93 13.40 -8.63 -16.49
C ILE B 93 12.97 -7.71 -17.62
N VAL B 94 13.11 -8.17 -18.86
CA VAL B 94 12.78 -7.37 -20.03
C VAL B 94 11.77 -8.12 -20.89
N LYS B 95 10.88 -7.38 -21.54
CA LYS B 95 9.86 -7.94 -22.41
C LYS B 95 10.28 -7.82 -23.87
N TRP B 96 10.07 -8.89 -24.63
CA TRP B 96 10.30 -8.88 -26.07
C TRP B 96 9.15 -8.16 -26.75
N ASP B 97 9.45 -7.05 -27.42
CA ASP B 97 8.43 -6.24 -28.08
C ASP B 97 8.25 -6.76 -29.50
N ARG B 98 7.17 -7.51 -29.72
CA ARG B 98 6.85 -8.06 -31.04
C ARG B 98 6.21 -6.99 -31.93
N ASP B 99 6.98 -5.92 -32.14
CA ASP B 99 6.55 -4.80 -32.98
C ASP B 99 7.76 -4.03 -33.47
N TRP C 9 54.09 27.47 12.61
CA TRP C 9 54.13 28.61 11.71
C TRP C 9 54.39 28.18 10.28
N ARG C 10 55.57 28.52 9.75
CA ARG C 10 55.95 28.22 8.39
C ARG C 10 56.84 26.99 8.28
N ALA C 11 57.97 26.98 9.00
CA ALA C 11 58.90 25.86 8.94
C ALA C 11 58.25 24.63 9.56
N VAL C 12 58.21 23.53 8.80
CA VAL C 12 57.50 22.32 9.20
C VAL C 12 58.30 21.10 8.75
N ASP C 13 58.46 20.14 9.65
CA ASP C 13 59.08 18.85 9.33
C ASP C 13 58.00 17.80 9.15
N VAL C 14 57.91 17.24 7.96
CA VAL C 14 56.92 16.23 7.61
C VAL C 14 57.52 14.84 7.81
N VAL C 15 56.73 13.93 8.36
CA VAL C 15 57.13 12.55 8.58
C VAL C 15 56.00 11.66 8.11
N LEU C 16 56.22 10.92 7.03
CA LEU C 16 55.22 10.01 6.46
C LEU C 16 55.86 8.65 6.24
N ASP C 17 55.44 7.66 7.02
CA ASP C 17 55.99 6.31 6.93
C ASP C 17 55.10 5.44 6.05
N CYS C 18 55.73 4.65 5.20
CA CYS C 18 55.01 3.68 4.39
C CYS C 18 55.89 2.45 4.19
N PHE C 19 55.58 1.66 3.18
CA PHE C 19 56.30 0.44 2.88
C PHE C 19 57.22 0.64 1.70
N LEU C 20 57.97 -0.42 1.40
CA LEU C 20 58.96 -0.44 0.33
C LEU C 20 58.91 -1.81 -0.31
N VAL C 21 58.63 -1.81 -1.61
CA VAL C 21 58.43 -3.01 -2.42
C VAL C 21 59.27 -2.86 -3.68
N LYS C 22 60.16 -3.81 -3.91
CA LYS C 22 60.97 -3.82 -5.13
C LYS C 22 61.32 -5.26 -5.45
N ASP C 23 60.91 -5.73 -6.62
CA ASP C 23 61.13 -7.11 -7.03
C ASP C 23 62.27 -7.20 -8.02
N GLY C 24 62.72 -8.43 -8.27
CA GLY C 24 63.83 -8.68 -9.17
C GLY C 24 64.46 -10.04 -8.93
N ASP C 35 60.57 -5.22 -1.28
CA ASP C 35 59.44 -6.09 -1.03
C ASP C 35 59.31 -6.40 0.46
N ARG C 36 58.09 -6.27 0.97
CA ARG C 36 57.75 -6.55 2.37
C ARG C 36 58.52 -5.66 3.35
N ALA C 37 59.15 -4.57 2.88
CA ALA C 37 60.11 -3.84 3.72
C ALA C 37 59.58 -2.46 4.06
N ARG C 38 59.02 -2.30 5.25
CA ARG C 38 58.43 -1.02 5.65
C ARG C 38 59.51 0.00 6.00
N ALA C 39 59.33 1.23 5.52
CA ALA C 39 60.29 2.29 5.73
C ALA C 39 59.57 3.53 6.28
N SER C 40 60.16 4.71 6.09
CA SER C 40 59.60 5.95 6.62
C SER C 40 60.24 7.13 5.92
N LEU C 41 59.50 7.80 5.04
CA LEU C 41 60.02 8.96 4.32
C LEU C 41 59.83 10.23 5.12
N VAL C 42 60.85 11.09 5.13
CA VAL C 42 60.81 12.36 5.85
C VAL C 42 60.96 13.49 4.85
N LEU C 43 60.09 14.50 4.95
CA LEU C 43 60.24 15.76 4.23
C LEU C 43 60.78 16.80 5.20
N LYS C 44 61.99 17.27 4.95
CA LYS C 44 62.74 18.05 5.92
C LYS C 44 61.99 19.31 6.29
N GLN C 45 61.95 20.28 5.38
CA GLN C 45 61.30 21.54 5.69
C GLN C 45 60.52 22.00 4.47
N VAL C 46 59.29 22.44 4.71
CA VAL C 46 58.41 22.90 3.64
C VAL C 46 57.64 24.13 4.09
N PRO C 47 57.38 25.09 3.20
CA PRO C 47 56.53 26.23 3.56
C PRO C 47 55.10 25.80 3.76
N VAL C 48 54.50 26.21 4.88
CA VAL C 48 53.16 25.81 5.25
C VAL C 48 52.38 27.04 5.69
N LEU C 49 51.22 27.27 5.06
CA LEU C 49 50.35 28.37 5.42
C LEU C 49 49.27 27.90 6.39
N ASP C 50 48.37 28.81 6.74
CA ASP C 50 47.35 28.53 7.74
C ASP C 50 45.99 29.06 7.30
N ASP C 59 63.01 7.99 19.14
CA ASP C 59 63.57 6.87 18.38
C ASP C 59 62.59 5.70 18.31
N PHE C 60 61.36 5.98 17.90
CA PHE C 60 60.30 4.98 17.81
C PHE C 60 59.91 4.78 16.34
N GLN C 61 59.00 3.83 16.12
CA GLN C 61 58.53 3.43 14.78
C GLN C 61 59.75 3.03 13.96
N GLY C 62 60.00 3.64 12.82
CA GLY C 62 61.26 3.40 12.09
C GLY C 62 61.15 2.20 11.14
N GLY C 63 61.84 1.12 11.49
CA GLY C 63 62.00 0.01 10.58
C GLY C 63 63.04 0.37 9.52
N THR C 64 62.71 1.36 8.72
CA THR C 64 63.68 2.05 7.87
C THR C 64 63.17 3.48 7.70
N LEU C 65 64.06 4.38 7.29
CA LEU C 65 63.63 5.75 7.09
C LEU C 65 64.66 6.49 6.25
N ALA C 66 64.17 7.43 5.45
CA ALA C 66 65.01 8.22 4.57
C ALA C 66 64.81 9.71 4.88
N GLN C 67 65.93 10.39 5.13
CA GLN C 67 65.93 11.84 5.37
C GLN C 67 65.88 12.54 4.03
N ASP C 68 64.69 13.00 3.67
CA ASP C 68 64.45 13.65 2.39
C ASP C 68 64.36 15.15 2.61
N ASP C 69 65.11 15.91 1.84
CA ASP C 69 64.90 17.34 1.94
C ASP C 69 64.37 17.89 0.63
N PRO C 70 63.53 18.92 0.65
CA PRO C 70 63.02 19.47 -0.59
C PRO C 70 63.47 20.90 -0.81
N PRO C 71 64.77 21.15 -0.95
CA PRO C 71 65.22 22.46 -1.42
C PRO C 71 65.41 22.39 -2.93
N ILE C 72 65.62 23.57 -3.53
CA ILE C 72 65.87 23.70 -4.96
C ILE C 72 64.63 23.24 -5.73
N ILE C 73 63.53 23.03 -5.02
CA ILE C 73 62.29 22.52 -5.62
C ILE C 73 61.14 22.79 -4.66
N PHE C 74 60.03 23.30 -5.18
CA PHE C 74 58.90 23.71 -4.36
C PHE C 74 57.64 22.93 -4.72
N GLU C 75 56.73 22.84 -3.76
CA GLU C 75 55.46 22.15 -3.92
C GLU C 75 54.31 23.10 -3.60
N ALA C 76 53.18 22.87 -4.27
CA ALA C 76 52.05 23.80 -4.21
C ALA C 76 51.37 23.81 -2.84
N SER C 77 50.51 22.82 -2.59
CA SER C 77 49.64 22.87 -1.42
C SER C 77 50.42 22.60 -0.13
N VAL C 78 51.06 21.44 -0.03
CA VAL C 78 51.73 20.93 1.17
C VAL C 78 51.02 21.37 2.44
N ASP C 79 49.74 21.04 2.56
CA ASP C 79 48.95 21.33 3.75
C ASP C 79 48.40 20.06 4.39
N LEU C 80 49.03 18.90 4.12
CA LEU C 80 48.53 17.61 4.58
C LEU C 80 49.10 17.28 5.96
N VAL C 81 48.68 18.09 6.93
CA VAL C 81 49.08 17.93 8.33
C VAL C 81 47.82 17.92 9.19
N GLN C 82 47.98 17.46 10.43
CA GLN C 82 46.89 17.38 11.40
C GLN C 82 45.76 16.50 10.87
N ILE C 83 46.12 15.43 10.20
CA ILE C 83 45.12 14.53 9.61
C ILE C 83 44.40 13.78 10.73
N PRO C 84 43.09 13.63 10.67
CA PRO C 84 42.39 12.82 11.68
C PRO C 84 42.72 11.34 11.55
N GLN C 85 43.95 10.96 11.88
CA GLN C 85 44.35 9.57 11.82
C GLN C 85 43.74 8.76 12.95
N ALA C 86 43.83 9.27 14.17
CA ALA C 86 43.24 8.60 15.33
C ALA C 86 42.50 9.61 16.19
N GLU C 98 43.32 8.48 3.74
CA GLU C 98 44.34 7.49 4.03
C GLU C 98 45.61 7.74 3.22
N VAL C 99 46.63 8.29 3.87
CA VAL C 99 47.88 8.62 3.18
C VAL C 99 48.66 7.35 2.91
N THR C 100 48.86 7.05 1.63
CA THR C 100 49.55 5.84 1.19
C THR C 100 50.72 6.26 0.30
N CYS C 101 51.93 6.30 0.87
CA CYS C 101 53.13 6.54 0.10
C CYS C 101 53.77 5.21 -0.33
N GLU C 102 54.68 5.30 -1.30
CA GLU C 102 55.35 4.11 -1.80
C GLU C 102 56.69 4.48 -2.42
N ILE C 103 57.72 3.71 -2.10
CA ILE C 103 59.06 3.97 -2.60
C ILE C 103 59.44 2.87 -3.57
N SER C 104 60.39 3.18 -4.44
CA SER C 104 60.92 2.21 -5.39
C SER C 104 62.24 2.73 -5.92
N ARG C 105 63.29 1.92 -5.81
CA ARG C 105 64.57 2.30 -6.39
C ARG C 105 64.44 2.39 -7.90
N TYR C 106 65.01 3.45 -8.47
CA TYR C 106 64.82 3.77 -9.89
C TYR C 106 65.80 3.00 -10.77
N PHE C 107 66.13 1.77 -10.39
CA PHE C 107 67.00 0.93 -11.20
C PHE C 107 66.85 -0.54 -10.83
N THR C 117 77.99 4.88 -8.92
CA THR C 117 78.09 5.93 -7.92
C THR C 117 76.77 6.11 -7.16
N ALA C 118 76.22 7.31 -7.22
CA ALA C 118 75.03 7.64 -6.44
C ALA C 118 73.82 6.82 -6.91
N ALA C 119 72.89 6.61 -5.98
CA ALA C 119 71.67 5.87 -6.25
C ALA C 119 70.51 6.82 -6.52
N TRP C 120 69.41 6.26 -7.02
CA TRP C 120 68.25 7.04 -7.41
C TRP C 120 66.98 6.30 -7.00
N PHE C 121 66.00 7.06 -6.54
CA PHE C 121 64.73 6.50 -6.10
C PHE C 121 63.58 7.31 -6.68
N MET C 122 62.39 6.73 -6.59
CA MET C 122 61.14 7.47 -6.82
C MET C 122 60.11 7.00 -5.82
N ALA C 123 59.45 7.96 -5.19
CA ALA C 123 58.36 7.68 -4.27
C ALA C 123 57.13 8.43 -4.71
N ASN C 124 55.97 7.81 -4.54
CA ASN C 124 54.69 8.43 -4.85
C ASN C 124 53.82 8.36 -3.61
N VAL C 125 53.46 9.53 -3.08
CA VAL C 125 52.58 9.65 -1.92
C VAL C 125 51.19 9.97 -2.44
N GLN C 126 50.19 9.19 -2.02
CA GLN C 126 48.81 9.36 -2.47
C GLN C 126 47.88 9.47 -1.27
N VAL C 127 47.32 10.65 -1.06
CA VAL C 127 46.28 10.84 -0.06
C VAL C 127 44.99 10.24 -0.59
N SER C 128 44.33 9.42 0.23
CA SER C 128 43.07 8.82 -0.16
C SER C 128 41.90 9.73 0.18
N GLY C 129 40.89 9.71 -0.67
CA GLY C 129 39.78 10.63 -0.55
C GLY C 129 39.97 11.84 -1.44
N GLY C 130 39.43 12.98 -1.02
CA GLY C 130 39.64 14.21 -1.77
C GLY C 130 40.95 14.88 -1.43
N GLY C 131 42.06 14.33 -1.92
CA GLY C 131 43.38 14.82 -1.59
C GLY C 131 44.30 14.89 -2.78
N PRO C 132 45.57 15.23 -2.53
CA PRO C 132 46.54 15.37 -3.63
C PRO C 132 47.20 14.05 -4.02
N SER C 133 48.21 14.13 -4.88
CA SER C 133 48.96 12.95 -5.29
C SER C 133 50.29 13.41 -5.87
N ILE C 134 51.40 12.99 -5.26
CA ILE C 134 52.72 13.47 -5.64
C ILE C 134 53.61 12.30 -6.01
N SER C 135 54.40 12.49 -7.06
CA SER C 135 55.51 11.61 -7.40
C SER C 135 56.79 12.43 -7.33
N LEU C 136 57.89 11.78 -6.94
CA LEU C 136 59.13 12.51 -6.81
C LEU C 136 60.31 11.57 -6.96
N VAL C 137 61.42 12.13 -7.44
CA VAL C 137 62.66 11.40 -7.68
C VAL C 137 63.72 11.91 -6.72
N MET C 138 64.47 10.99 -6.12
CA MET C 138 65.50 11.31 -5.15
C MET C 138 66.87 10.89 -5.67
N LYS C 139 67.83 11.79 -5.55
CA LYS C 139 69.21 11.54 -5.93
C LYS C 139 70.07 11.41 -4.69
N THR C 140 70.93 10.41 -4.67
CA THR C 140 71.88 10.25 -3.58
C THR C 140 73.11 11.10 -3.85
N PRO C 141 73.82 11.54 -2.81
CA PRO C 141 75.15 12.10 -3.01
C PRO C 141 76.08 11.07 -3.63
N ARG C 142 77.14 11.57 -4.26
CA ARG C 142 78.09 10.69 -4.94
C ARG C 142 78.72 9.73 -3.96
N VAL C 143 79.03 8.53 -4.45
CA VAL C 143 79.54 7.44 -3.62
C VAL C 143 81.05 7.56 -3.49
N ALA C 144 81.54 7.49 -2.25
CA ALA C 144 82.96 7.59 -1.95
C ALA C 144 83.49 6.25 -1.45
N LYS C 145 84.80 6.06 -1.59
CA LYS C 145 85.49 4.86 -1.15
C LYS C 145 85.84 4.89 0.33
N ASN C 146 85.21 5.77 1.11
CA ASN C 146 85.54 5.93 2.53
C ASN C 146 84.37 5.55 3.42
N GLU C 147 83.24 6.25 3.34
CA GLU C 147 82.09 5.99 4.18
C GLU C 147 81.17 5.00 3.48
N VAL C 148 81.10 3.77 4.03
CA VAL C 148 80.34 2.67 3.43
C VAL C 148 79.52 2.04 4.55
N LEU C 149 78.22 2.34 4.59
CA LEU C 149 77.35 1.80 5.63
C LEU C 149 75.94 1.61 5.07
N TRP C 150 75.37 0.43 5.29
CA TRP C 150 73.94 0.15 5.11
C TRP C 150 73.66 -1.32 5.33
N HIS C 151 72.45 -1.64 5.77
CA HIS C 151 72.07 -3.03 5.95
C HIS C 151 70.57 -3.22 5.81
N PRO C 152 70.17 -4.26 5.05
CA PRO C 152 71.12 -5.12 4.35
C PRO C 152 71.38 -4.65 2.92
N THR C 153 71.22 -5.56 1.97
CA THR C 153 71.39 -5.36 0.52
C THR C 153 72.62 -4.54 0.13
N LEU C 154 73.59 -4.43 1.05
CA LEU C 154 74.91 -3.87 0.78
C LEU C 154 74.85 -2.60 -0.07
N ASN C 155 74.41 -1.50 0.53
CA ASN C 155 74.31 -0.23 -0.19
C ASN C 155 74.90 0.89 0.68
N LEU C 156 74.59 2.12 0.32
CA LEU C 156 75.04 3.30 1.06
C LEU C 156 73.85 4.23 1.35
N PRO C 157 74.01 5.20 2.25
CA PRO C 157 75.10 5.49 3.19
C PRO C 157 74.69 5.41 4.67
N LEU C 158 73.43 5.68 4.97
CA LEU C 158 72.92 5.72 6.35
C LEU C 158 73.76 6.66 7.22
N SER C 159 73.54 7.96 7.07
CA SER C 159 74.28 9.03 7.75
C SER C 159 74.35 8.80 9.26
N PRO C 160 75.33 9.40 9.97
CA PRO C 160 75.52 9.10 11.40
C PRO C 160 74.27 9.23 12.25
N GLN C 161 73.30 9.99 11.75
CA GLN C 161 71.98 10.06 12.36
C GLN C 161 71.12 8.85 12.03
N GLY C 162 71.67 7.86 11.36
CA GLY C 162 70.92 6.68 10.99
C GLY C 162 69.95 6.88 9.84
N THR C 163 70.18 7.87 8.98
CA THR C 163 69.27 8.18 7.89
C THR C 163 70.05 8.26 6.57
N VAL C 164 69.32 8.22 5.46
CA VAL C 164 69.96 8.20 4.15
C VAL C 164 70.47 9.60 3.78
N ARG C 165 69.67 10.64 4.06
CA ARG C 165 70.07 12.06 3.94
C ARG C 165 70.21 12.50 2.48
N THR C 166 69.13 12.40 1.73
CA THR C 166 69.15 12.73 0.32
C THR C 166 68.10 13.79 -0.02
N ALA C 167 68.36 14.53 -1.09
CA ALA C 167 67.49 15.61 -1.52
C ALA C 167 66.72 15.25 -2.77
N VAL C 168 65.49 15.76 -2.86
CA VAL C 168 64.64 15.54 -4.03
C VAL C 168 65.02 16.55 -5.11
N GLU C 169 65.00 16.11 -6.37
CA GLU C 169 65.41 16.94 -7.48
C GLU C 169 64.29 17.26 -8.47
N PHE C 170 63.22 16.47 -8.51
CA PHE C 170 62.18 16.63 -9.51
C PHE C 170 60.92 15.92 -9.06
N GLN C 171 59.76 16.50 -9.36
CA GLN C 171 58.51 15.94 -8.89
C GLN C 171 57.38 16.31 -9.83
N VAL C 172 56.27 15.57 -9.70
CA VAL C 172 55.04 15.79 -10.47
C VAL C 172 53.85 15.61 -9.52
N MET C 173 53.06 16.67 -9.35
CA MET C 173 51.98 16.70 -8.40
C MET C 173 50.65 16.97 -9.11
N THR C 174 49.59 16.31 -8.65
CA THR C 174 48.23 16.65 -9.06
C THR C 174 47.39 16.92 -7.82
N GLN C 175 46.52 17.92 -7.92
CA GLN C 175 45.62 18.28 -6.83
C GLN C 175 44.27 17.59 -6.94
N THR C 176 43.97 16.97 -8.08
CA THR C 176 42.71 16.27 -8.30
C THR C 176 43.00 14.86 -8.79
N GLN C 177 42.28 13.89 -8.24
CA GLN C 177 42.46 12.48 -8.58
C GLN C 177 41.31 11.92 -9.40
N SER C 178 40.07 12.06 -8.92
CA SER C 178 38.89 11.68 -9.68
C SER C 178 37.97 12.89 -9.79
N LEU C 179 37.59 13.23 -11.02
CA LEU C 179 36.76 14.38 -11.32
C LEU C 179 35.57 13.93 -12.13
N SER C 180 34.38 14.38 -11.75
CA SER C 180 33.14 14.04 -12.41
C SER C 180 32.51 15.30 -12.99
N PHE C 181 32.11 15.25 -14.25
CA PHE C 181 31.47 16.39 -14.88
C PHE C 181 30.21 15.94 -15.62
N LEU C 182 29.55 16.89 -16.28
CA LEU C 182 28.40 16.56 -17.09
C LEU C 182 28.83 16.30 -18.53
N LEU C 183 27.84 16.04 -19.40
CA LEU C 183 28.14 15.71 -20.78
C LEU C 183 28.68 16.91 -21.54
N GLY C 184 27.94 18.01 -21.54
CA GLY C 184 28.36 19.18 -22.28
C GLY C 184 29.36 20.07 -21.59
N SER C 185 29.71 19.78 -20.33
CA SER C 185 30.54 20.69 -19.58
C SER C 185 31.97 20.66 -20.11
N SER C 186 32.82 21.48 -19.49
CA SER C 186 34.25 21.57 -19.83
C SER C 186 35.05 21.46 -18.56
N ALA C 187 36.10 20.64 -18.59
CA ALA C 187 36.80 20.23 -17.37
C ALA C 187 38.24 20.71 -17.42
N SER C 188 38.82 20.97 -16.25
CA SER C 188 40.26 21.22 -16.14
C SER C 188 40.85 20.20 -15.18
N LEU C 189 41.67 19.32 -15.73
CA LEU C 189 42.44 18.34 -14.96
C LEU C 189 43.84 18.89 -14.79
N ASP C 190 44.12 19.42 -13.60
CA ASP C 190 45.40 20.06 -13.34
C ASP C 190 46.52 19.03 -13.27
N CYS C 191 47.71 19.44 -13.73
CA CYS C 191 48.90 18.60 -13.62
C CYS C 191 50.11 19.53 -13.48
N GLY C 192 50.57 19.72 -12.25
CA GLY C 192 51.73 20.51 -11.98
C GLY C 192 52.98 19.66 -11.85
N PHE C 193 54.14 20.30 -12.01
CA PHE C 193 55.41 19.61 -11.86
C PHE C 193 56.46 20.61 -11.43
N SER C 194 57.40 20.13 -10.62
CA SER C 194 58.51 20.95 -10.16
C SER C 194 59.82 20.33 -10.60
N MET C 195 60.80 21.18 -10.86
CA MET C 195 62.08 20.76 -11.42
C MET C 195 63.16 21.68 -10.88
N ALA C 196 64.19 21.10 -10.29
CA ALA C 196 65.32 21.88 -9.82
C ALA C 196 66.05 22.50 -11.01
N PRO C 197 66.77 23.59 -10.78
CA PRO C 197 67.68 24.11 -11.80
C PRO C 197 68.59 23.01 -12.32
N GLY C 198 68.64 22.88 -13.64
CA GLY C 198 69.24 21.72 -14.29
C GLY C 198 68.22 20.61 -14.50
N LEU C 199 68.68 19.56 -15.17
CA LEU C 199 67.83 18.41 -15.48
C LEU C 199 66.56 18.88 -16.18
N ASP C 200 66.74 19.73 -17.18
CA ASP C 200 65.65 20.52 -17.77
C ASP C 200 64.61 19.61 -18.44
N LEU C 201 63.48 20.23 -18.79
CA LEU C 201 62.39 19.54 -19.46
C LEU C 201 62.82 19.01 -20.82
N ILE C 202 62.01 18.11 -21.37
CA ILE C 202 62.16 17.62 -22.73
C ILE C 202 60.80 17.58 -23.40
N SER C 203 59.88 16.75 -22.89
CA SER C 203 58.58 16.63 -23.52
C SER C 203 57.54 16.24 -22.47
N VAL C 204 56.29 16.63 -22.73
CA VAL C 204 55.15 16.35 -21.87
C VAL C 204 54.03 15.80 -22.75
N GLU C 205 53.54 14.61 -22.41
CA GLU C 205 52.50 13.95 -23.18
C GLU C 205 51.28 13.70 -22.30
N TRP C 206 50.12 14.15 -22.77
CA TRP C 206 48.84 13.78 -22.18
C TRP C 206 48.31 12.58 -22.94
N ARG C 207 48.06 11.47 -22.25
CA ARG C 207 47.56 10.27 -22.90
C ARG C 207 46.48 9.66 -22.03
N LEU C 208 45.38 9.22 -22.64
CA LEU C 208 44.32 8.61 -21.87
C LEU C 208 44.19 7.12 -22.20
N GLN C 209 43.55 6.42 -21.26
CA GLN C 209 43.19 5.02 -21.40
C GLN C 209 41.75 4.85 -20.94
N HIS C 210 40.95 4.18 -21.76
CA HIS C 210 39.54 4.02 -21.45
C HIS C 210 38.98 2.95 -22.38
N LYS C 211 37.95 2.24 -21.90
CA LYS C 211 37.26 1.23 -22.70
C LYS C 211 38.19 0.11 -23.15
N GLY C 212 39.43 0.10 -22.66
CA GLY C 212 40.42 -0.85 -23.13
C GLY C 212 41.51 -0.20 -23.95
N ARG C 213 41.13 0.72 -24.82
CA ARG C 213 42.09 1.34 -25.73
C ARG C 213 42.47 2.74 -25.25
N GLY C 214 43.62 3.21 -25.70
CA GLY C 214 44.14 4.49 -25.27
C GLY C 214 44.67 5.28 -26.44
N GLN C 215 44.69 6.60 -26.26
CA GLN C 215 45.16 7.48 -27.32
C GLN C 215 45.90 8.65 -26.70
N LEU C 216 46.79 9.24 -27.49
CA LEU C 216 47.51 10.43 -27.05
C LEU C 216 46.65 11.66 -27.34
N VAL C 217 46.37 12.43 -26.30
CA VAL C 217 45.60 13.66 -26.42
C VAL C 217 46.49 14.83 -26.84
N TYR C 218 47.57 15.05 -26.10
CA TYR C 218 48.44 16.20 -26.33
C TYR C 218 49.89 15.75 -26.27
N SER C 219 50.77 16.60 -26.80
CA SER C 219 52.20 16.41 -26.60
C SER C 219 52.90 17.74 -26.77
N TRP C 220 54.09 17.86 -26.19
CA TRP C 220 54.86 19.08 -26.25
C TRP C 220 56.33 18.75 -26.48
N THR C 221 57.11 19.77 -26.83
CA THR C 221 58.55 19.65 -26.92
C THR C 221 59.20 20.82 -26.21
N ALA C 222 60.41 21.21 -26.62
CA ALA C 222 61.08 22.33 -25.97
C ALA C 222 60.47 23.67 -26.35
N GLY C 223 59.72 23.75 -27.44
CA GLY C 223 59.23 25.03 -27.94
C GLY C 223 57.81 25.07 -28.45
N GLN C 224 57.24 23.92 -28.82
CA GLN C 224 55.86 23.90 -29.32
C GLN C 224 55.34 22.47 -29.24
N GLY C 225 54.01 22.33 -29.35
CA GLY C 225 53.36 21.04 -29.20
C GLY C 225 52.10 20.94 -30.02
N GLN C 226 51.43 19.80 -29.89
CA GLN C 226 50.26 19.47 -30.70
C GLN C 226 49.14 18.90 -29.83
N ALA C 227 47.93 19.03 -30.35
CA ALA C 227 46.70 18.48 -29.77
C ALA C 227 46.01 17.57 -30.77
N VAL C 228 45.19 16.65 -30.24
CA VAL C 228 44.39 15.78 -31.10
C VAL C 228 42.91 16.07 -30.84
N ARG C 229 42.11 15.89 -31.89
CA ARG C 229 40.68 16.20 -31.90
C ARG C 229 40.44 17.63 -31.43
N LYS C 230 39.71 17.80 -30.33
CA LYS C 230 39.51 19.12 -29.77
C LYS C 230 40.85 19.72 -29.35
N GLY C 231 41.04 21.00 -29.66
CA GLY C 231 42.26 21.69 -29.30
C GLY C 231 42.28 22.13 -27.84
N ALA C 232 42.83 21.29 -26.97
CA ALA C 232 42.80 21.51 -25.54
C ALA C 232 44.20 21.91 -25.06
N THR C 233 44.48 23.20 -25.09
CA THR C 233 45.75 23.70 -24.60
C THR C 233 45.78 23.70 -23.07
N LEU C 234 46.93 24.08 -22.52
CA LEU C 234 47.15 24.19 -21.08
C LEU C 234 47.22 25.65 -20.63
N GLU C 235 48.10 26.43 -21.26
CA GLU C 235 48.28 27.89 -21.16
C GLU C 235 48.70 28.26 -19.75
N PRO C 236 49.97 27.97 -19.36
CA PRO C 236 50.37 28.32 -17.99
C PRO C 236 50.16 29.79 -17.65
N MET C 241 60.73 27.11 -8.99
CA MET C 241 60.85 25.84 -9.70
C MET C 241 59.49 25.18 -9.92
N ALA C 242 58.43 25.87 -9.47
CA ALA C 242 57.07 25.35 -9.55
C ALA C 242 56.48 25.70 -10.91
N ARG C 243 56.34 24.69 -11.77
CA ARG C 243 55.78 24.86 -13.11
C ARG C 243 54.44 24.13 -13.21
N ASP C 244 53.58 24.63 -14.11
CA ASP C 244 52.23 24.12 -14.27
C ASP C 244 51.99 23.60 -15.68
N ALA C 245 51.24 22.51 -15.78
CA ALA C 245 50.80 21.96 -17.05
C ALA C 245 49.35 21.51 -16.93
N SER C 246 48.54 22.29 -16.25
CA SER C 246 47.15 21.94 -15.99
C SER C 246 46.36 21.90 -17.29
N LEU C 247 45.75 20.76 -17.58
CA LEU C 247 45.04 20.59 -18.84
C LEU C 247 43.61 21.07 -18.71
N THR C 248 43.14 21.78 -19.72
CA THR C 248 41.75 22.19 -19.80
C THR C 248 41.15 21.63 -21.08
N LEU C 249 40.05 20.92 -20.94
CA LEU C 249 39.25 20.30 -21.96
C LEU C 249 37.96 21.06 -22.15
N PRO C 250 37.57 21.33 -23.38
CA PRO C 250 36.31 22.06 -23.63
C PRO C 250 35.09 21.18 -23.47
N GLY C 251 34.07 21.42 -24.29
CA GLY C 251 32.84 20.64 -24.26
C GLY C 251 33.11 19.16 -24.28
N LEU C 252 32.95 18.51 -23.13
CA LEU C 252 33.32 17.12 -22.99
C LEU C 252 32.41 16.23 -23.84
N THR C 253 32.85 14.99 -24.02
CA THR C 253 32.12 13.99 -24.78
C THR C 253 32.17 12.68 -24.03
N ILE C 254 31.30 11.74 -24.41
CA ILE C 254 31.39 10.40 -23.86
C ILE C 254 32.74 9.79 -24.19
N GLN C 255 33.25 10.08 -25.39
CA GLN C 255 34.61 9.67 -25.76
C GLN C 255 35.64 10.16 -24.75
N ASP C 256 35.38 11.32 -24.13
CA ASP C 256 36.30 11.89 -23.15
C ASP C 256 36.28 11.17 -21.81
N GLU C 257 35.28 10.34 -21.54
CA GLU C 257 35.26 9.61 -20.28
C GLU C 257 36.42 8.62 -20.24
N GLY C 258 37.08 8.53 -19.10
CA GLY C 258 38.16 7.57 -18.94
C GLY C 258 39.20 8.04 -17.96
N THR C 259 40.34 7.35 -17.97
CA THR C 259 41.44 7.62 -17.04
C THR C 259 42.54 8.36 -17.78
N TYR C 260 42.77 9.62 -17.39
CA TYR C 260 43.74 10.48 -18.04
C TYR C 260 45.09 10.37 -17.34
N ILE C 261 46.15 10.46 -18.13
CA ILE C 261 47.51 10.20 -17.68
C ILE C 261 48.41 11.33 -18.17
N CYS C 262 49.11 11.98 -17.25
CA CYS C 262 49.97 13.12 -17.51
C CYS C 262 51.41 12.63 -17.35
N GLN C 263 52.09 12.43 -18.48
CA GLN C 263 53.43 11.87 -18.53
C GLN C 263 54.45 12.97 -18.84
N ILE C 264 55.59 12.92 -18.14
CA ILE C 264 56.65 13.91 -18.28
C ILE C 264 57.97 13.19 -18.50
N THR C 265 58.67 13.55 -19.57
CA THR C 265 60.00 13.05 -19.88
C THR C 265 60.96 14.23 -19.83
N THR C 266 62.00 14.14 -18.99
CA THR C 266 62.99 15.19 -18.84
C THR C 266 64.38 14.62 -19.10
N SER C 267 65.39 15.40 -18.74
CA SER C 267 66.80 15.00 -18.87
C SER C 267 67.11 13.96 -17.81
N LEU C 268 67.14 12.68 -18.21
CA LEU C 268 67.45 11.50 -17.44
C LEU C 268 66.30 11.06 -16.52
N TYR C 269 65.22 11.82 -16.42
CA TYR C 269 64.10 11.46 -15.56
C TYR C 269 62.80 11.52 -16.34
N ARG C 270 61.91 10.57 -16.07
CA ARG C 270 60.60 10.52 -16.70
C ARG C 270 59.61 10.03 -15.66
N ALA C 271 58.78 10.95 -15.15
CA ALA C 271 57.79 10.62 -14.14
C ALA C 271 56.44 11.13 -14.59
N GLN C 272 55.39 10.62 -13.96
CA GLN C 272 54.04 10.93 -14.40
C GLN C 272 53.05 10.80 -13.26
N GLN C 273 51.86 11.38 -13.47
CA GLN C 273 50.77 11.30 -12.52
C GLN C 273 49.49 11.02 -13.30
N ILE C 274 48.45 10.59 -12.59
CA ILE C 274 47.20 10.19 -13.24
C ILE C 274 46.02 10.89 -12.57
N ILE C 275 45.04 11.26 -13.39
CA ILE C 275 43.75 11.77 -12.91
C ILE C 275 42.65 10.92 -13.53
N GLN C 276 41.56 10.76 -12.79
CA GLN C 276 40.40 10.02 -13.28
C GLN C 276 39.33 11.00 -13.73
N LEU C 277 38.66 10.69 -14.84
CA LEU C 277 37.60 11.55 -15.35
C LEU C 277 36.38 10.68 -15.64
N ASN C 278 35.32 10.89 -14.87
CA ASN C 278 34.04 10.25 -15.14
C ASN C 278 32.99 11.30 -15.48
N ILE C 279 32.11 10.91 -16.40
CA ILE C 279 31.15 11.80 -17.04
C ILE C 279 29.76 11.21 -16.89
N GLN C 280 28.80 12.06 -16.56
CA GLN C 280 27.42 11.65 -16.35
C GLN C 280 26.50 12.69 -16.98
N ALA C 281 25.31 12.24 -17.37
CA ALA C 281 24.34 13.10 -18.03
C ALA C 281 23.01 13.03 -17.30
N SER C 282 22.40 14.18 -17.06
CA SER C 282 21.12 14.23 -16.37
C SER C 282 20.04 13.63 -17.25
N PRO C 283 19.24 12.69 -16.74
CA PRO C 283 18.21 12.06 -17.57
C PRO C 283 16.93 12.86 -17.65
N LYS C 284 16.22 12.66 -18.76
CA LYS C 284 14.91 13.24 -18.99
C LYS C 284 13.82 12.21 -18.71
N VAL C 285 12.67 12.71 -18.23
CA VAL C 285 11.61 11.91 -17.65
C VAL C 285 10.32 12.12 -18.43
N ARG C 286 9.53 11.05 -18.56
CA ARG C 286 8.24 11.10 -19.24
C ARG C 286 7.44 9.89 -18.80
N LEU C 287 6.12 10.00 -18.95
CA LEU C 287 5.21 8.92 -18.58
C LEU C 287 4.01 8.96 -19.52
N SER C 288 3.60 7.78 -20.00
CA SER C 288 2.54 7.67 -20.98
C SER C 288 1.64 6.49 -20.63
N LEU C 289 0.59 6.32 -21.42
CA LEU C 289 -0.39 5.26 -21.17
C LEU C 289 -1.01 4.83 -22.49
N ALA C 290 -1.22 3.52 -22.64
CA ALA C 290 -1.76 3.00 -23.90
C ALA C 290 -2.42 1.65 -23.63
N ASN C 291 -2.46 0.79 -24.66
CA ASN C 291 -3.12 -0.51 -24.60
C ASN C 291 -4.62 -0.38 -24.31
N GLU C 292 -5.23 0.69 -24.80
CA GLU C 292 -6.66 0.91 -24.63
C GLU C 292 -7.17 1.96 -25.61
N LEU C 295 -5.71 -2.41 -21.37
CA LEU C 295 -6.67 -1.53 -20.73
C LEU C 295 -6.46 -1.52 -19.22
N PRO C 296 -5.54 -0.68 -18.73
CA PRO C 296 -4.59 0.11 -19.51
C PRO C 296 -3.14 -0.33 -19.28
N THR C 297 -2.18 0.37 -19.87
CA THR C 297 -0.78 0.18 -19.57
C THR C 297 -0.10 1.53 -19.45
N LEU C 298 1.01 1.54 -18.71
CA LEU C 298 1.79 2.74 -18.46
C LEU C 298 3.24 2.53 -18.91
N ILE C 299 3.82 3.57 -19.50
CA ILE C 299 5.20 3.52 -20.00
C ILE C 299 5.94 4.69 -19.37
N CYS C 300 6.79 4.41 -18.38
CA CYS C 300 7.59 5.45 -17.74
C CYS C 300 8.94 5.50 -18.44
N ASP C 301 9.02 6.31 -19.48
CA ASP C 301 10.21 6.36 -20.31
C ASP C 301 11.31 7.18 -19.64
N ILE C 302 12.54 6.69 -19.74
CA ILE C 302 13.73 7.39 -19.25
C ILE C 302 14.67 7.59 -20.43
N ALA C 303 15.17 8.81 -20.61
CA ALA C 303 15.95 9.09 -21.81
C ALA C 303 17.21 9.87 -21.47
N GLY C 304 18.25 9.62 -22.27
CA GLY C 304 19.49 10.39 -22.21
C GLY C 304 20.18 10.38 -20.86
N TYR C 305 20.68 9.21 -20.45
CA TYR C 305 21.33 9.08 -19.15
C TYR C 305 22.62 8.29 -19.30
N TYR C 306 23.60 8.63 -18.47
CA TYR C 306 24.87 7.91 -18.38
C TYR C 306 25.37 7.98 -16.93
N PRO C 307 25.91 6.87 -16.40
CA PRO C 307 26.18 5.57 -17.01
C PRO C 307 24.97 4.65 -17.18
N LEU C 308 25.01 3.47 -16.55
CA LEU C 308 24.08 2.41 -16.90
C LEU C 308 23.26 1.87 -15.73
N ASP C 309 23.67 2.09 -14.49
CA ASP C 309 22.98 1.51 -13.33
C ASP C 309 21.91 2.49 -12.86
N VAL C 310 20.69 2.32 -13.38
CA VAL C 310 19.53 3.09 -12.96
C VAL C 310 18.50 2.13 -12.39
N VAL C 311 17.99 2.44 -11.21
CA VAL C 311 17.01 1.58 -10.55
C VAL C 311 15.68 2.32 -10.45
N VAL C 312 14.61 1.58 -10.73
CA VAL C 312 13.26 2.14 -10.88
C VAL C 312 12.27 1.25 -10.16
N THR C 313 11.50 1.84 -9.26
CA THR C 313 10.36 1.18 -8.63
C THR C 313 9.10 2.02 -8.91
N TRP C 314 8.03 1.70 -8.18
CA TRP C 314 6.77 2.40 -8.35
C TRP C 314 6.08 2.54 -7.01
N THR C 315 5.20 3.53 -6.90
CA THR C 315 4.32 3.65 -5.74
C THR C 315 2.89 3.87 -6.21
N ARG C 316 1.94 3.27 -5.49
CA ARG C 316 0.52 3.39 -5.80
C ARG C 316 -0.17 4.14 -4.67
N GLU C 317 -0.76 5.29 -5.00
CA GLU C 317 -1.40 6.16 -4.03
C GLU C 317 -2.87 5.77 -3.85
N GLU C 318 -3.55 6.47 -2.94
CA GLU C 318 -4.95 6.21 -2.64
C GLU C 318 -5.87 6.96 -3.62
N PRO C 323 0.54 4.84 -1.01
CA PRO C 323 1.94 4.42 -1.02
C PRO C 323 2.13 3.01 -1.57
N ALA C 324 2.14 2.02 -0.69
CA ALA C 324 2.19 0.61 -1.05
C ALA C 324 3.47 0.20 -1.75
N GLN C 325 4.33 1.18 -2.06
CA GLN C 325 5.59 0.99 -2.78
C GLN C 325 5.54 -0.23 -3.68
N VAL C 326 4.59 -0.23 -4.60
CA VAL C 326 4.28 -1.38 -5.43
C VAL C 326 5.54 -1.87 -6.13
N SER C 327 6.11 -2.96 -5.63
CA SER C 327 7.37 -3.51 -6.11
C SER C 327 7.06 -4.61 -7.13
N GLY C 328 7.42 -4.36 -8.39
CA GLY C 328 7.21 -5.34 -9.43
C GLY C 328 6.84 -4.74 -10.78
N ALA C 329 7.84 -4.28 -11.52
CA ALA C 329 7.63 -3.71 -12.84
C ALA C 329 8.63 -4.30 -13.82
N SER C 330 8.22 -4.39 -15.09
CA SER C 330 9.02 -5.01 -16.14
C SER C 330 9.69 -3.95 -16.99
N PHE C 331 10.94 -4.22 -17.38
CA PHE C 331 11.69 -3.33 -18.25
C PHE C 331 11.42 -3.69 -19.71
N SER C 332 12.14 -3.03 -20.60
CA SER C 332 12.08 -3.29 -22.03
C SER C 332 13.50 -3.42 -22.57
N SER C 333 13.62 -3.59 -23.88
CA SER C 333 14.94 -3.64 -24.49
C SER C 333 15.63 -2.28 -24.37
N LEU C 334 16.96 -2.31 -24.33
CA LEU C 334 17.76 -1.12 -24.06
C LEU C 334 18.10 -0.39 -25.36
N ARG C 335 18.01 0.94 -25.33
CA ARG C 335 18.37 1.75 -26.49
C ARG C 335 19.20 2.94 -26.03
N GLN C 336 19.65 3.76 -26.98
CA GLN C 336 20.52 4.88 -26.67
C GLN C 336 20.56 5.86 -27.85
N SER C 337 21.28 6.95 -27.67
CA SER C 337 21.33 8.05 -28.62
C SER C 337 22.70 8.12 -29.30
N VAL C 338 22.76 8.89 -30.38
CA VAL C 338 23.94 8.93 -31.24
C VAL C 338 25.20 9.21 -30.43
N ALA C 339 25.13 10.22 -29.56
CA ALA C 339 26.28 10.55 -28.73
C ALA C 339 26.71 9.37 -27.87
N GLY C 340 25.74 8.61 -27.38
CA GLY C 340 26.04 7.45 -26.55
C GLY C 340 25.18 7.40 -25.31
N THR C 341 24.43 8.47 -25.06
CA THR C 341 23.57 8.53 -23.88
C THR C 341 22.46 7.51 -24.00
N TYR C 342 22.24 6.75 -22.94
CA TYR C 342 21.31 5.64 -22.99
C TYR C 342 19.88 6.11 -22.71
N SER C 343 18.94 5.19 -22.92
CA SER C 343 17.52 5.43 -22.78
C SER C 343 16.78 4.10 -22.77
N ILE C 344 15.82 3.98 -21.86
CA ILE C 344 15.03 2.76 -21.71
C ILE C 344 13.75 3.11 -20.95
N SER C 345 12.69 2.38 -21.25
CA SER C 345 11.41 2.53 -20.57
C SER C 345 11.01 1.20 -19.96
N SER C 346 10.36 1.27 -18.80
CA SER C 346 9.87 0.09 -18.10
C SER C 346 8.34 0.14 -18.12
N SER C 347 7.73 -0.73 -18.93
CA SER C 347 6.28 -0.74 -19.04
C SER C 347 5.66 -1.25 -17.76
N LEU C 348 4.33 -1.11 -17.68
CA LEU C 348 3.56 -1.50 -16.50
C LEU C 348 2.09 -1.55 -16.90
N THR C 349 1.27 -2.13 -16.04
CA THR C 349 -0.18 -2.14 -16.20
C THR C 349 -0.83 -1.47 -15.00
N ALA C 350 -1.87 -0.69 -15.27
CA ALA C 350 -2.53 0.12 -14.25
C ALA C 350 -3.90 -0.47 -13.91
N GLU C 351 -4.42 -0.03 -12.76
CA GLU C 351 -5.73 -0.48 -12.28
C GLU C 351 -6.34 0.57 -11.36
N PRO C 352 -7.51 1.11 -11.71
CA PRO C 352 -8.19 2.13 -10.91
C PRO C 352 -9.24 1.54 -9.97
N THR C 358 -2.10 9.38 -8.62
CA THR C 358 -2.44 8.08 -8.05
C THR C 358 -1.37 7.04 -8.38
N TYR C 359 -0.22 7.52 -8.85
CA TYR C 359 0.91 6.65 -9.14
C TYR C 359 2.19 7.47 -9.01
N THR C 360 3.32 6.77 -9.02
CA THR C 360 4.61 7.45 -9.04
C THR C 360 5.67 6.51 -9.58
N CYS C 361 6.52 7.06 -10.45
CA CYS C 361 7.66 6.38 -11.06
C CYS C 361 8.93 7.13 -10.67
N GLN C 362 9.40 6.89 -9.45
CA GLN C 362 10.67 7.47 -9.01
C GLN C 362 11.83 6.82 -9.76
N VAL C 363 12.92 7.58 -9.91
CA VAL C 363 14.10 7.12 -10.64
C VAL C 363 15.32 7.38 -9.78
N THR C 364 16.20 6.38 -9.68
CA THR C 364 17.46 6.54 -8.96
C THR C 364 18.63 6.25 -9.89
N HIS C 365 19.57 7.18 -9.94
CA HIS C 365 20.78 7.07 -10.74
C HIS C 365 22.00 7.40 -9.89
N ILE C 366 23.17 7.46 -10.52
CA ILE C 366 24.35 7.99 -9.83
C ILE C 366 24.16 9.47 -9.54
N SER C 367 23.47 10.19 -10.42
CA SER C 367 22.99 11.52 -10.10
C SER C 367 21.84 11.43 -9.10
N LEU C 368 21.48 12.57 -8.53
CA LEU C 368 20.49 12.59 -7.46
C LEU C 368 19.10 12.21 -7.99
N GLU C 369 18.15 12.12 -7.06
CA GLU C 369 16.83 11.56 -7.32
C GLU C 369 15.80 12.64 -7.64
N GLU C 370 14.80 12.27 -8.43
CA GLU C 370 13.69 13.15 -8.79
C GLU C 370 12.47 12.30 -9.17
N PRO C 371 11.38 12.37 -8.40
CA PRO C 371 10.20 11.55 -8.70
C PRO C 371 9.13 12.31 -9.49
N LEU C 372 8.23 11.55 -10.11
CA LEU C 372 7.04 12.12 -10.72
C LEU C 372 5.98 11.03 -10.83
N GLY C 373 4.73 11.46 -10.92
CA GLY C 373 3.62 10.51 -10.98
C GLY C 373 2.43 11.10 -11.70
N ALA C 374 1.66 10.23 -12.35
CA ALA C 374 0.44 10.61 -13.04
C ALA C 374 -0.73 9.88 -12.41
N SER C 375 -1.86 10.58 -12.30
CA SER C 375 -3.05 10.00 -11.70
C SER C 375 -3.65 8.94 -12.64
N THR C 376 -4.69 8.27 -12.15
CA THR C 376 -5.36 7.21 -12.91
C THR C 376 -6.86 7.30 -12.68
N GLN C 377 -7.58 7.82 -13.67
CA GLN C 377 -9.03 7.87 -13.64
C GLN C 377 -9.62 6.58 -14.22
N VAL C 378 -10.94 6.47 -14.14
CA VAL C 378 -11.63 5.28 -14.63
C VAL C 378 -12.49 5.63 -15.85
N SER D 2 -24.74 45.48 -29.01
CA SER D 2 -23.69 45.12 -28.07
C SER D 2 -23.83 43.66 -27.62
N HIS D 3 -24.15 42.78 -28.55
CA HIS D 3 -24.26 41.37 -28.22
C HIS D 3 -22.89 40.72 -28.17
N SER D 4 -22.82 39.58 -27.51
CA SER D 4 -21.52 38.93 -27.30
C SER D 4 -21.73 37.44 -27.06
N LEU D 5 -21.07 36.62 -27.86
CA LEU D 5 -20.99 35.18 -27.62
C LEU D 5 -19.60 34.88 -27.09
N ARG D 6 -19.52 34.38 -25.87
CA ARG D 6 -18.24 34.19 -25.20
C ARG D 6 -18.23 32.85 -24.49
N TYR D 7 -17.27 32.01 -24.83
CA TYR D 7 -17.02 30.74 -24.16
C TYR D 7 -15.89 30.93 -23.17
N PHE D 8 -16.04 30.32 -21.99
CA PHE D 8 -15.02 30.37 -20.96
C PHE D 8 -14.69 28.95 -20.52
N VAL D 9 -13.39 28.67 -20.40
CA VAL D 9 -12.90 27.35 -20.00
C VAL D 9 -12.03 27.51 -18.77
N THR D 10 -12.33 26.74 -17.73
CA THR D 10 -11.57 26.80 -16.49
C THR D 10 -11.24 25.38 -16.02
N ALA D 11 -10.03 25.21 -15.50
CA ALA D 11 -9.58 23.93 -14.95
C ALA D 11 -8.87 24.19 -13.64
N VAL D 12 -9.33 23.56 -12.56
CA VAL D 12 -8.80 23.78 -11.23
C VAL D 12 -8.20 22.48 -10.72
N SER D 13 -6.90 22.50 -10.44
CA SER D 13 -6.23 21.32 -9.93
C SER D 13 -6.68 21.03 -8.50
N ARG D 14 -6.51 19.78 -8.08
CA ARG D 14 -6.82 19.35 -6.73
C ARG D 14 -5.68 18.47 -6.24
N PRO D 15 -4.71 19.04 -5.53
CA PRO D 15 -3.50 18.28 -5.17
C PRO D 15 -3.81 17.17 -4.19
N GLY D 16 -3.27 15.99 -4.47
CA GLY D 16 -3.56 14.82 -3.68
C GLY D 16 -4.98 14.30 -3.81
N PHE D 17 -5.81 14.92 -4.64
CA PHE D 17 -7.19 14.51 -4.83
C PHE D 17 -7.47 13.97 -6.23
N GLY D 18 -6.49 14.01 -7.13
CA GLY D 18 -6.63 13.44 -8.45
C GLY D 18 -6.45 14.49 -9.54
N GLU D 19 -7.10 14.26 -10.66
CA GLU D 19 -7.00 15.14 -11.81
C GLU D 19 -7.82 16.41 -11.60
N PRO D 20 -7.46 17.50 -12.27
CA PRO D 20 -8.19 18.75 -12.10
C PRO D 20 -9.61 18.67 -12.64
N ARG D 21 -10.44 19.59 -12.15
CA ARG D 21 -11.82 19.72 -12.59
C ARG D 21 -11.88 20.69 -13.76
N TYR D 22 -12.40 20.23 -14.90
CA TYR D 22 -12.55 21.06 -16.08
C TYR D 22 -14.01 21.46 -16.26
N MET D 23 -14.21 22.66 -16.81
CA MET D 23 -15.55 23.19 -16.97
C MET D 23 -15.55 24.23 -18.08
N GLU D 24 -16.42 24.05 -19.06
CA GLU D 24 -16.68 25.03 -20.11
C GLU D 24 -18.09 25.58 -19.94
N VAL D 25 -18.24 26.89 -20.17
CA VAL D 25 -19.56 27.53 -20.14
C VAL D 25 -19.67 28.48 -21.32
N GLY D 26 -20.80 28.42 -22.03
CA GLY D 26 -21.08 29.40 -23.06
C GLY D 26 -21.91 30.55 -22.52
N TYR D 27 -21.80 31.70 -23.18
CA TYR D 27 -22.51 32.88 -22.74
C TYR D 27 -22.99 33.68 -23.94
N VAL D 28 -24.27 34.03 -23.94
CA VAL D 28 -24.83 35.03 -24.84
C VAL D 28 -25.24 36.22 -23.97
N ASP D 29 -24.61 37.36 -24.20
CA ASP D 29 -24.78 38.55 -23.37
C ASP D 29 -24.41 38.15 -21.95
N ASN D 30 -25.27 38.36 -20.95
CA ASN D 30 -25.00 37.94 -19.58
C ASN D 30 -25.68 36.64 -19.23
N THR D 31 -26.23 35.94 -20.21
CA THR D 31 -26.98 34.70 -19.99
C THR D 31 -26.11 33.49 -20.31
N GLU D 32 -26.02 32.57 -19.37
CA GLU D 32 -25.24 31.36 -19.55
C GLU D 32 -26.04 30.32 -20.34
N PHE D 33 -25.31 29.43 -21.00
CA PHE D 33 -25.91 28.31 -21.71
C PHE D 33 -24.82 27.29 -22.02
N VAL D 34 -25.26 26.11 -22.47
CA VAL D 34 -24.44 24.93 -22.75
C VAL D 34 -23.29 24.79 -21.77
N ARG D 35 -23.60 24.54 -20.51
CA ARG D 35 -22.56 24.36 -19.49
C ARG D 35 -21.90 22.98 -19.64
N PHE D 36 -20.83 22.79 -18.88
CA PHE D 36 -20.08 21.54 -18.91
C PHE D 36 -19.29 21.40 -17.62
N ASP D 37 -19.34 20.22 -17.00
CA ASP D 37 -18.61 19.98 -15.76
C ASP D 37 -18.15 18.52 -15.73
N SER D 38 -16.88 18.32 -15.39
CA SER D 38 -16.30 16.98 -15.42
C SER D 38 -16.64 16.18 -14.17
N ASP D 39 -16.87 16.85 -13.04
CA ASP D 39 -17.18 16.14 -11.81
C ASP D 39 -18.57 15.53 -11.79
N ALA D 40 -19.41 15.86 -12.75
CA ALA D 40 -20.77 15.35 -12.77
C ALA D 40 -20.79 13.86 -13.09
N GLU D 41 -21.84 13.18 -12.63
CA GLU D 41 -22.04 11.78 -12.99
C GLU D 41 -22.38 11.69 -14.47
N ASN D 42 -21.63 10.87 -15.19
CA ASN D 42 -21.67 10.85 -16.65
C ASN D 42 -21.50 12.28 -17.15
N PRO D 43 -20.30 12.85 -17.04
CA PRO D 43 -20.12 14.27 -17.39
C PRO D 43 -20.21 14.48 -18.89
N ARG D 44 -21.01 15.47 -19.29
CA ARG D 44 -21.21 15.78 -20.70
C ARG D 44 -21.78 17.19 -20.81
N TYR D 45 -21.75 17.71 -22.03
CA TYR D 45 -22.27 19.05 -22.29
C TYR D 45 -23.79 19.01 -22.37
N GLU D 46 -24.45 19.89 -21.61
CA GLU D 46 -25.90 19.89 -21.50
C GLU D 46 -26.46 21.17 -22.09
N PRO D 47 -27.48 21.10 -22.95
CA PRO D 47 -28.08 22.33 -23.48
C PRO D 47 -28.84 23.08 -22.41
N ARG D 48 -28.86 24.40 -22.54
CA ARG D 48 -29.51 25.28 -21.57
C ARG D 48 -30.45 26.24 -22.30
N ALA D 49 -31.04 27.15 -21.53
CA ALA D 49 -31.76 28.31 -22.03
C ALA D 49 -32.93 27.97 -22.95
N ARG D 50 -33.29 26.69 -23.05
CA ARG D 50 -34.51 26.25 -23.73
C ARG D 50 -34.48 26.47 -25.24
N TRP D 51 -33.54 27.28 -25.74
CA TRP D 51 -33.46 27.50 -27.19
C TRP D 51 -32.32 26.74 -27.85
N ILE D 52 -31.13 26.71 -27.25
CA ILE D 52 -30.04 25.94 -27.83
C ILE D 52 -30.41 24.47 -27.93
N GLU D 53 -31.38 24.02 -27.12
CA GLU D 53 -31.89 22.65 -27.21
C GLU D 53 -32.34 22.29 -28.62
N GLN D 54 -32.53 23.28 -29.50
CA GLN D 54 -32.92 23.01 -30.87
C GLN D 54 -31.87 22.25 -31.67
N GLU D 55 -30.64 22.14 -31.17
CA GLU D 55 -29.62 21.44 -31.94
C GLU D 55 -29.87 19.92 -31.91
N GLY D 56 -29.19 19.23 -32.81
CA GLY D 56 -29.29 17.79 -32.91
C GLY D 56 -28.28 17.07 -32.03
N PRO D 57 -28.44 15.75 -31.88
CA PRO D 57 -27.57 15.02 -30.95
C PRO D 57 -26.13 14.93 -31.42
N GLU D 58 -25.88 14.85 -32.72
CA GLU D 58 -24.52 14.84 -33.22
C GLU D 58 -23.77 16.11 -32.85
N TYR D 59 -24.48 17.22 -32.72
CA TYR D 59 -23.86 18.47 -32.26
C TYR D 59 -23.35 18.34 -30.84
N TRP D 60 -24.16 17.75 -29.95
CA TRP D 60 -23.76 17.62 -28.56
C TRP D 60 -22.68 16.57 -28.38
N GLU D 61 -22.72 15.50 -29.18
CA GLU D 61 -21.64 14.52 -29.15
C GLU D 61 -20.34 15.13 -29.62
N ARG D 62 -20.37 15.81 -30.77
CA ARG D 62 -19.17 16.42 -31.32
C ARG D 62 -18.59 17.46 -30.35
N GLU D 63 -19.44 18.37 -29.87
CA GLU D 63 -18.96 19.39 -28.94
C GLU D 63 -18.45 18.77 -27.65
N THR D 64 -19.04 17.65 -27.23
CA THR D 64 -18.48 16.91 -26.10
C THR D 64 -17.07 16.42 -26.42
N ARG D 65 -16.84 15.98 -27.66
CA ARG D 65 -15.49 15.56 -28.05
C ARG D 65 -14.52 16.74 -28.00
N ARG D 66 -14.96 17.91 -28.47
CA ARG D 66 -14.12 19.10 -28.38
C ARG D 66 -13.77 19.43 -26.94
N ALA D 67 -14.77 19.39 -26.06
CA ALA D 67 -14.53 19.65 -24.64
C ALA D 67 -13.54 18.64 -24.05
N LYS D 68 -13.60 17.39 -24.50
CA LYS D 68 -12.69 16.37 -23.99
C LYS D 68 -11.26 16.65 -24.43
N GLY D 69 -11.04 16.86 -25.74
CA GLY D 69 -9.71 17.17 -26.21
C GLY D 69 -9.13 18.40 -25.54
N ASN D 70 -9.92 19.47 -25.46
CA ASN D 70 -9.49 20.67 -24.76
C ASN D 70 -9.16 20.37 -23.30
N GLU D 71 -9.92 19.46 -22.68
CA GLU D 71 -9.63 19.09 -21.30
C GLU D 71 -8.25 18.45 -21.17
N GLN D 72 -7.93 17.53 -22.09
CA GLN D 72 -6.62 16.89 -22.05
C GLN D 72 -5.51 17.91 -22.25
N CYS D 73 -5.66 18.78 -23.25
CA CYS D 73 -4.66 19.82 -23.47
C CYS D 73 -4.49 20.69 -22.24
N PHE D 74 -5.58 21.01 -21.54
CA PHE D 74 -5.48 21.78 -20.31
C PHE D 74 -4.83 20.99 -19.19
N ARG D 75 -4.94 19.65 -19.23
CA ARG D 75 -4.17 18.85 -18.28
C ARG D 75 -2.68 19.02 -18.52
N VAL D 76 -2.24 18.86 -19.78
CA VAL D 76 -0.82 18.99 -20.10
C VAL D 76 -0.31 20.38 -19.72
N ASP D 77 -1.01 21.42 -20.18
CA ASP D 77 -0.57 22.78 -19.91
C ASP D 77 -0.61 23.10 -18.42
N LEU D 78 -1.56 22.50 -17.69
CA LEU D 78 -1.56 22.64 -16.24
C LEU D 78 -0.29 22.06 -15.62
N ARG D 79 0.15 20.89 -16.13
CA ARG D 79 1.39 20.33 -15.62
C ARG D 79 2.59 21.23 -15.95
N THR D 80 2.60 21.84 -17.14
CA THR D 80 3.72 22.71 -17.49
C THR D 80 3.76 23.96 -16.60
N ALA D 81 2.60 24.58 -16.36
CA ALA D 81 2.56 25.71 -15.44
C ALA D 81 3.00 25.30 -14.05
N LEU D 82 2.60 24.11 -13.61
CA LEU D 82 3.09 23.57 -12.35
C LEU D 82 4.60 23.40 -12.37
N ARG D 83 5.19 23.11 -13.53
CA ARG D 83 6.64 23.08 -13.65
C ARG D 83 7.23 24.46 -13.48
N TYR D 84 6.55 25.49 -14.01
CA TYR D 84 7.03 26.85 -13.82
C TYR D 84 7.04 27.22 -12.34
N TYR D 85 5.97 26.93 -11.63
CA TYR D 85 5.84 27.29 -10.22
C TYR D 85 6.08 26.05 -9.36
N ASN D 86 7.31 25.91 -8.86
CA ASN D 86 7.73 24.74 -8.10
C ASN D 86 7.29 24.76 -6.64
N GLN D 87 6.40 25.68 -6.25
CA GLN D 87 5.96 25.75 -4.87
C GLN D 87 5.04 24.58 -4.55
N SER D 88 4.98 24.23 -3.26
CA SER D 88 4.15 23.14 -2.79
C SER D 88 3.55 23.50 -1.44
N ALA D 89 2.48 22.78 -1.08
CA ALA D 89 1.76 23.00 0.17
C ALA D 89 1.29 24.44 0.31
N GLY D 90 0.97 25.09 -0.81
CA GLY D 90 0.52 26.46 -0.80
C GLY D 90 -0.85 26.65 -1.41
N GLY D 91 -1.52 25.55 -1.71
CA GLY D 91 -2.86 25.58 -2.28
C GLY D 91 -2.89 24.94 -3.66
N SER D 92 -4.00 25.17 -4.35
CA SER D 92 -4.21 24.67 -5.70
C SER D 92 -3.95 25.78 -6.72
N HIS D 93 -4.21 25.47 -7.99
CA HIS D 93 -4.02 26.43 -9.06
C HIS D 93 -5.20 26.36 -10.01
N THR D 94 -5.48 27.49 -10.66
CA THR D 94 -6.64 27.63 -11.55
C THR D 94 -6.18 28.19 -12.89
N LEU D 95 -6.54 27.52 -13.97
CA LEU D 95 -6.21 27.94 -15.32
C LEU D 95 -7.49 28.31 -16.06
N GLN D 96 -7.50 29.49 -16.68
CA GLN D 96 -8.71 30.04 -17.28
C GLN D 96 -8.41 30.49 -18.70
N TRP D 97 -9.49 30.59 -19.47
CA TRP D 97 -9.42 30.96 -20.88
C TRP D 97 -10.75 31.59 -21.27
N MET D 98 -10.68 32.72 -21.96
CA MET D 98 -11.86 33.41 -22.46
C MET D 98 -11.72 33.60 -23.96
N ALA D 99 -12.72 33.17 -24.71
CA ALA D 99 -12.72 33.34 -26.16
C ALA D 99 -14.13 33.70 -26.60
N GLY D 100 -14.28 34.86 -27.23
CA GLY D 100 -15.60 35.28 -27.64
C GLY D 100 -15.53 36.37 -28.69
N CYS D 101 -16.70 36.88 -29.04
CA CYS D 101 -16.84 37.93 -30.03
C CYS D 101 -18.04 38.79 -29.68
N ASP D 102 -17.89 40.09 -29.90
CA ASP D 102 -18.94 41.07 -29.70
C ASP D 102 -19.37 41.62 -31.06
N VAL D 103 -20.67 41.63 -31.31
CA VAL D 103 -21.24 42.03 -32.58
C VAL D 103 -22.42 42.96 -32.32
N GLU D 104 -22.63 43.90 -33.24
CA GLU D 104 -23.76 44.80 -33.16
C GLU D 104 -24.30 45.07 -34.56
N SER D 105 -25.51 45.63 -34.60
CA SER D 105 -26.16 46.11 -35.83
C SER D 105 -26.41 44.90 -36.75
N ASP D 106 -26.13 45.03 -38.05
CA ASP D 106 -26.44 43.96 -39.00
C ASP D 106 -25.67 42.68 -38.67
N GLY D 107 -24.41 42.82 -38.29
CA GLY D 107 -23.62 41.66 -37.96
C GLY D 107 -22.13 41.89 -38.09
N ARG D 108 -21.72 43.13 -38.32
CA ARG D 108 -20.30 43.41 -38.47
C ARG D 108 -19.59 43.24 -37.12
N LEU D 109 -18.29 42.95 -37.21
CA LEU D 109 -17.52 42.65 -36.01
C LEU D 109 -17.32 43.90 -35.16
N LEU D 110 -17.62 43.79 -33.87
CA LEU D 110 -17.40 44.87 -32.93
C LEU D 110 -16.18 44.63 -32.04
N ARG D 111 -15.96 43.40 -31.61
CA ARG D 111 -14.78 43.11 -30.79
C ARG D 111 -14.45 41.63 -30.88
N GLY D 112 -13.15 41.33 -30.80
CA GLY D 112 -12.68 39.97 -30.73
C GLY D 112 -12.00 39.71 -29.40
N TYR D 113 -12.15 38.47 -28.90
CA TYR D 113 -11.65 38.14 -27.57
C TYR D 113 -11.02 36.76 -27.58
N TRP D 114 -9.79 36.67 -27.07
CA TRP D 114 -9.08 35.41 -26.93
C TRP D 114 -7.93 35.66 -25.95
N GLN D 115 -7.98 35.02 -24.78
CA GLN D 115 -7.06 35.38 -23.71
C GLN D 115 -6.99 34.26 -22.69
N PHE D 116 -5.85 34.17 -22.02
CA PHE D 116 -5.61 33.17 -20.99
C PHE D 116 -5.37 33.83 -19.64
N ALA D 117 -5.53 33.05 -18.58
CA ALA D 117 -5.36 33.56 -17.23
C ALA D 117 -4.82 32.47 -16.31
N TYR D 118 -3.84 32.84 -15.49
CA TYR D 118 -3.21 31.92 -14.55
C TYR D 118 -3.33 32.49 -13.15
N ASP D 119 -3.93 31.73 -12.24
CA ASP D 119 -4.15 32.16 -10.87
C ASP D 119 -4.92 33.48 -10.81
N GLY D 120 -5.87 33.63 -11.74
CA GLY D 120 -6.71 34.81 -11.81
C GLY D 120 -6.11 35.98 -12.58
N CYS D 121 -4.79 36.08 -12.61
CA CYS D 121 -4.13 37.15 -13.34
C CYS D 121 -4.09 36.85 -14.83
N ASP D 122 -4.09 37.90 -15.64
CA ASP D 122 -3.97 37.74 -17.08
C ASP D 122 -2.59 37.21 -17.44
N TYR D 123 -2.49 36.63 -18.64
CA TYR D 123 -1.26 35.98 -19.07
C TYR D 123 -0.88 36.42 -20.48
N ILE D 124 -1.63 35.99 -21.46
CA ILE D 124 -1.41 36.37 -22.85
C ILE D 124 -2.76 36.52 -23.52
N ALA D 125 -2.84 37.46 -24.47
CA ALA D 125 -4.14 37.78 -25.06
C ALA D 125 -3.95 38.33 -26.47
N LEU D 126 -4.78 37.86 -27.40
CA LEU D 126 -4.79 38.39 -28.75
C LEU D 126 -5.43 39.78 -28.76
N ASN D 127 -4.74 40.74 -29.35
CA ASN D 127 -5.14 42.14 -29.25
C ASN D 127 -6.38 42.42 -30.10
N GLU D 128 -6.77 43.69 -30.13
CA GLU D 128 -7.90 44.11 -30.96
C GLU D 128 -7.61 43.90 -32.44
N ASP D 129 -6.36 44.04 -32.86
CA ASP D 129 -5.98 43.89 -34.26
C ASP D 129 -6.10 42.46 -34.75
N LEU D 130 -6.35 41.51 -33.86
CA LEU D 130 -6.40 40.08 -34.19
C LEU D 130 -5.13 39.60 -34.89
N LYS D 131 -4.04 40.34 -34.74
CA LYS D 131 -2.76 39.99 -35.33
C LYS D 131 -1.60 40.00 -34.36
N THR D 132 -1.73 40.66 -33.21
CA THR D 132 -0.66 40.78 -32.24
C THR D 132 -1.15 40.30 -30.88
N TRP D 133 -0.19 39.90 -30.05
CA TRP D 133 -0.47 39.37 -28.71
C TRP D 133 0.03 40.33 -27.64
N THR D 134 -0.34 40.04 -26.40
CA THR D 134 0.07 40.81 -25.24
C THR D 134 0.40 39.85 -24.11
N ALA D 135 1.58 40.01 -23.53
CA ALA D 135 2.14 39.08 -22.57
C ALA D 135 2.20 39.70 -21.18
N ALA D 136 1.91 38.89 -20.17
CA ALA D 136 1.98 39.34 -18.79
C ALA D 136 3.30 38.97 -18.12
N ASP D 137 4.18 38.25 -18.82
CA ASP D 137 5.52 37.97 -18.31
C ASP D 137 6.37 37.38 -19.42
N MET D 138 7.66 37.24 -19.11
CA MET D 138 8.61 36.70 -20.09
C MET D 138 8.22 35.29 -20.52
N ALA D 139 7.50 34.57 -19.66
CA ALA D 139 7.01 33.25 -20.05
C ALA D 139 6.03 33.36 -21.22
N ALA D 140 5.11 34.32 -21.16
CA ALA D 140 4.23 34.56 -22.28
C ALA D 140 4.94 35.25 -23.44
N GLN D 141 6.15 35.79 -23.22
CA GLN D 141 6.99 36.16 -24.35
C GLN D 141 7.55 34.93 -25.05
N ILE D 142 7.96 33.92 -24.29
CA ILE D 142 8.38 32.65 -24.88
C ILE D 142 7.23 32.04 -25.66
N THR D 143 6.06 31.91 -25.02
CA THR D 143 4.87 31.41 -25.71
C THR D 143 4.53 32.27 -26.91
N ARG D 144 4.78 33.58 -26.82
CA ARG D 144 4.50 34.46 -27.94
C ARG D 144 5.42 34.16 -29.13
N ARG D 145 6.70 33.86 -28.84
CA ARG D 145 7.61 33.52 -29.93
C ARG D 145 7.31 32.14 -30.51
N LYS D 146 6.94 31.19 -29.66
CA LYS D 146 6.62 29.84 -30.15
C LYS D 146 5.38 29.87 -31.03
N TRP D 147 4.29 30.47 -30.53
CA TRP D 147 3.07 30.59 -31.34
C TRP D 147 3.25 31.54 -32.52
N GLU D 148 4.25 32.42 -32.47
CA GLU D 148 4.57 33.24 -33.64
C GLU D 148 5.21 32.38 -34.73
N GLN D 149 6.20 31.56 -34.35
CA GLN D 149 6.78 30.63 -35.30
C GLN D 149 5.78 29.58 -35.77
N ALA D 150 4.74 29.33 -34.98
CA ALA D 150 3.67 28.43 -35.39
C ALA D 150 2.59 29.11 -36.21
N GLY D 151 2.50 30.44 -36.16
CA GLY D 151 1.50 31.17 -36.93
C GLY D 151 0.07 30.93 -36.48
N ALA D 152 -0.17 30.91 -35.17
CA ALA D 152 -1.52 30.65 -34.65
C ALA D 152 -2.46 31.83 -34.81
N ALA D 153 -1.95 33.03 -35.12
CA ALA D 153 -2.81 34.20 -35.22
C ALA D 153 -3.82 34.08 -36.35
N GLU D 154 -3.45 33.41 -37.44
CA GLU D 154 -4.38 33.25 -38.54
C GLU D 154 -5.48 32.24 -38.21
N ARG D 155 -5.11 31.15 -37.55
CA ARG D 155 -6.11 30.15 -37.16
C ARG D 155 -7.09 30.73 -36.15
N ASP D 156 -6.57 31.33 -35.07
CA ASP D 156 -7.44 31.94 -34.07
C ASP D 156 -8.26 33.07 -34.68
N ARG D 157 -7.67 33.85 -35.57
CA ARG D 157 -8.40 34.92 -36.24
C ARG D 157 -9.50 34.35 -37.13
N ALA D 158 -9.32 33.14 -37.64
CA ALA D 158 -10.36 32.51 -38.43
C ALA D 158 -11.49 31.99 -37.55
N TYR D 159 -11.15 31.36 -36.42
CA TYR D 159 -12.19 30.86 -35.53
C TYR D 159 -13.02 32.00 -34.94
N LEU D 160 -12.35 33.06 -34.49
CA LEU D 160 -13.06 34.18 -33.88
C LEU D 160 -13.79 35.00 -34.94
N GLU D 161 -13.09 35.33 -36.03
CA GLU D 161 -13.69 36.17 -37.07
C GLU D 161 -14.77 35.45 -37.86
N GLY D 162 -14.74 34.12 -37.90
CA GLY D 162 -15.69 33.36 -38.68
C GLY D 162 -16.67 32.55 -37.87
N GLU D 163 -16.16 31.59 -37.10
CA GLU D 163 -17.04 30.66 -36.40
C GLU D 163 -17.90 31.37 -35.36
N CYS D 164 -17.27 32.18 -34.51
CA CYS D 164 -18.00 32.86 -33.45
C CYS D 164 -19.09 33.75 -34.02
N VAL D 165 -18.78 34.50 -35.07
CA VAL D 165 -19.74 35.43 -35.65
C VAL D 165 -20.87 34.68 -36.35
N GLU D 166 -20.51 33.85 -37.33
CA GLU D 166 -21.52 33.22 -38.16
C GLU D 166 -22.42 32.30 -37.32
N TRP D 167 -21.83 31.58 -36.37
CA TRP D 167 -22.65 30.73 -35.51
C TRP D 167 -23.44 31.56 -34.51
N LEU D 168 -22.88 32.69 -34.06
CA LEU D 168 -23.63 33.57 -33.16
C LEU D 168 -24.87 34.13 -33.84
N ARG D 169 -24.82 34.33 -35.15
CA ARG D 169 -26.01 34.79 -35.87
C ARG D 169 -27.14 33.77 -35.76
N ARG D 170 -26.84 32.48 -35.94
CA ARG D 170 -27.87 31.46 -35.84
C ARG D 170 -28.32 31.27 -34.40
N TYR D 171 -27.40 31.36 -33.44
CA TYR D 171 -27.78 31.25 -32.04
C TYR D 171 -28.75 32.38 -31.66
N LEU D 172 -28.46 33.61 -32.09
CA LEU D 172 -29.35 34.72 -31.80
C LEU D 172 -30.66 34.60 -32.53
N LYS D 173 -30.63 34.15 -33.79
CA LYS D 173 -31.86 34.01 -34.56
C LYS D 173 -32.77 32.93 -33.96
N ASN D 174 -32.18 31.88 -33.38
CA ASN D 174 -32.96 30.80 -32.80
C ASN D 174 -33.37 31.06 -31.36
N GLY D 175 -32.67 31.94 -30.64
CA GLY D 175 -33.03 32.27 -29.28
C GLY D 175 -33.68 33.64 -29.16
N ASN D 176 -34.26 34.12 -30.26
CA ASN D 176 -34.83 35.46 -30.29
C ASN D 176 -35.95 35.63 -29.26
N ALA D 177 -36.67 34.55 -28.97
CA ALA D 177 -37.83 34.63 -28.08
C ALA D 177 -37.44 35.18 -26.72
N THR D 178 -36.39 34.63 -26.12
CA THR D 178 -35.96 35.09 -24.80
C THR D 178 -34.93 36.20 -24.89
N LEU D 179 -34.00 36.12 -25.84
CA LEU D 179 -32.94 37.11 -25.92
C LEU D 179 -33.47 38.45 -26.41
N LEU D 180 -34.16 38.44 -27.55
CA LEU D 180 -34.71 39.68 -28.09
C LEU D 180 -35.91 40.13 -27.26
N ARG D 181 -35.65 40.92 -26.22
CA ARG D 181 -36.71 41.40 -25.34
C ARG D 181 -36.32 42.77 -24.79
N THR D 182 -37.33 43.57 -24.47
CA THR D 182 -37.12 44.91 -23.96
C THR D 182 -36.90 44.90 -22.45
N ASP D 183 -36.53 46.05 -21.91
CA ASP D 183 -36.27 46.21 -20.48
C ASP D 183 -37.43 46.94 -19.82
N PRO D 184 -38.26 46.26 -19.04
CA PRO D 184 -39.30 46.98 -18.28
C PRO D 184 -38.69 47.67 -17.07
N PRO D 185 -38.67 49.00 -17.06
CA PRO D 185 -38.09 49.71 -15.92
C PRO D 185 -39.06 49.88 -14.77
N LYS D 186 -38.54 49.76 -13.55
CA LYS D 186 -39.31 49.88 -12.32
C LYS D 186 -38.69 51.00 -11.50
N ALA D 187 -39.29 52.19 -11.55
CA ALA D 187 -38.78 53.34 -10.84
C ALA D 187 -39.41 53.45 -9.45
N HIS D 188 -38.65 54.01 -8.51
CA HIS D 188 -39.13 54.19 -7.15
C HIS D 188 -38.31 55.27 -6.47
N VAL D 189 -38.92 55.92 -5.50
CA VAL D 189 -38.29 56.98 -4.72
C VAL D 189 -38.32 56.59 -3.25
N THR D 190 -37.28 56.97 -2.51
CA THR D 190 -37.15 56.62 -1.11
C THR D 190 -37.29 57.84 -0.22
N HIS D 191 -37.57 57.57 1.05
CA HIS D 191 -37.65 58.60 2.08
C HIS D 191 -36.34 58.67 2.84
N HIS D 192 -36.08 59.83 3.42
CA HIS D 192 -34.84 60.03 4.15
C HIS D 192 -34.84 59.24 5.45
N ARG D 193 -33.63 58.91 5.91
CA ARG D 193 -33.44 58.20 7.16
C ARG D 193 -32.43 58.88 8.07
N ARG D 194 -31.89 60.04 7.67
CA ARG D 194 -30.88 60.73 8.47
C ARG D 194 -31.57 61.82 9.27
N PRO D 195 -31.60 61.73 10.60
CA PRO D 195 -32.30 62.75 11.40
C PRO D 195 -31.58 64.08 11.49
N GLU D 196 -30.34 64.19 11.01
CA GLU D 196 -29.57 65.42 11.09
C GLU D 196 -29.88 66.39 9.96
N GLY D 197 -31.08 66.33 9.38
CA GLY D 197 -31.45 67.24 8.32
C GLY D 197 -30.80 67.00 6.99
N ASP D 198 -30.01 65.93 6.85
CA ASP D 198 -29.33 65.60 5.61
C ASP D 198 -30.12 64.46 4.95
N VAL D 199 -31.14 64.83 4.18
CA VAL D 199 -32.02 63.84 3.56
C VAL D 199 -31.24 63.03 2.54
N THR D 200 -31.67 61.78 2.36
CA THR D 200 -31.05 60.85 1.43
C THR D 200 -32.12 60.31 0.49
N LEU D 201 -31.99 60.62 -0.80
CA LEU D 201 -32.95 60.19 -1.82
C LEU D 201 -32.29 59.14 -2.70
N ARG D 202 -32.91 57.95 -2.76
CA ARG D 202 -32.40 56.84 -3.56
C ARG D 202 -33.36 56.59 -4.71
N CYS D 203 -32.85 56.69 -5.94
CA CYS D 203 -33.64 56.46 -7.15
C CYS D 203 -33.50 54.99 -7.53
N TRP D 204 -34.63 54.31 -7.66
CA TRP D 204 -34.67 52.86 -7.86
C TRP D 204 -35.16 52.53 -9.27
N ALA D 205 -34.44 51.62 -9.93
CA ALA D 205 -34.80 51.14 -11.26
C ALA D 205 -34.53 49.64 -11.30
N LEU D 206 -35.59 48.84 -11.30
CA LEU D 206 -35.48 47.39 -11.23
C LEU D 206 -36.22 46.76 -12.40
N GLY D 207 -36.14 45.43 -12.48
CA GLY D 207 -36.80 44.68 -13.53
C GLY D 207 -36.29 44.91 -14.95
N PHE D 208 -35.14 45.57 -15.10
CA PHE D 208 -34.65 45.94 -16.42
C PHE D 208 -33.72 44.87 -16.97
N TYR D 209 -33.95 44.48 -18.23
CA TYR D 209 -33.05 43.57 -18.93
C TYR D 209 -32.70 44.14 -20.31
N PRO D 210 -31.40 44.27 -20.60
CA PRO D 210 -30.25 43.80 -19.82
C PRO D 210 -29.78 44.76 -18.72
N ALA D 211 -28.48 45.04 -18.70
CA ALA D 211 -27.88 45.81 -17.62
C ALA D 211 -28.63 47.11 -17.35
N ASP D 212 -28.79 47.93 -18.39
CA ASP D 212 -29.57 49.17 -18.34
C ASP D 212 -29.03 50.11 -17.26
N ILE D 213 -27.81 50.57 -17.50
CA ILE D 213 -27.12 51.44 -16.55
C ILE D 213 -27.76 52.82 -16.52
N ASN D 220 -28.43 70.05 -8.60
CA ASN D 220 -28.89 71.25 -9.30
C ASN D 220 -28.95 71.02 -10.80
N GLY D 221 -29.23 69.77 -11.19
CA GLY D 221 -29.24 69.44 -12.59
C GLY D 221 -27.89 69.34 -13.24
N GLU D 222 -26.82 69.34 -12.44
CA GLU D 222 -25.45 69.21 -12.95
C GLU D 222 -24.93 67.81 -12.64
N GLU D 223 -23.67 67.59 -13.01
CA GLU D 223 -23.02 66.29 -12.85
C GLU D 223 -22.02 66.37 -11.70
N LEU D 224 -22.55 66.47 -10.48
CA LEU D 224 -21.74 66.45 -9.26
C LEU D 224 -21.65 65.04 -8.69
N THR D 225 -21.38 64.09 -9.59
CA THR D 225 -21.36 62.67 -9.24
C THR D 225 -20.42 62.36 -8.07
N GLN D 226 -19.48 63.25 -7.79
CA GLN D 226 -18.58 63.07 -6.65
C GLN D 226 -19.34 62.84 -5.35
N GLU D 227 -20.59 63.31 -5.26
CA GLU D 227 -21.37 63.19 -4.04
C GLU D 227 -22.43 62.09 -4.11
N MET D 228 -22.42 61.27 -5.15
CA MET D 228 -23.49 60.29 -5.33
C MET D 228 -23.01 58.88 -4.99
N GLU D 229 -23.98 58.03 -4.66
CA GLU D 229 -23.72 56.64 -4.29
C GLU D 229 -24.45 55.69 -5.23
N LEU D 230 -23.79 54.57 -5.53
CA LEU D 230 -24.23 53.63 -6.55
C LEU D 230 -23.92 52.21 -6.13
N VAL D 231 -24.76 51.27 -6.61
CA VAL D 231 -24.54 49.85 -6.43
C VAL D 231 -24.46 49.19 -7.80
N GLU D 232 -23.63 48.15 -7.89
CA GLU D 232 -23.52 47.41 -9.14
C GLU D 232 -24.86 46.80 -9.51
N THR D 233 -25.14 46.77 -10.81
CA THR D 233 -26.38 46.17 -11.30
C THR D 233 -26.46 44.71 -10.84
N ARG D 234 -27.60 44.35 -10.25
CA ARG D 234 -27.74 43.05 -9.65
C ARG D 234 -28.84 42.25 -10.34
N PRO D 235 -28.68 40.93 -10.49
CA PRO D 235 -29.73 40.13 -11.13
C PRO D 235 -30.94 39.95 -10.22
N ALA D 236 -32.12 40.27 -10.77
CA ALA D 236 -33.37 40.09 -10.05
C ALA D 236 -33.80 38.63 -9.99
N GLY D 237 -33.07 37.72 -10.64
CA GLY D 237 -33.38 36.32 -10.62
C GLY D 237 -34.37 35.87 -11.68
N ASP D 238 -35.32 36.73 -12.03
CA ASP D 238 -36.33 36.44 -13.05
C ASP D 238 -35.94 36.99 -14.41
N GLY D 239 -34.68 36.85 -14.79
CA GLY D 239 -34.23 37.34 -16.08
C GLY D 239 -34.19 38.85 -16.19
N THR D 240 -34.24 39.56 -15.07
CA THR D 240 -34.19 41.01 -15.05
C THR D 240 -33.11 41.45 -14.07
N PHE D 241 -32.80 42.74 -14.10
CA PHE D 241 -31.75 43.31 -13.28
C PHE D 241 -32.28 44.53 -12.55
N GLN D 242 -31.54 44.98 -11.53
CA GLN D 242 -31.96 46.05 -10.65
C GLN D 242 -30.77 46.90 -10.25
N LYS D 243 -31.04 48.17 -9.93
CA LYS D 243 -30.00 49.12 -9.57
C LYS D 243 -30.66 50.34 -8.94
N TRP D 244 -29.88 51.06 -8.12
CA TRP D 244 -30.36 52.30 -7.52
C TRP D 244 -29.18 53.24 -7.33
N ALA D 245 -29.50 54.53 -7.15
CA ALA D 245 -28.47 55.55 -6.97
C ALA D 245 -29.02 56.66 -6.08
N SER D 246 -28.29 56.97 -5.01
CA SER D 246 -28.78 57.92 -4.02
C SER D 246 -27.87 59.13 -3.90
N VAL D 247 -28.45 60.23 -3.39
CA VAL D 247 -27.73 61.46 -3.11
C VAL D 247 -28.26 62.05 -1.80
N VAL D 248 -27.44 62.90 -1.19
CA VAL D 248 -27.78 63.55 0.08
C VAL D 248 -27.93 65.05 -0.18
N VAL D 249 -28.95 65.65 0.43
CA VAL D 249 -29.19 67.08 0.29
C VAL D 249 -29.66 67.65 1.61
N PRO D 250 -29.36 68.93 1.85
CA PRO D 250 -29.89 69.61 3.05
C PRO D 250 -31.40 69.50 3.14
N LEU D 251 -31.93 69.60 4.36
CA LEU D 251 -33.36 69.55 4.56
C LEU D 251 -34.04 70.73 3.88
N GLY D 252 -35.26 70.48 3.41
CA GLY D 252 -36.01 71.51 2.71
C GLY D 252 -35.67 71.57 1.24
N LYS D 253 -36.53 72.25 0.50
CA LYS D 253 -36.41 72.32 -0.96
C LYS D 253 -36.50 70.88 -1.49
N GLU D 254 -35.55 70.45 -2.32
CA GLU D 254 -35.47 69.12 -2.92
C GLU D 254 -36.46 69.03 -4.08
N GLN D 255 -36.38 69.99 -5.00
CA GLN D 255 -37.18 69.96 -6.21
C GLN D 255 -36.28 70.16 -7.43
N LYS D 256 -35.16 70.86 -7.23
CA LYS D 256 -34.21 71.09 -8.32
C LYS D 256 -33.47 69.82 -8.73
N TYR D 257 -33.76 68.68 -8.11
CA TYR D 257 -33.15 67.40 -8.44
C TYR D 257 -34.16 66.53 -9.19
N THR D 258 -33.66 65.81 -10.20
CA THR D 258 -34.50 64.96 -11.03
C THR D 258 -33.67 63.79 -11.55
N CYS D 259 -34.18 62.58 -11.37
CA CYS D 259 -33.44 61.35 -11.66
C CYS D 259 -33.90 60.77 -13.00
N HIS D 260 -33.08 60.92 -14.03
CA HIS D 260 -33.37 60.38 -15.35
C HIS D 260 -32.59 59.10 -15.58
N VAL D 261 -33.25 58.11 -16.20
CA VAL D 261 -32.66 56.82 -16.52
C VAL D 261 -32.95 56.49 -17.97
N GLU D 262 -32.02 55.76 -18.59
CA GLU D 262 -32.16 55.32 -19.97
C GLU D 262 -32.14 53.80 -20.03
N HIS D 263 -32.81 53.26 -21.04
CA HIS D 263 -32.92 51.81 -21.33
C HIS D 263 -32.98 50.93 -20.08
N PRO D 267 -39.54 54.96 -25.10
CA PRO D 267 -39.19 55.34 -23.72
C PRO D 267 -37.99 56.29 -23.67
N GLU D 268 -38.20 57.55 -24.02
CA GLU D 268 -37.13 58.54 -23.91
C GLU D 268 -36.64 58.61 -22.47
N PRO D 269 -35.38 58.99 -22.25
CA PRO D 269 -34.85 59.03 -20.88
C PRO D 269 -35.66 59.95 -19.97
N LEU D 270 -36.85 59.49 -19.59
CA LEU D 270 -37.72 60.28 -18.73
C LEU D 270 -37.16 60.30 -17.31
N THR D 271 -37.49 61.37 -16.58
CA THR D 271 -36.97 61.59 -15.25
C THR D 271 -38.05 61.33 -14.20
N LEU D 272 -37.60 61.28 -12.95
CA LEU D 272 -38.46 60.96 -11.82
C LEU D 272 -37.90 61.66 -10.59
N ARG D 273 -38.75 62.34 -9.85
CA ARG D 273 -38.34 63.09 -8.67
C ARG D 273 -39.37 62.90 -7.56
N TRP D 274 -39.10 63.51 -6.41
CA TRP D 274 -40.00 63.40 -5.26
C TRP D 274 -41.12 64.43 -5.45
N GLY D 275 -42.23 63.98 -6.02
CA GLY D 275 -43.38 64.82 -6.25
C GLY D 275 -43.10 65.98 -7.19
N ILE E 2 -3.07 34.18 -6.15
CA ILE E 2 -3.68 35.49 -6.20
C ILE E 2 -5.14 35.41 -5.74
N GLN E 3 -5.42 36.01 -4.58
CA GLN E 3 -6.74 35.93 -3.98
C GLN E 3 -7.43 37.29 -4.02
N ARG E 4 -8.76 37.26 -4.09
CA ARG E 4 -9.57 38.47 -4.12
C ARG E 4 -10.74 38.30 -3.16
N THR E 5 -10.93 39.29 -2.29
CA THR E 5 -12.02 39.25 -1.33
C THR E 5 -13.35 39.42 -2.06
N PRO E 6 -14.36 38.60 -1.73
CA PRO E 6 -15.62 38.65 -2.48
C PRO E 6 -16.48 39.85 -2.14
N LYS E 7 -17.23 40.30 -3.16
CA LYS E 7 -18.23 41.36 -2.99
C LYS E 7 -19.58 40.72 -2.70
N ILE E 8 -20.28 41.26 -1.70
CA ILE E 8 -21.56 40.71 -1.26
C ILE E 8 -22.61 41.79 -1.35
N GLN E 9 -23.79 41.42 -1.85
CA GLN E 9 -24.94 42.31 -1.90
C GLN E 9 -26.20 41.47 -1.74
N VAL E 10 -26.90 41.64 -0.64
CA VAL E 10 -28.16 40.94 -0.39
C VAL E 10 -29.30 41.87 -0.73
N TYR E 11 -30.31 41.36 -1.45
CA TYR E 11 -31.38 42.21 -1.94
C TYR E 11 -32.57 41.34 -2.31
N SER E 12 -33.67 42.01 -2.65
CA SER E 12 -34.95 41.37 -2.89
C SER E 12 -35.37 41.56 -4.34
N ARG E 13 -36.43 40.85 -4.74
CA ARG E 13 -36.95 40.97 -6.10
C ARG E 13 -37.75 42.25 -6.25
N HIS E 14 -38.83 42.37 -5.51
CA HIS E 14 -39.72 43.51 -5.50
C HIS E 14 -39.39 44.42 -4.34
N PRO E 15 -39.88 45.66 -4.36
CA PRO E 15 -39.81 46.48 -3.14
C PRO E 15 -40.53 45.80 -2.00
N ALA E 16 -39.88 45.72 -0.84
CA ALA E 16 -40.40 44.91 0.25
C ALA E 16 -41.70 45.46 0.79
N GLU E 17 -42.73 44.62 0.83
CA GLU E 17 -44.03 44.96 1.37
C GLU E 17 -44.21 44.24 2.70
N ASN E 18 -44.64 45.00 3.72
CA ASN E 18 -44.82 44.44 5.05
C ASN E 18 -45.95 43.42 5.07
N GLY E 19 -45.61 42.14 4.89
CA GLY E 19 -46.62 41.09 4.89
C GLY E 19 -47.06 40.70 3.49
N LYS E 20 -46.10 40.35 2.64
CA LYS E 20 -46.40 39.91 1.28
C LYS E 20 -45.27 39.00 0.81
N SER E 21 -45.64 37.91 0.13
CA SER E 21 -44.65 36.94 -0.29
C SER E 21 -43.62 37.57 -1.23
N ASN E 22 -42.37 37.12 -1.09
CA ASN E 22 -41.26 37.65 -1.86
C ASN E 22 -40.11 36.66 -1.76
N PHE E 23 -39.04 36.94 -2.51
CA PHE E 23 -37.84 36.12 -2.51
C PHE E 23 -36.63 37.01 -2.33
N LEU E 24 -35.62 36.50 -1.62
CA LEU E 24 -34.39 37.25 -1.41
C LEU E 24 -33.19 36.46 -1.91
N ASN E 25 -32.18 37.22 -2.33
CA ASN E 25 -30.96 36.72 -2.95
C ASN E 25 -29.74 37.34 -2.29
N CYS E 26 -28.68 36.55 -2.20
CA CYS E 26 -27.37 36.99 -1.71
C CYS E 26 -26.38 36.86 -2.87
N TYR E 27 -26.13 37.97 -3.56
CA TYR E 27 -25.31 37.99 -4.75
C TYR E 27 -23.86 38.22 -4.35
N VAL E 28 -22.99 37.27 -4.67
CA VAL E 28 -21.56 37.40 -4.41
C VAL E 28 -20.82 37.39 -5.74
N SER E 29 -19.82 38.27 -5.86
CA SER E 29 -19.11 38.41 -7.13
C SER E 29 -17.64 38.72 -6.86
N GLY E 30 -16.85 38.61 -7.91
CA GLY E 30 -15.48 39.10 -7.86
C GLY E 30 -14.58 38.43 -6.85
N PHE E 31 -14.65 37.10 -6.76
CA PHE E 31 -13.79 36.35 -5.85
C PHE E 31 -12.95 35.36 -6.63
N HIS E 32 -11.85 34.95 -6.02
CA HIS E 32 -10.91 34.01 -6.63
C HIS E 32 -9.94 33.53 -5.56
N PRO E 33 -9.69 32.22 -5.50
CA PRO E 33 -10.25 31.17 -6.35
C PRO E 33 -11.67 30.75 -5.96
N SER E 34 -12.02 29.51 -6.27
CA SER E 34 -13.33 28.95 -6.00
C SER E 34 -13.28 28.04 -4.79
N ASP E 35 -14.36 27.27 -4.63
CA ASP E 35 -14.61 26.36 -3.51
C ASP E 35 -15.05 27.22 -2.33
N ILE E 36 -15.88 28.22 -2.60
CA ILE E 36 -16.52 29.01 -1.56
C ILE E 36 -17.73 28.27 -1.03
N GLU E 37 -17.81 28.15 0.30
CA GLU E 37 -18.96 27.58 0.98
C GLU E 37 -19.74 28.72 1.60
N VAL E 38 -20.88 29.05 0.99
CA VAL E 38 -21.71 30.18 1.40
C VAL E 38 -23.11 29.67 1.71
N ASP E 39 -23.70 30.20 2.79
CA ASP E 39 -25.02 29.83 3.24
C ASP E 39 -25.83 31.09 3.54
N LEU E 40 -27.14 30.91 3.66
CA LEU E 40 -28.05 31.98 4.03
C LEU E 40 -28.57 31.71 5.44
N LEU E 41 -28.39 32.69 6.32
CA LEU E 41 -28.63 32.51 7.75
C LEU E 41 -29.68 33.49 8.24
N LYS E 42 -30.69 32.97 8.92
CA LYS E 42 -31.67 33.74 9.67
C LYS E 42 -31.48 33.44 11.15
N ASN E 43 -31.10 34.46 11.92
CA ASN E 43 -30.82 34.32 13.35
C ASN E 43 -29.71 33.29 13.58
N GLY E 44 -28.71 33.31 12.71
CA GLY E 44 -27.66 32.31 12.74
C GLY E 44 -28.04 30.96 12.18
N GLU E 45 -29.33 30.65 12.13
CA GLU E 45 -29.81 29.38 11.59
C GLU E 45 -29.82 29.43 10.06
N ARG E 46 -29.06 28.54 9.43
CA ARG E 46 -29.14 28.44 7.97
C ARG E 46 -30.58 28.13 7.57
N ILE E 47 -31.09 28.88 6.59
CA ILE E 47 -32.45 28.63 6.11
C ILE E 47 -32.54 27.20 5.61
N GLU E 48 -33.63 26.52 6.00
CA GLU E 48 -33.70 25.07 5.86
C GLU E 48 -33.50 24.61 4.42
N LYS E 49 -34.14 25.27 3.46
CA LYS E 49 -34.11 24.84 2.07
C LYS E 49 -33.88 26.07 1.19
N VAL E 50 -32.69 26.17 0.60
CA VAL E 50 -32.32 27.30 -0.24
C VAL E 50 -31.90 26.77 -1.60
N GLU E 51 -32.17 27.56 -2.64
CA GLU E 51 -31.78 27.18 -4.00
C GLU E 51 -30.70 28.14 -4.48
N HIS E 52 -29.56 27.59 -4.87
CA HIS E 52 -28.43 28.38 -5.35
C HIS E 52 -28.30 28.24 -6.86
N SER E 53 -27.82 29.30 -7.50
CA SER E 53 -27.59 29.28 -8.93
C SER E 53 -26.35 28.44 -9.26
N ASP E 54 -26.18 28.16 -10.54
CA ASP E 54 -24.96 27.52 -10.99
C ASP E 54 -23.79 28.49 -10.88
N LEU E 55 -22.57 27.95 -10.92
CA LEU E 55 -21.37 28.76 -10.82
C LEU E 55 -21.11 29.48 -12.12
N SER E 56 -20.80 30.77 -12.04
CA SER E 56 -20.45 31.58 -13.19
C SER E 56 -19.20 32.38 -12.86
N PHE E 57 -18.66 33.02 -13.89
CA PHE E 57 -17.39 33.73 -13.77
C PHE E 57 -17.35 34.89 -14.75
N SER E 58 -16.85 36.04 -14.30
CA SER E 58 -16.82 37.24 -15.12
C SER E 58 -15.58 37.25 -16.00
N LYS E 59 -15.58 38.20 -16.96
CA LYS E 59 -14.46 38.31 -17.88
C LYS E 59 -13.15 38.58 -17.15
N ASP E 60 -13.24 39.15 -15.95
CA ASP E 60 -12.07 39.49 -15.16
C ASP E 60 -11.58 38.29 -14.34
N TRP E 61 -11.87 37.08 -14.82
CA TRP E 61 -11.42 35.84 -14.18
C TRP E 61 -11.92 35.69 -12.76
N SER E 62 -12.97 36.43 -12.40
CA SER E 62 -13.56 36.38 -11.07
C SER E 62 -14.92 35.73 -11.14
N PHE E 63 -15.18 34.80 -10.23
CA PHE E 63 -16.45 34.07 -10.24
C PHE E 63 -17.51 34.86 -9.48
N TYR E 64 -18.75 34.41 -9.60
CA TYR E 64 -19.86 35.02 -8.89
C TYR E 64 -20.99 34.03 -8.76
N LEU E 65 -21.54 33.92 -7.55
CA LEU E 65 -22.67 33.05 -7.25
C LEU E 65 -23.89 33.87 -6.87
N LEU E 66 -25.05 33.26 -7.02
CA LEU E 66 -26.33 33.89 -6.69
C LEU E 66 -27.20 32.86 -5.98
N TYR E 67 -27.64 33.20 -4.77
CA TYR E 67 -28.57 32.38 -4.02
C TYR E 67 -29.99 32.90 -4.19
N TYR E 68 -30.95 32.13 -3.69
CA TYR E 68 -32.34 32.55 -3.78
C TYR E 68 -33.18 31.68 -2.86
N THR E 69 -34.13 32.32 -2.16
CA THR E 69 -35.16 31.56 -1.44
C THR E 69 -36.37 32.45 -1.20
N GLU E 70 -37.49 31.80 -0.85
CA GLU E 70 -38.76 32.45 -0.63
C GLU E 70 -39.00 32.75 0.85
N PHE E 71 -39.84 33.75 1.11
CA PHE E 71 -40.23 34.16 2.45
C PHE E 71 -41.28 35.24 2.39
N THR E 72 -41.74 35.72 3.56
CA THR E 72 -42.64 36.86 3.60
C THR E 72 -42.18 37.82 4.70
N PRO E 73 -41.84 39.05 4.36
CA PRO E 73 -41.28 39.96 5.36
C PRO E 73 -42.33 40.64 6.22
N THR E 74 -41.94 40.88 7.48
CA THR E 74 -42.69 41.66 8.45
C THR E 74 -41.82 42.82 8.94
N GLU E 75 -42.32 43.51 9.96
CA GLU E 75 -41.60 44.64 10.54
C GLU E 75 -40.64 44.27 11.67
N LYS E 76 -40.63 43.03 12.14
CA LYS E 76 -39.71 42.67 13.22
C LYS E 76 -38.71 41.61 12.84
N ASP E 77 -38.70 41.14 11.58
CA ASP E 77 -37.84 40.07 11.15
C ASP E 77 -36.50 40.61 10.67
N GLU E 78 -35.55 39.70 10.46
CA GLU E 78 -34.23 40.05 9.95
C GLU E 78 -33.63 38.82 9.28
N TYR E 79 -32.85 39.05 8.23
CA TYR E 79 -32.22 37.98 7.47
C TYR E 79 -30.80 38.40 7.10
N ALA E 80 -29.91 37.41 7.03
CA ALA E 80 -28.49 37.67 6.84
C ALA E 80 -27.88 36.60 5.93
N CYS E 81 -26.67 36.87 5.46
CA CYS E 81 -25.99 35.96 4.54
C CYS E 81 -24.63 35.57 5.13
N ARG E 82 -24.48 34.29 5.47
CA ARG E 82 -23.24 33.80 6.08
C ARG E 82 -22.28 33.38 4.98
N VAL E 83 -21.09 33.99 4.98
CA VAL E 83 -20.05 33.67 4.01
C VAL E 83 -18.74 33.43 4.77
N ASN E 84 -17.98 32.42 4.32
CA ASN E 84 -16.66 32.12 4.89
C ASN E 84 -15.76 31.65 3.74
N HIS E 85 -15.17 32.60 3.04
CA HIS E 85 -14.21 32.31 1.99
C HIS E 85 -12.86 31.96 2.63
N VAL E 86 -11.89 31.64 1.78
CA VAL E 86 -10.55 31.34 2.26
C VAL E 86 -9.68 32.57 2.39
N THR E 87 -10.15 33.74 1.94
CA THR E 87 -9.35 34.95 2.00
C THR E 87 -9.54 35.74 3.28
N LEU E 88 -10.61 35.47 4.03
CA LEU E 88 -10.87 36.14 5.30
C LEU E 88 -10.76 35.11 6.43
N SER E 89 -10.10 35.53 7.51
CA SER E 89 -9.85 34.60 8.61
C SER E 89 -11.11 34.28 9.40
N GLN E 90 -12.08 35.18 9.39
CA GLN E 90 -13.29 35.01 10.19
C GLN E 90 -14.53 35.14 9.32
N PRO E 91 -15.51 34.25 9.49
CA PRO E 91 -16.68 34.25 8.60
C PRO E 91 -17.50 35.53 8.72
N LYS E 92 -17.17 36.54 7.94
CA LYS E 92 -17.92 37.78 7.97
C LYS E 92 -19.34 37.56 7.47
N ILE E 93 -20.24 38.44 7.91
CA ILE E 93 -21.65 38.33 7.58
C ILE E 93 -22.23 39.72 7.36
N VAL E 94 -23.27 39.79 6.53
CA VAL E 94 -23.95 41.05 6.22
C VAL E 94 -25.46 40.83 6.21
N LYS E 95 -26.17 41.95 6.33
CA LYS E 95 -27.63 41.99 6.30
C LYS E 95 -28.06 43.27 5.60
N TRP E 96 -29.38 43.41 5.43
CA TRP E 96 -29.95 44.58 4.79
C TRP E 96 -31.32 44.86 5.40
N ASP E 97 -31.77 46.10 5.27
CA ASP E 97 -33.08 46.49 5.76
C ASP E 97 -33.89 47.15 4.65
N ARG E 98 -33.83 46.57 3.45
CA ARG E 98 -34.70 46.92 2.33
C ARG E 98 -34.52 48.36 1.88
N ASP E 99 -33.45 49.02 2.29
CA ASP E 99 -33.19 50.41 1.90
C ASP E 99 -31.77 50.59 1.38
N ASP F 13 32.18 40.31 -14.75
CA ASP F 13 31.79 40.79 -13.43
C ASP F 13 30.33 40.52 -13.08
N VAL F 14 29.43 40.33 -14.05
CA VAL F 14 28.08 39.95 -13.67
C VAL F 14 28.17 38.44 -13.55
N VAL F 15 28.34 38.01 -12.30
CA VAL F 15 28.32 36.62 -11.88
C VAL F 15 26.85 36.25 -11.73
N LEU F 16 26.32 35.50 -12.69
CA LEU F 16 24.91 35.20 -12.75
C LEU F 16 24.70 33.71 -12.96
N ASP F 17 23.75 33.16 -12.21
CA ASP F 17 23.42 31.74 -12.30
C ASP F 17 22.07 31.55 -12.98
N CYS F 18 21.98 31.94 -14.25
CA CYS F 18 20.74 31.82 -14.99
C CYS F 18 20.43 30.35 -15.28
N PHE F 19 19.18 30.11 -15.69
CA PHE F 19 18.74 28.78 -16.11
C PHE F 19 18.31 28.85 -17.57
N LEU F 20 18.64 27.81 -18.32
CA LEU F 20 18.34 27.77 -19.75
C LEU F 20 17.02 27.05 -19.99
N VAL F 21 16.25 27.56 -20.96
CA VAL F 21 14.88 27.11 -21.21
C VAL F 21 14.76 26.75 -22.69
N LYS F 22 15.88 26.48 -23.33
CA LYS F 22 15.86 26.15 -24.75
C LYS F 22 15.13 24.83 -25.00
N ASP F 23 14.68 24.65 -26.24
CA ASP F 23 14.00 23.43 -26.64
C ASP F 23 15.02 22.34 -26.98
N GLY F 24 14.54 21.10 -27.00
CA GLY F 24 15.37 19.96 -27.28
C GLY F 24 14.83 18.69 -26.65
N ALA F 25 14.85 17.59 -27.41
CA ALA F 25 14.33 16.31 -26.94
C ALA F 25 12.88 16.43 -26.47
N HIS F 26 12.05 17.04 -27.32
CA HIS F 26 10.63 17.26 -27.04
C HIS F 26 10.43 18.05 -25.75
N GLU F 34 9.73 25.09 -16.96
CA GLU F 34 10.02 25.01 -18.38
C GLU F 34 11.27 24.17 -18.64
N ASP F 35 12.40 24.60 -18.09
CA ASP F 35 13.64 23.82 -18.16
C ASP F 35 14.59 24.33 -17.09
N ARG F 36 15.49 23.45 -16.66
CA ARG F 36 16.49 23.78 -15.65
C ARG F 36 17.86 23.35 -16.17
N ALA F 37 18.70 24.33 -16.49
CA ALA F 37 20.08 24.09 -16.91
C ALA F 37 21.00 25.05 -16.18
N ARG F 38 22.13 24.53 -15.72
CA ARG F 38 23.12 25.34 -15.01
C ARG F 38 23.50 26.55 -15.85
N ALA F 39 24.16 26.32 -16.99
CA ALA F 39 24.45 27.33 -18.00
C ALA F 39 24.78 28.69 -17.40
N SER F 40 25.95 28.81 -16.79
CA SER F 40 26.33 30.05 -16.11
C SER F 40 26.29 31.22 -17.08
N LEU F 41 26.05 32.42 -16.53
CA LEU F 41 25.98 33.65 -17.31
C LEU F 41 26.88 34.68 -16.66
N VAL F 42 27.95 35.06 -17.37
CA VAL F 42 28.91 36.04 -16.89
C VAL F 42 29.07 37.11 -17.94
N LEU F 43 29.06 38.36 -17.52
CA LEU F 43 29.51 39.41 -18.45
C LEU F 43 30.64 40.17 -17.80
N LYS F 44 31.31 40.97 -18.63
CA LYS F 44 32.66 41.43 -18.34
C LYS F 44 32.76 42.29 -17.10
N GLN F 45 32.52 43.59 -17.25
CA GLN F 45 32.74 44.55 -16.18
C GLN F 45 32.11 45.84 -16.68
N VAL F 46 30.90 46.11 -16.20
CA VAL F 46 29.99 47.07 -16.76
C VAL F 46 30.47 48.45 -16.24
N PRO F 47 30.25 48.87 -14.97
CA PRO F 47 30.98 50.04 -14.46
C PRO F 47 31.73 49.76 -13.17
N VAL F 48 32.88 50.37 -13.04
CA VAL F 48 33.54 50.29 -11.76
C VAL F 48 32.81 51.08 -10.65
N GLU F 55 36.17 31.71 -10.90
CA GLU F 55 36.20 30.25 -10.87
C GLU F 55 36.29 29.69 -12.28
N ASP F 56 37.16 28.70 -12.48
CA ASP F 56 37.37 28.09 -13.80
C ASP F 56 37.61 26.58 -13.63
N PHE F 57 36.53 25.78 -13.80
CA PHE F 57 36.49 24.32 -14.04
C PHE F 57 36.51 23.35 -12.87
N THR F 58 35.57 23.56 -11.97
CA THR F 58 35.26 22.63 -10.90
C THR F 58 33.75 22.36 -10.93
N ASP F 59 33.29 21.58 -9.98
CA ASP F 59 31.87 21.32 -9.72
C ASP F 59 30.96 22.56 -9.60
N PHE F 60 29.66 22.29 -9.45
CA PHE F 60 28.57 23.24 -9.15
C PHE F 60 28.16 24.10 -10.35
N GLN F 61 28.43 23.66 -11.58
CA GLN F 61 27.93 24.32 -12.78
C GLN F 61 28.14 23.35 -13.93
N GLY F 62 27.85 23.80 -15.15
CA GLY F 62 28.12 22.96 -16.29
C GLY F 62 27.13 23.14 -17.42
N GLY F 63 27.62 23.16 -18.65
CA GLY F 63 26.78 23.40 -19.80
C GLY F 63 27.25 24.59 -20.61
N THR F 64 27.33 25.76 -19.98
CA THR F 64 27.74 26.96 -20.70
C THR F 64 28.23 28.01 -19.71
N LEU F 65 29.02 28.93 -20.23
CA LEU F 65 29.45 30.11 -19.49
C LEU F 65 28.90 31.41 -20.04
N ALA F 66 28.73 31.49 -21.36
CA ALA F 66 28.05 32.60 -22.02
C ALA F 66 28.59 33.96 -21.57
N GLN F 67 29.77 34.28 -22.11
CA GLN F 67 30.38 35.57 -21.84
C GLN F 67 29.81 36.63 -22.77
N ASP F 68 29.51 37.80 -22.22
CA ASP F 68 28.90 38.89 -22.97
C ASP F 68 29.91 40.00 -23.22
N ASP F 69 29.51 40.95 -24.06
CA ASP F 69 30.36 42.08 -24.43
C ASP F 69 29.74 43.42 -23.99
N PRO F 70 30.26 44.03 -22.93
CA PRO F 70 29.66 45.26 -22.41
C PRO F 70 29.75 46.44 -23.38
N PRO F 71 30.82 46.57 -24.22
CA PRO F 71 30.82 47.68 -25.19
C PRO F 71 29.63 47.59 -26.12
N ILE F 72 29.50 48.60 -27.00
CA ILE F 72 28.42 48.72 -27.98
C ILE F 72 27.05 48.63 -27.31
N ILE F 73 27.01 48.76 -25.98
CA ILE F 73 25.75 48.78 -25.25
C ILE F 73 25.99 49.48 -23.91
N PHE F 74 24.91 49.90 -23.27
CA PHE F 74 24.98 50.66 -22.03
C PHE F 74 24.10 49.98 -20.99
N GLU F 75 24.64 49.77 -19.80
CA GLU F 75 23.95 49.07 -18.74
C GLU F 75 23.54 50.05 -17.65
N ALA F 76 22.31 49.90 -17.17
CA ALA F 76 21.69 50.88 -16.30
C ALA F 76 22.29 50.90 -14.90
N SER F 77 21.81 50.04 -14.01
CA SER F 77 22.19 50.09 -12.61
C SER F 77 23.23 49.04 -12.24
N VAL F 78 22.97 47.77 -12.61
CA VAL F 78 23.93 46.66 -12.53
C VAL F 78 24.25 46.30 -11.07
N ASP F 79 23.68 47.03 -10.12
CA ASP F 79 23.91 46.75 -8.71
C ASP F 79 22.61 46.24 -8.08
N LEU F 80 22.76 45.29 -7.16
CA LEU F 80 21.61 44.66 -6.52
C LEU F 80 22.03 43.84 -5.31
N VAL F 81 21.93 44.44 -4.12
CA VAL F 81 22.27 43.76 -2.88
C VAL F 81 21.11 43.83 -1.90
N GLU F 98 18.27 37.83 -2.84
CA GLU F 98 17.83 36.84 -3.82
C GLU F 98 17.76 37.45 -5.22
N VAL F 99 18.31 36.75 -6.20
CA VAL F 99 18.32 37.20 -7.59
C VAL F 99 17.83 36.07 -8.48
N THR F 100 17.19 36.44 -9.60
CA THR F 100 16.63 35.48 -10.54
C THR F 100 17.07 35.84 -11.96
N CYS F 101 16.98 34.85 -12.86
CA CYS F 101 17.29 35.04 -14.26
C CYS F 101 16.90 33.79 -15.04
N GLU F 102 16.81 33.94 -16.36
CA GLU F 102 16.53 32.83 -17.26
C GLU F 102 17.16 33.12 -18.62
N ILE F 103 17.32 32.05 -19.42
CA ILE F 103 17.92 32.15 -20.74
C ILE F 103 17.08 31.35 -21.72
N SER F 104 16.81 31.94 -22.89
CA SER F 104 15.91 31.34 -23.86
C SER F 104 16.56 31.27 -25.23
N ARG F 105 15.76 31.04 -26.27
CA ARG F 105 16.22 31.02 -27.65
C ARG F 105 15.65 32.21 -28.41
N TYR F 106 16.09 32.36 -29.66
CA TYR F 106 15.66 33.48 -30.50
C TYR F 106 16.12 33.19 -31.93
N PHE F 107 15.29 33.61 -32.89
CA PHE F 107 15.61 33.47 -34.31
C PHE F 107 15.26 34.74 -35.09
N THR F 117 24.07 30.98 -39.40
CA THR F 117 25.42 30.79 -38.91
C THR F 117 25.52 31.11 -37.42
N ALA F 118 25.23 32.36 -37.06
CA ALA F 118 25.31 32.80 -35.68
C ALA F 118 24.02 32.47 -34.93
N ALA F 119 24.05 32.71 -33.63
CA ALA F 119 22.89 32.49 -32.77
C ALA F 119 22.84 33.58 -31.71
N TRP F 120 21.62 33.89 -31.27
CA TRP F 120 21.41 34.91 -30.26
C TRP F 120 20.33 34.44 -29.30
N PHE F 121 20.55 34.71 -28.02
CA PHE F 121 19.62 34.35 -26.95
C PHE F 121 19.15 35.61 -26.23
N MET F 122 18.25 35.43 -25.27
CA MET F 122 17.70 36.53 -24.49
C MET F 122 17.60 36.10 -23.04
N ALA F 123 18.32 36.77 -22.17
CA ALA F 123 18.27 36.48 -20.74
C ALA F 123 17.37 37.49 -20.03
N ASN F 124 16.76 37.03 -18.94
CA ASN F 124 15.87 37.86 -18.14
C ASN F 124 16.35 37.81 -16.70
N VAL F 125 16.94 38.90 -16.23
CA VAL F 125 17.55 38.97 -14.90
C VAL F 125 16.65 39.87 -14.05
N GLN F 126 15.90 39.26 -13.14
CA GLN F 126 14.90 40.00 -12.38
C GLN F 126 15.02 39.68 -10.90
N VAL F 127 14.22 40.38 -10.10
CA VAL F 127 14.13 40.15 -8.66
C VAL F 127 12.70 40.43 -8.22
N SER F 128 12.05 39.42 -7.64
CA SER F 128 10.71 39.60 -7.12
C SER F 128 10.74 40.45 -5.85
N GLY F 129 9.64 41.13 -5.58
CA GLY F 129 9.63 42.06 -4.46
C GLY F 129 10.47 43.29 -4.78
N GLY F 130 11.29 43.69 -3.81
CA GLY F 130 12.11 44.87 -3.98
C GLY F 130 13.31 44.57 -4.86
N GLY F 131 13.40 45.23 -6.00
CA GLY F 131 14.52 45.08 -6.90
C GLY F 131 14.21 45.45 -8.34
N PRO F 132 15.23 45.89 -9.08
CA PRO F 132 15.05 46.20 -10.50
C PRO F 132 14.97 44.93 -11.34
N SER F 133 14.44 45.10 -12.55
CA SER F 133 14.21 43.94 -13.41
C SER F 133 14.65 44.28 -14.82
N ILE F 134 15.37 43.35 -15.47
CA ILE F 134 15.92 43.60 -16.80
C ILE F 134 15.70 42.40 -17.70
N SER F 135 15.68 42.68 -19.00
CA SER F 135 15.65 41.68 -20.05
C SER F 135 16.57 42.16 -21.17
N LEU F 136 17.50 41.31 -21.60
CA LEU F 136 18.51 41.72 -22.56
C LEU F 136 18.76 40.59 -23.55
N VAL F 137 19.27 40.97 -24.72
CA VAL F 137 19.51 40.04 -25.81
C VAL F 137 20.98 40.06 -26.18
N MET F 138 21.58 38.88 -26.32
CA MET F 138 22.98 38.73 -26.67
C MET F 138 23.10 37.90 -27.95
N LYS F 139 24.01 38.30 -28.84
CA LYS F 139 24.18 37.65 -30.13
C LYS F 139 25.60 37.14 -30.27
N THR F 140 25.74 35.86 -30.58
CA THR F 140 27.06 35.31 -30.81
C THR F 140 27.57 35.72 -32.18
N PRO F 141 28.89 35.88 -32.31
CA PRO F 141 29.47 36.20 -33.63
C PRO F 141 29.18 35.11 -34.65
N ARG F 142 29.27 35.50 -35.93
CA ARG F 142 28.90 34.63 -37.05
C ARG F 142 30.17 34.12 -37.74
N VAL F 143 30.92 33.29 -37.03
CA VAL F 143 32.12 32.68 -37.58
C VAL F 143 31.89 31.18 -37.73
N ALA F 144 31.18 30.79 -38.78
CA ALA F 144 30.91 29.39 -39.07
C ALA F 144 30.45 29.21 -40.51
N LEU F 149 39.27 27.84 -37.97
CA LEU F 149 39.21 26.38 -38.03
C LEU F 149 39.07 25.77 -36.65
N TRP F 150 38.08 26.25 -35.89
CA TRP F 150 37.81 25.75 -34.55
C TRP F 150 36.30 25.76 -34.33
N HIS F 151 35.71 24.58 -34.23
CA HIS F 151 34.26 24.50 -34.07
C HIS F 151 33.81 23.16 -33.51
N PRO F 152 33.96 22.92 -32.20
CA PRO F 152 33.35 21.75 -31.58
C PRO F 152 31.96 22.07 -31.05
N THR F 153 31.02 21.14 -31.25
CA THR F 153 29.63 21.38 -30.90
C THR F 153 29.03 20.07 -30.38
N LEU F 154 28.97 19.91 -29.06
CA LEU F 154 28.27 18.79 -28.46
C LEU F 154 26.89 19.18 -27.93
N ASN F 155 26.56 20.47 -27.94
CA ASN F 155 25.35 20.97 -27.32
C ASN F 155 24.86 22.22 -28.02
N LEU F 156 25.74 22.83 -28.82
CA LEU F 156 25.58 24.14 -29.52
C LEU F 156 26.05 25.29 -28.64
N PRO F 157 27.11 26.00 -29.08
CA PRO F 157 27.96 25.71 -30.22
C PRO F 157 29.41 25.44 -29.84
N LEU F 158 30.31 26.37 -30.15
CA LEU F 158 31.75 26.19 -29.96
C LEU F 158 32.28 27.12 -28.87
N SER F 159 33.59 27.10 -28.69
CA SER F 159 34.27 27.89 -27.67
C SER F 159 35.77 27.74 -27.88
N PRO F 160 36.56 28.71 -27.40
CA PRO F 160 38.02 28.55 -27.43
C PRO F 160 38.56 27.97 -26.13
N GLN F 161 38.26 28.62 -25.02
CA GLN F 161 38.64 28.16 -23.69
C GLN F 161 37.44 27.73 -22.86
N GLY F 162 36.26 27.59 -23.49
CA GLY F 162 35.09 27.12 -22.80
C GLY F 162 34.11 28.22 -22.40
N THR F 163 33.38 28.76 -23.37
CA THR F 163 32.37 29.78 -23.11
C THR F 163 31.46 29.89 -24.33
N VAL F 164 30.75 31.01 -24.46
CA VAL F 164 29.95 31.29 -25.65
C VAL F 164 30.43 32.59 -26.27
N ARG F 165 31.01 33.47 -25.44
CA ARG F 165 31.63 34.71 -25.88
C ARG F 165 30.68 35.57 -26.72
N THR F 166 29.40 35.55 -26.37
CA THR F 166 28.42 36.33 -27.11
C THR F 166 28.65 37.82 -26.88
N ALA F 167 27.95 38.63 -27.67
CA ALA F 167 28.03 40.08 -27.57
C ALA F 167 26.63 40.62 -27.31
N VAL F 168 26.43 41.22 -26.14
CA VAL F 168 25.14 41.81 -25.82
C VAL F 168 25.01 43.13 -26.58
N GLU F 169 23.84 43.34 -27.17
CA GLU F 169 23.60 44.44 -28.11
C GLU F 169 22.38 45.28 -27.75
N PHE F 170 21.33 44.67 -27.24
CA PHE F 170 20.07 45.35 -26.94
C PHE F 170 19.68 45.04 -25.51
N GLN F 171 19.42 46.08 -24.72
CA GLN F 171 18.98 45.90 -23.35
C GLN F 171 17.73 46.72 -23.07
N VAL F 172 16.83 46.17 -22.26
CA VAL F 172 15.63 46.86 -21.82
C VAL F 172 15.46 46.60 -20.33
N MET F 173 15.37 47.67 -19.53
CA MET F 173 15.39 47.55 -18.08
C MET F 173 14.31 48.42 -17.45
N THR F 174 13.74 47.93 -16.35
CA THR F 174 12.86 48.70 -15.48
C THR F 174 13.51 48.87 -14.12
N GLN F 175 13.55 50.13 -13.66
CA GLN F 175 14.19 50.46 -12.39
C GLN F 175 13.54 49.73 -11.21
N THR F 176 12.23 49.48 -11.29
CA THR F 176 11.52 48.71 -10.28
C THR F 176 10.52 47.80 -10.99
N GLN F 177 9.77 47.02 -10.20
CA GLN F 177 8.78 46.12 -10.74
C GLN F 177 7.34 46.57 -10.51
N SER F 178 7.07 47.26 -9.40
CA SER F 178 5.73 47.74 -9.10
C SER F 178 5.81 48.72 -7.94
N LEU F 179 4.69 49.40 -7.68
CA LEU F 179 4.53 50.28 -6.52
C LEU F 179 3.06 50.59 -6.36
N SER F 180 2.73 51.23 -5.24
CA SER F 180 1.36 51.60 -4.91
C SER F 180 1.28 53.11 -4.74
N PHE F 181 0.36 53.74 -5.47
CA PHE F 181 0.21 55.18 -5.48
C PHE F 181 -1.25 55.55 -5.27
N LEU F 182 -1.48 56.65 -4.56
CA LEU F 182 -2.83 57.15 -4.38
C LEU F 182 -3.35 57.77 -5.68
N LEU F 183 -4.67 57.75 -5.83
CA LEU F 183 -5.29 58.20 -7.08
C LEU F 183 -5.18 59.70 -7.29
N GLY F 184 -4.95 60.47 -6.22
CA GLY F 184 -4.85 61.92 -6.37
C GLY F 184 -3.65 62.34 -7.19
N SER F 185 -2.46 61.90 -6.77
CA SER F 185 -1.22 62.29 -7.44
C SER F 185 -0.96 61.44 -8.68
N SER F 186 0.07 61.83 -9.41
CA SER F 186 0.51 61.18 -10.64
C SER F 186 1.78 60.37 -10.38
N ALA F 187 2.27 59.71 -11.43
CA ALA F 187 3.49 58.93 -11.32
C ALA F 187 4.02 58.62 -12.71
N SER F 188 5.31 58.27 -12.76
CA SER F 188 5.96 57.86 -13.99
C SER F 188 6.46 56.43 -13.86
N LEU F 189 6.44 55.71 -14.98
CA LEU F 189 6.79 54.30 -15.05
C LEU F 189 8.10 54.19 -15.84
N ASP F 190 9.18 53.87 -15.14
CA ASP F 190 10.50 53.88 -15.76
C ASP F 190 10.66 52.72 -16.73
N CYS F 191 11.13 53.01 -17.94
CA CYS F 191 11.52 51.98 -18.90
C CYS F 191 12.67 52.52 -19.73
N GLY F 192 13.83 51.88 -19.64
CA GLY F 192 14.99 52.31 -20.40
C GLY F 192 15.51 51.25 -21.35
N PHE F 193 16.26 51.65 -22.37
CA PHE F 193 16.75 50.68 -23.33
C PHE F 193 18.02 51.21 -23.99
N SER F 194 19.01 50.34 -24.14
CA SER F 194 20.24 50.70 -24.83
C SER F 194 20.38 49.84 -26.08
N MET F 195 20.94 50.44 -27.12
CA MET F 195 20.97 49.87 -28.45
C MET F 195 22.38 49.92 -29.03
N ALA F 196 22.75 48.86 -29.73
CA ALA F 196 24.06 48.73 -30.35
C ALA F 196 24.13 49.50 -31.65
N PRO F 197 25.34 49.74 -32.16
CA PRO F 197 25.47 50.30 -33.52
C PRO F 197 24.69 49.47 -34.52
N GLY F 198 24.06 50.16 -35.47
CA GLY F 198 23.09 49.53 -36.33
C GLY F 198 21.71 49.56 -35.71
N LEU F 199 20.85 48.65 -36.18
CA LEU F 199 19.50 48.50 -35.64
C LEU F 199 18.75 49.82 -35.68
N ASP F 200 18.43 50.24 -36.89
CA ASP F 200 17.96 51.60 -37.12
C ASP F 200 16.46 51.77 -36.95
N LEU F 201 15.68 50.68 -36.92
CA LEU F 201 14.24 50.79 -36.75
C LEU F 201 13.88 50.90 -35.27
N ILE F 202 12.91 51.75 -34.97
CA ILE F 202 12.47 51.99 -33.60
C ILE F 202 10.95 52.02 -33.55
N SER F 203 10.40 51.56 -32.42
CA SER F 203 8.98 51.65 -32.12
C SER F 203 8.74 51.30 -30.66
N VAL F 204 8.37 52.29 -29.85
CA VAL F 204 8.13 52.10 -28.42
C VAL F 204 6.65 52.26 -28.15
N GLU F 205 6.06 51.29 -27.47
CA GLU F 205 4.63 51.31 -27.20
C GLU F 205 4.36 50.80 -25.79
N TRP F 206 3.45 51.46 -25.09
CA TRP F 206 2.99 51.05 -23.77
C TRP F 206 1.57 50.51 -23.88
N ARG F 207 1.34 49.32 -23.34
CA ARG F 207 0.07 48.63 -23.46
C ARG F 207 -0.38 48.13 -22.10
N LEU F 208 -1.57 48.55 -21.68
CA LEU F 208 -2.15 48.07 -20.43
C LEU F 208 -2.98 46.81 -20.72
N GLN F 209 -2.96 45.88 -19.77
CA GLN F 209 -3.80 44.69 -19.87
C GLN F 209 -3.95 44.11 -18.46
N HIS F 210 -5.18 44.10 -17.93
CA HIS F 210 -5.35 43.76 -16.53
C HIS F 210 -6.78 43.24 -16.30
N LYS F 211 -6.87 41.95 -15.98
CA LYS F 211 -8.09 41.28 -15.49
C LYS F 211 -9.33 41.63 -16.28
N GLY F 212 -9.33 41.25 -17.54
CA GLY F 212 -10.51 41.42 -18.34
C GLY F 212 -10.19 41.86 -19.73
N ARG F 213 -10.04 43.17 -19.92
CA ARG F 213 -9.71 43.72 -21.23
C ARG F 213 -8.52 44.67 -21.08
N GLY F 214 -7.69 44.70 -22.11
CA GLY F 214 -6.55 45.60 -22.15
C GLY F 214 -6.66 46.61 -23.27
N GLN F 215 -5.94 47.71 -23.14
CA GLN F 215 -6.02 48.79 -24.12
C GLN F 215 -4.61 49.33 -24.38
N LEU F 216 -4.47 50.02 -25.50
CA LEU F 216 -3.21 50.67 -25.84
C LEU F 216 -3.13 52.02 -25.12
N VAL F 217 -1.97 52.29 -24.52
CA VAL F 217 -1.77 53.51 -23.75
C VAL F 217 -1.00 54.53 -24.58
N TYR F 218 0.26 54.24 -24.87
CA TYR F 218 1.11 55.15 -25.64
C TYR F 218 1.64 54.45 -26.88
N SER F 219 1.73 55.23 -27.96
CA SER F 219 2.37 54.80 -29.20
C SER F 219 3.52 55.74 -29.52
N TRP F 220 4.58 55.19 -30.11
CA TRP F 220 5.69 56.04 -30.51
C TRP F 220 6.40 55.35 -31.66
N THR F 221 5.87 55.55 -32.86
CA THR F 221 6.52 55.04 -34.06
C THR F 221 7.71 55.92 -34.41
N ALA F 222 8.58 56.15 -33.42
CA ALA F 222 9.70 57.08 -33.55
C ALA F 222 9.23 58.49 -33.89
N GLY F 223 7.99 58.84 -33.52
CA GLY F 223 7.48 60.16 -33.76
C GLY F 223 5.98 60.24 -33.96
N GLN F 224 5.19 59.75 -32.99
CA GLN F 224 3.75 59.67 -33.16
C GLN F 224 3.05 59.89 -31.82
N GLY F 225 1.72 59.93 -31.89
CA GLY F 225 0.88 60.16 -30.71
C GLY F 225 0.45 58.89 -30.03
N GLN F 226 -0.79 58.86 -29.52
CA GLN F 226 -1.20 57.78 -28.66
C GLN F 226 -2.71 57.84 -28.43
N ALA F 227 -3.28 56.68 -28.13
CA ALA F 227 -4.72 56.61 -27.90
C ALA F 227 -5.07 57.48 -26.72
N VAL F 228 -5.99 58.43 -26.96
CA VAL F 228 -6.51 59.25 -25.88
C VAL F 228 -6.74 58.30 -24.71
N ARG F 229 -5.83 58.36 -23.74
CA ARG F 229 -5.98 57.59 -22.53
C ARG F 229 -5.81 58.45 -21.30
N LYS F 230 -5.99 59.77 -21.45
CA LYS F 230 -5.93 60.81 -20.43
C LYS F 230 -4.51 61.39 -20.34
N GLY F 231 -4.02 62.00 -21.42
CA GLY F 231 -2.74 62.68 -21.41
C GLY F 231 -1.58 61.84 -20.90
N ALA F 232 -1.46 60.63 -21.42
CA ALA F 232 -0.34 59.76 -21.08
C ALA F 232 0.77 59.99 -22.11
N THR F 233 1.86 60.60 -21.67
CA THR F 233 2.98 60.90 -22.53
C THR F 233 4.26 60.74 -21.73
N LEU F 234 5.33 60.33 -22.40
CA LEU F 234 6.64 60.65 -21.84
C LEU F 234 6.81 62.16 -21.95
N GLU F 235 7.73 62.69 -21.16
CA GLU F 235 8.03 64.12 -21.16
C GLU F 235 9.35 64.33 -21.92
N PRO F 236 9.35 64.26 -23.26
CA PRO F 236 10.65 64.44 -23.89
C PRO F 236 10.79 65.81 -24.55
N MET F 241 24.52 55.86 -23.83
CA MET F 241 24.04 55.17 -25.03
C MET F 241 22.63 54.65 -24.83
N ALA F 242 22.10 54.82 -23.62
CA ALA F 242 20.82 54.24 -23.23
C ALA F 242 19.75 55.33 -23.21
N ARG F 243 18.73 55.17 -24.04
CA ARG F 243 17.62 56.10 -24.12
C ARG F 243 16.55 55.74 -23.09
N ASP F 244 15.83 56.78 -22.62
CA ASP F 244 14.77 56.63 -21.64
C ASP F 244 13.42 56.67 -22.32
N ALA F 245 12.57 55.68 -22.02
CA ALA F 245 11.22 55.59 -22.53
C ALA F 245 10.23 55.42 -21.38
N SER F 246 10.41 56.20 -20.32
CA SER F 246 9.48 56.16 -19.21
C SER F 246 8.12 56.70 -19.65
N LEU F 247 7.08 56.31 -18.90
CA LEU F 247 5.71 56.66 -19.21
C LEU F 247 5.13 57.48 -18.07
N THR F 248 4.95 58.77 -18.31
CA THR F 248 4.43 59.66 -17.28
C THR F 248 2.91 59.79 -17.41
N LEU F 249 2.22 59.72 -16.28
CA LEU F 249 0.78 59.77 -16.20
C LEU F 249 0.33 61.01 -15.43
N PRO F 250 -0.93 61.44 -15.60
CA PRO F 250 -1.45 62.51 -14.74
C PRO F 250 -2.23 61.95 -13.57
N GLY F 251 -3.37 62.56 -13.24
CA GLY F 251 -4.22 62.06 -12.17
C GLY F 251 -4.60 60.62 -12.40
N LEU F 252 -4.46 59.78 -11.39
CA LEU F 252 -4.69 58.35 -11.60
C LEU F 252 -6.12 57.99 -11.21
N THR F 253 -6.65 56.97 -11.88
CA THR F 253 -7.97 56.43 -11.60
C THR F 253 -7.89 54.91 -11.65
N ILE F 254 -8.92 54.25 -11.13
CA ILE F 254 -8.94 52.79 -11.14
C ILE F 254 -8.96 52.26 -12.57
N GLN F 255 -9.59 53.00 -13.49
CA GLN F 255 -9.57 52.61 -14.90
C GLN F 255 -8.17 52.60 -15.49
N ASP F 256 -7.19 53.15 -14.78
CA ASP F 256 -5.80 53.10 -15.19
C ASP F 256 -5.01 52.01 -14.49
N GLU F 257 -5.52 51.44 -13.40
CA GLU F 257 -4.77 50.45 -12.64
C GLU F 257 -4.57 49.19 -13.47
N GLY F 258 -3.45 48.53 -13.24
CA GLY F 258 -3.19 47.24 -13.85
C GLY F 258 -1.77 47.14 -14.35
N THR F 259 -1.52 46.09 -15.12
CA THR F 259 -0.19 45.76 -15.62
C THR F 259 0.04 46.45 -16.96
N TYR F 260 1.05 47.30 -17.01
CA TYR F 260 1.48 47.98 -18.22
C TYR F 260 2.70 47.27 -18.81
N ILE F 261 2.88 47.44 -20.12
CA ILE F 261 3.90 46.72 -20.86
C ILE F 261 4.62 47.70 -21.77
N CYS F 262 5.94 47.80 -21.60
CA CYS F 262 6.81 48.67 -22.38
C CYS F 262 7.50 47.81 -23.43
N GLN F 263 7.16 48.02 -24.70
CA GLN F 263 7.67 47.22 -25.79
C GLN F 263 8.48 48.08 -26.75
N ILE F 264 9.62 47.55 -27.19
CA ILE F 264 10.53 48.23 -28.09
C ILE F 264 10.84 47.28 -29.24
N THR F 265 10.68 47.77 -30.46
CA THR F 265 10.85 46.97 -31.67
C THR F 265 11.96 47.59 -32.52
N THR F 266 12.98 46.79 -32.83
CA THR F 266 14.11 47.23 -33.64
C THR F 266 14.03 46.58 -35.02
N SER F 267 15.03 46.90 -35.85
CA SER F 267 15.08 46.33 -37.19
C SER F 267 15.38 44.84 -37.15
N LEU F 268 16.16 44.39 -36.17
CA LEU F 268 16.57 43.00 -36.05
C LEU F 268 15.89 42.27 -34.91
N TYR F 269 15.70 42.91 -33.76
CA TYR F 269 15.21 42.24 -32.57
C TYR F 269 14.06 43.03 -31.97
N ARG F 270 13.34 42.38 -31.05
CA ARG F 270 12.18 42.95 -30.37
C ARG F 270 12.18 42.53 -28.91
N ALA F 271 11.87 43.46 -28.03
CA ALA F 271 11.91 43.19 -26.59
C ALA F 271 10.78 43.92 -25.88
N GLN F 272 10.59 43.58 -24.60
CA GLN F 272 9.55 44.17 -23.78
C GLN F 272 9.91 44.00 -22.31
N GLN F 273 9.14 44.66 -21.46
CA GLN F 273 9.24 44.51 -20.01
C GLN F 273 7.98 45.07 -19.37
N ILE F 274 7.57 44.46 -18.26
CA ILE F 274 6.26 44.73 -17.66
C ILE F 274 6.44 45.44 -16.33
N ILE F 275 5.52 46.38 -16.05
CA ILE F 275 5.44 47.07 -14.77
C ILE F 275 4.00 47.03 -14.29
N GLN F 276 3.78 46.48 -13.10
CA GLN F 276 2.45 46.40 -12.51
C GLN F 276 2.15 47.65 -11.69
N LEU F 277 0.95 48.19 -11.86
CA LEU F 277 0.52 49.42 -11.18
C LEU F 277 -0.71 49.11 -10.34
N ASN F 278 -0.53 48.99 -9.03
CA ASN F 278 -1.62 48.85 -8.08
C ASN F 278 -1.94 50.21 -7.49
N ILE F 279 -3.23 50.46 -7.26
CA ILE F 279 -3.72 51.74 -6.77
C ILE F 279 -4.49 51.50 -5.49
N GLN F 280 -4.39 52.45 -4.55
CA GLN F 280 -5.08 52.38 -3.28
C GLN F 280 -5.84 53.67 -3.02
N ALA F 281 -6.86 53.59 -2.17
CA ALA F 281 -7.70 54.73 -1.82
C ALA F 281 -7.90 54.76 -0.31
N SER F 282 -7.87 55.97 0.25
CA SER F 282 -8.03 56.13 1.68
C SER F 282 -9.51 56.26 2.04
N PRO F 283 -9.97 55.53 3.06
CA PRO F 283 -11.40 55.58 3.41
C PRO F 283 -11.78 56.71 4.36
N LYS F 284 -13.06 56.79 4.68
CA LYS F 284 -13.55 57.69 5.72
C LYS F 284 -14.43 56.91 6.68
N VAL F 285 -14.37 57.30 7.96
CA VAL F 285 -15.01 56.58 9.06
C VAL F 285 -15.96 57.52 9.78
N ARG F 286 -17.13 56.99 10.15
CA ARG F 286 -18.07 57.79 10.94
C ARG F 286 -18.86 56.88 11.86
N LEU F 287 -19.34 57.46 12.96
CA LEU F 287 -20.14 56.73 13.94
C LEU F 287 -21.46 57.45 14.19
N SER F 288 -22.55 56.71 14.14
CA SER F 288 -23.89 57.25 14.37
C SER F 288 -24.66 56.28 15.26
N LEU F 289 -25.90 56.64 15.58
CA LEU F 289 -26.74 55.78 16.41
C LEU F 289 -28.20 56.02 16.07
N ALA F 290 -28.93 54.94 15.79
CA ALA F 290 -30.34 55.04 15.43
C ALA F 290 -31.23 54.91 16.66
N LEU F 294 -34.49 51.10 24.27
CA LEU F 294 -34.89 50.57 22.97
C LEU F 294 -33.79 49.70 22.39
N LEU F 295 -32.55 49.99 22.78
CA LEU F 295 -31.37 49.34 22.24
C LEU F 295 -31.37 49.30 20.71
N PRO F 296 -31.31 50.47 20.06
CA PRO F 296 -31.22 50.50 18.59
C PRO F 296 -29.77 50.24 18.16
N THR F 297 -29.56 50.32 16.85
CA THR F 297 -28.29 49.93 16.25
C THR F 297 -27.38 51.13 16.05
N LEU F 298 -26.15 51.01 16.55
CA LEU F 298 -25.09 51.98 16.32
C LEU F 298 -24.37 51.66 15.02
N ILE F 299 -24.05 52.70 14.24
CA ILE F 299 -23.55 52.51 12.89
C ILE F 299 -22.13 53.06 12.79
N CYS F 300 -21.36 52.47 11.88
CA CYS F 300 -19.98 52.87 11.59
C CYS F 300 -19.79 52.75 10.09
N ASP F 301 -19.47 53.86 9.44
CA ASP F 301 -19.41 53.91 7.99
C ASP F 301 -17.98 54.08 7.49
N ILE F 302 -17.67 53.35 6.43
CA ILE F 302 -16.36 53.31 5.78
C ILE F 302 -16.60 53.57 4.31
N ALA F 303 -16.12 54.70 3.80
CA ALA F 303 -16.41 55.10 2.42
C ALA F 303 -15.14 55.34 1.63
N GLY F 304 -15.15 54.91 0.37
CA GLY F 304 -14.07 55.15 -0.56
C GLY F 304 -12.76 54.50 -0.15
N TYR F 305 -12.65 53.17 -0.33
CA TYR F 305 -11.49 52.50 0.22
C TYR F 305 -10.88 51.43 -0.70
N TYR F 306 -11.07 51.53 -2.01
CA TYR F 306 -10.47 50.61 -2.97
C TYR F 306 -8.96 50.45 -2.75
N PRO F 307 -8.44 49.21 -2.80
CA PRO F 307 -9.07 47.91 -3.07
C PRO F 307 -10.00 47.39 -1.98
N LEU F 308 -10.62 46.24 -2.24
CA LEU F 308 -11.78 45.79 -1.46
C LEU F 308 -11.43 45.35 -0.04
N ASP F 309 -10.16 45.15 0.28
CA ASP F 309 -9.80 44.59 1.58
C ASP F 309 -10.19 45.53 2.72
N VAL F 310 -10.79 44.97 3.76
CA VAL F 310 -11.26 45.74 4.90
C VAL F 310 -11.53 44.79 6.07
N VAL F 311 -11.14 45.21 7.27
CA VAL F 311 -11.36 44.43 8.49
C VAL F 311 -11.73 45.39 9.61
N VAL F 312 -12.65 44.97 10.46
CA VAL F 312 -13.23 45.82 11.49
C VAL F 312 -13.03 45.18 12.86
N THR F 313 -12.90 46.02 13.88
CA THR F 313 -12.80 45.58 15.27
C THR F 313 -13.61 46.52 16.15
N TRP F 314 -14.39 45.97 17.06
CA TRP F 314 -15.22 46.75 17.96
C TRP F 314 -14.80 46.51 19.40
N THR F 315 -14.83 47.56 20.22
CA THR F 315 -14.56 47.41 21.65
C THR F 315 -15.66 48.12 22.45
N ARG F 316 -15.41 48.32 23.74
CA ARG F 316 -16.37 48.96 24.64
C ARG F 316 -15.66 49.32 25.94
N GLU F 317 -16.09 50.42 26.56
CA GLU F 317 -15.61 50.81 27.88
C GLU F 317 -16.49 51.91 28.42
N GLU F 318 -16.69 51.91 29.74
CA GLU F 318 -17.66 52.81 30.37
C GLU F 318 -17.20 54.28 30.52
N LEU F 319 -16.06 54.59 31.14
CA LEU F 319 -15.10 53.64 31.74
C LEU F 319 -15.33 53.49 33.24
N SER F 322 -11.09 49.76 32.08
CA SER F 322 -10.99 48.38 31.59
C SER F 322 -11.06 48.37 30.07
N PRO F 323 -10.92 47.19 29.46
CA PRO F 323 -11.25 47.08 28.02
C PRO F 323 -12.53 46.31 27.80
N ALA F 324 -12.77 45.87 26.57
CA ALA F 324 -13.86 44.98 26.20
C ALA F 324 -13.71 44.58 24.74
N GLN F 325 -14.19 43.38 24.41
CA GLN F 325 -14.16 42.85 23.06
C GLN F 325 -15.59 42.52 22.63
N VAL F 326 -16.05 43.16 21.57
CA VAL F 326 -17.40 42.94 21.06
C VAL F 326 -17.36 41.82 20.03
N SER F 327 -18.21 40.82 20.22
CA SER F 327 -18.24 39.63 19.37
C SER F 327 -19.37 39.64 18.36
N GLY F 328 -20.25 40.64 18.39
CA GLY F 328 -21.42 40.64 17.53
C GLY F 328 -21.64 41.93 16.76
N ALA F 329 -21.55 41.86 15.43
CA ALA F 329 -21.78 43.00 14.57
C ALA F 329 -22.08 42.50 13.17
N SER F 330 -22.78 43.34 12.39
CA SER F 330 -23.17 42.99 11.03
C SER F 330 -22.84 44.15 10.11
N PHE F 331 -22.06 43.87 9.06
CA PHE F 331 -21.76 44.89 8.06
C PHE F 331 -22.97 45.15 7.19
N SER F 332 -22.77 45.80 6.04
CA SER F 332 -23.86 46.06 5.10
C SER F 332 -23.40 45.69 3.70
N SER F 333 -24.36 45.69 2.77
CA SER F 333 -24.05 45.41 1.38
C SER F 333 -23.12 46.50 0.83
N LEU F 334 -22.43 46.17 -0.26
CA LEU F 334 -21.43 47.06 -0.82
C LEU F 334 -22.06 48.07 -1.76
N ARG F 335 -21.41 49.23 -1.90
CA ARG F 335 -21.87 50.25 -2.83
C ARG F 335 -20.68 51.14 -3.20
N GLN F 336 -20.38 51.26 -4.49
CA GLN F 336 -19.18 51.95 -4.93
C GLN F 336 -19.53 53.27 -5.62
N SER F 337 -18.64 54.25 -5.46
CA SER F 337 -18.79 55.57 -6.05
C SER F 337 -18.47 55.53 -7.55
N VAL F 338 -18.76 56.64 -8.22
CA VAL F 338 -18.51 56.72 -9.66
C VAL F 338 -17.03 56.62 -9.97
N ALA F 339 -16.17 57.09 -9.06
CA ALA F 339 -14.73 56.92 -9.21
C ALA F 339 -14.30 55.47 -9.11
N GLY F 340 -15.18 54.58 -8.66
CA GLY F 340 -14.86 53.18 -8.49
C GLY F 340 -14.58 52.76 -7.06
N THR F 341 -14.38 53.73 -6.17
CA THR F 341 -14.08 53.42 -4.78
C THR F 341 -15.33 52.87 -4.09
N TYR F 342 -15.11 51.90 -3.21
CA TYR F 342 -16.21 51.20 -2.56
C TYR F 342 -16.57 51.86 -1.23
N SER F 343 -17.74 51.47 -0.71
CA SER F 343 -18.26 52.00 0.53
C SER F 343 -19.18 50.97 1.16
N ILE F 344 -19.10 50.87 2.48
CA ILE F 344 -19.75 49.82 3.26
C ILE F 344 -19.89 50.31 4.68
N SER F 345 -20.90 49.80 5.39
CA SER F 345 -21.13 50.18 6.78
C SER F 345 -21.27 48.93 7.64
N SER F 346 -20.71 49.01 8.85
CA SER F 346 -20.80 47.99 9.88
C SER F 346 -21.58 48.55 11.06
N SER F 347 -22.58 47.81 11.52
CA SER F 347 -23.46 48.32 12.56
C SER F 347 -23.78 47.23 13.58
N LEU F 348 -23.81 47.63 14.85
CA LEU F 348 -24.22 46.76 15.94
C LEU F 348 -24.87 47.61 17.02
N THR F 349 -25.82 47.03 17.74
CA THR F 349 -26.55 47.73 18.78
C THR F 349 -25.67 47.93 20.00
N ALA F 350 -25.31 49.17 20.30
CA ALA F 350 -24.48 49.47 21.46
C ALA F 350 -25.24 49.18 22.75
N GLU F 351 -24.48 48.92 23.81
CA GLU F 351 -25.04 48.51 25.09
C GLU F 351 -24.61 49.49 26.17
N PRO F 352 -25.54 50.21 26.80
CA PRO F 352 -25.19 51.13 27.87
C PRO F 352 -25.22 50.47 29.24
N GLY F 353 -24.72 51.21 30.23
CA GLY F 353 -24.78 50.78 31.61
C GLY F 353 -25.50 51.78 32.48
N SER F 354 -25.07 51.91 33.73
CA SER F 354 -25.64 52.93 34.61
C SER F 354 -25.34 54.33 34.08
N ALA F 355 -24.07 54.58 33.74
CA ALA F 355 -23.68 55.83 33.11
C ALA F 355 -23.67 55.69 31.58
N GLY F 356 -22.89 54.75 31.07
CA GLY F 356 -22.83 54.52 29.65
C GLY F 356 -21.54 53.81 29.28
N ALA F 357 -21.22 53.85 27.99
CA ALA F 357 -20.00 53.24 27.48
C ALA F 357 -19.55 53.98 26.22
N THR F 358 -18.30 53.77 25.85
CA THR F 358 -17.71 54.39 24.66
C THR F 358 -17.25 53.30 23.71
N TYR F 359 -18.08 53.01 22.70
CA TYR F 359 -17.75 51.99 21.72
C TYR F 359 -16.71 52.50 20.73
N THR F 360 -15.85 51.59 20.28
CA THR F 360 -14.79 51.91 19.34
C THR F 360 -14.91 51.02 18.11
N CYS F 361 -14.97 51.66 16.94
CA CYS F 361 -15.02 51.01 15.64
C CYS F 361 -13.70 51.26 14.92
N GLN F 362 -12.94 50.20 14.69
CA GLN F 362 -11.56 50.32 14.19
C GLN F 362 -11.43 49.54 12.89
N VAL F 363 -11.34 50.26 11.77
CA VAL F 363 -11.06 49.68 10.46
C VAL F 363 -9.54 49.65 10.27
N THR F 364 -9.06 48.69 9.48
CA THR F 364 -7.62 48.48 9.41
C THR F 364 -7.20 47.77 8.13
N HIS F 365 -7.41 48.39 6.98
CA HIS F 365 -6.89 47.85 5.74
C HIS F 365 -5.36 47.89 5.73
N ILE F 366 -4.79 49.08 5.88
CA ILE F 366 -3.34 49.25 5.90
C ILE F 366 -2.95 49.98 7.17
N SER F 367 -1.74 49.69 7.66
CA SER F 367 -1.14 50.33 8.82
C SER F 367 -1.89 50.04 10.13
N LEU F 368 -3.10 49.47 10.04
CA LEU F 368 -3.89 49.08 11.20
C LEU F 368 -4.08 50.26 12.16
N GLU F 369 -4.61 51.36 11.62
CA GLU F 369 -4.60 52.61 12.36
C GLU F 369 -5.98 53.18 12.63
N GLU F 370 -6.92 53.07 11.70
CA GLU F 370 -8.17 53.80 11.80
C GLU F 370 -8.99 53.32 13.00
N PRO F 371 -9.42 54.22 13.90
CA PRO F 371 -10.26 53.82 15.03
C PRO F 371 -11.06 54.99 15.59
N LEU F 372 -12.37 54.83 15.73
CA LEU F 372 -13.28 55.88 16.14
C LEU F 372 -14.02 55.50 17.42
N GLY F 373 -14.54 56.53 18.10
CA GLY F 373 -15.25 56.32 19.34
C GLY F 373 -16.56 57.08 19.37
N ALA F 374 -17.48 56.59 20.21
CA ALA F 374 -18.80 57.18 20.36
C ALA F 374 -19.17 57.15 21.84
N SER F 375 -20.40 57.55 22.14
CA SER F 375 -20.91 57.60 23.51
C SER F 375 -22.20 56.81 23.60
N THR F 376 -22.65 56.57 24.84
CA THR F 376 -23.85 55.80 25.11
C THR F 376 -24.48 56.25 26.42
N GLN F 377 -25.79 56.09 26.52
CA GLN F 377 -26.52 56.50 27.72
C GLN F 377 -27.86 55.76 27.74
N VAL F 378 -28.83 56.31 28.47
CA VAL F 378 -30.17 55.74 28.56
C VAL F 378 -30.82 55.62 27.19
N SER G 2 -7.24 -58.19 -13.54
CA SER G 2 -6.24 -57.64 -12.62
C SER G 2 -6.07 -56.15 -12.85
N HIS G 3 -6.89 -55.58 -13.73
CA HIS G 3 -6.82 -54.17 -14.05
C HIS G 3 -7.40 -53.34 -12.90
N SER G 4 -7.21 -52.03 -12.98
CA SER G 4 -7.65 -51.13 -11.91
C SER G 4 -7.71 -49.71 -12.43
N LEU G 5 -8.82 -49.03 -12.15
CA LEU G 5 -9.00 -47.62 -12.49
C LEU G 5 -8.88 -46.79 -11.21
N ARG G 6 -8.09 -45.72 -11.26
CA ARG G 6 -7.87 -44.90 -10.07
C ARG G 6 -7.83 -43.43 -10.46
N TYR G 7 -8.38 -42.59 -9.58
CA TYR G 7 -8.39 -41.15 -9.75
C TYR G 7 -7.67 -40.53 -8.56
N PHE G 8 -6.64 -39.74 -8.84
CA PHE G 8 -5.81 -39.10 -7.83
C PHE G 8 -5.97 -37.58 -7.96
N VAL G 9 -6.62 -36.98 -6.96
CA VAL G 9 -6.84 -35.54 -6.92
C VAL G 9 -6.01 -34.97 -5.77
N THR G 10 -5.25 -33.91 -6.05
CA THR G 10 -4.33 -33.36 -5.08
C THR G 10 -4.48 -31.84 -5.05
N ALA G 11 -4.48 -31.28 -3.84
CA ALA G 11 -4.55 -29.85 -3.63
C ALA G 11 -3.52 -29.44 -2.59
N VAL G 12 -2.62 -28.54 -2.95
CA VAL G 12 -1.53 -28.12 -2.08
C VAL G 12 -1.68 -26.63 -1.79
N SER G 13 -1.63 -26.27 -0.51
CA SER G 13 -1.81 -24.88 -0.11
C SER G 13 -0.56 -24.06 -0.38
N ARG G 14 -0.75 -22.87 -0.95
CA ARG G 14 0.34 -21.94 -1.25
C ARG G 14 0.10 -20.65 -0.47
N PRO G 15 0.60 -20.56 0.76
CA PRO G 15 0.35 -19.36 1.57
C PRO G 15 1.10 -18.15 1.01
N GLY G 16 0.40 -17.01 0.98
CA GLY G 16 0.95 -15.82 0.38
C GLY G 16 1.05 -15.84 -1.13
N PHE G 17 0.67 -16.94 -1.77
CA PHE G 17 0.69 -17.06 -3.23
C PHE G 17 -0.70 -17.21 -3.83
N GLY G 18 -1.74 -16.97 -3.05
CA GLY G 18 -3.11 -17.06 -3.51
C GLY G 18 -3.81 -18.30 -3.01
N GLU G 19 -4.85 -18.70 -3.75
CA GLU G 19 -5.60 -19.90 -3.40
C GLU G 19 -4.75 -21.14 -3.67
N PRO G 20 -5.00 -22.23 -2.95
CA PRO G 20 -4.18 -23.44 -3.10
C PRO G 20 -4.19 -23.99 -4.52
N ARG G 21 -3.07 -24.57 -4.91
CA ARG G 21 -2.91 -25.18 -6.22
C ARG G 21 -3.70 -26.47 -6.32
N TYR G 22 -4.46 -26.61 -7.39
CA TYR G 22 -5.36 -27.71 -7.63
C TYR G 22 -4.86 -28.54 -8.81
N MET G 23 -4.86 -29.86 -8.65
CA MET G 23 -4.34 -30.75 -9.68
C MET G 23 -5.10 -32.07 -9.66
N GLU G 24 -5.28 -32.65 -10.85
CA GLU G 24 -5.99 -33.91 -11.02
C GLU G 24 -5.24 -34.79 -12.01
N VAL G 25 -4.94 -36.02 -11.61
CA VAL G 25 -4.32 -37.00 -12.50
C VAL G 25 -4.97 -38.35 -12.25
N GLY G 26 -5.37 -39.02 -13.33
CA GLY G 26 -5.96 -40.34 -13.24
C GLY G 26 -5.01 -41.39 -13.79
N TYR G 27 -4.99 -42.56 -13.14
CA TYR G 27 -4.07 -43.62 -13.51
C TYR G 27 -4.82 -44.92 -13.71
N VAL G 28 -4.33 -45.73 -14.63
CA VAL G 28 -4.79 -47.09 -14.88
C VAL G 28 -3.57 -47.98 -14.77
N ASP G 29 -3.49 -48.77 -13.69
CA ASP G 29 -2.30 -49.56 -13.36
C ASP G 29 -1.14 -48.57 -13.25
N ASN G 30 0.01 -48.84 -13.88
CA ASN G 30 1.12 -47.90 -13.88
C ASN G 30 1.11 -47.01 -15.11
N THR G 31 -0.03 -46.83 -15.74
CA THR G 31 -0.15 -46.11 -17.00
C THR G 31 -0.97 -44.84 -16.79
N GLU G 32 -0.47 -43.73 -17.31
CA GLU G 32 -1.16 -42.46 -17.18
C GLU G 32 -2.46 -42.46 -18.00
N PHE G 33 -3.46 -41.74 -17.49
CA PHE G 33 -4.77 -41.67 -18.11
C PHE G 33 -5.12 -40.24 -18.53
N VAL G 34 -5.09 -39.30 -17.59
CA VAL G 34 -5.32 -37.89 -17.90
C VAL G 34 -4.65 -37.08 -16.81
N ARG G 35 -4.45 -35.79 -17.06
CA ARG G 35 -3.80 -34.91 -16.10
C ARG G 35 -4.54 -33.59 -16.04
N PHE G 36 -4.18 -32.78 -15.04
CA PHE G 36 -4.77 -31.45 -14.87
C PHE G 36 -3.82 -30.61 -14.03
N ASP G 37 -3.44 -29.45 -14.54
CA ASP G 37 -2.56 -28.53 -13.84
C ASP G 37 -3.19 -27.14 -13.87
N SER G 38 -3.43 -26.57 -12.70
CA SER G 38 -4.07 -25.26 -12.64
C SER G 38 -3.19 -24.16 -13.23
N ASP G 39 -1.87 -24.33 -13.18
CA ASP G 39 -0.92 -23.35 -13.71
C ASP G 39 -0.58 -23.59 -15.17
N ALA G 40 -1.35 -24.41 -15.88
CA ALA G 40 -1.07 -24.73 -17.26
C ALA G 40 -1.77 -23.75 -18.20
N GLU G 41 -1.29 -23.71 -19.44
CA GLU G 41 -1.91 -22.89 -20.47
C GLU G 41 -3.30 -23.42 -20.80
N ASN G 42 -4.30 -22.55 -20.73
CA ASN G 42 -5.70 -22.94 -20.83
C ASN G 42 -5.95 -24.12 -19.89
N PRO G 43 -6.03 -23.87 -18.58
CA PRO G 43 -6.20 -24.98 -17.63
C PRO G 43 -7.47 -25.77 -17.87
N ARG G 44 -7.35 -26.86 -18.62
CA ARG G 44 -8.46 -27.75 -18.90
C ARG G 44 -7.93 -29.17 -18.97
N TYR G 45 -8.85 -30.14 -19.00
CA TYR G 45 -8.48 -31.55 -19.05
C TYR G 45 -7.84 -31.86 -20.39
N GLU G 46 -6.53 -32.20 -20.37
CA GLU G 46 -5.77 -32.49 -21.57
C GLU G 46 -5.34 -33.96 -21.61
N PRO G 47 -5.35 -34.59 -22.78
CA PRO G 47 -4.95 -35.99 -22.85
C PRO G 47 -3.45 -36.15 -22.66
N ARG G 48 -3.07 -37.20 -21.94
CA ARG G 48 -1.66 -37.52 -21.72
C ARG G 48 -1.26 -38.87 -22.32
N ALA G 49 -2.20 -39.60 -22.91
CA ALA G 49 -1.93 -40.88 -23.52
C ALA G 49 -2.49 -40.91 -24.93
N ARG G 50 -1.80 -41.63 -25.82
CA ARG G 50 -2.15 -41.64 -27.24
C ARG G 50 -3.47 -42.36 -27.52
N TRP G 51 -4.04 -43.05 -26.54
CA TRP G 51 -5.31 -43.74 -26.73
C TRP G 51 -6.50 -42.89 -26.28
N ILE G 52 -6.41 -42.29 -25.09
CA ILE G 52 -7.52 -41.49 -24.56
C ILE G 52 -7.91 -40.38 -25.52
N GLU G 53 -6.97 -39.91 -26.33
CA GLU G 53 -7.25 -38.85 -27.30
C GLU G 53 -8.45 -39.16 -28.16
N GLN G 54 -8.81 -40.44 -28.34
CA GLN G 54 -9.92 -40.75 -29.24
C GLN G 54 -11.26 -40.30 -28.69
N GLU G 55 -11.33 -39.75 -27.48
CA GLU G 55 -12.61 -39.25 -26.99
C GLU G 55 -12.92 -37.88 -27.59
N GLY G 56 -14.21 -37.62 -27.80
CA GLY G 56 -14.65 -36.39 -28.40
C GLY G 56 -14.59 -35.22 -27.44
N PRO G 57 -14.96 -34.03 -27.95
CA PRO G 57 -14.89 -32.83 -27.11
C PRO G 57 -15.93 -32.80 -26.00
N GLU G 58 -17.12 -33.40 -26.22
CA GLU G 58 -18.12 -33.46 -25.17
C GLU G 58 -17.62 -34.25 -23.97
N TYR G 59 -16.75 -35.23 -24.20
CA TYR G 59 -16.12 -35.94 -23.09
C TYR G 59 -15.24 -34.99 -22.29
N TRP G 60 -14.43 -34.19 -22.97
CA TRP G 60 -13.61 -33.20 -22.29
C TRP G 60 -14.45 -32.12 -21.61
N GLU G 61 -15.68 -31.92 -22.04
CA GLU G 61 -16.57 -30.97 -21.38
C GLU G 61 -17.30 -31.57 -20.19
N ARG G 62 -17.54 -32.89 -20.20
CA ARG G 62 -18.13 -33.53 -19.02
C ARG G 62 -17.09 -33.75 -17.93
N GLU G 63 -15.95 -34.34 -18.30
CA GLU G 63 -14.87 -34.49 -17.32
C GLU G 63 -14.27 -33.15 -16.94
N THR G 64 -14.28 -32.19 -17.87
CA THR G 64 -13.92 -30.82 -17.49
C THR G 64 -14.96 -30.21 -16.57
N ARG G 65 -16.23 -30.58 -16.76
CA ARG G 65 -17.28 -30.10 -15.86
C ARG G 65 -17.06 -30.62 -14.44
N ARG G 66 -16.85 -31.94 -14.31
CA ARG G 66 -16.59 -32.50 -12.98
C ARG G 66 -15.28 -31.98 -12.40
N ALA G 67 -14.29 -31.68 -13.26
CA ALA G 67 -13.04 -31.12 -12.77
C ALA G 67 -13.24 -29.72 -12.21
N LYS G 68 -14.01 -28.88 -12.90
CA LYS G 68 -14.24 -27.52 -12.41
C LYS G 68 -15.11 -27.53 -11.17
N GLY G 69 -16.19 -28.30 -11.18
CA GLY G 69 -17.04 -28.39 -10.01
C GLY G 69 -16.30 -28.92 -8.79
N ASN G 70 -15.41 -29.87 -9.01
CA ASN G 70 -14.55 -30.33 -7.91
C ASN G 70 -13.61 -29.23 -7.46
N GLU G 71 -13.05 -28.46 -8.40
CA GLU G 71 -12.18 -27.35 -8.04
C GLU G 71 -12.90 -26.37 -7.12
N GLN G 72 -14.14 -26.01 -7.47
CA GLN G 72 -14.93 -25.13 -6.60
C GLN G 72 -15.37 -25.83 -5.33
N CYS G 73 -15.40 -27.17 -5.33
CA CYS G 73 -15.84 -27.92 -4.16
C CYS G 73 -14.74 -28.15 -3.13
N PHE G 74 -13.47 -28.05 -3.53
CA PHE G 74 -12.36 -28.35 -2.62
C PHE G 74 -11.93 -27.16 -1.78
N ARG G 75 -12.17 -25.92 -2.23
CA ARG G 75 -11.78 -24.76 -1.45
C ARG G 75 -12.47 -24.73 -0.10
N VAL G 76 -13.79 -24.90 -0.10
CA VAL G 76 -14.55 -24.85 1.15
C VAL G 76 -14.13 -25.97 2.10
N ASP G 77 -13.85 -27.16 1.55
CA ASP G 77 -13.41 -28.25 2.41
C ASP G 77 -12.03 -28.00 2.97
N LEU G 78 -11.15 -27.34 2.20
CA LEU G 78 -9.86 -26.94 2.74
C LEU G 78 -10.03 -25.93 3.87
N ARG G 79 -10.96 -24.98 3.72
CA ARG G 79 -11.22 -24.03 4.79
C ARG G 79 -11.75 -24.73 6.04
N THR G 80 -12.60 -25.74 5.85
CA THR G 80 -13.04 -26.54 6.98
C THR G 80 -11.86 -27.28 7.62
N ALA G 81 -10.93 -27.77 6.81
CA ALA G 81 -9.74 -28.42 7.35
C ALA G 81 -8.89 -27.45 8.15
N LEU G 82 -8.87 -26.18 7.76
CA LEU G 82 -8.15 -25.18 8.54
C LEU G 82 -8.91 -24.82 9.82
N ARG G 83 -10.24 -24.92 9.80
CA ARG G 83 -11.00 -24.62 11.00
C ARG G 83 -10.99 -25.78 12.00
N TYR G 84 -10.78 -27.01 11.53
CA TYR G 84 -10.72 -28.16 12.43
C TYR G 84 -9.46 -28.09 13.28
N TYR G 85 -8.30 -28.21 12.65
CA TYR G 85 -7.04 -28.03 13.35
C TYR G 85 -6.85 -26.56 13.66
N ASN G 86 -7.27 -26.12 14.84
CA ASN G 86 -7.03 -24.75 15.26
C ASN G 86 -5.53 -24.49 15.31
N GLN G 87 -4.98 -24.00 14.20
CA GLN G 87 -3.56 -23.75 14.09
C GLN G 87 -3.35 -22.66 13.04
N SER G 88 -2.09 -22.26 12.86
CA SER G 88 -1.79 -21.19 11.94
C SER G 88 -2.04 -21.62 10.49
N ALA G 89 -2.25 -20.63 9.63
CA ALA G 89 -2.39 -20.84 8.20
C ALA G 89 -1.18 -20.31 7.43
N GLY G 90 -0.05 -20.10 8.11
CA GLY G 90 1.15 -19.59 7.49
C GLY G 90 2.06 -20.63 6.88
N GLY G 91 1.77 -21.91 7.08
CA GLY G 91 2.55 -22.98 6.49
C GLY G 91 1.85 -23.59 5.27
N SER G 92 2.52 -24.57 4.69
CA SER G 92 2.02 -25.28 3.52
C SER G 92 1.38 -26.60 3.96
N HIS G 93 0.21 -26.90 3.42
CA HIS G 93 -0.52 -28.10 3.76
C HIS G 93 -1.16 -28.69 2.52
N THR G 94 -1.32 -30.01 2.53
CA THR G 94 -1.81 -30.74 1.37
C THR G 94 -3.00 -31.59 1.75
N LEU G 95 -3.98 -31.64 0.86
CA LEU G 95 -5.15 -32.50 1.00
C LEU G 95 -5.33 -33.26 -0.31
N GLN G 96 -5.57 -34.57 -0.20
CA GLN G 96 -5.65 -35.44 -1.36
C GLN G 96 -6.87 -36.34 -1.25
N TRP G 97 -7.43 -36.69 -2.41
CA TRP G 97 -8.60 -37.55 -2.50
C TRP G 97 -8.37 -38.55 -3.62
N MET G 98 -8.52 -39.84 -3.30
CA MET G 98 -8.35 -40.91 -4.27
C MET G 98 -9.63 -41.70 -4.37
N ALA G 99 -10.02 -42.04 -5.60
CA ALA G 99 -11.25 -42.79 -5.81
C ALA G 99 -11.13 -43.64 -7.07
N GLY G 100 -11.43 -44.92 -6.94
CA GLY G 100 -11.35 -45.82 -8.08
C GLY G 100 -12.00 -47.15 -7.79
N CYS G 101 -11.72 -48.12 -8.65
CA CYS G 101 -12.19 -49.47 -8.48
C CYS G 101 -11.22 -50.43 -9.13
N ASP G 102 -10.95 -51.54 -8.45
CA ASP G 102 -10.04 -52.58 -8.94
C ASP G 102 -10.83 -53.84 -9.29
N VAL G 103 -10.44 -54.45 -10.40
CA VAL G 103 -11.06 -55.66 -10.93
C VAL G 103 -9.97 -56.70 -11.16
N GLU G 104 -10.16 -57.89 -10.62
CA GLU G 104 -9.20 -58.98 -10.77
C GLU G 104 -9.72 -59.99 -11.79
N SER G 105 -8.82 -60.52 -12.60
CA SER G 105 -9.16 -61.51 -13.62
C SER G 105 -9.12 -62.91 -13.03
N ASP G 106 -9.76 -63.84 -13.75
CA ASP G 106 -9.84 -65.25 -13.33
C ASP G 106 -10.48 -65.38 -11.95
N GLY G 107 -11.48 -64.54 -11.68
CA GLY G 107 -12.17 -64.56 -10.40
C GLY G 107 -13.60 -64.08 -10.49
N ARG G 108 -14.21 -63.71 -9.36
CA ARG G 108 -15.61 -63.29 -9.34
C ARG G 108 -15.85 -62.42 -8.10
N LEU G 109 -15.36 -61.18 -8.17
CA LEU G 109 -15.55 -60.19 -7.11
C LEU G 109 -15.19 -58.82 -7.68
N LEU G 110 -14.99 -57.84 -6.80
CA LEU G 110 -14.60 -56.49 -7.20
C LEU G 110 -14.09 -55.77 -5.96
N ARG G 111 -13.51 -54.59 -6.17
CA ARG G 111 -13.09 -53.77 -5.04
C ARG G 111 -13.27 -52.30 -5.36
N GLY G 112 -13.72 -51.53 -4.38
CA GLY G 112 -13.95 -50.11 -4.53
C GLY G 112 -13.06 -49.30 -3.61
N TYR G 113 -12.76 -48.06 -4.03
CA TYR G 113 -11.81 -47.21 -3.33
C TYR G 113 -12.28 -45.76 -3.32
N TRP G 114 -12.15 -45.13 -2.16
CA TRP G 114 -12.57 -43.74 -1.93
C TRP G 114 -12.03 -43.28 -0.58
N GLN G 115 -11.18 -42.25 -0.58
CA GLN G 115 -10.45 -41.90 0.64
C GLN G 115 -9.86 -40.50 0.53
N PHE G 116 -9.82 -39.83 1.68
CA PHE G 116 -9.21 -38.51 1.84
C PHE G 116 -8.02 -38.62 2.78
N ALA G 117 -6.98 -37.83 2.52
CA ALA G 117 -5.78 -37.84 3.34
C ALA G 117 -5.20 -36.44 3.39
N TYR G 118 -4.86 -35.98 4.59
CA TYR G 118 -4.40 -34.61 4.82
C TYR G 118 -2.93 -34.64 5.24
N ASP G 119 -2.08 -33.98 4.44
CA ASP G 119 -0.66 -33.84 4.73
C ASP G 119 0.03 -35.20 4.88
N GLY G 120 -0.18 -36.06 3.88
CA GLY G 120 0.45 -37.37 3.84
C GLY G 120 -0.02 -38.35 4.88
N CYS G 121 -0.87 -37.94 5.82
CA CYS G 121 -1.44 -38.84 6.81
C CYS G 121 -2.87 -39.18 6.41
N ASP G 122 -3.26 -40.44 6.62
CA ASP G 122 -4.61 -40.85 6.31
C ASP G 122 -5.62 -40.04 7.12
N TYR G 123 -6.74 -39.70 6.49
CA TYR G 123 -7.77 -38.91 7.16
C TYR G 123 -9.09 -39.68 7.26
N ILE G 124 -9.64 -40.14 6.13
CA ILE G 124 -10.89 -40.90 6.15
C ILE G 124 -10.88 -41.85 4.96
N ALA G 125 -11.55 -42.99 5.11
CA ALA G 125 -11.54 -43.97 4.03
C ALA G 125 -12.84 -44.77 4.05
N LEU G 126 -13.17 -45.35 2.91
CA LEU G 126 -14.33 -46.25 2.81
C LEU G 126 -13.92 -47.68 3.17
N ASN G 127 -14.79 -48.36 3.93
CA ASN G 127 -14.50 -49.72 4.36
C ASN G 127 -14.62 -50.69 3.20
N GLU G 128 -14.29 -51.96 3.48
CA GLU G 128 -14.38 -52.99 2.45
C GLU G 128 -15.81 -53.32 2.09
N ASP G 129 -16.74 -53.17 3.03
CA ASP G 129 -18.16 -53.41 2.77
C ASP G 129 -18.78 -52.37 1.85
N LEU G 130 -18.07 -51.28 1.56
CA LEU G 130 -18.57 -50.17 0.76
C LEU G 130 -19.84 -49.56 1.35
N LYS G 131 -20.07 -49.75 2.65
CA LYS G 131 -21.23 -49.21 3.32
C LYS G 131 -20.91 -48.51 4.64
N THR G 132 -19.77 -48.78 5.26
CA THR G 132 -19.34 -48.13 6.47
C THR G 132 -18.05 -47.36 6.20
N TRP G 133 -17.69 -46.48 7.14
CA TRP G 133 -16.53 -45.62 6.98
C TRP G 133 -15.53 -45.84 8.10
N THR G 134 -14.25 -45.64 7.77
CA THR G 134 -13.16 -45.73 8.73
C THR G 134 -12.53 -44.35 8.89
N ALA G 135 -12.45 -43.89 10.14
CA ALA G 135 -11.97 -42.55 10.46
C ALA G 135 -10.63 -42.63 11.18
N ALA G 136 -9.80 -41.61 10.96
CA ALA G 136 -8.45 -41.60 11.49
C ALA G 136 -8.26 -40.72 12.71
N ASP G 137 -9.05 -39.66 12.87
CA ASP G 137 -8.93 -38.79 14.04
C ASP G 137 -10.30 -38.18 14.34
N MET G 138 -10.31 -37.19 15.24
CA MET G 138 -11.57 -36.66 15.74
C MET G 138 -12.31 -35.86 14.67
N ALA G 139 -11.57 -35.12 13.85
CA ALA G 139 -12.19 -34.44 12.71
C ALA G 139 -12.89 -35.44 11.81
N ALA G 140 -12.20 -36.56 11.51
CA ALA G 140 -12.82 -37.62 10.74
C ALA G 140 -13.93 -38.32 11.51
N GLN G 141 -14.00 -38.13 12.83
CA GLN G 141 -15.13 -38.65 13.59
C GLN G 141 -16.37 -37.79 13.36
N ILE G 142 -16.21 -36.47 13.41
CA ILE G 142 -17.33 -35.58 13.08
C ILE G 142 -17.78 -35.81 11.64
N THR G 143 -16.81 -35.84 10.72
CA THR G 143 -17.14 -36.09 9.32
C THR G 143 -17.82 -37.44 9.14
N ARG G 144 -17.30 -38.47 9.79
CA ARG G 144 -17.87 -39.81 9.64
C ARG G 144 -19.31 -39.85 10.15
N ARG G 145 -19.56 -39.29 11.33
CA ARG G 145 -20.93 -39.30 11.87
C ARG G 145 -21.88 -38.52 10.97
N LYS G 146 -21.44 -37.34 10.50
CA LYS G 146 -22.28 -36.57 9.59
C LYS G 146 -22.63 -37.37 8.34
N TRP G 147 -21.61 -37.90 7.67
CA TRP G 147 -21.84 -38.60 6.40
C TRP G 147 -22.64 -39.89 6.60
N GLU G 148 -22.49 -40.54 7.76
CA GLU G 148 -23.32 -41.70 8.07
C GLU G 148 -24.78 -41.28 8.23
N GLN G 149 -25.02 -40.15 8.91
CA GLN G 149 -26.39 -39.66 9.04
C GLN G 149 -26.97 -39.26 7.68
N ALA G 150 -26.13 -38.80 6.75
CA ALA G 150 -26.62 -38.36 5.46
C ALA G 150 -26.91 -39.54 4.53
N GLY G 151 -25.97 -40.47 4.42
CA GLY G 151 -26.12 -41.57 3.49
C GLY G 151 -25.39 -41.34 2.18
N ALA G 152 -24.15 -40.85 2.28
CA ALA G 152 -23.34 -40.60 1.08
C ALA G 152 -22.80 -41.88 0.48
N ALA G 153 -22.75 -42.98 1.24
CA ALA G 153 -22.31 -44.25 0.68
C ALA G 153 -23.21 -44.74 -0.44
N GLU G 154 -24.44 -44.23 -0.51
CA GLU G 154 -25.33 -44.61 -1.60
C GLU G 154 -24.92 -43.92 -2.89
N ARG G 155 -24.67 -42.61 -2.84
CA ARG G 155 -24.23 -41.89 -4.03
C ARG G 155 -22.84 -42.33 -4.46
N ASP G 156 -21.89 -42.34 -3.52
CA ASP G 156 -20.53 -42.78 -3.84
C ASP G 156 -20.51 -44.22 -4.31
N ARG G 157 -21.30 -45.08 -3.67
CA ARG G 157 -21.41 -46.46 -4.12
C ARG G 157 -22.00 -46.53 -5.52
N ALA G 158 -22.91 -45.62 -5.85
CA ALA G 158 -23.47 -45.59 -7.20
C ALA G 158 -22.39 -45.27 -8.22
N TYR G 159 -21.62 -44.20 -7.98
CA TYR G 159 -20.57 -43.84 -8.92
C TYR G 159 -19.52 -44.93 -9.03
N LEU G 160 -19.19 -45.57 -7.91
CA LEU G 160 -18.16 -46.60 -7.92
C LEU G 160 -18.64 -47.85 -8.65
N GLU G 161 -19.69 -48.50 -8.11
CA GLU G 161 -20.19 -49.73 -8.72
C GLU G 161 -20.74 -49.50 -10.12
N GLY G 162 -20.95 -48.25 -10.52
CA GLY G 162 -21.50 -47.98 -11.84
C GLY G 162 -20.52 -47.36 -12.81
N GLU G 163 -20.22 -46.07 -12.61
CA GLU G 163 -19.43 -45.35 -13.61
C GLU G 163 -17.98 -45.79 -13.63
N CYS G 164 -17.42 -46.18 -12.49
CA CYS G 164 -16.05 -46.69 -12.48
C CYS G 164 -15.95 -48.02 -13.22
N VAL G 165 -16.90 -48.94 -12.95
CA VAL G 165 -16.87 -50.24 -13.59
C VAL G 165 -17.13 -50.12 -15.08
N GLU G 166 -18.11 -49.30 -15.47
CA GLU G 166 -18.46 -49.17 -16.88
C GLU G 166 -17.36 -48.44 -17.66
N TRP G 167 -16.91 -47.30 -17.13
CA TRP G 167 -15.87 -46.54 -17.82
C TRP G 167 -14.56 -47.31 -17.88
N LEU G 168 -14.20 -48.01 -16.80
CA LEU G 168 -13.04 -48.90 -16.86
C LEU G 168 -13.23 -49.99 -17.90
N ARG G 169 -14.44 -50.53 -17.99
CA ARG G 169 -14.73 -51.55 -19.01
C ARG G 169 -14.51 -50.98 -20.41
N ARG G 170 -14.90 -49.73 -20.63
CA ARG G 170 -14.69 -49.11 -21.94
C ARG G 170 -13.20 -48.88 -22.21
N TYR G 171 -12.49 -48.31 -21.24
CA TYR G 171 -11.06 -48.08 -21.40
C TYR G 171 -10.33 -49.38 -21.73
N LEU G 172 -10.73 -50.46 -21.08
CA LEU G 172 -10.18 -51.77 -21.39
C LEU G 172 -10.77 -52.37 -22.66
N LYS G 173 -11.84 -51.79 -23.19
CA LYS G 173 -12.47 -52.30 -24.41
C LYS G 173 -11.98 -51.62 -25.68
N ASN G 174 -11.26 -50.50 -25.56
CA ASN G 174 -10.73 -49.78 -26.71
C ASN G 174 -9.35 -49.22 -26.40
N GLY G 175 -8.49 -50.08 -25.85
CA GLY G 175 -7.15 -49.66 -25.47
C GLY G 175 -6.13 -50.78 -25.51
N ASN G 176 -5.93 -51.38 -26.67
CA ASN G 176 -4.95 -52.44 -26.83
C ASN G 176 -3.60 -51.84 -27.22
N ALA G 177 -2.60 -52.71 -27.39
CA ALA G 177 -1.22 -52.33 -27.68
C ALA G 177 -0.63 -51.42 -26.61
N THR G 178 -1.36 -51.18 -25.52
CA THR G 178 -0.92 -50.33 -24.42
C THR G 178 -1.63 -50.83 -23.17
N LEU G 179 -0.87 -51.04 -22.09
CA LEU G 179 -1.40 -51.58 -20.84
C LEU G 179 -1.98 -52.98 -21.03
N LEU G 180 -1.95 -53.47 -22.27
CA LEU G 180 -2.18 -54.87 -22.59
C LEU G 180 -1.03 -55.39 -23.44
N ARG G 181 0.10 -54.66 -23.42
CA ARG G 181 1.23 -54.99 -24.26
C ARG G 181 1.77 -56.39 -23.97
N THR G 182 1.84 -56.76 -22.69
CA THR G 182 2.40 -58.05 -22.27
C THR G 182 3.80 -58.23 -22.87
N ASP G 183 4.58 -57.16 -22.86
CA ASP G 183 5.94 -57.21 -23.37
C ASP G 183 6.71 -58.32 -22.65
N PRO G 184 7.42 -59.19 -23.38
CA PRO G 184 8.12 -60.28 -22.71
C PRO G 184 9.28 -59.75 -21.89
N PRO G 185 9.59 -60.39 -20.77
CA PRO G 185 10.74 -59.96 -19.95
C PRO G 185 12.03 -60.55 -20.49
N LYS G 186 12.89 -59.69 -21.04
CA LYS G 186 14.23 -60.11 -21.42
C LYS G 186 15.06 -60.29 -20.16
N ALA G 187 15.43 -61.52 -19.86
CA ALA G 187 16.12 -61.85 -18.62
C ALA G 187 17.51 -62.37 -18.92
N HIS G 188 18.42 -62.16 -17.97
CA HIS G 188 19.79 -62.62 -18.08
C HIS G 188 20.40 -62.63 -16.68
N VAL G 189 21.58 -63.23 -16.58
CA VAL G 189 22.33 -63.29 -15.33
C VAL G 189 23.72 -62.74 -15.58
N THR G 190 24.25 -62.01 -14.60
CA THR G 190 25.56 -61.39 -14.71
C THR G 190 26.57 -62.09 -13.82
N HIS G 191 27.84 -62.06 -14.25
CA HIS G 191 28.91 -62.69 -13.50
C HIS G 191 29.16 -61.95 -12.20
N HIS G 192 29.53 -62.72 -11.17
CA HIS G 192 29.74 -62.17 -9.83
C HIS G 192 31.05 -61.42 -9.77
N ARG G 193 30.99 -60.10 -9.83
CA ARG G 193 32.17 -59.26 -9.73
C ARG G 193 32.56 -58.94 -8.30
N ARG G 194 31.75 -59.33 -7.32
CA ARG G 194 32.02 -59.01 -5.92
C ARG G 194 33.23 -59.78 -5.42
N PRO G 195 34.30 -59.11 -4.99
CA PRO G 195 35.52 -59.83 -4.60
C PRO G 195 35.73 -59.92 -3.10
N GLU G 196 34.66 -59.99 -2.32
CA GLU G 196 34.82 -60.16 -0.88
C GLU G 196 35.36 -61.54 -0.51
N GLY G 197 35.45 -62.45 -1.47
CA GLY G 197 35.85 -63.81 -1.21
C GLY G 197 34.89 -64.79 -1.84
N ASP G 198 33.62 -64.42 -1.86
CA ASP G 198 32.54 -65.22 -2.41
C ASP G 198 32.05 -64.59 -3.71
N VAL G 199 30.79 -64.84 -4.06
CA VAL G 199 30.21 -64.45 -5.34
C VAL G 199 28.81 -63.90 -5.07
N THR G 200 28.33 -63.10 -6.02
CA THR G 200 27.00 -62.49 -5.96
C THR G 200 26.29 -62.73 -7.28
N LEU G 201 25.22 -63.51 -7.24
CA LEU G 201 24.47 -63.90 -8.43
C LEU G 201 23.23 -63.01 -8.54
N ARG G 202 23.15 -62.25 -9.62
CA ARG G 202 22.06 -61.30 -9.84
C ARG G 202 21.25 -61.73 -11.05
N CYS G 203 20.07 -62.29 -10.80
CA CYS G 203 19.13 -62.58 -11.86
C CYS G 203 18.43 -61.27 -12.25
N TRP G 204 18.51 -60.93 -13.53
CA TRP G 204 17.98 -59.69 -14.10
C TRP G 204 16.65 -59.94 -14.81
N ALA G 205 15.89 -58.86 -14.96
CA ALA G 205 14.66 -58.91 -15.75
C ALA G 205 14.34 -57.51 -16.26
N LEU G 206 14.15 -57.39 -17.58
CA LEU G 206 13.90 -56.11 -18.22
C LEU G 206 12.65 -56.19 -19.10
N GLY G 207 12.04 -55.03 -19.31
CA GLY G 207 10.84 -54.92 -20.15
C GLY G 207 9.56 -55.20 -19.35
N PHE G 208 8.94 -56.34 -19.63
CA PHE G 208 7.68 -56.81 -19.05
C PHE G 208 6.67 -55.72 -18.71
N TYR G 209 6.19 -55.00 -19.72
CA TYR G 209 4.99 -54.20 -19.53
C TYR G 209 3.83 -55.16 -19.24
N PRO G 210 2.99 -54.86 -18.23
CA PRO G 210 2.92 -53.68 -17.35
C PRO G 210 4.09 -53.56 -16.35
N ALA G 211 3.96 -54.14 -15.14
CA ALA G 211 5.03 -54.10 -14.16
C ALA G 211 4.72 -54.86 -12.86
N ASP G 212 3.79 -55.80 -12.88
CA ASP G 212 3.43 -56.55 -11.68
C ASP G 212 4.09 -57.92 -11.70
N ILE G 213 5.39 -57.91 -11.46
CA ILE G 213 6.23 -59.09 -11.60
C ILE G 213 6.37 -59.81 -10.26
N THR G 214 6.34 -61.14 -10.30
CA THR G 214 6.55 -61.98 -9.12
C THR G 214 7.53 -63.08 -9.50
N LEU G 215 8.71 -63.07 -8.89
CA LEU G 215 9.71 -64.09 -9.14
C LEU G 215 9.53 -65.26 -8.17
N THR G 216 10.31 -66.31 -8.38
CA THR G 216 10.30 -67.49 -7.52
C THR G 216 11.73 -67.94 -7.31
N TRP G 217 12.24 -67.84 -6.08
CA TRP G 217 13.64 -68.20 -5.84
C TRP G 217 13.77 -69.59 -5.21
N ASN G 220 18.36 -75.61 -5.91
CA ASN G 220 18.06 -75.59 -4.49
C ASN G 220 16.64 -76.04 -4.23
N GLY G 221 15.73 -75.67 -5.13
CA GLY G 221 14.33 -76.03 -5.01
C GLY G 221 13.56 -75.36 -3.89
N GLU G 222 14.25 -74.67 -2.97
CA GLU G 222 13.62 -73.98 -1.86
C GLU G 222 13.65 -72.47 -2.12
N GLU G 223 13.47 -71.68 -1.06
CA GLU G 223 13.43 -70.22 -1.16
C GLU G 223 14.47 -69.61 -0.24
N LEU G 224 14.90 -68.39 -0.58
CA LEU G 224 15.93 -67.66 0.16
C LEU G 224 15.34 -66.34 0.66
N THR G 225 14.35 -66.46 1.55
CA THR G 225 13.63 -65.29 2.01
C THR G 225 14.53 -64.33 2.77
N GLN G 226 15.43 -64.87 3.61
CA GLN G 226 16.21 -64.02 4.50
C GLN G 226 17.40 -63.38 3.81
N GLU G 227 18.14 -64.16 3.03
CA GLU G 227 19.43 -63.72 2.48
C GLU G 227 19.33 -63.27 1.03
N MET G 228 18.32 -62.48 0.69
CA MET G 228 18.13 -62.03 -0.68
C MET G 228 18.07 -60.51 -0.74
N GLU G 229 18.73 -59.96 -1.75
CA GLU G 229 18.62 -58.54 -2.05
C GLU G 229 17.52 -58.31 -3.09
N LEU G 230 17.18 -57.05 -3.32
CA LEU G 230 16.07 -56.69 -4.18
C LEU G 230 16.16 -55.19 -4.46
N VAL G 231 15.35 -54.73 -5.41
CA VAL G 231 15.19 -53.32 -5.70
C VAL G 231 13.73 -53.06 -6.06
N GLU G 232 13.27 -51.85 -5.77
CA GLU G 232 11.92 -51.46 -6.18
C GLU G 232 11.83 -51.48 -7.71
N THR G 233 10.69 -51.97 -8.21
CA THR G 233 10.48 -52.04 -9.65
C THR G 233 10.59 -50.66 -10.27
N ARG G 234 11.53 -50.50 -11.19
CA ARG G 234 11.78 -49.16 -11.71
C ARG G 234 11.29 -49.04 -13.15
N PRO G 235 10.84 -47.86 -13.57
CA PRO G 235 10.38 -47.70 -14.95
C PRO G 235 11.56 -47.66 -15.92
N ALA G 236 11.46 -48.45 -16.98
CA ALA G 236 12.46 -48.49 -18.05
C ALA G 236 11.77 -48.27 -19.37
N GLY G 237 12.27 -47.30 -20.14
CA GLY G 237 11.64 -46.95 -21.39
C GLY G 237 10.38 -46.12 -21.19
N ASP G 238 9.69 -45.87 -22.30
CA ASP G 238 8.49 -45.05 -22.29
C ASP G 238 7.25 -45.80 -21.82
N GLY G 239 7.41 -47.02 -21.30
CA GLY G 239 6.29 -47.78 -20.80
C GLY G 239 6.69 -49.12 -20.23
N THR G 240 8.00 -49.42 -20.29
CA THR G 240 8.53 -50.66 -19.77
C THR G 240 8.90 -50.52 -18.30
N PHE G 241 9.29 -51.64 -17.70
CA PHE G 241 9.73 -51.68 -16.32
C PHE G 241 10.98 -52.56 -16.25
N GLN G 242 11.59 -52.61 -15.06
CA GLN G 242 12.84 -53.32 -14.89
C GLN G 242 13.03 -53.65 -13.41
N LYS G 243 13.66 -54.81 -13.16
CA LYS G 243 13.90 -55.24 -11.79
C LYS G 243 14.95 -56.36 -11.80
N TRP G 244 15.77 -56.39 -10.76
CA TRP G 244 16.77 -57.43 -10.57
C TRP G 244 16.81 -57.85 -9.11
N ALA G 245 17.29 -59.07 -8.88
CA ALA G 245 17.48 -59.57 -7.51
C ALA G 245 18.79 -60.34 -7.44
N SER G 246 19.46 -60.25 -6.30
CA SER G 246 20.78 -60.84 -6.14
C SER G 246 20.86 -61.65 -4.85
N VAL G 247 21.70 -62.68 -4.87
CA VAL G 247 21.94 -63.57 -3.74
C VAL G 247 23.43 -63.87 -3.67
N VAL G 248 23.99 -63.83 -2.47
CA VAL G 248 25.42 -64.07 -2.25
C VAL G 248 25.63 -65.55 -1.97
N VAL G 249 26.47 -66.19 -2.77
CA VAL G 249 26.83 -67.60 -2.57
C VAL G 249 28.35 -67.71 -2.60
N PRO G 250 28.91 -68.77 -2.02
CA PRO G 250 30.36 -68.96 -2.12
C PRO G 250 30.79 -69.23 -3.55
N LEU G 251 32.01 -68.79 -3.87
CA LEU G 251 32.51 -68.90 -5.24
C LEU G 251 32.66 -70.36 -5.64
N GLY G 252 32.33 -70.66 -6.89
CA GLY G 252 32.34 -72.01 -7.39
C GLY G 252 30.99 -72.70 -7.24
N LYS G 253 30.82 -73.77 -8.02
CA LYS G 253 29.59 -74.57 -8.05
C LYS G 253 28.42 -73.65 -8.38
N GLU G 254 27.42 -73.50 -7.50
CA GLU G 254 26.31 -72.57 -7.68
C GLU G 254 25.42 -72.92 -8.87
N GLN G 255 25.43 -74.19 -9.32
CA GLN G 255 24.47 -74.64 -10.32
C GLN G 255 23.18 -75.15 -9.70
N LYS G 256 23.11 -75.21 -8.37
CA LYS G 256 21.92 -75.74 -7.69
C LYS G 256 20.88 -74.65 -7.49
N TYR G 257 21.29 -73.46 -7.06
CA TYR G 257 20.36 -72.39 -6.76
C TYR G 257 19.67 -71.93 -8.04
N THR G 258 18.35 -72.04 -8.08
CA THR G 258 17.56 -71.70 -9.25
C THR G 258 16.76 -70.43 -9.01
N CYS G 259 16.70 -69.57 -10.03
CA CYS G 259 15.80 -68.42 -10.02
C CYS G 259 14.79 -68.58 -11.15
N HIS G 260 13.52 -68.69 -10.77
CA HIS G 260 12.38 -68.79 -11.66
C HIS G 260 11.64 -67.44 -11.70
N VAL G 261 10.76 -67.30 -12.70
CA VAL G 261 10.03 -66.05 -12.91
C VAL G 261 8.58 -66.38 -13.26
N GLU G 262 7.64 -65.94 -12.44
CA GLU G 262 6.22 -66.20 -12.67
C GLU G 262 5.52 -64.90 -13.05
N HIS G 263 5.27 -64.73 -14.35
CA HIS G 263 4.58 -63.55 -14.85
C HIS G 263 3.14 -63.90 -15.23
N GLU G 264 2.38 -62.85 -15.55
CA GLU G 264 0.97 -63.03 -15.90
C GLU G 264 0.81 -63.78 -17.22
N GLU G 268 5.32 -69.31 -19.37
CA GLU G 268 6.33 -70.28 -18.95
C GLU G 268 7.27 -69.69 -17.90
N PRO G 269 7.15 -70.16 -16.66
CA PRO G 269 8.02 -69.66 -15.59
C PRO G 269 9.49 -69.90 -15.91
N LEU G 270 10.23 -68.80 -16.09
CA LEU G 270 11.63 -68.85 -16.47
C LEU G 270 12.49 -69.51 -15.40
N THR G 271 12.51 -70.84 -15.37
CA THR G 271 13.25 -71.60 -14.37
C THR G 271 14.70 -71.70 -14.80
N LEU G 272 15.54 -70.77 -14.31
CA LEU G 272 16.94 -70.70 -14.70
C LEU G 272 17.80 -70.62 -13.45
N ARG G 273 18.71 -71.58 -13.29
CA ARG G 273 19.64 -71.60 -12.16
C ARG G 273 20.87 -70.74 -12.43
N TRP G 274 21.49 -70.89 -13.60
CA TRP G 274 22.70 -70.19 -13.96
C TRP G 274 22.93 -70.40 -15.46
N GLY G 275 23.59 -69.43 -16.08
CA GLY G 275 23.88 -69.49 -17.50
C GLY G 275 24.71 -70.71 -17.90
N ILE H 2 3.94 -34.77 8.18
CA ILE H 2 5.06 -35.70 8.12
C ILE H 2 5.71 -35.65 6.73
N GLN H 3 7.04 -35.57 6.72
CA GLN H 3 7.81 -35.45 5.48
C GLN H 3 8.53 -36.77 5.20
N ARG H 4 8.52 -37.17 3.94
CA ARG H 4 9.07 -38.47 3.53
C ARG H 4 10.32 -38.26 2.69
N THR H 5 11.39 -38.98 3.04
CA THR H 5 12.62 -38.95 2.27
C THR H 5 12.44 -39.75 0.99
N PRO H 6 12.85 -39.23 -0.16
CA PRO H 6 12.63 -39.96 -1.42
C PRO H 6 13.62 -41.09 -1.60
N LYS H 7 13.11 -42.21 -2.10
CA LYS H 7 13.96 -43.31 -2.53
C LYS H 7 14.49 -42.98 -3.93
N ILE H 8 15.80 -43.13 -4.11
CA ILE H 8 16.48 -42.72 -5.33
C ILE H 8 17.17 -43.92 -5.95
N GLN H 9 16.86 -44.17 -7.22
CA GLN H 9 17.50 -45.24 -8.00
C GLN H 9 17.98 -44.63 -9.30
N VAL H 10 19.29 -44.47 -9.44
CA VAL H 10 19.91 -44.01 -10.68
C VAL H 10 20.38 -45.24 -11.45
N TYR H 11 20.02 -45.32 -12.73
CA TYR H 11 20.32 -46.50 -13.52
C TYR H 11 20.27 -46.13 -14.99
N SER H 12 20.55 -47.12 -15.84
CA SER H 12 20.51 -46.96 -17.28
C SER H 12 19.24 -47.58 -17.84
N ARG H 13 18.69 -46.95 -18.89
CA ARG H 13 17.48 -47.47 -19.51
C ARG H 13 17.72 -48.82 -20.14
N HIS H 14 18.93 -49.07 -20.61
CA HIS H 14 19.29 -50.32 -21.26
C HIS H 14 20.72 -50.64 -20.93
N PRO H 15 21.12 -51.91 -20.99
CA PRO H 15 22.54 -52.24 -20.89
C PRO H 15 23.30 -51.71 -22.09
N ALA H 16 24.57 -51.38 -21.87
CA ALA H 16 25.39 -50.75 -22.90
C ALA H 16 26.78 -51.37 -22.93
N GLU H 17 27.29 -51.58 -24.14
CA GLU H 17 28.67 -52.00 -24.32
C GLU H 17 29.53 -50.74 -24.55
N ASN H 18 30.73 -50.91 -25.09
CA ASN H 18 31.69 -49.82 -25.17
C ASN H 18 31.24 -48.78 -26.19
N GLY H 19 30.77 -47.63 -25.71
CA GLY H 19 30.38 -46.54 -26.58
C GLY H 19 29.13 -46.79 -27.39
N LYS H 20 27.96 -46.69 -26.74
CA LYS H 20 26.69 -46.98 -27.39
C LYS H 20 25.75 -45.79 -27.24
N SER H 21 24.55 -45.94 -27.81
CA SER H 21 23.51 -44.92 -27.78
C SER H 21 22.37 -45.44 -26.93
N ASN H 22 22.16 -44.84 -25.77
CA ASN H 22 21.08 -45.24 -24.87
C ASN H 22 20.74 -44.07 -23.97
N PHE H 23 19.77 -44.30 -23.08
CA PHE H 23 19.29 -43.30 -22.15
C PHE H 23 19.75 -43.65 -20.74
N LEU H 24 19.78 -42.65 -19.87
CA LEU H 24 20.07 -42.82 -18.46
C LEU H 24 18.98 -42.13 -17.66
N ASN H 25 18.51 -42.78 -16.60
CA ASN H 25 17.39 -42.26 -15.83
C ASN H 25 17.65 -42.36 -14.33
N CYS H 26 17.31 -41.27 -13.64
CA CYS H 26 17.23 -41.23 -12.19
C CYS H 26 15.75 -41.26 -11.82
N TYR H 27 15.35 -42.27 -11.07
CA TYR H 27 13.97 -42.52 -10.70
C TYR H 27 13.84 -42.32 -9.19
N VAL H 28 13.09 -41.30 -8.80
CA VAL H 28 12.86 -41.01 -7.39
C VAL H 28 11.39 -41.23 -7.08
N SER H 29 11.13 -41.71 -5.87
CA SER H 29 9.78 -42.07 -5.50
C SER H 29 9.58 -41.86 -4.00
N GLY H 30 8.33 -41.95 -3.58
CA GLY H 30 8.00 -41.82 -2.17
C GLY H 30 8.30 -40.46 -1.59
N PHE H 31 8.60 -39.48 -2.44
CA PHE H 31 8.91 -38.14 -1.98
C PHE H 31 7.68 -37.50 -1.35
N HIS H 32 7.91 -36.67 -0.34
CA HIS H 32 6.85 -35.90 0.29
C HIS H 32 7.46 -34.83 1.18
N PRO H 33 7.11 -33.56 0.92
CA PRO H 33 6.14 -33.11 -0.08
C PRO H 33 6.68 -33.14 -1.50
N SER H 34 5.97 -32.44 -2.40
CA SER H 34 6.20 -32.54 -3.83
C SER H 34 7.09 -31.41 -4.32
N ASP H 35 7.35 -31.43 -5.63
CA ASP H 35 8.11 -30.39 -6.34
C ASP H 35 9.45 -30.12 -5.64
N ILE H 36 10.36 -31.08 -5.80
CA ILE H 36 11.68 -31.01 -5.21
C ILE H 36 12.70 -30.73 -6.30
N GLU H 37 13.93 -30.42 -5.89
CA GLU H 37 15.01 -30.10 -6.80
C GLU H 37 15.93 -31.30 -6.95
N VAL H 38 16.01 -31.81 -8.18
CA VAL H 38 16.85 -32.94 -8.55
C VAL H 38 17.48 -32.64 -9.91
N ASP H 39 18.75 -32.97 -10.06
CA ASP H 39 19.49 -32.68 -11.28
C ASP H 39 20.53 -33.77 -11.51
N LEU H 40 20.73 -34.13 -12.76
CA LEU H 40 21.72 -35.12 -13.14
C LEU H 40 23.04 -34.44 -13.47
N LEU H 41 24.12 -34.93 -12.89
CA LEU H 41 25.43 -34.30 -13.05
C LEU H 41 26.47 -35.33 -13.47
N LYS H 42 27.39 -34.89 -14.35
CA LYS H 42 28.54 -35.66 -14.76
C LYS H 42 29.79 -34.92 -14.32
N ASN H 43 30.65 -35.60 -13.55
CA ASN H 43 31.86 -35.01 -13.00
C ASN H 43 31.55 -33.76 -12.17
N GLY H 44 30.34 -33.70 -11.60
CA GLY H 44 29.92 -32.55 -10.83
C GLY H 44 29.31 -31.42 -11.63
N GLU H 45 28.94 -31.66 -12.89
CA GLU H 45 28.35 -30.64 -13.74
C GLU H 45 26.97 -31.08 -14.19
N ARG H 46 25.95 -30.28 -13.85
CA ARG H 46 24.61 -30.58 -14.33
C ARG H 46 24.56 -30.47 -15.85
N ILE H 47 23.88 -31.44 -16.48
CA ILE H 47 23.79 -31.45 -17.93
C ILE H 47 22.98 -30.25 -18.40
N GLU H 48 23.45 -29.61 -19.48
CA GLU H 48 22.81 -28.39 -19.97
C GLU H 48 21.55 -28.67 -20.77
N LYS H 49 21.37 -29.87 -21.30
CA LYS H 49 20.21 -30.23 -22.10
C LYS H 49 19.55 -31.44 -21.43
N VAL H 50 18.58 -31.18 -20.56
CA VAL H 50 17.96 -32.20 -19.73
C VAL H 50 16.48 -32.32 -20.09
N GLU H 51 15.98 -33.56 -20.07
CA GLU H 51 14.56 -33.85 -20.19
C GLU H 51 13.98 -34.03 -18.80
N HIS H 52 13.01 -33.20 -18.44
CA HIS H 52 12.33 -33.30 -17.16
C HIS H 52 10.91 -33.80 -17.37
N SER H 53 10.43 -34.61 -16.44
CA SER H 53 9.09 -35.18 -16.52
C SER H 53 8.15 -34.50 -15.53
N ASP H 54 6.85 -34.65 -15.78
CA ASP H 54 5.84 -34.05 -14.92
C ASP H 54 5.62 -34.90 -13.68
N LEU H 55 5.12 -34.24 -12.63
CA LEU H 55 4.93 -34.88 -11.33
C LEU H 55 3.95 -36.04 -11.44
N SER H 56 4.18 -37.10 -10.66
CA SER H 56 3.21 -38.17 -10.61
C SER H 56 2.94 -38.57 -9.17
N PHE H 57 1.72 -39.05 -8.92
CA PHE H 57 1.32 -39.48 -7.58
C PHE H 57 1.17 -41.00 -7.55
N SER H 58 1.55 -41.59 -6.42
CA SER H 58 1.41 -43.02 -6.20
C SER H 58 0.19 -43.31 -5.34
N LYS H 59 -0.10 -44.60 -5.18
CA LYS H 59 -1.26 -45.02 -4.41
C LYS H 59 -1.15 -44.60 -2.95
N ASP H 60 0.06 -44.65 -2.39
CA ASP H 60 0.28 -44.39 -0.98
C ASP H 60 0.43 -42.91 -0.67
N TRP H 61 -0.24 -42.06 -1.45
CA TRP H 61 -0.24 -40.61 -1.29
C TRP H 61 1.12 -39.98 -1.55
N SER H 62 2.17 -40.79 -1.67
CA SER H 62 3.50 -40.27 -1.93
C SER H 62 3.67 -39.96 -3.42
N PHE H 63 4.56 -39.02 -3.70
CA PHE H 63 4.81 -38.62 -5.08
C PHE H 63 6.06 -39.30 -5.62
N TYR H 64 6.10 -39.42 -6.94
CA TYR H 64 7.28 -39.93 -7.62
C TYR H 64 7.50 -39.14 -8.89
N LEU H 65 8.78 -39.00 -9.24
CA LEU H 65 9.24 -38.28 -10.40
C LEU H 65 10.40 -39.05 -11.03
N LEU H 66 10.60 -38.80 -12.31
CA LEU H 66 11.64 -39.49 -13.07
C LEU H 66 12.31 -38.51 -14.02
N TYR H 67 13.61 -38.31 -13.85
CA TYR H 67 14.39 -37.53 -14.79
C TYR H 67 15.27 -38.47 -15.60
N TYR H 68 15.65 -38.04 -16.80
CA TYR H 68 16.29 -38.94 -17.74
C TYR H 68 16.80 -38.15 -18.94
N THR H 69 17.99 -38.50 -19.41
CA THR H 69 18.57 -37.90 -20.61
C THR H 69 19.28 -38.97 -21.42
N GLU H 70 19.27 -38.80 -22.74
CA GLU H 70 20.07 -39.65 -23.61
C GLU H 70 21.55 -39.30 -23.45
N PHE H 71 22.40 -40.31 -23.57
CA PHE H 71 23.82 -40.08 -23.39
C PHE H 71 24.61 -41.17 -24.11
N THR H 72 25.86 -40.83 -24.44
CA THR H 72 26.80 -41.76 -25.05
C THR H 72 27.77 -42.22 -23.97
N PRO H 73 27.55 -43.38 -23.35
CA PRO H 73 28.45 -43.82 -22.27
C PRO H 73 29.79 -44.30 -22.83
N THR H 74 30.86 -43.76 -22.27
CA THR H 74 32.20 -44.24 -22.55
C THR H 74 32.63 -45.17 -21.41
N GLU H 75 33.92 -45.46 -21.31
CA GLU H 75 34.43 -46.33 -20.26
C GLU H 75 34.99 -45.56 -19.07
N LYS H 76 35.41 -44.32 -19.26
CA LYS H 76 36.06 -43.54 -18.22
C LYS H 76 35.22 -42.38 -17.71
N ASP H 77 33.90 -42.42 -17.96
CA ASP H 77 33.00 -41.37 -17.53
C ASP H 77 32.28 -41.77 -16.24
N GLU H 78 31.82 -40.76 -15.52
CA GLU H 78 31.14 -40.96 -14.23
C GLU H 78 29.91 -40.06 -14.17
N TYR H 79 28.75 -40.65 -13.96
CA TYR H 79 27.49 -39.93 -13.91
C TYR H 79 26.82 -40.16 -12.55
N ALA H 80 25.98 -39.21 -12.15
CA ALA H 80 25.35 -39.29 -10.83
C ALA H 80 24.08 -38.44 -10.82
N CYS H 81 23.24 -38.72 -9.82
CA CYS H 81 21.99 -38.01 -9.60
C CYS H 81 22.09 -37.22 -8.30
N ARG H 82 21.49 -36.03 -8.29
CA ARG H 82 21.59 -35.12 -7.16
C ARG H 82 20.20 -34.68 -6.74
N VAL H 83 19.91 -34.76 -5.44
CA VAL H 83 18.60 -34.38 -4.91
C VAL H 83 18.82 -33.54 -3.67
N ASN H 84 17.97 -32.52 -3.47
CA ASN H 84 18.00 -31.75 -2.22
C ASN H 84 16.57 -31.54 -1.74
N HIS H 85 16.05 -32.52 -1.00
CA HIS H 85 14.78 -32.41 -0.31
C HIS H 85 14.95 -31.59 0.97
N VAL H 86 13.83 -31.29 1.62
CA VAL H 86 13.87 -30.56 2.89
C VAL H 86 14.20 -31.46 4.07
N THR H 87 14.10 -32.77 3.91
CA THR H 87 14.32 -33.67 5.02
C THR H 87 15.79 -33.81 5.39
N LEU H 88 16.70 -33.49 4.47
CA LEU H 88 18.13 -33.66 4.68
C LEU H 88 18.83 -32.31 4.57
N SER H 89 19.81 -32.11 5.46
CA SER H 89 20.47 -30.80 5.54
C SER H 89 21.39 -30.57 4.35
N GLN H 90 21.90 -31.63 3.73
CA GLN H 90 22.86 -31.50 2.66
C GLN H 90 22.36 -32.19 1.40
N PRO H 91 22.54 -31.58 0.23
CA PRO H 91 22.05 -32.20 -1.01
C PRO H 91 22.75 -33.52 -1.31
N LYS H 92 22.00 -34.62 -1.27
CA LYS H 92 22.59 -35.93 -1.46
C LYS H 92 22.83 -36.21 -2.94
N ILE H 93 23.82 -37.06 -3.21
CA ILE H 93 24.18 -37.46 -4.56
C ILE H 93 24.43 -38.96 -4.57
N VAL H 94 23.88 -39.66 -5.56
CA VAL H 94 24.01 -41.10 -5.70
C VAL H 94 24.60 -41.41 -7.06
N LYS H 95 25.48 -42.40 -7.11
CA LYS H 95 26.14 -42.81 -8.34
C LYS H 95 25.60 -44.17 -8.77
N TRP H 96 25.66 -44.41 -10.07
CA TRP H 96 25.16 -45.65 -10.65
C TRP H 96 26.31 -46.49 -11.19
N ASP H 97 26.09 -47.79 -11.23
CA ASP H 97 27.00 -48.72 -11.90
C ASP H 97 26.18 -49.69 -12.72
N ARG H 98 26.83 -50.29 -13.72
CA ARG H 98 26.13 -51.21 -14.61
C ARG H 98 25.60 -52.45 -13.90
N ASP H 99 26.07 -52.73 -12.69
CA ASP H 99 25.65 -53.90 -11.91
C ASP H 99 25.88 -55.21 -12.68
N ALA I 11 -9.43 -39.03 46.65
CA ALA I 11 -10.36 -39.13 45.53
C ALA I 11 -11.28 -37.92 45.48
N VAL I 12 -10.95 -36.95 44.63
CA VAL I 12 -11.74 -35.74 44.49
C VAL I 12 -11.91 -35.40 43.02
N ASP I 13 -12.25 -34.14 42.74
CA ASP I 13 -12.64 -33.72 41.41
C ASP I 13 -11.42 -33.48 40.50
N VAL I 14 -11.71 -33.35 39.21
CA VAL I 14 -10.73 -33.05 38.17
C VAL I 14 -11.32 -31.95 37.31
N VAL I 15 -10.47 -31.07 36.80
CA VAL I 15 -10.94 -29.93 35.99
C VAL I 15 -10.15 -29.89 34.68
N LEU I 16 -10.86 -29.66 33.57
CA LEU I 16 -10.24 -29.60 32.27
C LEU I 16 -10.86 -28.50 31.41
N ASP I 17 -10.02 -27.89 30.57
CA ASP I 17 -10.41 -26.80 29.69
C ASP I 17 -10.19 -27.22 28.24
N CYS I 18 -11.22 -27.04 27.41
CA CYS I 18 -11.13 -27.39 26.00
C CYS I 18 -12.11 -26.51 25.22
N PHE I 19 -12.45 -26.95 24.01
CA PHE I 19 -13.32 -26.19 23.11
C PHE I 19 -14.57 -27.00 22.83
N LEU I 20 -15.70 -26.30 22.72
CA LEU I 20 -16.97 -26.95 22.40
C LEU I 20 -17.95 -25.96 21.79
N ASP I 35 -16.35 -20.73 14.63
CA ASP I 35 -17.09 -21.34 15.73
C ASP I 35 -16.16 -21.72 16.87
N ARG I 36 -16.45 -22.86 17.49
CA ARG I 36 -15.67 -23.41 18.59
C ARG I 36 -15.55 -22.42 19.74
N ALA I 37 -16.63 -22.29 20.52
CA ALA I 37 -16.65 -21.39 21.66
C ALA I 37 -15.98 -22.03 22.86
N ARG I 38 -15.43 -21.19 23.74
CA ARG I 38 -14.75 -21.68 24.94
C ARG I 38 -15.76 -22.32 25.87
N ALA I 39 -15.51 -23.58 26.24
CA ALA I 39 -16.37 -24.30 27.15
C ALA I 39 -15.51 -25.09 28.13
N SER I 40 -15.98 -25.17 29.37
CA SER I 40 -15.28 -25.93 30.40
C SER I 40 -15.81 -27.35 30.47
N LEU I 41 -15.02 -28.24 31.07
CA LEU I 41 -15.47 -29.62 31.27
C LEU I 41 -14.70 -30.22 32.44
N VAL I 42 -15.41 -30.68 33.47
CA VAL I 42 -14.76 -31.18 34.66
C VAL I 42 -15.07 -32.66 34.88
N LEU I 43 -14.80 -33.12 36.10
CA LEU I 43 -15.02 -34.49 36.55
C LEU I 43 -15.31 -34.39 38.04
N LYS I 44 -16.42 -34.95 38.48
CA LYS I 44 -16.90 -34.70 39.84
C LYS I 44 -16.08 -35.47 40.87
N GLN I 45 -16.00 -36.79 40.72
CA GLN I 45 -15.35 -37.64 41.71
C GLN I 45 -14.66 -38.78 40.96
N VAL I 46 -13.34 -38.76 40.91
CA VAL I 46 -12.58 -39.79 40.21
C VAL I 46 -11.76 -40.58 41.23
N PRO I 47 -11.10 -41.69 40.85
CA PRO I 47 -10.22 -42.38 41.79
C PRO I 47 -9.02 -41.54 42.23
N VAL I 48 -8.11 -42.16 42.96
CA VAL I 48 -6.93 -41.47 43.47
C VAL I 48 -5.83 -42.49 43.73
N LEU I 49 -4.87 -42.12 44.56
CA LEU I 49 -3.73 -42.99 44.88
C LEU I 49 -2.99 -42.37 46.07
N ASP I 50 -1.92 -43.04 46.48
CA ASP I 50 -1.11 -42.57 47.60
C ASP I 50 0.09 -41.77 47.10
N PHE I 60 -14.34 -15.59 31.91
CA PHE I 60 -13.07 -16.24 32.18
C PHE I 60 -13.22 -17.76 32.20
N GLN I 61 -14.45 -18.24 32.39
CA GLN I 61 -14.77 -19.66 32.39
C GLN I 61 -15.53 -20.08 31.14
N GLY I 62 -15.36 -19.33 30.05
CA GLY I 62 -16.06 -19.68 28.81
C GLY I 62 -17.51 -19.25 28.88
N GLY I 63 -18.40 -20.18 28.55
CA GLY I 63 -19.82 -19.93 28.62
C GLY I 63 -20.59 -21.19 28.95
N THR I 64 -19.90 -22.33 28.89
CA THR I 64 -20.52 -23.63 29.13
C THR I 64 -19.59 -24.44 30.02
N LEU I 65 -20.17 -25.17 30.98
CA LEU I 65 -19.40 -25.95 31.92
C LEU I 65 -19.57 -27.45 31.77
N ALA I 66 -20.74 -27.91 31.33
CA ALA I 66 -21.00 -29.33 31.08
C ALA I 66 -20.53 -30.20 32.25
N GLN I 67 -21.29 -30.19 33.34
CA GLN I 67 -20.90 -30.91 34.54
C GLN I 67 -21.20 -32.39 34.37
N ASP I 68 -20.17 -33.22 34.36
CA ASP I 68 -20.30 -34.63 34.01
C ASP I 68 -20.85 -35.41 35.21
N ASP I 69 -20.73 -36.73 35.13
CA ASP I 69 -21.05 -37.63 36.25
C ASP I 69 -20.16 -38.85 36.14
N PRO I 70 -18.97 -38.79 36.73
CA PRO I 70 -18.01 -39.90 36.62
C PRO I 70 -18.54 -41.21 37.15
N PRO I 71 -19.41 -41.24 38.21
CA PRO I 71 -20.00 -42.52 38.61
C PRO I 71 -20.77 -43.21 37.50
N ILE I 72 -21.28 -44.41 37.79
CA ILE I 72 -21.99 -45.27 36.84
C ILE I 72 -20.98 -45.80 35.81
N ILE I 73 -19.71 -45.41 35.98
CA ILE I 73 -18.65 -45.77 35.04
C ILE I 73 -17.33 -45.66 35.79
N PHE I 74 -16.39 -46.54 35.45
CA PHE I 74 -15.04 -46.52 36.04
C PHE I 74 -14.09 -45.87 35.03
N GLU I 75 -13.55 -44.71 35.39
CA GLU I 75 -12.49 -44.07 34.61
C GLU I 75 -11.15 -44.54 35.17
N ALA I 76 -10.37 -45.21 34.32
CA ALA I 76 -9.21 -45.99 34.76
C ALA I 76 -8.24 -45.22 35.65
N SER I 77 -7.52 -44.26 35.08
CA SER I 77 -6.40 -43.65 35.79
C SER I 77 -6.75 -42.24 36.27
N VAL I 78 -5.72 -41.52 36.73
CA VAL I 78 -5.87 -40.20 37.31
C VAL I 78 -4.78 -39.28 36.76
N ASP I 79 -4.85 -38.98 35.47
CA ASP I 79 -3.84 -38.17 34.79
C ASP I 79 -4.51 -36.88 34.30
N LEU I 80 -4.66 -35.93 35.22
CA LEU I 80 -5.17 -34.62 34.84
C LEU I 80 -4.10 -33.77 34.16
N VAL I 81 -2.84 -33.96 34.54
CA VAL I 81 -1.73 -33.24 33.91
C VAL I 81 -0.56 -34.21 33.71
N LYS I 97 -1.91 -27.53 23.08
CA LYS I 97 -0.67 -28.30 23.03
C LYS I 97 -0.56 -29.23 24.24
N GLU I 98 -0.93 -28.69 25.41
CA GLU I 98 -0.89 -29.48 26.63
C GLU I 98 -1.97 -30.56 26.63
N VAL I 99 -3.23 -30.15 26.46
CA VAL I 99 -4.37 -31.06 26.38
C VAL I 99 -5.42 -30.41 25.50
N THR I 100 -5.88 -31.13 24.48
CA THR I 100 -6.87 -30.60 23.53
C THR I 100 -7.97 -31.65 23.32
N CYS I 101 -9.10 -31.45 23.99
CA CYS I 101 -10.28 -32.27 23.78
C CYS I 101 -11.36 -31.47 23.05
N GLU I 102 -12.35 -32.19 22.54
CA GLU I 102 -13.38 -31.60 21.69
C GLU I 102 -14.73 -32.20 22.04
N ILE I 103 -15.64 -31.37 22.55
CA ILE I 103 -17.00 -31.81 22.83
C ILE I 103 -17.85 -31.58 21.59
N SER I 104 -18.87 -32.42 21.42
CA SER I 104 -19.72 -32.33 20.24
C SER I 104 -21.02 -33.07 20.52
N ARG I 105 -22.13 -32.46 20.13
CA ARG I 105 -23.41 -33.16 20.17
C ARG I 105 -23.37 -34.35 19.22
N TYR I 106 -24.34 -35.25 19.38
CA TYR I 106 -24.33 -36.50 18.61
C TYR I 106 -24.56 -36.24 17.12
N PHE I 107 -25.73 -35.76 16.76
CA PHE I 107 -26.06 -35.45 15.37
C PHE I 107 -27.35 -34.66 15.34
N LEU I 108 -27.91 -34.46 14.14
CA LEU I 108 -29.23 -33.88 14.04
C LEU I 108 -30.30 -34.87 14.48
N GLN I 109 -30.12 -36.14 14.15
CA GLN I 109 -31.01 -37.21 14.58
C GLN I 109 -30.28 -38.17 15.52
N MET I 110 -31.04 -39.11 16.07
CA MET I 110 -30.51 -40.10 16.98
C MET I 110 -30.30 -41.44 16.28
N THR I 111 -29.26 -42.15 16.70
CA THR I 111 -28.90 -43.46 16.15
C THR I 111 -28.75 -43.40 14.64
N THR I 117 -36.12 -33.62 23.77
CA THR I 117 -36.04 -34.88 24.47
C THR I 117 -34.77 -34.95 25.32
N ALA I 118 -33.66 -35.37 24.69
CA ALA I 118 -32.39 -35.47 25.38
C ALA I 118 -31.27 -35.52 24.34
N ALA I 119 -30.15 -34.88 24.66
CA ALA I 119 -29.00 -34.82 23.79
C ALA I 119 -27.84 -35.61 24.40
N TRP I 120 -26.89 -35.98 23.54
CA TRP I 120 -25.73 -36.78 23.94
C TRP I 120 -24.48 -36.14 23.36
N PHE I 121 -23.66 -35.55 24.23
CA PHE I 121 -22.41 -34.95 23.80
C PHE I 121 -21.31 -36.02 23.76
N MET I 122 -20.10 -35.60 23.41
CA MET I 122 -18.95 -36.50 23.37
C MET I 122 -17.69 -35.68 23.44
N ALA I 123 -16.71 -36.14 24.22
CA ALA I 123 -15.45 -35.40 24.35
C ALA I 123 -14.30 -36.38 24.42
N ASN I 124 -13.15 -35.98 23.88
CA ASN I 124 -11.99 -36.87 23.78
C ASN I 124 -10.72 -36.11 24.17
N VAL I 125 -10.26 -36.31 25.40
CA VAL I 125 -9.00 -35.74 25.85
C VAL I 125 -7.86 -36.38 25.08
N GLN I 126 -7.37 -35.68 24.05
CA GLN I 126 -6.26 -36.18 23.23
C GLN I 126 -5.23 -35.06 23.11
N VAL I 127 -4.13 -35.19 23.84
CA VAL I 127 -3.13 -34.13 23.89
C VAL I 127 -2.32 -34.09 22.60
N SER I 128 -1.73 -32.93 22.32
CA SER I 128 -0.89 -32.74 21.14
C SER I 128 0.57 -32.94 21.49
N GLY I 129 1.29 -33.63 20.61
CA GLY I 129 2.68 -33.96 20.86
C GLY I 129 2.82 -35.26 21.63
N GLY I 130 2.51 -35.22 22.93
CA GLY I 130 2.59 -36.40 23.77
C GLY I 130 1.70 -36.32 24.99
N GLY I 131 0.62 -37.11 25.01
CA GLY I 131 -0.30 -37.13 26.11
C GLY I 131 -1.36 -38.20 25.97
N PRO I 132 -2.04 -38.54 27.07
CA PRO I 132 -3.04 -39.61 27.03
C PRO I 132 -4.23 -39.25 26.16
N SER I 133 -5.00 -40.29 25.82
CA SER I 133 -6.16 -40.12 24.95
C SER I 133 -7.31 -41.01 25.41
N ILE I 134 -8.48 -40.40 25.61
CA ILE I 134 -9.71 -41.11 25.97
C ILE I 134 -10.85 -40.49 25.17
N SER I 135 -11.97 -41.21 25.14
CA SER I 135 -13.18 -40.73 24.47
C SER I 135 -14.39 -41.08 25.33
N LEU I 136 -15.38 -40.19 25.32
CA LEU I 136 -16.50 -40.30 26.25
C LEU I 136 -17.78 -39.75 25.62
N VAL I 137 -18.91 -40.28 26.06
CA VAL I 137 -20.23 -39.85 25.61
C VAL I 137 -21.06 -39.44 26.81
N MET I 138 -21.69 -38.26 26.71
CA MET I 138 -22.44 -37.64 27.79
C MET I 138 -23.93 -37.62 27.47
N LYS I 139 -24.74 -37.78 28.52
CA LYS I 139 -26.18 -37.83 28.42
C LYS I 139 -26.80 -36.67 29.20
N THR I 140 -27.86 -36.07 28.63
CA THR I 140 -28.58 -34.95 29.21
C THR I 140 -29.96 -35.39 29.68
N PRO I 141 -30.43 -34.88 30.82
CA PRO I 141 -31.78 -35.22 31.33
C PRO I 141 -32.89 -35.00 30.32
N ARG I 142 -34.05 -35.58 30.58
CA ARG I 142 -35.18 -35.48 29.66
C ARG I 142 -35.96 -34.18 29.88
N VAL I 143 -36.67 -34.10 31.01
CA VAL I 143 -37.41 -32.90 31.45
C VAL I 143 -38.18 -32.23 30.32
N GLU I 147 -42.49 -26.51 32.05
CA GLU I 147 -42.10 -27.26 30.87
C GLU I 147 -41.60 -26.34 29.75
N VAL I 148 -40.32 -25.96 29.81
CA VAL I 148 -39.67 -25.09 28.84
C VAL I 148 -38.21 -25.57 28.78
N LEU I 149 -37.37 -24.91 27.99
CA LEU I 149 -35.92 -25.12 27.95
C LEU I 149 -35.21 -23.90 28.56
N TRP I 150 -33.94 -23.72 28.24
CA TRP I 150 -33.18 -22.60 28.77
C TRP I 150 -31.89 -22.43 27.97
N HIS I 151 -31.07 -21.47 28.39
CA HIS I 151 -29.73 -21.19 27.89
C HIS I 151 -29.74 -20.66 26.46
N PRO I 152 -30.03 -19.39 26.27
CA PRO I 152 -30.11 -18.85 24.91
C PRO I 152 -28.75 -18.80 24.23
N THR I 153 -28.80 -18.62 22.90
CA THR I 153 -27.64 -18.40 22.04
C THR I 153 -26.70 -19.59 22.01
N LEU I 154 -27.01 -20.64 22.78
CA LEU I 154 -26.18 -21.84 22.74
C LEU I 154 -27.01 -23.05 22.37
N ASN I 155 -27.76 -23.58 23.32
CA ASN I 155 -28.60 -24.73 23.07
C ASN I 155 -29.54 -24.89 24.26
N LEU I 156 -30.32 -25.97 24.24
CA LEU I 156 -31.50 -26.20 25.08
C LEU I 156 -31.24 -26.46 26.57
N PRO I 157 -30.25 -27.26 26.97
CA PRO I 157 -30.12 -27.59 28.41
C PRO I 157 -29.52 -26.45 29.21
N LEU I 158 -29.49 -26.65 30.53
CA LEU I 158 -29.04 -25.66 31.50
C LEU I 158 -29.14 -26.28 32.89
N SER I 159 -28.34 -25.78 33.83
CA SER I 159 -28.31 -26.30 35.20
C SER I 159 -28.48 -25.17 36.21
N PRO I 160 -29.05 -25.48 37.40
CA PRO I 160 -29.34 -24.42 38.38
C PRO I 160 -28.13 -23.62 38.84
N GLN I 161 -26.93 -24.00 38.39
CA GLN I 161 -25.71 -23.29 38.74
C GLN I 161 -24.97 -22.77 37.51
N GLY I 162 -25.58 -22.84 36.33
CA GLY I 162 -24.98 -22.32 35.12
C GLY I 162 -24.21 -23.32 34.30
N THR I 163 -24.36 -24.62 34.56
CA THR I 163 -23.66 -25.65 33.82
C THR I 163 -24.68 -26.44 32.98
N VAL I 164 -24.30 -27.65 32.58
CA VAL I 164 -25.22 -28.55 31.92
C VAL I 164 -25.61 -29.73 32.80
N ARG I 165 -24.72 -30.17 33.69
CA ARG I 165 -24.96 -31.28 34.61
C ARG I 165 -25.42 -32.53 33.83
N THR I 166 -24.44 -33.14 33.16
CA THR I 166 -24.66 -34.32 32.34
C THR I 166 -24.21 -35.57 33.07
N ALA I 167 -24.29 -36.72 32.39
CA ALA I 167 -23.90 -37.98 32.99
C ALA I 167 -23.33 -38.91 31.91
N VAL I 168 -22.11 -39.41 32.14
CA VAL I 168 -21.45 -40.25 31.16
C VAL I 168 -22.18 -41.58 31.03
N GLU I 169 -22.22 -42.13 29.81
CA GLU I 169 -22.92 -43.38 29.59
C GLU I 169 -22.01 -44.55 29.23
N PHE I 170 -21.02 -44.34 28.36
CA PHE I 170 -20.01 -45.36 28.10
C PHE I 170 -18.74 -44.67 27.63
N GLN I 171 -17.59 -45.26 27.95
CA GLN I 171 -16.31 -44.61 27.74
C GLN I 171 -15.32 -45.53 27.05
N VAL I 172 -14.52 -44.95 26.15
CA VAL I 172 -13.39 -45.62 25.52
C VAL I 172 -12.12 -44.93 26.00
N MET I 173 -11.02 -45.68 26.00
CA MET I 173 -9.77 -45.15 26.53
C MET I 173 -8.59 -45.89 25.92
N THR I 174 -7.50 -45.16 25.70
CA THR I 174 -6.23 -45.78 25.36
C THR I 174 -5.15 -45.25 26.29
N GLN I 175 -4.23 -46.13 26.67
CA GLN I 175 -3.08 -45.72 27.48
C GLN I 175 -1.86 -45.40 26.62
N THR I 176 -1.76 -45.99 25.43
CA THR I 176 -0.65 -45.79 24.52
C THR I 176 -1.19 -45.25 23.21
N GLN I 177 -0.94 -43.95 22.97
CA GLN I 177 -1.36 -43.34 21.71
C GLN I 177 -0.45 -43.73 20.55
N SER I 178 0.85 -43.88 20.81
CA SER I 178 1.78 -44.25 19.76
C SER I 178 3.05 -44.80 20.40
N LEU I 179 3.68 -45.76 19.72
CA LEU I 179 5.02 -46.19 20.12
C LEU I 179 5.67 -46.94 18.97
N SER I 180 7.00 -46.97 19.02
CA SER I 180 7.82 -47.62 18.01
C SER I 180 8.57 -48.76 18.68
N PHE I 181 8.15 -49.99 18.38
CA PHE I 181 8.88 -51.17 18.80
C PHE I 181 9.78 -51.63 17.67
N LEU I 182 10.44 -52.78 17.86
CA LEU I 182 11.44 -53.26 16.92
C LEU I 182 10.78 -54.09 15.81
N LEU I 183 11.61 -54.59 14.90
CA LEU I 183 11.09 -55.23 13.69
C LEU I 183 10.44 -56.57 14.00
N GLY I 184 11.06 -57.39 14.85
CA GLY I 184 10.52 -58.70 15.17
C GLY I 184 9.92 -58.83 16.55
N SER I 185 9.79 -57.74 17.29
CA SER I 185 9.31 -57.79 18.66
C SER I 185 7.79 -57.67 18.70
N SER I 186 7.16 -58.42 19.60
CA SER I 186 5.73 -58.32 19.82
C SER I 186 5.41 -57.06 20.63
N ALA I 187 4.13 -56.70 20.64
CA ALA I 187 3.69 -55.51 21.36
C ALA I 187 2.22 -55.64 21.71
N SER I 188 1.73 -54.71 22.53
CA SER I 188 0.35 -54.70 22.99
C SER I 188 -0.20 -53.28 22.89
N LEU I 189 -1.01 -53.04 21.86
CA LEU I 189 -1.72 -51.78 21.68
C LEU I 189 -3.01 -51.84 22.49
N ASP I 190 -3.09 -51.08 23.56
CA ASP I 190 -4.18 -51.22 24.52
C ASP I 190 -5.40 -50.39 24.13
N CYS I 191 -6.58 -51.03 24.25
CA CYS I 191 -7.87 -50.38 24.07
C CYS I 191 -8.76 -50.82 25.22
N GLY I 192 -9.50 -49.87 25.82
CA GLY I 192 -10.31 -50.17 26.97
C GLY I 192 -11.64 -49.44 26.92
N PHE I 193 -12.57 -49.91 27.73
CA PHE I 193 -13.91 -49.32 27.74
C PHE I 193 -14.63 -49.61 29.04
N SER I 194 -15.72 -48.87 29.26
CA SER I 194 -16.56 -48.99 30.43
C SER I 194 -18.00 -48.73 30.02
N MET I 195 -18.93 -49.59 30.47
CA MET I 195 -20.35 -49.48 30.14
C MET I 195 -21.19 -49.41 31.40
N ALA I 196 -22.14 -48.48 31.40
CA ALA I 196 -23.03 -48.30 32.52
C ALA I 196 -23.98 -49.49 32.66
N PRO I 197 -24.60 -49.65 33.83
CA PRO I 197 -25.71 -50.62 33.95
C PRO I 197 -26.75 -50.39 32.86
N GLY I 198 -27.43 -51.46 32.49
CA GLY I 198 -28.19 -51.38 31.27
C GLY I 198 -27.22 -51.31 30.10
N LEU I 199 -27.71 -50.79 28.99
CA LEU I 199 -26.91 -50.64 27.78
C LEU I 199 -26.30 -51.98 27.36
N ASP I 200 -27.07 -53.04 27.56
CA ASP I 200 -26.58 -54.39 27.30
C ASP I 200 -26.32 -54.59 25.82
N LEU I 201 -25.14 -54.19 25.35
CA LEU I 201 -24.74 -54.35 23.97
C LEU I 201 -23.24 -54.10 23.87
N ILE I 202 -22.61 -54.68 22.85
CA ILE I 202 -21.18 -54.54 22.65
C ILE I 202 -20.81 -55.11 21.29
N SER I 203 -19.63 -54.72 20.79
CA SER I 203 -19.02 -55.26 19.58
C SER I 203 -17.64 -54.63 19.39
N VAL I 204 -16.61 -55.44 19.23
CA VAL I 204 -15.23 -54.96 19.17
C VAL I 204 -14.70 -55.17 17.76
N GLU I 205 -13.97 -54.16 17.26
CA GLU I 205 -13.41 -54.18 15.91
C GLU I 205 -12.03 -53.53 15.94
N TRP I 206 -11.02 -54.26 15.52
CA TRP I 206 -9.64 -53.78 15.47
C TRP I 206 -9.22 -53.73 14.01
N ARG I 207 -8.96 -52.53 13.48
CA ARG I 207 -8.58 -52.35 12.09
C ARG I 207 -7.29 -51.55 12.00
N LEU I 208 -6.69 -51.53 10.82
CA LEU I 208 -5.50 -50.74 10.54
C LEU I 208 -5.75 -49.90 9.28
N GLN I 209 -5.05 -48.77 9.19
CA GLN I 209 -5.12 -47.90 8.01
C GLN I 209 -3.74 -47.31 7.76
N HIS I 210 -3.08 -47.75 6.70
CA HIS I 210 -1.78 -47.21 6.31
C HIS I 210 -1.54 -47.51 4.85
N LYS I 211 -0.65 -46.71 4.24
CA LYS I 211 -0.26 -46.87 2.84
C LYS I 211 -1.46 -46.81 1.89
N GLY I 212 -2.54 -46.17 2.30
CA GLY I 212 -3.71 -46.01 1.46
C GLY I 212 -4.67 -47.17 1.46
N ARG I 213 -4.41 -48.23 2.21
CA ARG I 213 -5.31 -49.39 2.24
C ARG I 213 -5.17 -50.09 3.58
N GLY I 214 -6.32 -50.37 4.22
CA GLY I 214 -6.31 -51.08 5.48
C GLY I 214 -7.38 -52.15 5.50
N GLN I 215 -7.18 -53.14 6.37
CA GLN I 215 -8.07 -54.28 6.47
C GLN I 215 -8.34 -54.57 7.94
N LEU I 216 -9.48 -55.22 8.19
CA LEU I 216 -9.83 -55.62 9.54
C LEU I 216 -8.83 -56.64 10.07
N VAL I 217 -8.23 -56.32 11.21
CA VAL I 217 -7.21 -57.14 11.84
C VAL I 217 -7.82 -58.20 12.75
N TYR I 218 -8.84 -57.84 13.53
CA TYR I 218 -9.42 -58.77 14.50
C TYR I 218 -10.82 -58.31 14.86
N SER I 219 -11.81 -59.16 14.60
CA SER I 219 -13.20 -58.86 14.92
C SER I 219 -13.62 -59.62 16.17
N TRP I 220 -14.61 -59.08 16.87
CA TRP I 220 -15.18 -59.75 18.04
C TRP I 220 -16.63 -59.34 18.17
N THR I 221 -17.53 -60.26 17.86
CA THR I 221 -18.95 -60.04 18.09
C THR I 221 -19.23 -60.32 19.56
N ALA I 222 -20.51 -60.48 19.91
CA ALA I 222 -20.83 -60.94 21.26
C ALA I 222 -20.31 -62.35 21.43
N GLY I 223 -19.08 -62.48 21.93
CA GLY I 223 -18.53 -63.79 22.26
C GLY I 223 -18.18 -64.69 21.08
N GLN I 224 -17.57 -64.12 20.04
CA GLN I 224 -17.17 -64.88 18.85
C GLN I 224 -16.44 -63.92 17.92
N GLY I 225 -15.87 -64.49 16.86
CA GLY I 225 -15.32 -63.72 15.76
C GLY I 225 -13.81 -63.67 15.77
N GLN I 226 -13.23 -63.44 14.59
CA GLN I 226 -11.79 -63.31 14.40
C GLN I 226 -11.52 -62.82 12.98
N ALA I 227 -10.33 -62.25 12.80
CA ALA I 227 -9.84 -61.87 11.48
C ALA I 227 -8.41 -62.35 11.31
N VAL I 228 -8.01 -62.57 10.06
CA VAL I 228 -6.82 -63.36 9.75
C VAL I 228 -5.53 -62.56 9.83
N ARG I 229 -5.60 -61.26 10.07
CA ARG I 229 -4.38 -60.45 10.09
C ARG I 229 -3.56 -60.77 11.34
N LYS I 230 -2.47 -61.51 11.13
CA LYS I 230 -1.56 -61.94 12.19
C LYS I 230 -2.21 -62.90 13.16
N GLY I 231 -3.52 -63.06 13.08
CA GLY I 231 -4.23 -63.83 14.09
C GLY I 231 -3.99 -63.26 15.45
N ALA I 232 -4.57 -62.09 15.70
CA ALA I 232 -4.44 -61.44 17.01
C ALA I 232 -5.11 -62.29 18.08
N THR I 233 -5.05 -61.84 19.33
CA THR I 233 -5.63 -62.61 20.42
C THR I 233 -5.65 -61.80 21.71
N LEU I 234 -5.74 -62.51 22.83
CA LEU I 234 -5.48 -61.94 24.15
C LEU I 234 -4.47 -62.86 24.83
N GLU I 235 -4.27 -62.69 26.14
CA GLU I 235 -3.39 -63.58 26.89
C GLU I 235 -3.45 -63.29 28.38
N MET I 241 -16.30 -53.20 36.07
CA MET I 241 -16.69 -51.90 35.50
C MET I 241 -15.58 -51.31 34.63
N ALA I 242 -14.53 -52.12 34.39
CA ALA I 242 -13.41 -51.71 33.55
C ALA I 242 -13.04 -52.91 32.69
N ARG I 243 -13.40 -52.86 31.40
CA ARG I 243 -13.19 -54.00 30.51
C ARG I 243 -12.10 -53.66 29.49
N ASP I 244 -11.16 -54.60 29.32
CA ASP I 244 -10.00 -54.41 28.46
C ASP I 244 -10.24 -55.05 27.10
N ALA I 245 -9.85 -54.33 26.05
CA ALA I 245 -9.88 -54.84 24.68
C ALA I 245 -8.53 -54.64 24.01
N SER I 246 -7.45 -54.67 24.79
CA SER I 246 -6.12 -54.50 24.24
C SER I 246 -5.83 -55.58 23.21
N LEU I 247 -4.93 -55.26 22.29
CA LEU I 247 -4.62 -56.13 21.17
C LEU I 247 -3.13 -56.41 21.19
N THR I 248 -2.76 -57.69 21.16
CA THR I 248 -1.36 -58.10 21.23
C THR I 248 -0.94 -58.66 19.88
N LEU I 249 -0.01 -57.98 19.21
CA LEU I 249 0.50 -58.54 17.96
C LEU I 249 1.88 -59.12 18.18
N PRO I 250 2.14 -60.31 17.63
CA PRO I 250 3.46 -60.92 17.79
C PRO I 250 4.55 -60.23 16.99
N GLY I 251 5.46 -61.01 16.42
CA GLY I 251 6.55 -60.49 15.63
C GLY I 251 6.07 -59.61 14.49
N LEU I 252 6.29 -58.30 14.62
CA LEU I 252 5.80 -57.36 13.64
C LEU I 252 6.57 -57.48 12.34
N THR I 253 6.24 -56.61 11.38
CA THR I 253 6.92 -56.57 10.09
C THR I 253 6.79 -55.15 9.54
N ILE I 254 7.64 -54.84 8.55
CA ILE I 254 7.55 -53.53 7.90
C ILE I 254 6.21 -53.38 7.21
N GLN I 255 5.59 -54.48 6.80
CA GLN I 255 4.26 -54.45 6.20
C GLN I 255 3.19 -54.08 7.23
N ASP I 256 3.50 -54.14 8.52
CA ASP I 256 2.52 -53.91 9.57
C ASP I 256 2.64 -52.54 10.22
N GLU I 257 3.68 -51.77 9.91
CA GLU I 257 3.87 -50.46 10.54
C GLU I 257 2.80 -49.49 10.05
N GLY I 258 2.08 -48.89 10.97
CA GLY I 258 1.03 -47.96 10.59
C GLY I 258 0.19 -47.54 11.77
N THR I 259 -0.99 -47.00 11.45
CA THR I 259 -1.92 -46.45 12.44
C THR I 259 -3.10 -47.39 12.60
N TYR I 260 -3.38 -47.77 13.86
CA TYR I 260 -4.44 -48.69 14.19
C TYR I 260 -5.67 -47.95 14.73
N ILE I 261 -6.82 -48.63 14.66
CA ILE I 261 -8.10 -48.08 15.06
C ILE I 261 -8.89 -49.17 15.78
N CYS I 262 -9.53 -48.80 16.87
CA CYS I 262 -10.27 -49.73 17.73
C CYS I 262 -11.68 -49.17 17.91
N GLN I 263 -12.64 -49.73 17.18
CA GLN I 263 -14.03 -49.28 17.22
C GLN I 263 -14.85 -50.22 18.08
N ILE I 264 -15.66 -49.64 18.97
CA ILE I 264 -16.60 -50.38 19.80
C ILE I 264 -17.98 -49.82 19.54
N THR I 265 -18.89 -50.66 19.05
CA THR I 265 -20.26 -50.28 18.77
C THR I 265 -21.18 -51.02 19.73
N THR I 266 -21.88 -50.26 20.58
CA THR I 266 -22.75 -50.83 21.60
C THR I 266 -24.07 -50.08 21.55
N SER I 267 -25.12 -50.71 21.02
CA SER I 267 -26.44 -50.08 20.87
C SER I 267 -26.83 -49.25 22.09
N LEU I 268 -27.12 -47.97 21.88
CA LEU I 268 -27.16 -47.40 20.53
C LEU I 268 -26.10 -46.32 20.32
N TYR I 269 -24.85 -46.66 20.63
CA TYR I 269 -23.68 -45.79 20.54
C TYR I 269 -22.58 -46.49 19.74
N ARG I 270 -21.53 -45.73 19.43
CA ARG I 270 -20.36 -46.27 18.73
C ARG I 270 -19.22 -45.27 18.90
N ALA I 271 -18.09 -45.73 19.44
CA ALA I 271 -16.93 -44.87 19.61
C ALA I 271 -15.65 -45.68 19.47
N GLN I 272 -14.59 -45.02 19.03
CA GLN I 272 -13.33 -45.67 18.67
C GLN I 272 -12.17 -44.99 19.37
N GLN I 273 -10.96 -45.47 19.07
CA GLN I 273 -9.72 -44.88 19.56
C GLN I 273 -8.59 -45.30 18.63
N ILE I 274 -7.61 -44.42 18.46
CA ILE I 274 -6.56 -44.63 17.47
C ILE I 274 -5.21 -44.82 18.16
N ILE I 275 -4.33 -45.55 17.48
CA ILE I 275 -2.95 -45.77 17.92
C ILE I 275 -2.04 -45.65 16.71
N GLN I 276 -0.75 -45.54 16.97
CA GLN I 276 0.25 -45.45 15.91
C GLN I 276 1.47 -46.28 16.29
N LEU I 277 1.65 -47.41 15.62
CA LEU I 277 2.74 -48.33 15.89
C LEU I 277 3.74 -48.24 14.75
N ASN I 278 5.00 -47.94 15.07
CA ASN I 278 6.04 -47.83 14.05
C ASN I 278 7.09 -48.91 14.25
N ILE I 279 7.45 -49.60 13.15
CA ILE I 279 8.46 -50.63 13.19
C ILE I 279 9.81 -50.01 12.83
N GLN I 280 10.88 -50.74 13.12
CA GLN I 280 12.23 -50.23 12.86
C GLN I 280 13.23 -51.37 12.92
N ALA I 281 14.30 -51.24 12.14
CA ALA I 281 15.35 -52.24 12.06
C ALA I 281 16.71 -51.61 12.33
N SER I 282 17.60 -52.39 12.96
CA SER I 282 18.94 -51.93 13.32
C SER I 282 19.95 -52.46 12.31
N PRO I 283 20.82 -51.60 11.79
CA PRO I 283 21.75 -52.01 10.73
C PRO I 283 23.09 -52.49 11.25
N LYS I 284 23.87 -53.07 10.34
CA LYS I 284 25.24 -53.50 10.61
C LYS I 284 26.15 -52.88 9.57
N VAL I 285 27.24 -52.25 10.03
CA VAL I 285 28.16 -51.58 9.13
C VAL I 285 29.31 -52.51 8.78
N ARG I 286 29.84 -52.34 7.57
CA ARG I 286 30.90 -53.20 7.06
C ARG I 286 31.71 -52.42 6.04
N LEU I 287 33.02 -52.64 6.03
CA LEU I 287 33.93 -51.94 5.14
C LEU I 287 34.68 -52.94 4.26
N SER I 288 35.25 -52.41 3.18
CA SER I 288 36.05 -53.16 2.23
C SER I 288 36.69 -52.19 1.26
N LEU I 289 37.83 -52.57 0.72
CA LEU I 289 38.56 -51.73 -0.23
C LEU I 289 38.22 -52.14 -1.66
N ALA I 290 38.92 -51.55 -2.62
CA ALA I 290 38.72 -51.86 -4.03
C ALA I 290 39.92 -51.44 -4.87
N LEU I 294 46.21 -49.19 -7.16
CA LEU I 294 45.97 -47.88 -7.76
C LEU I 294 45.22 -46.96 -6.79
N LEU I 295 43.90 -47.10 -6.76
CA LEU I 295 43.06 -46.29 -5.89
C LEU I 295 41.87 -47.10 -5.38
N PRO I 296 41.81 -47.38 -4.08
CA PRO I 296 40.70 -48.15 -3.53
C PRO I 296 39.56 -47.28 -3.03
N THR I 297 38.36 -47.85 -3.01
CA THR I 297 37.15 -47.18 -2.56
C THR I 297 36.58 -47.93 -1.35
N LEU I 298 36.79 -47.35 -0.16
CA LEU I 298 36.12 -47.76 1.06
C LEU I 298 34.60 -47.68 0.92
N ILE I 299 33.95 -48.84 0.86
CA ILE I 299 32.49 -48.93 0.79
C ILE I 299 31.97 -49.21 2.18
N CYS I 300 31.12 -48.33 2.68
CA CYS I 300 30.47 -48.51 3.98
C CYS I 300 29.10 -49.10 3.71
N ASP I 301 28.96 -50.40 4.00
CA ASP I 301 27.72 -51.13 3.75
C ASP I 301 26.78 -50.98 4.94
N ILE I 302 25.51 -50.74 4.64
CA ILE I 302 24.46 -50.62 5.64
C ILE I 302 23.34 -51.56 5.24
N ALA I 303 22.85 -52.36 6.20
CA ALA I 303 21.87 -53.41 5.92
C ALA I 303 20.81 -53.42 7.00
N GLY I 304 19.57 -53.10 6.62
CA GLY I 304 18.43 -53.23 7.51
C GLY I 304 18.27 -52.11 8.52
N TYR I 305 17.89 -50.92 8.08
CA TYR I 305 17.83 -49.77 8.96
C TYR I 305 16.51 -49.03 8.83
N TYR I 306 15.41 -49.77 8.66
CA TYR I 306 14.09 -49.15 8.58
C TYR I 306 13.85 -48.23 9.77
N PRO I 307 13.37 -47.00 9.52
CA PRO I 307 12.92 -46.35 8.28
C PRO I 307 14.02 -45.91 7.31
N LEU I 308 14.07 -44.62 6.99
CA LEU I 308 14.91 -44.11 5.91
C LEU I 308 15.69 -42.88 6.36
N ASP I 309 16.32 -42.96 7.53
CA ASP I 309 17.12 -41.86 8.08
C ASP I 309 18.57 -42.31 8.14
N VAL I 310 19.34 -41.96 7.12
CA VAL I 310 20.78 -42.24 7.07
C VAL I 310 21.51 -40.90 7.00
N VAL I 311 22.68 -40.83 7.66
CA VAL I 311 23.41 -39.58 7.82
C VAL I 311 24.90 -39.84 7.63
N VAL I 312 25.70 -38.76 7.67
CA VAL I 312 27.13 -38.78 7.40
C VAL I 312 27.90 -38.38 8.68
N THR I 313 29.11 -37.80 8.53
CA THR I 313 29.92 -37.17 9.61
C THR I 313 30.68 -38.23 10.45
N TRP I 314 31.57 -38.96 9.79
CA TRP I 314 31.99 -40.31 10.21
C TRP I 314 33.49 -40.38 10.54
N THR I 315 33.95 -39.65 11.56
CA THR I 315 35.39 -39.68 11.84
C THR I 315 35.70 -40.04 13.29
N ARG I 316 36.72 -40.89 13.46
CA ARG I 316 37.26 -41.28 14.76
C ARG I 316 36.19 -41.67 15.79
N ALA I 329 30.31 -38.70 1.74
CA ALA I 329 30.46 -38.07 0.42
C ALA I 329 29.41 -38.60 -0.54
N SER I 330 29.75 -39.69 -1.23
CA SER I 330 28.89 -40.28 -2.23
C SER I 330 27.98 -41.34 -1.61
N PHE I 331 26.87 -41.62 -2.29
CA PHE I 331 25.96 -42.66 -1.86
C PHE I 331 25.81 -43.71 -2.95
N SER I 332 24.64 -44.32 -3.05
CA SER I 332 24.40 -45.32 -4.09
C SER I 332 22.89 -45.47 -4.26
N SER I 333 22.50 -46.30 -5.23
CA SER I 333 21.10 -46.58 -5.47
C SER I 333 20.54 -47.45 -4.36
N LEU I 334 19.29 -47.20 -3.98
CA LEU I 334 18.67 -47.88 -2.85
C LEU I 334 18.35 -49.35 -3.16
N ARG I 335 19.27 -50.24 -2.83
CA ARG I 335 19.06 -51.68 -2.98
C ARG I 335 18.54 -52.22 -1.65
N GLN I 336 17.29 -52.64 -1.63
CA GLN I 336 16.57 -53.01 -0.43
C GLN I 336 16.51 -54.53 -0.25
N SER I 337 16.69 -54.99 0.98
CA SER I 337 16.62 -56.40 1.30
C SER I 337 15.17 -56.85 1.45
N VAL I 338 14.97 -58.17 1.37
CA VAL I 338 13.63 -58.71 1.56
C VAL I 338 13.16 -58.42 2.97
N ALA I 339 11.83 -58.31 3.13
CA ALA I 339 11.07 -57.99 4.34
C ALA I 339 11.04 -56.49 4.61
N GLY I 340 11.74 -55.68 3.82
CA GLY I 340 11.57 -54.23 3.87
C GLY I 340 12.40 -53.51 4.93
N THR I 341 13.63 -53.96 5.13
CA THR I 341 14.58 -53.29 6.03
C THR I 341 15.69 -52.73 5.16
N TYR I 342 15.60 -51.43 4.85
CA TYR I 342 16.40 -50.80 3.81
C TYR I 342 17.89 -51.04 3.97
N SER I 343 18.64 -50.91 2.87
CA SER I 343 20.07 -51.14 2.86
C SER I 343 20.70 -50.23 1.81
N ILE I 344 21.87 -49.67 2.12
CA ILE I 344 22.52 -48.70 1.24
C ILE I 344 24.01 -48.68 1.58
N SER I 345 24.83 -48.39 0.57
CA SER I 345 26.28 -48.33 0.73
C SER I 345 26.76 -46.93 0.36
N SER I 346 27.81 -46.48 1.05
CA SER I 346 28.42 -45.17 0.79
C SER I 346 29.87 -45.38 0.39
N SER I 347 30.23 -44.89 -0.79
CA SER I 347 31.56 -45.07 -1.34
C SER I 347 32.43 -43.85 -1.02
N LEU I 348 33.68 -44.11 -0.65
CA LEU I 348 34.63 -43.07 -0.29
C LEU I 348 36.02 -43.47 -0.76
N THR I 349 36.78 -42.52 -1.30
CA THR I 349 38.09 -42.85 -1.84
C THR I 349 39.08 -43.12 -0.69
N ALA I 350 40.37 -43.16 -1.03
CA ALA I 350 41.41 -43.53 -0.09
C ALA I 350 42.11 -42.29 0.44
N GLU I 351 43.05 -42.51 1.36
CA GLU I 351 43.89 -41.45 1.89
C GLU I 351 45.21 -42.05 2.39
N PRO I 352 46.09 -42.51 1.51
CA PRO I 352 47.37 -43.05 1.97
C PRO I 352 48.46 -41.99 2.01
N GLY I 353 49.67 -42.38 1.62
CA GLY I 353 50.80 -41.49 1.75
C GLY I 353 51.84 -42.04 2.70
N SER I 354 51.61 -41.91 4.01
CA SER I 354 52.57 -42.41 4.99
C SER I 354 52.06 -42.45 6.42
N ALA I 355 50.78 -42.11 6.64
CA ALA I 355 50.00 -42.38 7.86
C ALA I 355 49.93 -41.24 8.86
N GLY I 356 49.11 -41.42 9.90
CA GLY I 356 48.91 -40.44 10.96
C GLY I 356 47.48 -39.97 11.15
N ALA I 357 46.51 -40.51 10.41
CA ALA I 357 45.13 -40.05 10.46
C ALA I 357 44.23 -41.18 9.99
N THR I 358 43.04 -41.29 10.60
CA THR I 358 42.14 -42.39 10.32
C THR I 358 40.70 -41.92 10.28
N TYR I 359 39.96 -42.40 9.27
CA TYR I 359 38.54 -42.11 9.09
C TYR I 359 37.70 -43.33 9.45
N THR I 360 36.44 -43.09 9.78
CA THR I 360 35.54 -44.15 10.21
C THR I 360 34.26 -44.08 9.38
N CYS I 361 33.22 -44.81 9.83
CA CYS I 361 31.88 -44.70 9.24
C CYS I 361 30.87 -44.68 10.40
N GLN I 362 30.73 -43.50 11.02
CA GLN I 362 29.79 -43.29 12.12
C GLN I 362 28.44 -42.91 11.55
N VAL I 363 27.67 -43.93 11.16
CA VAL I 363 26.32 -43.72 10.64
C VAL I 363 25.42 -43.20 11.76
N THR I 364 24.49 -42.32 11.40
CA THR I 364 23.56 -41.73 12.36
C THR I 364 22.13 -42.08 11.96
N HIS I 365 21.35 -42.56 12.93
CA HIS I 365 19.96 -42.91 12.73
C HIS I 365 19.21 -42.62 14.04
N ILE I 366 18.11 -43.31 14.30
CA ILE I 366 17.39 -43.18 15.56
C ILE I 366 17.87 -44.31 16.46
N SER I 367 18.77 -43.97 17.38
CA SER I 367 19.38 -44.93 18.29
C SER I 367 20.12 -44.15 19.38
N LEU I 368 20.89 -44.85 20.21
CA LEU I 368 21.67 -44.22 21.26
C LEU I 368 22.85 -43.46 20.68
N GLU I 369 23.86 -44.19 20.20
CA GLU I 369 25.01 -43.59 19.55
C GLU I 369 25.40 -44.49 18.39
N GLU I 370 26.63 -44.34 17.90
CA GLU I 370 27.18 -45.19 16.86
C GLU I 370 28.69 -45.01 16.75
N PRO I 371 29.43 -46.07 16.41
CA PRO I 371 30.88 -45.94 16.29
C PRO I 371 31.46 -46.90 15.26
N LEU I 372 32.59 -46.53 14.67
CA LEU I 372 33.25 -47.36 13.67
C LEU I 372 34.72 -46.93 13.58
N GLY I 373 35.43 -47.48 12.62
CA GLY I 373 36.82 -47.14 12.43
C GLY I 373 37.37 -47.85 11.21
N ALA I 374 38.47 -47.31 10.70
CA ALA I 374 39.17 -47.90 9.56
C ALA I 374 40.66 -47.62 9.70
N SER I 375 41.45 -48.50 9.09
CA SER I 375 42.90 -48.44 9.23
C SER I 375 43.44 -47.20 8.54
N THR I 376 44.75 -46.99 8.68
CA THR I 376 45.38 -45.86 8.00
C THR I 376 45.55 -46.11 6.52
N GLN I 377 45.26 -47.32 6.04
CA GLN I 377 45.35 -47.69 4.63
C GLN I 377 46.78 -47.55 4.09
N HIS J 3 -51.40 3.16 23.88
CA HIS J 3 -52.13 3.74 24.98
C HIS J 3 -51.18 4.22 26.08
N SER J 4 -50.63 5.43 25.90
CA SER J 4 -49.68 5.99 26.84
C SER J 4 -49.52 7.47 26.56
N LEU J 5 -49.32 8.25 27.63
CA LEU J 5 -49.06 9.69 27.55
C LEU J 5 -47.71 9.95 28.21
N ARG J 6 -46.73 10.37 27.41
CA ARG J 6 -45.36 10.49 27.88
C ARG J 6 -44.84 11.92 27.68
N TYR J 7 -44.16 12.42 28.71
CA TYR J 7 -43.50 13.72 28.68
C TYR J 7 -42.01 13.50 28.86
N PHE J 8 -41.22 14.07 27.95
CA PHE J 8 -39.76 13.99 28.01
C PHE J 8 -39.21 15.40 28.17
N VAL J 9 -38.30 15.57 29.13
CA VAL J 9 -37.64 16.84 29.38
C VAL J 9 -36.14 16.62 29.32
N THR J 10 -35.44 17.41 28.51
CA THR J 10 -34.02 17.19 28.26
C THR J 10 -33.29 18.51 28.21
N ALA J 11 -32.20 18.61 28.98
CA ALA J 11 -31.34 19.79 28.98
C ALA J 11 -29.91 19.37 28.71
N VAL J 12 -29.24 20.05 27.80
CA VAL J 12 -27.88 19.70 27.38
C VAL J 12 -27.00 20.93 27.54
N SER J 13 -26.03 20.85 28.46
CA SER J 13 -25.13 21.96 28.71
C SER J 13 -24.25 22.23 27.50
N ARG J 14 -24.02 23.51 27.22
CA ARG J 14 -23.22 23.95 26.06
C ARG J 14 -22.04 24.77 26.55
N PRO J 15 -20.88 24.14 26.74
CA PRO J 15 -19.70 24.90 27.19
C PRO J 15 -19.15 25.77 26.07
N GLY J 16 -18.80 27.01 26.42
CA GLY J 16 -18.33 27.96 25.45
C GLY J 16 -19.40 28.57 24.57
N PHE J 17 -20.66 28.11 24.69
CA PHE J 17 -21.78 28.65 23.93
C PHE J 17 -22.72 29.50 24.77
N GLY J 18 -22.98 29.11 26.02
CA GLY J 18 -23.81 29.90 26.90
C GLY J 18 -25.11 29.23 27.29
N GLU J 19 -26.14 29.40 26.47
CA GLU J 19 -27.45 28.87 26.83
C GLU J 19 -27.62 27.45 26.29
N PRO J 20 -28.25 26.57 27.07
CA PRO J 20 -28.50 25.21 26.61
C PRO J 20 -29.74 25.13 25.73
N ARG J 21 -29.68 24.28 24.71
CA ARG J 21 -30.84 24.02 23.86
C ARG J 21 -31.76 23.04 24.59
N TYR J 22 -32.51 23.59 25.54
CA TYR J 22 -33.45 22.78 26.31
C TYR J 22 -34.65 22.39 25.44
N MET J 23 -35.09 21.15 25.57
CA MET J 23 -36.16 20.64 24.73
C MET J 23 -37.07 19.73 25.54
N GLU J 24 -38.38 19.98 25.43
CA GLU J 24 -39.41 19.17 26.07
C GLU J 24 -40.37 18.69 25.00
N VAL J 25 -40.63 17.39 24.97
CA VAL J 25 -41.44 16.76 23.93
C VAL J 25 -42.60 16.03 24.59
N GLY J 26 -43.80 16.21 24.05
CA GLY J 26 -44.98 15.52 24.54
C GLY J 26 -45.55 14.57 23.51
N TYR J 27 -45.67 13.29 23.88
CA TYR J 27 -46.04 12.23 22.97
C TYR J 27 -47.25 11.46 23.51
N VAL J 28 -48.13 11.07 22.59
CA VAL J 28 -49.27 10.20 22.88
C VAL J 28 -49.12 8.94 22.05
N ASP J 29 -49.18 7.77 22.70
CA ASP J 29 -48.95 6.48 22.05
C ASP J 29 -47.64 6.58 21.28
N ASN J 30 -47.61 6.15 20.02
CA ASN J 30 -46.40 6.13 19.20
C ASN J 30 -45.97 7.51 18.72
N THR J 31 -46.86 8.50 18.72
CA THR J 31 -46.59 9.75 18.02
C THR J 31 -46.52 10.93 18.98
N GLU J 32 -45.52 11.78 18.76
CA GLU J 32 -45.41 13.05 19.47
C GLU J 32 -46.46 14.02 18.97
N PHE J 33 -47.09 14.76 19.89
CA PHE J 33 -48.14 15.69 19.55
C PHE J 33 -47.89 17.12 19.99
N VAL J 34 -47.03 17.37 20.98
CA VAL J 34 -46.70 18.74 21.39
C VAL J 34 -45.19 18.85 21.62
N ARG J 35 -44.72 20.09 21.69
CA ARG J 35 -43.30 20.34 21.79
C ARG J 35 -43.08 21.72 22.43
N PHE J 36 -41.92 21.89 23.05
CA PHE J 36 -41.52 23.17 23.62
C PHE J 36 -39.99 23.23 23.58
N ASP J 37 -39.45 24.14 22.78
CA ASP J 37 -38.02 24.31 22.64
C ASP J 37 -37.55 25.51 23.44
N SER J 38 -36.23 25.72 23.48
CA SER J 38 -35.63 26.87 24.12
C SER J 38 -34.80 27.73 23.19
N ASP J 39 -34.25 27.16 22.13
CA ASP J 39 -33.41 27.91 21.20
C ASP J 39 -34.22 28.77 20.23
N ALA J 40 -35.54 28.69 20.25
CA ALA J 40 -36.36 29.55 19.42
C ALA J 40 -36.48 30.93 20.04
N GLU J 41 -36.56 31.94 19.19
CA GLU J 41 -36.75 33.31 19.67
C GLU J 41 -38.12 33.42 20.33
N ASN J 42 -38.13 33.93 21.57
CA ASN J 42 -39.30 33.87 22.44
C ASN J 42 -39.84 32.44 22.44
N PRO J 43 -39.17 31.51 23.09
CA PRO J 43 -39.60 30.11 23.04
C PRO J 43 -40.92 29.92 23.77
N ARG J 44 -41.89 29.35 23.06
CA ARG J 44 -43.21 29.07 23.59
C ARG J 44 -43.62 27.65 23.22
N TYR J 45 -44.68 27.17 23.84
CA TYR J 45 -45.21 25.86 23.51
C TYR J 45 -45.73 25.84 22.08
N GLU J 46 -45.25 24.89 21.29
CA GLU J 46 -45.64 24.73 19.91
C GLU J 46 -46.31 23.38 19.70
N PRO J 47 -47.39 23.32 18.91
CA PRO J 47 -48.06 22.04 18.63
C PRO J 47 -47.26 21.24 17.62
N ARG J 48 -46.78 20.08 18.04
CA ARG J 48 -46.06 19.19 17.12
C ARG J 48 -46.98 18.54 16.10
N ALA J 49 -48.29 18.79 16.18
CA ALA J 49 -49.27 18.32 15.21
C ALA J 49 -50.01 19.52 14.64
N ARG J 50 -50.34 19.44 13.34
CA ARG J 50 -50.99 20.56 12.66
C ARG J 50 -52.49 20.61 12.91
N TRP J 51 -53.06 19.62 13.58
CA TRP J 51 -54.49 19.57 13.84
C TRP J 51 -54.86 20.09 15.23
N ILE J 52 -53.97 19.97 16.20
CA ILE J 52 -54.26 20.35 17.58
C ILE J 52 -54.00 21.85 17.75
N GLU J 53 -54.06 22.59 16.63
CA GLU J 53 -53.85 24.03 16.67
C GLU J 53 -54.91 24.73 17.52
N GLN J 54 -56.11 24.17 17.60
CA GLN J 54 -57.22 24.79 18.31
C GLN J 54 -57.61 23.91 19.50
N GLU J 55 -57.56 24.49 20.70
CA GLU J 55 -57.99 23.83 21.92
C GLU J 55 -58.67 24.86 22.81
N GLY J 56 -58.95 24.48 24.05
CA GLY J 56 -59.52 25.38 25.02
C GLY J 56 -58.55 26.50 25.36
N PRO J 57 -59.06 27.56 25.99
CA PRO J 57 -58.19 28.68 26.36
C PRO J 57 -57.25 28.33 27.50
N GLU J 58 -56.45 29.31 27.93
CA GLU J 58 -55.45 29.19 28.99
C GLU J 58 -54.72 27.85 28.99
N TYR J 59 -54.38 27.34 27.81
CA TYR J 59 -53.64 26.09 27.67
C TYR J 59 -52.21 26.34 27.21
N TRP J 60 -52.02 27.03 26.09
CA TRP J 60 -50.68 27.26 25.57
C TRP J 60 -49.88 28.17 26.48
N GLU J 61 -50.53 29.16 27.09
CA GLU J 61 -49.83 30.07 27.99
C GLU J 61 -49.48 29.38 29.31
N ARG J 62 -50.41 28.61 29.86
CA ARG J 62 -50.13 27.86 31.09
C ARG J 62 -48.98 26.89 30.88
N GLU J 63 -49.04 26.10 29.80
CA GLU J 63 -47.95 25.17 29.51
C GLU J 63 -46.65 25.93 29.26
N THR J 64 -46.72 27.09 28.60
CA THR J 64 -45.52 27.88 28.33
C THR J 64 -44.85 28.32 29.63
N ARG J 65 -45.65 28.83 30.57
CA ARG J 65 -45.10 29.22 31.87
C ARG J 65 -44.54 28.01 32.60
N ARG J 66 -45.21 26.86 32.48
CA ARG J 66 -44.71 25.62 33.07
C ARG J 66 -43.33 25.27 32.53
N ALA J 67 -43.13 25.44 31.22
CA ALA J 67 -41.86 25.09 30.60
C ALA J 67 -40.78 26.14 30.82
N LYS J 68 -41.15 27.40 31.08
CA LYS J 68 -40.15 28.39 31.43
C LYS J 68 -39.67 28.20 32.86
N GLY J 69 -40.61 27.99 33.79
CA GLY J 69 -40.23 27.69 35.16
C GLY J 69 -39.42 26.41 35.26
N ASN J 70 -39.91 25.34 34.64
CA ASN J 70 -39.15 24.09 34.61
C ASN J 70 -37.82 24.27 33.86
N GLU J 71 -37.78 25.21 32.91
CA GLU J 71 -36.54 25.49 32.20
C GLU J 71 -35.49 26.05 33.16
N GLN J 72 -35.85 27.10 33.90
CA GLN J 72 -34.92 27.67 34.86
C GLN J 72 -34.55 26.65 35.95
N CYS J 73 -35.55 25.92 36.45
CA CYS J 73 -35.28 24.89 37.46
C CYS J 73 -34.28 23.86 36.95
N PHE J 74 -34.39 23.49 35.67
CA PHE J 74 -33.47 22.49 35.13
C PHE J 74 -32.10 23.08 34.83
N ARG J 75 -32.02 24.38 34.54
CA ARG J 75 -30.71 25.00 34.40
C ARG J 75 -29.98 25.01 35.75
N VAL J 76 -30.63 25.55 36.78
CA VAL J 76 -30.00 25.59 38.10
C VAL J 76 -29.69 24.19 38.59
N ASP J 77 -30.62 23.26 38.38
CA ASP J 77 -30.39 21.87 38.78
C ASP J 77 -29.25 21.25 37.97
N LEU J 78 -29.02 21.72 36.75
CA LEU J 78 -27.86 21.25 36.00
C LEU J 78 -26.57 21.78 36.60
N ARG J 79 -26.58 23.03 37.07
CA ARG J 79 -25.40 23.57 37.74
C ARG J 79 -25.08 22.79 39.02
N THR J 80 -26.08 22.66 39.91
CA THR J 80 -25.86 21.92 41.14
C THR J 80 -25.53 20.47 40.87
N ALA J 81 -26.03 19.90 39.77
CA ALA J 81 -25.68 18.54 39.41
C ALA J 81 -24.22 18.44 38.97
N LEU J 82 -23.75 19.42 38.22
CA LEU J 82 -22.33 19.44 37.84
C LEU J 82 -21.43 19.73 39.04
N ARG J 83 -21.97 20.33 40.10
CA ARG J 83 -21.15 20.66 41.27
C ARG J 83 -20.61 19.42 41.97
N TYR J 84 -21.15 18.23 41.69
CA TYR J 84 -20.63 17.02 42.31
C TYR J 84 -19.31 16.58 41.68
N TYR J 85 -19.29 16.43 40.36
CA TYR J 85 -18.06 16.09 39.64
C TYR J 85 -17.62 17.25 38.75
N ASN J 86 -17.30 18.39 39.36
CA ASN J 86 -16.93 19.57 38.59
C ASN J 86 -15.46 19.53 38.20
N GLN J 87 -15.00 18.41 37.66
CA GLN J 87 -13.61 18.27 37.23
C GLN J 87 -13.39 19.10 35.97
N SER J 88 -12.64 20.21 36.11
CA SER J 88 -12.40 21.14 35.02
C SER J 88 -13.72 21.62 34.42
N ALA J 89 -14.39 22.56 35.10
CA ALA J 89 -15.69 23.02 34.66
C ALA J 89 -15.61 23.64 33.27
N GLY J 90 -16.42 23.10 32.36
CA GLY J 90 -16.41 23.55 30.98
C GLY J 90 -16.65 22.41 30.00
N GLY J 91 -17.52 21.47 30.38
CA GLY J 91 -17.84 20.33 29.55
C GLY J 91 -19.33 20.30 29.21
N SER J 92 -19.67 19.37 28.33
CA SER J 92 -21.05 19.21 27.86
C SER J 92 -21.68 18.00 28.54
N HIS J 93 -22.71 18.24 29.34
CA HIS J 93 -23.46 17.20 30.02
C HIS J 93 -24.94 17.33 29.68
N THR J 94 -25.70 16.30 30.04
CA THR J 94 -27.10 16.22 29.68
C THR J 94 -27.89 15.61 30.83
N LEU J 95 -29.03 16.21 31.15
CA LEU J 95 -29.97 15.69 32.12
C LEU J 95 -31.29 15.40 31.43
N GLN J 96 -31.84 14.21 31.67
CA GLN J 96 -33.07 13.76 31.06
C GLN J 96 -34.09 13.43 32.14
N TRP J 97 -35.36 13.41 31.73
CA TRP J 97 -36.46 13.15 32.65
C TRP J 97 -37.64 12.62 31.86
N MET J 98 -38.13 11.46 32.25
CA MET J 98 -39.27 10.81 31.60
C MET J 98 -40.40 10.68 32.60
N ALA J 99 -41.59 11.14 32.21
CA ALA J 99 -42.76 11.05 33.09
C ALA J 99 -43.98 10.80 32.22
N GLY J 100 -44.56 9.61 32.34
CA GLY J 100 -45.74 9.27 31.55
C GLY J 100 -46.59 8.23 32.25
N CYS J 101 -47.83 8.11 31.77
CA CYS J 101 -48.78 7.14 32.29
C CYS J 101 -49.27 6.24 31.16
N ASP J 102 -49.20 4.93 31.39
CA ASP J 102 -49.70 3.92 30.47
C ASP J 102 -50.99 3.33 31.02
N VAL J 103 -51.99 3.20 30.16
CA VAL J 103 -53.32 2.79 30.57
C VAL J 103 -53.76 1.60 29.71
N GLU J 104 -54.59 0.75 30.31
CA GLU J 104 -55.16 -0.39 29.61
C GLU J 104 -56.50 -0.01 28.97
N SER J 105 -56.93 -0.83 28.00
CA SER J 105 -58.10 -0.50 27.20
C SER J 105 -59.35 -0.31 28.06
N ASP J 106 -59.47 -1.05 29.16
CA ASP J 106 -60.65 -0.90 30.02
C ASP J 106 -60.73 0.50 30.60
N GLY J 107 -59.64 0.98 31.20
CA GLY J 107 -59.64 2.31 31.75
C GLY J 107 -58.73 2.48 32.95
N ARG J 108 -58.57 1.42 33.75
CA ARG J 108 -57.72 1.53 34.93
C ARG J 108 -56.26 1.68 34.53
N LEU J 109 -55.47 2.15 35.49
CA LEU J 109 -54.06 2.38 35.24
C LEU J 109 -53.34 1.08 34.92
N LEU J 110 -52.40 1.15 33.98
CA LEU J 110 -51.60 -0.01 33.58
C LEU J 110 -50.17 0.08 34.10
N ARG J 111 -49.51 1.22 33.93
CA ARG J 111 -48.14 1.37 34.34
C ARG J 111 -47.85 2.84 34.58
N GLY J 112 -47.05 3.12 35.60
CA GLY J 112 -46.64 4.48 35.93
C GLY J 112 -45.16 4.68 35.65
N TYR J 113 -44.81 5.87 35.14
CA TYR J 113 -43.45 6.15 34.70
C TYR J 113 -43.02 7.53 35.20
N TRP J 114 -41.94 7.55 35.99
CA TRP J 114 -41.31 8.78 36.46
C TRP J 114 -39.87 8.45 36.78
N GLN J 115 -38.93 9.10 36.08
CA GLN J 115 -37.55 8.67 36.15
C GLN J 115 -36.64 9.79 35.65
N PHE J 116 -35.44 9.86 36.21
CA PHE J 116 -34.43 10.84 35.83
C PHE J 116 -33.23 10.14 35.24
N ALA J 117 -32.42 10.91 34.50
CA ALA J 117 -31.25 10.37 33.84
C ALA J 117 -30.15 11.43 33.80
N TYR J 118 -28.91 10.98 33.97
CA TYR J 118 -27.75 11.85 33.89
C TYR J 118 -26.73 11.21 32.96
N ASP J 119 -26.31 11.96 31.94
CA ASP J 119 -25.38 11.47 30.93
C ASP J 119 -25.92 10.20 30.28
N GLY J 120 -27.22 10.18 30.00
CA GLY J 120 -27.86 9.03 29.40
C GLY J 120 -27.98 7.82 30.29
N CYS J 121 -27.40 7.86 31.48
CA CYS J 121 -27.49 6.77 32.43
C CYS J 121 -28.63 7.03 33.41
N ASP J 122 -29.23 5.96 33.91
CA ASP J 122 -30.25 6.08 34.94
C ASP J 122 -29.65 6.71 36.19
N TYR J 123 -30.49 7.43 36.94
CA TYR J 123 -30.03 8.08 38.15
C TYR J 123 -30.94 7.72 39.32
N ILE J 124 -32.22 8.06 39.20
CA ILE J 124 -33.21 7.71 40.21
C ILE J 124 -34.57 7.60 39.53
N ALA J 125 -35.32 6.57 39.89
CA ALA J 125 -36.60 6.29 39.26
C ALA J 125 -37.64 5.94 40.34
N LEU J 126 -38.89 5.99 39.94
CA LEU J 126 -40.01 5.66 40.82
C LEU J 126 -40.43 4.22 40.60
N ASN J 127 -40.53 3.45 41.68
CA ASN J 127 -40.80 2.03 41.58
C ASN J 127 -42.26 1.79 41.22
N GLU J 128 -42.56 0.53 40.92
CA GLU J 128 -43.90 0.16 40.50
C GLU J 128 -44.92 0.39 41.60
N ASP J 129 -44.49 0.34 42.86
CA ASP J 129 -45.40 0.54 43.98
C ASP J 129 -45.79 2.00 44.16
N LEU J 130 -45.19 2.92 43.40
CA LEU J 130 -45.47 4.36 43.50
C LEU J 130 -45.22 4.89 44.90
N LYS J 131 -44.39 4.21 45.69
CA LYS J 131 -44.05 4.64 47.04
C LYS J 131 -42.57 4.58 47.36
N THR J 132 -41.76 3.87 46.57
CA THR J 132 -40.33 3.76 46.79
C THR J 132 -39.61 4.15 45.52
N TRP J 133 -38.31 4.37 45.65
CA TRP J 133 -37.46 4.83 44.56
C TRP J 133 -36.33 3.85 44.30
N THR J 134 -35.58 4.12 43.24
CA THR J 134 -34.43 3.31 42.85
C THR J 134 -33.30 4.25 42.47
N ALA J 135 -32.15 4.10 43.13
CA ALA J 135 -31.02 4.98 42.95
C ALA J 135 -29.96 4.35 42.07
N ALA J 136 -29.07 5.19 41.54
CA ALA J 136 -27.96 4.72 40.72
C ALA J 136 -26.59 5.06 41.29
N ASP J 137 -26.52 5.83 42.37
CA ASP J 137 -25.25 6.11 43.04
C ASP J 137 -25.56 6.74 44.39
N MET J 138 -24.50 7.11 45.11
CA MET J 138 -24.67 7.66 46.45
C MET J 138 -25.47 8.95 46.42
N ALA J 139 -25.22 9.80 45.42
CA ALA J 139 -25.97 11.06 45.31
C ALA J 139 -27.46 10.77 45.20
N ALA J 140 -27.84 9.83 44.35
CA ALA J 140 -29.23 9.43 44.25
C ALA J 140 -29.74 8.77 45.53
N GLN J 141 -28.83 8.22 46.35
CA GLN J 141 -29.26 7.74 47.66
C GLN J 141 -29.64 8.89 48.58
N ILE J 142 -28.81 9.94 48.61
CA ILE J 142 -29.12 11.10 49.44
C ILE J 142 -30.42 11.76 48.97
N THR J 143 -30.56 11.94 47.65
CA THR J 143 -31.79 12.48 47.11
C THR J 143 -32.98 11.59 47.47
N ARG J 144 -32.79 10.27 47.43
CA ARG J 144 -33.87 9.36 47.77
C ARG J 144 -34.31 9.54 49.22
N ARG J 145 -33.35 9.63 50.15
CA ARG J 145 -33.71 9.78 51.55
C ARG J 145 -34.38 11.13 51.81
N LYS J 146 -33.87 12.20 51.20
CA LYS J 146 -34.50 13.51 51.36
C LYS J 146 -35.93 13.49 50.85
N TRP J 147 -36.15 12.94 49.65
CA TRP J 147 -37.50 12.87 49.10
C TRP J 147 -38.39 11.96 49.95
N GLU J 148 -37.82 10.94 50.58
CA GLU J 148 -38.59 10.12 51.52
C GLU J 148 -39.04 10.94 52.71
N GLN J 149 -38.15 11.77 53.27
CA GLN J 149 -38.54 12.63 54.38
C GLN J 149 -39.64 13.59 53.96
N ALA J 150 -39.49 14.22 52.79
CA ALA J 150 -40.43 15.24 52.36
C ALA J 150 -41.77 14.63 51.90
N GLY J 151 -41.80 13.34 51.60
CA GLY J 151 -43.04 12.73 51.14
C GLY J 151 -43.46 13.19 49.76
N ALA J 152 -42.51 13.29 48.82
CA ALA J 152 -42.82 13.72 47.48
C ALA J 152 -43.60 12.68 46.70
N ALA J 153 -43.65 11.44 47.20
CA ALA J 153 -44.43 10.40 46.52
C ALA J 153 -45.91 10.75 46.48
N GLU J 154 -46.38 11.55 47.44
CA GLU J 154 -47.78 11.93 47.47
C GLU J 154 -48.07 13.07 46.50
N ARG J 155 -47.15 14.01 46.36
CA ARG J 155 -47.35 15.12 45.42
C ARG J 155 -47.19 14.66 43.98
N ASP J 156 -46.06 14.00 43.67
CA ASP J 156 -45.88 13.47 42.34
C ASP J 156 -46.90 12.38 42.03
N ARG J 157 -47.25 11.57 43.04
CA ARG J 157 -48.31 10.59 42.86
C ARG J 157 -49.66 11.26 42.60
N ALA J 158 -49.85 12.48 43.11
CA ALA J 158 -51.05 13.24 42.77
C ALA J 158 -51.01 13.73 41.34
N TYR J 159 -49.83 14.20 40.89
CA TYR J 159 -49.68 14.64 39.50
C TYR J 159 -49.93 13.49 38.52
N LEU J 160 -49.50 12.28 38.89
CA LEU J 160 -49.67 11.14 37.99
C LEU J 160 -51.07 10.56 38.07
N GLU J 161 -51.51 10.21 39.27
CA GLU J 161 -52.82 9.59 39.44
C GLU J 161 -53.94 10.54 39.06
N GLY J 162 -53.71 11.85 39.18
CA GLY J 162 -54.75 12.81 38.86
C GLY J 162 -54.62 13.42 37.49
N GLU J 163 -53.59 14.24 37.30
CA GLU J 163 -53.49 15.07 36.10
C GLU J 163 -53.15 14.23 34.87
N CYS J 164 -52.29 13.22 35.02
CA CYS J 164 -51.95 12.39 33.87
C CYS J 164 -53.16 11.58 33.42
N VAL J 165 -53.91 11.04 34.36
CA VAL J 165 -55.09 10.23 34.02
C VAL J 165 -56.18 11.09 33.40
N GLU J 166 -56.58 12.15 34.11
CA GLU J 166 -57.61 13.04 33.58
C GLU J 166 -57.14 13.85 32.37
N TRP J 167 -55.85 13.78 32.03
CA TRP J 167 -55.34 14.40 30.82
C TRP J 167 -55.39 13.44 29.64
N LEU J 168 -54.74 12.27 29.75
CA LEU J 168 -54.82 11.27 28.70
C LEU J 168 -56.27 10.92 28.38
N ARG J 169 -57.08 10.71 29.42
CA ARG J 169 -58.52 10.75 29.26
C ARG J 169 -58.93 12.14 28.83
N ARG J 170 -59.68 12.23 27.73
CA ARG J 170 -60.08 13.44 27.02
C ARG J 170 -58.94 13.97 26.14
N TYR J 171 -57.72 13.45 26.26
CA TYR J 171 -56.74 13.70 25.22
C TYR J 171 -56.83 12.67 24.10
N LEU J 172 -57.31 11.45 24.42
CA LEU J 172 -57.60 10.47 23.39
C LEU J 172 -58.97 10.71 22.77
N LYS J 173 -59.89 11.34 23.51
CA LYS J 173 -61.18 11.72 22.92
C LYS J 173 -61.04 12.94 22.04
N ASN J 174 -60.40 14.00 22.55
CA ASN J 174 -60.08 15.15 21.72
C ASN J 174 -59.03 14.84 20.67
N GLY J 175 -58.24 13.79 20.89
CA GLY J 175 -57.32 13.33 19.87
C GLY J 175 -58.01 12.49 18.81
N ASN J 176 -57.51 12.60 17.58
CA ASN J 176 -58.19 12.01 16.44
C ASN J 176 -57.21 11.41 15.46
N ALA J 177 -57.59 10.27 14.88
CA ALA J 177 -56.95 9.67 13.70
C ALA J 177 -55.52 9.22 13.95
N THR J 178 -55.15 8.94 15.19
CA THR J 178 -53.83 8.39 15.50
C THR J 178 -53.94 7.04 16.17
N LEU J 179 -54.59 6.95 17.32
CA LEU J 179 -54.85 5.67 17.95
C LEU J 179 -55.97 4.95 17.23
N LEU J 180 -56.04 3.63 17.45
CA LEU J 180 -57.04 2.77 16.85
C LEU J 180 -57.03 2.88 15.33
N ARG J 181 -55.91 2.47 14.75
CA ARG J 181 -55.76 2.38 13.31
C ARG J 181 -55.60 0.91 12.91
N THR J 182 -56.02 0.60 11.69
CA THR J 182 -55.90 -0.76 11.18
C THR J 182 -54.45 -1.22 11.22
N ASP J 183 -54.27 -2.54 11.26
CA ASP J 183 -52.95 -3.16 11.36
C ASP J 183 -52.77 -4.25 10.32
N PRO J 184 -52.71 -3.88 9.03
CA PRO J 184 -52.45 -4.87 8.00
C PRO J 184 -51.03 -4.77 7.49
N PRO J 185 -50.20 -5.77 7.77
CA PRO J 185 -48.85 -5.78 7.19
C PRO J 185 -48.81 -6.51 5.85
N LYS J 186 -47.91 -6.05 4.99
CA LYS J 186 -47.67 -6.73 3.72
C LYS J 186 -46.83 -7.98 3.95
N ALA J 187 -46.54 -8.70 2.87
CA ALA J 187 -45.76 -9.93 2.98
C ALA J 187 -45.29 -10.45 1.63
N HIS J 188 -43.98 -10.72 1.52
CA HIS J 188 -43.46 -11.43 0.36
C HIS J 188 -42.14 -12.10 0.76
N VAL J 189 -41.61 -12.91 -0.15
CA VAL J 189 -40.42 -13.70 0.12
C VAL J 189 -39.40 -13.45 -0.98
N THR J 190 -38.12 -13.34 -0.59
CA THR J 190 -37.02 -13.20 -1.53
C THR J 190 -35.98 -14.30 -1.27
N HIS J 191 -35.19 -14.58 -2.32
CA HIS J 191 -34.25 -15.69 -2.32
C HIS J 191 -32.83 -15.25 -1.93
N HIS J 192 -32.33 -14.15 -2.50
CA HIS J 192 -30.98 -13.66 -2.26
C HIS J 192 -29.96 -14.79 -2.23
N ARG J 193 -29.75 -15.45 -3.37
CA ARG J 193 -28.88 -16.62 -3.42
C ARG J 193 -27.44 -16.24 -3.09
N ARG J 194 -26.83 -16.99 -2.17
CA ARG J 194 -25.43 -16.78 -1.78
C ARG J 194 -24.52 -17.64 -2.64
N PRO J 195 -23.27 -17.20 -2.85
CA PRO J 195 -22.36 -17.98 -3.70
C PRO J 195 -22.07 -19.38 -3.15
N GLU J 196 -21.76 -19.47 -1.86
CA GLU J 196 -21.47 -20.78 -1.26
C GLU J 196 -22.70 -21.67 -1.26
N GLY J 197 -23.86 -21.11 -0.92
CA GLY J 197 -25.08 -21.87 -0.89
C GLY J 197 -25.89 -21.67 0.39
N ASP J 198 -26.13 -20.41 0.75
CA ASP J 198 -26.92 -20.12 1.94
C ASP J 198 -28.39 -19.90 1.64
N VAL J 199 -28.72 -19.41 0.44
CA VAL J 199 -30.09 -19.17 0.00
C VAL J 199 -30.84 -18.38 1.08
N THR J 200 -30.44 -17.13 1.28
CA THR J 200 -30.97 -16.30 2.37
C THR J 200 -32.44 -15.99 2.10
N LEU J 201 -33.33 -16.77 2.69
CA LEU J 201 -34.75 -16.57 2.48
C LEU J 201 -35.23 -15.43 3.35
N ARG J 202 -35.74 -14.36 2.73
CA ARG J 202 -36.16 -13.18 3.47
C ARG J 202 -37.68 -13.01 3.38
N CYS J 203 -38.28 -12.66 4.52
CA CYS J 203 -39.72 -12.49 4.65
C CYS J 203 -39.99 -11.02 4.98
N TRP J 204 -40.55 -10.30 4.00
CA TRP J 204 -40.74 -8.86 4.09
C TRP J 204 -42.18 -8.52 4.41
N ALA J 205 -42.35 -7.57 5.33
CA ALA J 205 -43.65 -7.01 5.71
C ALA J 205 -43.54 -5.50 5.75
N LEU J 206 -44.48 -4.82 5.10
CA LEU J 206 -44.42 -3.38 4.93
C LEU J 206 -45.76 -2.75 5.29
N GLY J 207 -45.74 -1.44 5.48
CA GLY J 207 -46.94 -0.66 5.75
C GLY J 207 -47.73 -1.16 6.93
N PHE J 208 -47.07 -1.38 8.07
CA PHE J 208 -47.70 -1.90 9.27
C PHE J 208 -47.78 -0.82 10.33
N TYR J 209 -48.88 -0.84 11.08
CA TYR J 209 -49.07 0.07 12.20
C TYR J 209 -50.06 -0.56 13.18
N PRO J 210 -49.74 -0.57 14.49
CA PRO J 210 -48.61 0.09 15.14
C PRO J 210 -47.29 -0.68 15.07
N ALA J 211 -46.33 -0.27 15.91
CA ALA J 211 -45.00 -0.86 15.86
C ALA J 211 -44.97 -2.30 16.38
N ASP J 212 -45.95 -2.70 17.18
CA ASP J 212 -45.93 -4.03 17.78
C ASP J 212 -46.25 -5.10 16.73
N ILE J 213 -45.56 -6.24 16.83
CA ILE J 213 -45.72 -7.34 15.90
C ILE J 213 -44.97 -8.54 16.44
N THR J 214 -45.33 -9.73 15.97
CA THR J 214 -44.64 -10.96 16.36
C THR J 214 -44.58 -11.86 15.13
N LEU J 215 -43.50 -11.72 14.35
CA LEU J 215 -43.26 -12.53 13.17
C LEU J 215 -42.20 -13.57 13.47
N THR J 216 -42.37 -14.77 12.90
CA THR J 216 -41.49 -15.88 13.19
C THR J 216 -41.28 -16.73 11.94
N TRP J 217 -40.11 -17.35 11.84
CA TRP J 217 -39.83 -18.33 10.81
C TRP J 217 -40.00 -19.74 11.35
N GLY J 221 -43.53 -26.88 9.59
CA GLY J 221 -43.55 -27.62 10.85
C GLY J 221 -42.84 -26.88 11.97
N GLU J 222 -42.32 -27.64 12.93
CA GLU J 222 -41.55 -27.04 14.02
C GLU J 222 -40.29 -26.41 13.47
N GLU J 223 -40.08 -25.13 13.75
CA GLU J 223 -38.96 -24.38 13.22
C GLU J 223 -38.31 -23.57 14.34
N LEU J 224 -36.99 -23.52 14.34
CA LEU J 224 -36.23 -22.85 15.38
C LEU J 224 -35.91 -21.42 14.99
N THR J 225 -35.54 -20.63 15.99
CA THR J 225 -35.22 -19.22 15.80
C THR J 225 -33.75 -18.91 15.96
N GLN J 226 -32.92 -19.87 16.37
CA GLN J 226 -31.49 -19.63 16.51
C GLN J 226 -30.87 -19.27 15.17
N GLU J 227 -31.41 -19.79 14.06
CA GLU J 227 -30.87 -19.57 12.74
C GLU J 227 -31.55 -18.40 12.02
N MET J 228 -32.20 -17.50 12.75
CA MET J 228 -32.99 -16.43 12.15
C MET J 228 -32.34 -15.07 12.35
N GLU J 229 -32.24 -14.32 11.26
CA GLU J 229 -31.84 -12.92 11.24
C GLU J 229 -33.07 -12.03 11.23
N LEU J 230 -32.93 -10.84 11.82
CA LEU J 230 -34.07 -9.96 12.05
C LEU J 230 -33.60 -8.52 12.18
N VAL J 231 -34.46 -7.59 11.79
CA VAL J 231 -34.23 -6.16 12.00
C VAL J 231 -35.42 -5.57 12.74
N GLU J 232 -35.14 -4.60 13.60
CA GLU J 232 -36.20 -4.00 14.40
C GLU J 232 -37.19 -3.25 13.51
N THR J 233 -38.41 -3.11 14.03
CA THR J 233 -39.46 -2.43 13.30
C THR J 233 -39.05 -0.99 13.04
N ARG J 234 -39.02 -0.61 11.76
CA ARG J 234 -38.54 0.72 11.41
C ARG J 234 -39.66 1.55 10.76
N PRO J 235 -39.64 2.86 10.94
CA PRO J 235 -40.70 3.70 10.35
C PRO J 235 -40.53 3.83 8.85
N ALA J 236 -41.60 3.55 8.11
CA ALA J 236 -41.56 3.65 6.66
C ALA J 236 -41.46 5.10 6.19
N GLY J 237 -41.93 6.05 6.99
CA GLY J 237 -41.90 7.45 6.65
C GLY J 237 -43.25 8.03 6.28
N ASP J 238 -44.17 7.18 5.82
CA ASP J 238 -45.53 7.59 5.48
C ASP J 238 -46.50 7.41 6.64
N GLY J 239 -46.00 7.33 7.88
CA GLY J 239 -46.81 7.03 9.02
C GLY J 239 -46.91 5.55 9.35
N THR J 240 -46.46 4.68 8.46
CA THR J 240 -46.47 3.24 8.67
C THR J 240 -45.07 2.76 9.01
N PHE J 241 -44.97 1.47 9.35
CA PHE J 241 -43.73 0.83 9.70
C PHE J 241 -43.46 -0.34 8.75
N GLN J 242 -42.29 -0.95 8.92
CA GLN J 242 -41.90 -2.10 8.11
C GLN J 242 -40.89 -2.92 8.89
N LYS J 243 -40.82 -4.21 8.56
CA LYS J 243 -39.97 -5.17 9.24
C LYS J 243 -39.87 -6.42 8.39
N TRP J 244 -38.72 -7.09 8.46
CA TRP J 244 -38.49 -8.32 7.73
C TRP J 244 -37.63 -9.27 8.55
N ALA J 245 -37.80 -10.57 8.32
CA ALA J 245 -37.04 -11.60 9.01
C ALA J 245 -36.59 -12.65 8.01
N SER J 246 -35.29 -12.98 8.05
CA SER J 246 -34.70 -13.90 7.09
C SER J 246 -34.07 -15.08 7.83
N VAL J 247 -33.83 -16.17 7.10
CA VAL J 247 -33.09 -17.31 7.64
C VAL J 247 -32.21 -17.91 6.55
N VAL J 248 -31.28 -18.75 6.99
CA VAL J 248 -30.45 -19.55 6.09
C VAL J 248 -31.23 -20.79 5.67
N VAL J 249 -31.09 -21.18 4.42
CA VAL J 249 -31.81 -22.34 3.89
C VAL J 249 -30.85 -23.23 3.11
N PRO J 250 -30.85 -24.55 3.36
CA PRO J 250 -29.99 -25.44 2.57
C PRO J 250 -30.43 -25.45 1.11
N LEU J 251 -29.48 -25.77 0.24
CA LEU J 251 -29.78 -25.82 -1.20
C LEU J 251 -30.84 -26.87 -1.47
N GLY J 252 -31.73 -26.57 -2.40
CA GLY J 252 -32.91 -27.38 -2.59
C GLY J 252 -33.99 -26.96 -1.63
N LYS J 253 -34.96 -27.86 -1.43
CA LYS J 253 -36.12 -27.58 -0.61
C LYS J 253 -36.82 -26.31 -1.08
N GLU J 254 -36.87 -25.29 -0.20
CA GLU J 254 -37.59 -24.04 -0.41
C GLU J 254 -39.09 -24.29 -0.41
N GLN J 255 -39.52 -25.31 0.33
CA GLN J 255 -40.94 -25.59 0.55
C GLN J 255 -41.26 -25.96 1.99
N LYS J 256 -40.28 -26.43 2.77
CA LYS J 256 -40.50 -26.84 4.15
C LYS J 256 -40.49 -25.69 5.12
N TYR J 257 -40.17 -24.48 4.66
CA TYR J 257 -40.08 -23.31 5.52
C TYR J 257 -41.24 -22.37 5.24
N THR J 258 -41.87 -21.87 6.30
CA THR J 258 -43.03 -21.00 6.17
C THR J 258 -42.88 -19.83 7.13
N CYS J 259 -43.12 -18.63 6.63
CA CYS J 259 -43.07 -17.42 7.44
C CYS J 259 -44.45 -17.12 8.00
N HIS J 260 -44.50 -16.67 9.25
CA HIS J 260 -45.75 -16.45 9.95
C HIS J 260 -45.74 -15.09 10.64
N VAL J 261 -46.92 -14.46 10.69
CA VAL J 261 -47.10 -13.16 11.31
C VAL J 261 -48.05 -13.30 12.48
N GLU J 262 -47.98 -12.34 13.39
CA GLU J 262 -48.84 -12.33 14.57
C GLU J 262 -48.72 -10.96 15.24
N HIS J 263 -49.47 -10.79 16.33
CA HIS J 263 -49.45 -9.60 17.18
C HIS J 263 -49.81 -8.32 16.44
N GLU J 264 -50.51 -8.44 15.31
CA GLU J 264 -50.96 -7.26 14.59
C GLU J 264 -52.11 -7.65 13.67
N GLY J 265 -53.18 -6.86 13.70
CA GLY J 265 -54.32 -7.09 12.82
C GLY J 265 -54.99 -8.42 13.05
N LEU J 266 -55.42 -8.68 14.28
CA LEU J 266 -56.08 -9.94 14.62
C LEU J 266 -57.40 -10.08 13.88
N PRO J 267 -57.63 -11.25 13.26
CA PRO J 267 -56.64 -12.33 13.22
C PRO J 267 -55.74 -12.25 12.00
N GLU J 268 -54.50 -12.66 12.17
CA GLU J 268 -53.55 -12.68 11.06
C GLU J 268 -52.46 -13.71 11.28
N PRO J 269 -52.77 -15.01 11.16
CA PRO J 269 -51.71 -16.02 11.19
C PRO J 269 -50.83 -15.90 9.96
N LEU J 270 -51.45 -16.01 8.79
CA LEU J 270 -50.81 -15.70 7.52
C LEU J 270 -49.53 -16.49 7.28
N THR J 271 -49.67 -17.75 6.87
CA THR J 271 -48.52 -18.50 6.42
C THR J 271 -48.01 -17.95 5.09
N LEU J 272 -46.73 -18.19 4.81
CA LEU J 272 -46.10 -17.66 3.61
C LEU J 272 -45.34 -18.76 2.88
N ARG J 273 -45.61 -18.90 1.59
CA ARG J 273 -44.88 -19.80 0.72
C ARG J 273 -44.16 -18.98 -0.35
N TRP J 274 -43.03 -19.49 -0.83
CA TRP J 274 -42.29 -18.81 -1.88
C TRP J 274 -43.08 -18.84 -3.18
N GLY J 275 -43.36 -17.67 -3.72
CA GLY J 275 -44.07 -17.56 -4.98
C GLY J 275 -43.26 -18.01 -6.18
N ILE K 2 -22.80 7.97 30.20
CA ILE K 2 -22.10 7.15 29.23
C ILE K 2 -22.74 7.32 27.85
N GLN K 3 -21.92 7.22 26.81
CA GLN K 3 -22.34 7.48 25.44
C GLN K 3 -22.85 6.21 24.78
N ARG K 4 -23.98 6.33 24.06
CA ARG K 4 -24.62 5.20 23.40
C ARG K 4 -24.41 5.31 21.90
N THR K 5 -23.87 4.25 21.30
CA THR K 5 -23.62 4.23 19.87
C THR K 5 -24.93 4.16 19.10
N PRO K 6 -24.94 4.63 17.84
CA PRO K 6 -26.20 4.70 17.09
C PRO K 6 -26.51 3.46 16.27
N LYS K 7 -27.80 3.23 16.11
CA LYS K 7 -28.32 2.27 15.14
C LYS K 7 -28.65 3.00 13.85
N ILE K 8 -28.20 2.47 12.73
CA ILE K 8 -28.37 3.08 11.41
C ILE K 8 -29.02 2.06 10.49
N GLN K 9 -30.12 2.45 9.85
CA GLN K 9 -30.83 1.55 8.96
C GLN K 9 -31.41 2.37 7.81
N VAL K 10 -30.83 2.21 6.62
CA VAL K 10 -31.32 2.87 5.42
C VAL K 10 -32.18 1.89 4.64
N TYR K 11 -33.32 2.37 4.14
CA TYR K 11 -34.31 1.49 3.53
C TYR K 11 -35.30 2.30 2.71
N SER K 12 -36.11 1.59 1.93
CA SER K 12 -37.19 2.20 1.16
C SER K 12 -38.53 1.96 1.86
N ARG K 13 -39.48 2.87 1.61
CA ARG K 13 -40.81 2.73 2.17
C ARG K 13 -41.68 1.78 1.35
N HIS K 14 -41.33 1.57 0.08
CA HIS K 14 -42.04 0.68 -0.81
C HIS K 14 -41.09 -0.40 -1.31
N PRO K 15 -41.61 -1.54 -1.77
CA PRO K 15 -40.76 -2.50 -2.50
C PRO K 15 -40.22 -1.86 -3.77
N ALA K 16 -38.93 -1.56 -3.78
CA ALA K 16 -38.35 -0.71 -4.82
C ALA K 16 -38.00 -1.51 -6.05
N GLU K 17 -38.56 -1.13 -7.19
CA GLU K 17 -38.13 -1.62 -8.50
C GLU K 17 -37.78 -0.42 -9.37
N ASN K 18 -36.87 -0.65 -10.31
CA ASN K 18 -36.40 0.44 -11.16
C ASN K 18 -37.56 1.07 -11.93
N GLY K 19 -37.44 2.37 -12.18
CA GLY K 19 -38.47 3.07 -12.92
C GLY K 19 -39.74 3.34 -12.14
N LYS K 20 -39.66 3.38 -10.82
CA LYS K 20 -40.82 3.64 -9.97
C LYS K 20 -40.48 4.76 -9.01
N SER K 21 -41.27 5.84 -9.04
CA SER K 21 -41.07 6.96 -8.13
C SER K 21 -41.26 6.52 -6.68
N ASN K 22 -40.18 6.51 -5.92
CA ASN K 22 -40.24 6.08 -4.52
C ASN K 22 -39.49 7.08 -3.65
N PHE K 23 -39.33 6.76 -2.37
CA PHE K 23 -38.64 7.62 -1.42
C PHE K 23 -37.83 6.76 -0.46
N LEU K 24 -36.60 7.20 -0.18
CA LEU K 24 -35.71 6.46 0.71
C LEU K 24 -35.55 7.19 2.04
N ASN K 25 -35.34 6.40 3.09
CA ASN K 25 -35.24 6.88 4.46
C ASN K 25 -33.97 6.33 5.10
N CYS K 26 -33.39 7.14 5.98
CA CYS K 26 -32.29 6.72 6.85
C CYS K 26 -32.74 6.91 8.29
N TYR K 27 -32.93 5.80 8.99
CA TYR K 27 -33.47 5.78 10.34
C TYR K 27 -32.33 5.49 11.32
N VAL K 28 -32.05 6.44 12.20
CA VAL K 28 -31.00 6.30 13.21
C VAL K 28 -31.64 6.43 14.59
N SER K 29 -31.36 5.47 15.46
CA SER K 29 -32.00 5.44 16.77
C SER K 29 -31.00 4.96 17.81
N GLY K 30 -31.46 4.88 19.05
CA GLY K 30 -30.70 4.22 20.10
C GLY K 30 -29.35 4.82 20.40
N PHE K 31 -29.18 6.13 20.19
CA PHE K 31 -27.89 6.77 20.34
C PHE K 31 -27.93 7.77 21.48
N HIS K 32 -26.73 8.19 21.89
CA HIS K 32 -26.52 9.13 22.98
C HIS K 32 -25.04 9.42 23.08
N PRO K 33 -24.67 10.70 23.29
CA PRO K 33 -25.54 11.86 23.48
C PRO K 33 -26.06 12.48 22.19
N SER K 34 -26.26 13.79 22.21
CA SER K 34 -26.78 14.53 21.09
C SER K 34 -25.64 15.33 20.43
N ASP K 35 -25.98 16.39 19.71
CA ASP K 35 -25.04 17.17 18.89
C ASP K 35 -24.49 16.31 17.76
N ILE K 36 -25.39 15.78 16.95
CA ILE K 36 -25.05 14.85 15.88
C ILE K 36 -25.19 15.56 14.54
N GLU K 37 -24.36 15.13 13.59
CA GLU K 37 -24.40 15.60 12.22
C GLU K 37 -24.67 14.41 11.31
N VAL K 38 -25.63 14.55 10.40
CA VAL K 38 -26.03 13.45 9.53
C VAL K 38 -26.45 14.01 8.18
N ASP K 39 -25.92 13.41 7.10
CA ASP K 39 -26.24 13.81 5.74
C ASP K 39 -26.58 12.59 4.92
N LEU K 40 -27.38 12.82 3.87
CA LEU K 40 -27.70 11.80 2.88
C LEU K 40 -26.80 11.98 1.67
N LEU K 41 -26.24 10.88 1.17
CA LEU K 41 -25.33 10.90 0.05
C LEU K 41 -25.93 10.17 -1.14
N LYS K 42 -25.82 10.77 -2.32
CA LYS K 42 -26.15 10.12 -3.58
C LYS K 42 -24.89 10.15 -4.44
N ASN K 43 -24.45 8.98 -4.89
CA ASN K 43 -23.19 8.84 -5.62
C ASN K 43 -22.03 9.43 -4.82
N GLY K 44 -22.17 9.44 -3.50
CA GLY K 44 -21.15 9.97 -2.62
C GLY K 44 -21.16 11.48 -2.44
N GLU K 45 -21.98 12.21 -3.18
CA GLU K 45 -21.89 13.67 -3.12
C GLU K 45 -22.69 14.21 -1.92
N ARG K 46 -22.51 15.50 -1.68
CA ARG K 46 -23.27 16.18 -0.63
C ARG K 46 -24.62 16.64 -1.16
N ILE K 47 -25.65 16.46 -0.35
CA ILE K 47 -27.00 16.90 -0.69
C ILE K 47 -27.58 17.68 0.49
N GLU K 48 -28.13 18.86 0.21
CA GLU K 48 -28.81 19.66 1.22
C GLU K 48 -30.32 19.49 1.17
N LYS K 49 -30.89 19.26 -0.01
CA LYS K 49 -32.33 19.05 -0.16
C LYS K 49 -32.76 17.77 0.55
N VAL K 50 -33.11 17.87 1.83
CA VAL K 50 -33.52 16.72 2.63
C VAL K 50 -34.71 17.12 3.50
N GLU K 51 -35.45 16.11 3.98
CA GLU K 51 -36.51 16.36 4.94
C GLU K 51 -36.34 15.41 6.10
N HIS K 52 -36.24 15.94 7.31
CA HIS K 52 -36.01 15.09 8.47
C HIS K 52 -37.12 15.27 9.50
N SER K 53 -37.12 14.37 10.47
CA SER K 53 -38.14 14.32 11.50
C SER K 53 -37.75 15.19 12.69
N ASP K 54 -38.76 15.66 13.42
CA ASP K 54 -38.52 16.38 14.65
C ASP K 54 -37.82 15.47 15.67
N LEU K 55 -37.07 16.09 16.57
CA LEU K 55 -36.34 15.33 17.57
C LEU K 55 -37.30 14.61 18.52
N SER K 56 -36.86 13.47 19.03
CA SER K 56 -37.67 12.76 20.01
C SER K 56 -36.77 11.87 20.85
N PHE K 57 -37.28 11.50 22.02
CA PHE K 57 -36.55 10.71 23.00
C PHE K 57 -37.36 9.47 23.34
N SER K 58 -36.65 8.41 23.72
CA SER K 58 -37.28 7.18 24.20
C SER K 58 -37.13 7.08 25.71
N LYS K 59 -37.86 6.14 26.29
CA LYS K 59 -37.78 5.94 27.74
C LYS K 59 -36.38 5.56 28.18
N ASP K 60 -35.64 4.85 27.32
CA ASP K 60 -34.30 4.37 27.63
C ASP K 60 -33.22 5.42 27.39
N TRP K 61 -33.58 6.70 27.38
CA TRP K 61 -32.66 7.81 27.19
C TRP K 61 -31.97 7.80 25.84
N SER K 62 -32.46 7.00 24.90
CA SER K 62 -31.96 7.01 23.54
C SER K 62 -32.96 7.73 22.64
N PHE K 63 -32.46 8.26 21.54
CA PHE K 63 -33.26 9.07 20.63
C PHE K 63 -33.52 8.29 19.35
N TYR K 64 -34.71 8.47 18.78
CA TYR K 64 -35.10 7.82 17.55
C TYR K 64 -35.47 8.91 16.54
N LEU K 65 -34.69 8.99 15.46
CA LEU K 65 -34.85 10.01 14.45
C LEU K 65 -34.84 9.37 13.07
N LEU K 66 -35.53 10.02 12.13
CA LEU K 66 -35.67 9.51 10.78
C LEU K 66 -35.49 10.65 9.78
N TYR K 67 -34.53 10.50 8.89
CA TYR K 67 -34.39 11.37 7.74
C TYR K 67 -34.98 10.69 6.52
N TYR K 68 -35.42 11.49 5.56
CA TYR K 68 -36.08 10.93 4.37
C TYR K 68 -36.06 11.94 3.22
N THR K 69 -35.98 11.39 2.01
CA THR K 69 -36.10 12.13 0.77
C THR K 69 -36.79 11.23 -0.25
N GLU K 70 -37.06 11.78 -1.43
CA GLU K 70 -37.73 11.05 -2.50
C GLU K 70 -36.88 11.11 -3.77
N PHE K 71 -36.70 9.96 -4.41
CA PHE K 71 -35.98 9.90 -5.68
C PHE K 71 -36.24 8.55 -6.32
N THR K 72 -36.21 8.52 -7.65
CA THR K 72 -36.40 7.27 -8.40
C THR K 72 -35.04 6.60 -8.62
N PRO K 73 -34.93 5.31 -8.30
CA PRO K 73 -33.62 4.65 -8.41
C PRO K 73 -33.20 4.46 -9.86
N THR K 74 -31.90 4.65 -10.11
CA THR K 74 -31.29 4.40 -11.41
C THR K 74 -30.45 3.14 -11.33
N GLU K 75 -29.65 2.89 -12.38
CA GLU K 75 -28.79 1.71 -12.43
C GLU K 75 -27.32 2.02 -12.22
N LYS K 76 -26.88 3.25 -12.48
CA LYS K 76 -25.46 3.59 -12.38
C LYS K 76 -25.10 4.34 -11.11
N ASP K 77 -26.02 5.12 -10.56
CA ASP K 77 -25.71 5.97 -9.41
C ASP K 77 -25.64 5.13 -8.14
N GLU K 78 -25.00 5.70 -7.11
CA GLU K 78 -24.86 5.07 -5.81
C GLU K 78 -25.56 5.91 -4.75
N TYR K 79 -25.96 5.26 -3.66
CA TYR K 79 -26.66 5.94 -2.58
C TYR K 79 -26.18 5.41 -1.24
N ALA K 80 -26.08 6.32 -0.26
CA ALA K 80 -25.53 5.99 1.05
C ALA K 80 -26.06 6.98 2.07
N CYS K 81 -25.90 6.64 3.35
CA CYS K 81 -26.24 7.52 4.45
C CYS K 81 -25.02 7.74 5.33
N ARG K 82 -24.66 9.00 5.55
CA ARG K 82 -23.46 9.37 6.29
C ARG K 82 -23.86 9.95 7.65
N VAL K 83 -23.24 9.43 8.71
CA VAL K 83 -23.49 9.86 10.08
C VAL K 83 -22.16 10.17 10.75
N ASN K 84 -22.14 11.20 11.60
CA ASN K 84 -20.93 11.61 12.29
C ASN K 84 -21.28 12.03 13.73
N HIS K 85 -21.63 11.05 14.56
CA HIS K 85 -21.89 11.33 15.95
C HIS K 85 -20.57 11.48 16.71
N VAL K 86 -20.66 11.97 17.95
CA VAL K 86 -19.48 12.14 18.78
C VAL K 86 -18.98 10.83 19.36
N THR K 87 -19.74 9.74 19.22
CA THR K 87 -19.29 8.46 19.73
C THR K 87 -18.36 7.74 18.76
N LEU K 88 -18.42 8.07 17.48
CA LEU K 88 -17.55 7.46 16.49
C LEU K 88 -16.41 8.42 16.13
N SER K 89 -15.24 7.83 15.83
CA SER K 89 -14.09 8.62 15.47
C SER K 89 -14.19 9.16 14.04
N GLN K 90 -14.79 8.40 13.13
CA GLN K 90 -14.91 8.77 11.74
C GLN K 90 -16.35 8.59 11.28
N PRO K 91 -16.89 9.55 10.52
CA PRO K 91 -18.30 9.46 10.10
C PRO K 91 -18.62 8.19 9.33
N LYS K 92 -19.38 7.29 9.96
CA LYS K 92 -19.73 6.04 9.33
C LYS K 92 -20.75 6.27 8.22
N ILE K 93 -20.49 5.71 7.04
CA ILE K 93 -21.38 5.78 5.90
C ILE K 93 -21.85 4.36 5.58
N VAL K 94 -23.11 4.24 5.17
CA VAL K 94 -23.71 2.94 4.93
C VAL K 94 -24.35 2.92 3.54
N LYS K 95 -24.09 1.85 2.80
CA LYS K 95 -24.74 1.59 1.52
C LYS K 95 -25.54 0.30 1.65
N TRP K 96 -26.84 0.37 1.40
CA TRP K 96 -27.69 -0.80 1.46
C TRP K 96 -27.74 -1.50 0.10
N ASP K 97 -28.24 -2.73 0.10
CA ASP K 97 -28.53 -3.41 -1.15
C ASP K 97 -29.55 -2.61 -1.95
N ARG K 98 -29.52 -2.79 -3.28
CA ARG K 98 -30.50 -2.10 -4.11
C ARG K 98 -31.93 -2.49 -3.72
N ASP K 99 -32.11 -3.68 -3.17
CA ASP K 99 -33.41 -4.11 -2.67
C ASP K 99 -33.63 -3.57 -1.25
N ASP L 13 -7.10 0.15 62.16
CA ASP L 13 -6.54 1.43 62.54
C ASP L 13 -6.05 2.08 61.26
N VAL L 14 -5.76 3.38 61.32
CA VAL L 14 -5.11 4.08 60.21
C VAL L 14 -5.93 3.95 58.93
N VAL L 15 -7.21 4.30 59.00
CA VAL L 15 -8.02 4.45 57.80
C VAL L 15 -8.15 5.95 57.53
N LEU L 16 -8.52 6.28 56.29
CA LEU L 16 -8.29 7.64 55.82
C LEU L 16 -9.55 8.51 55.78
N ASP L 17 -9.55 9.51 54.91
CA ASP L 17 -10.43 10.66 55.00
C ASP L 17 -11.71 10.47 54.20
N CYS L 18 -12.67 11.36 54.46
CA CYS L 18 -13.97 11.39 53.78
C CYS L 18 -14.35 12.84 53.54
N PHE L 19 -15.48 13.02 52.86
CA PHE L 19 -16.09 14.32 52.66
C PHE L 19 -17.50 14.30 53.24
N LEU L 20 -17.81 15.28 54.08
CA LEU L 20 -19.10 15.34 54.77
C LEU L 20 -20.11 16.14 53.94
N VAL L 21 -21.35 15.67 53.94
CA VAL L 21 -22.45 16.35 53.27
C VAL L 21 -23.31 16.97 54.36
N LYS L 22 -23.17 18.29 54.55
CA LYS L 22 -23.91 19.00 55.58
C LYS L 22 -25.41 18.91 55.34
N ASP L 23 -25.90 19.67 54.36
CA ASP L 23 -27.31 19.66 54.01
C ASP L 23 -27.52 20.23 52.62
N ARG L 36 -19.01 20.21 52.91
CA ARG L 36 -17.80 20.46 52.14
C ARG L 36 -16.56 20.17 52.98
N ALA L 37 -16.78 20.02 54.29
CA ALA L 37 -15.67 19.83 55.23
C ALA L 37 -14.89 18.57 54.90
N ARG L 38 -13.59 18.73 54.66
CA ARG L 38 -12.70 17.60 54.39
C ARG L 38 -12.60 16.77 55.66
N ALA L 39 -13.61 15.94 55.88
CA ALA L 39 -13.68 15.12 57.08
C ALA L 39 -12.68 13.98 57.01
N SER L 40 -12.73 13.10 58.02
CA SER L 40 -11.85 11.95 58.11
C SER L 40 -12.48 10.92 59.01
N LEU L 41 -12.24 9.66 58.71
CA LEU L 41 -12.74 8.55 59.51
C LEU L 41 -11.57 7.73 60.04
N VAL L 42 -11.76 7.14 61.22
CA VAL L 42 -10.75 6.25 61.79
C VAL L 42 -11.42 4.96 62.22
N LEU L 43 -10.63 3.88 62.21
CA LEU L 43 -11.07 2.58 62.73
C LEU L 43 -10.15 2.19 63.89
N LYS L 44 -10.11 0.91 64.28
CA LYS L 44 -9.30 0.51 65.42
C LYS L 44 -9.12 -1.01 65.41
N GLN L 45 -7.90 -1.46 65.09
CA GLN L 45 -7.57 -2.89 65.14
C GLN L 45 -6.12 -3.24 64.81
N VAL L 46 -5.55 -4.09 65.67
CA VAL L 46 -4.25 -4.74 65.59
C VAL L 46 -4.23 -5.67 64.38
N PRO L 47 -3.19 -6.56 64.18
CA PRO L 47 -3.12 -7.30 62.93
C PRO L 47 -3.66 -8.70 63.11
N VAL L 48 -3.23 -9.61 62.24
CA VAL L 48 -3.73 -10.97 62.16
C VAL L 48 -2.53 -11.88 61.91
N LEU L 49 -2.80 -13.06 61.34
CA LEU L 49 -1.83 -14.05 60.99
C LEU L 49 -1.04 -13.67 59.73
N PHE L 60 0.04 21.32 60.18
CA PHE L 60 -0.25 19.92 59.89
C PHE L 60 -1.53 19.80 59.09
N GLN L 61 -2.31 18.76 59.36
CA GLN L 61 -3.53 18.47 58.62
C GLN L 61 -4.63 18.06 59.58
N GLY L 62 -5.88 18.26 59.14
CA GLY L 62 -7.02 17.90 59.96
C GLY L 62 -8.37 18.13 59.33
N GLY L 63 -9.15 19.04 59.92
CA GLY L 63 -10.54 19.20 59.54
C GLY L 63 -11.44 18.70 60.64
N THR L 64 -12.28 17.71 60.33
CA THR L 64 -13.12 17.03 61.31
C THR L 64 -12.77 15.55 61.29
N LEU L 65 -12.40 15.02 62.45
CA LEU L 65 -12.03 13.62 62.60
C LEU L 65 -13.13 12.87 63.32
N ALA L 66 -13.44 11.67 62.83
CA ALA L 66 -14.53 10.86 63.36
C ALA L 66 -13.97 9.52 63.83
N GLN L 67 -14.14 9.22 65.11
CA GLN L 67 -13.72 7.94 65.67
C GLN L 67 -14.75 6.86 65.38
N ASP L 68 -14.36 5.85 64.63
CA ASP L 68 -15.23 4.72 64.34
C ASP L 68 -14.74 3.52 65.11
N ASP L 69 -15.54 3.09 66.08
CA ASP L 69 -15.27 1.88 66.84
C ASP L 69 -16.02 0.72 66.22
N PRO L 70 -15.36 -0.38 65.84
CA PRO L 70 -16.07 -1.48 65.21
C PRO L 70 -16.15 -2.71 66.10
N PRO L 71 -16.74 -2.61 67.31
CA PRO L 71 -17.27 -3.83 67.93
C PRO L 71 -18.70 -4.05 67.47
N ILE L 72 -19.38 -5.02 68.07
CA ILE L 72 -20.80 -5.31 67.80
C ILE L 72 -20.97 -5.64 66.32
N ILE L 73 -19.89 -5.98 65.64
CA ILE L 73 -19.91 -6.13 64.19
C ILE L 73 -18.60 -6.78 63.73
N PHE L 74 -18.55 -7.19 62.45
CA PHE L 74 -17.36 -7.78 61.87
C PHE L 74 -17.32 -7.43 60.38
N GLU L 75 -16.15 -7.00 59.90
CA GLU L 75 -16.00 -6.61 58.51
C GLU L 75 -16.07 -7.84 57.60
N ALA L 76 -16.07 -7.59 56.29
CA ALA L 76 -16.25 -8.64 55.30
C ALA L 76 -14.92 -9.25 54.83
N SER L 77 -13.95 -8.42 54.50
CA SER L 77 -12.68 -8.90 53.97
C SER L 77 -11.45 -8.31 54.64
N VAL L 78 -11.57 -7.20 55.37
CA VAL L 78 -10.48 -6.61 56.14
C VAL L 78 -9.27 -6.33 55.26
N ASP L 79 -9.51 -6.06 53.98
CA ASP L 79 -8.44 -5.71 53.06
C ASP L 79 -8.60 -4.27 52.59
N LEU L 80 -8.67 -3.34 53.54
CA LEU L 80 -8.94 -1.95 53.21
C LEU L 80 -7.67 -1.15 52.97
N VAL L 81 -6.63 -1.37 53.78
CA VAL L 81 -5.39 -0.62 53.66
C VAL L 81 -4.71 -0.99 52.34
N GLN L 82 -5.18 -0.37 51.25
CA GLN L 82 -4.65 -0.64 49.92
C GLN L 82 -3.89 0.52 49.31
N ILE L 83 -4.22 1.76 49.70
CA ILE L 83 -3.54 2.93 49.18
C ILE L 83 -2.09 2.95 49.64
N PRO L 84 -1.19 3.46 48.80
CA PRO L 84 -1.45 3.99 47.45
C PRO L 84 -1.10 3.02 46.33
N GLN L 85 -1.99 2.88 45.36
CA GLN L 85 -1.80 2.02 44.19
C GLN L 85 -1.54 2.90 42.97
N ALA L 86 -0.39 2.73 42.34
CA ALA L 86 -0.04 3.50 41.15
C ALA L 86 0.11 2.60 39.94
N GLU L 98 -6.30 5.24 45.03
CA GLU L 98 -7.54 5.38 44.27
C GLU L 98 -8.75 5.21 45.18
N VAL L 99 -8.57 5.52 46.46
CA VAL L 99 -9.62 5.38 47.46
C VAL L 99 -10.29 6.73 47.66
N THR L 100 -11.62 6.73 47.63
CA THR L 100 -12.40 7.96 47.78
C THR L 100 -13.61 7.66 48.65
N CYS L 101 -13.77 8.41 49.73
CA CYS L 101 -14.89 8.25 50.64
C CYS L 101 -15.73 9.52 50.68
N GLU L 102 -16.86 9.41 51.37
CA GLU L 102 -17.78 10.53 51.52
C GLU L 102 -18.74 10.20 52.67
N ILE L 103 -18.95 11.17 53.56
CA ILE L 103 -19.77 10.99 54.75
C ILE L 103 -21.09 11.72 54.55
N SER L 104 -22.18 11.07 54.91
CA SER L 104 -23.50 11.67 54.87
C SER L 104 -24.13 11.62 56.26
N ARG L 105 -25.43 11.91 56.32
CA ARG L 105 -26.21 11.84 57.54
C ARG L 105 -27.42 10.96 57.29
N TYR L 106 -28.13 10.63 58.38
CA TYR L 106 -29.32 9.80 58.31
C TYR L 106 -30.42 10.46 59.13
N PHE L 107 -31.58 9.80 59.20
CA PHE L 107 -32.70 10.29 59.99
C PHE L 107 -33.57 9.14 60.49
N THR L 117 -30.98 12.26 72.82
CA THR L 117 -30.94 12.45 71.37
C THR L 117 -29.54 12.21 70.83
N ALA L 118 -29.35 11.06 70.18
CA ALA L 118 -28.06 10.71 69.60
C ALA L 118 -27.98 11.21 68.16
N ALA L 119 -27.00 10.72 67.40
CA ALA L 119 -26.81 11.12 66.03
C ALA L 119 -26.56 9.88 65.17
N TRP L 120 -26.90 10.00 63.89
CA TRP L 120 -26.82 8.89 62.95
C TRP L 120 -26.16 9.38 61.67
N PHE L 121 -25.30 8.55 61.08
CA PHE L 121 -24.59 8.91 59.87
C PHE L 121 -24.39 7.69 58.98
N MET L 122 -24.59 7.87 57.68
CA MET L 122 -24.37 6.81 56.70
C MET L 122 -23.21 7.22 55.80
N ALA L 123 -22.06 6.62 56.01
CA ALA L 123 -20.85 6.92 55.26
C ALA L 123 -20.65 5.90 54.15
N ASN L 124 -20.00 6.33 53.08
CA ASN L 124 -19.83 5.53 51.87
C ASN L 124 -18.38 5.64 51.42
N VAL L 125 -17.66 4.53 51.49
CA VAL L 125 -16.28 4.44 51.03
C VAL L 125 -16.28 3.63 49.73
N GLN L 126 -15.54 4.11 48.74
CA GLN L 126 -15.50 3.46 47.44
C GLN L 126 -14.08 3.53 46.89
N VAL L 127 -13.66 2.48 46.19
CA VAL L 127 -12.35 2.42 45.56
C VAL L 127 -12.53 2.70 44.08
N SER L 128 -11.82 3.72 43.58
CA SER L 128 -11.89 4.05 42.17
C SER L 128 -11.34 2.90 41.33
N GLY L 129 -11.70 2.91 40.06
CA GLY L 129 -11.29 1.81 39.18
C GLY L 129 -12.07 0.56 39.51
N GLY L 130 -11.34 -0.53 39.77
CA GLY L 130 -11.96 -1.80 40.08
C GLY L 130 -11.51 -2.40 41.40
N GLY L 131 -12.28 -2.17 42.45
CA GLY L 131 -11.97 -2.69 43.76
C GLY L 131 -13.20 -2.78 44.65
N PRO L 132 -12.99 -3.05 45.94
CA PRO L 132 -14.11 -3.18 46.86
C PRO L 132 -14.80 -1.85 47.13
N SER L 133 -16.06 -1.95 47.52
CA SER L 133 -16.88 -0.79 47.86
C SER L 133 -17.76 -1.13 49.07
N ILE L 134 -17.85 -0.19 50.00
CA ILE L 134 -18.53 -0.42 51.28
C ILE L 134 -19.39 0.79 51.61
N SER L 135 -20.59 0.53 52.12
CA SER L 135 -21.45 1.58 52.68
C SER L 135 -21.86 1.14 54.08
N LEU L 136 -21.57 1.98 55.07
CA LEU L 136 -21.81 1.62 56.46
C LEU L 136 -22.64 2.70 57.14
N VAL L 137 -23.28 2.31 58.23
CA VAL L 137 -24.10 3.19 59.06
C VAL L 137 -23.57 3.13 60.48
N MET L 138 -23.26 4.31 61.04
CA MET L 138 -22.74 4.46 62.39
C MET L 138 -23.64 5.41 63.19
N LYS L 139 -23.61 5.24 64.51
CA LYS L 139 -24.45 6.05 65.38
C LYS L 139 -23.70 6.33 66.68
N THR L 140 -23.65 7.61 67.05
CA THR L 140 -23.03 7.99 68.31
C THR L 140 -23.84 7.45 69.48
N PRO L 141 -23.19 7.17 70.61
CA PRO L 141 -23.93 6.68 71.78
C PRO L 141 -24.51 7.78 72.65
N ARG L 142 -23.97 7.90 73.87
CA ARG L 142 -24.43 8.65 75.03
C ARG L 142 -23.88 7.87 76.21
N VAL L 143 -23.12 8.48 77.13
CA VAL L 143 -22.56 7.68 78.21
C VAL L 143 -22.73 8.33 79.57
N ALA L 144 -23.20 9.57 79.61
CA ALA L 144 -23.30 10.33 80.86
C ALA L 144 -21.94 10.41 81.56
N LYS L 145 -20.93 10.85 80.80
CA LYS L 145 -19.56 10.86 81.29
C LYS L 145 -19.34 11.93 82.34
N ASN L 146 -19.97 13.10 82.16
CA ASN L 146 -19.85 14.23 83.07
C ASN L 146 -20.69 15.40 82.57
N GLU L 147 -20.02 16.46 82.13
CA GLU L 147 -20.73 17.63 81.62
C GLU L 147 -21.57 17.28 80.41
N VAL L 148 -21.03 16.47 79.49
CA VAL L 148 -21.75 15.96 78.33
C VAL L 148 -22.13 17.11 77.41
N LEU L 149 -21.84 18.34 77.84
CA LEU L 149 -22.15 19.53 77.04
C LEU L 149 -21.03 19.89 76.07
N TRP L 150 -19.83 19.34 76.25
CA TRP L 150 -18.72 19.65 75.36
C TRP L 150 -19.08 19.27 73.93
N HIS L 151 -18.98 20.25 73.03
CA HIS L 151 -19.46 20.06 71.66
C HIS L 151 -19.00 21.20 70.77
N PRO L 152 -18.72 20.94 69.49
CA PRO L 152 -18.19 22.01 68.62
C PRO L 152 -19.27 22.89 68.04
N THR L 153 -18.90 23.64 67.01
CA THR L 153 -19.83 24.53 66.33
C THR L 153 -20.51 23.88 65.13
N LEU L 154 -19.86 22.89 64.53
CA LEU L 154 -20.46 22.19 63.40
C LEU L 154 -21.70 21.44 63.85
N ASN L 155 -21.57 20.63 64.89
CA ASN L 155 -22.63 19.77 65.40
C ASN L 155 -22.17 19.07 66.66
N LEU L 156 -23.05 18.96 67.66
CA LEU L 156 -22.72 18.26 68.90
C LEU L 156 -22.39 16.80 68.59
N PRO L 157 -21.59 16.14 69.44
CA PRO L 157 -20.82 16.63 70.58
C PRO L 157 -19.32 16.38 70.45
N LEU L 158 -18.57 16.60 71.52
CA LEU L 158 -17.13 16.32 71.56
C LEU L 158 -16.93 14.85 71.98
N SER L 159 -15.74 14.50 72.46
CA SER L 159 -15.46 13.10 72.80
C SER L 159 -14.71 12.79 74.12
N PRO L 160 -13.97 13.75 74.71
CA PRO L 160 -13.64 15.15 74.47
C PRO L 160 -12.40 15.38 73.61
N GLN L 161 -11.79 14.30 73.11
CA GLN L 161 -10.70 14.47 72.17
C GLN L 161 -11.23 15.07 70.87
N GLY L 162 -10.34 15.26 69.90
CA GLY L 162 -10.75 15.77 68.61
C GLY L 162 -11.72 14.87 67.87
N THR L 163 -11.84 13.61 68.29
CA THR L 163 -12.71 12.66 67.62
C THR L 163 -14.17 12.91 67.96
N VAL L 164 -15.04 12.09 67.38
CA VAL L 164 -16.48 12.20 67.60
C VAL L 164 -16.92 11.05 68.49
N ARG L 165 -16.17 9.94 68.44
CA ARG L 165 -16.43 8.77 69.26
C ARG L 165 -17.80 8.16 68.97
N THR L 166 -17.89 7.38 67.89
CA THR L 166 -19.09 6.64 67.55
C THR L 166 -18.71 5.22 67.15
N ALA L 167 -19.69 4.33 67.26
CA ALA L 167 -19.53 2.94 66.87
C ALA L 167 -20.33 2.66 65.60
N VAL L 168 -19.88 1.68 64.83
CA VAL L 168 -20.52 1.31 63.58
C VAL L 168 -21.48 0.15 63.86
N GLU L 169 -22.72 0.29 63.39
CA GLU L 169 -23.75 -0.71 63.60
C GLU L 169 -24.19 -1.44 62.34
N PHE L 170 -23.94 -0.89 61.15
CA PHE L 170 -24.42 -1.52 59.93
C PHE L 170 -23.35 -1.42 58.85
N GLN L 171 -23.28 -2.44 58.00
CA GLN L 171 -22.42 -2.39 56.82
C GLN L 171 -22.96 -3.27 55.72
N VAL L 172 -22.82 -2.80 54.48
CA VAL L 172 -23.07 -3.58 53.28
C VAL L 172 -21.87 -3.38 52.36
N MET L 173 -21.18 -4.47 52.01
CA MET L 173 -19.93 -4.40 51.29
C MET L 173 -19.96 -5.31 50.07
N THR L 174 -19.01 -5.08 49.16
CA THR L 174 -18.87 -5.90 47.97
C THR L 174 -17.45 -5.81 47.44
N GLN L 175 -16.86 -6.96 47.10
CA GLN L 175 -15.60 -6.96 46.37
C GLN L 175 -15.80 -6.77 44.86
N THR L 176 -17.00 -7.07 44.37
CA THR L 176 -17.36 -6.80 42.99
C THR L 176 -17.93 -5.39 42.87
N GLN L 177 -17.75 -4.79 41.68
CA GLN L 177 -18.20 -3.43 41.49
C GLN L 177 -18.73 -3.22 40.07
N SER L 178 -17.90 -3.53 39.07
CA SER L 178 -18.31 -3.52 37.67
C SER L 178 -18.02 -4.91 37.10
N LEU L 179 -19.05 -5.55 36.56
CA LEU L 179 -18.97 -6.92 36.10
C LEU L 179 -19.14 -6.98 34.58
N SER L 180 -18.30 -7.79 33.94
CA SER L 180 -18.39 -8.04 32.52
C SER L 180 -18.43 -9.54 32.32
N PHE L 181 -19.41 -10.03 31.55
CA PHE L 181 -19.52 -11.46 31.31
C PHE L 181 -19.91 -11.74 29.88
N LEU L 182 -19.65 -12.98 29.44
CA LEU L 182 -20.19 -13.46 28.18
C LEU L 182 -21.66 -13.85 28.37
N LEU L 183 -22.31 -14.23 27.26
CA LEU L 183 -23.75 -14.47 27.30
C LEU L 183 -24.08 -15.73 28.07
N GLY L 184 -23.51 -16.86 27.67
CA GLY L 184 -23.86 -18.12 28.30
C GLY L 184 -23.39 -18.30 29.73
N SER L 185 -22.64 -17.34 30.27
CA SER L 185 -22.02 -17.51 31.58
C SER L 185 -23.07 -17.52 32.69
N SER L 186 -22.61 -17.76 33.91
CA SER L 186 -23.44 -17.67 35.11
C SER L 186 -22.77 -16.71 36.08
N ALA L 187 -23.48 -15.64 36.44
CA ALA L 187 -22.91 -14.59 37.26
C ALA L 187 -23.21 -14.82 38.74
N SER L 188 -22.32 -14.30 39.59
CA SER L 188 -22.50 -14.34 41.04
C SER L 188 -22.23 -12.94 41.58
N LEU L 189 -23.30 -12.18 41.82
CA LEU L 189 -23.18 -10.78 42.25
C LEU L 189 -22.93 -10.74 43.75
N ASP L 190 -21.68 -10.50 44.13
CA ASP L 190 -21.30 -10.51 45.53
C ASP L 190 -21.94 -9.34 46.28
N CYS L 191 -22.45 -9.62 47.48
CA CYS L 191 -23.00 -8.59 48.35
C CYS L 191 -23.01 -9.15 49.77
N GLY L 192 -21.98 -8.81 50.55
CA GLY L 192 -21.85 -9.29 51.90
C GLY L 192 -22.16 -8.19 52.90
N PHE L 193 -23.22 -8.39 53.67
CA PHE L 193 -23.70 -7.39 54.61
C PHE L 193 -23.57 -7.92 56.03
N SER L 194 -23.08 -7.09 56.94
CA SER L 194 -22.97 -7.48 58.34
C SER L 194 -23.65 -6.44 59.22
N MET L 195 -24.28 -6.92 60.29
CA MET L 195 -25.07 -6.06 61.15
C MET L 195 -24.64 -6.19 62.61
N ALA L 196 -25.46 -5.69 63.53
CA ALA L 196 -25.18 -5.73 64.95
C ALA L 196 -26.33 -6.39 65.68
N PRO L 197 -26.05 -7.05 66.82
CA PRO L 197 -27.13 -7.57 67.65
C PRO L 197 -28.06 -6.46 68.10
N GLY L 198 -29.27 -6.86 68.50
CA GLY L 198 -30.30 -5.89 68.81
C GLY L 198 -30.97 -5.41 67.54
N LEU L 199 -30.18 -5.20 66.49
CA LEU L 199 -30.71 -4.95 65.15
C LEU L 199 -30.92 -6.29 64.48
N ASP L 200 -32.19 -6.62 64.19
CA ASP L 200 -32.55 -7.87 63.54
C ASP L 200 -32.91 -7.59 62.10
N LEU L 201 -32.40 -8.43 61.18
CA LEU L 201 -32.63 -8.23 59.76
C LEU L 201 -34.08 -8.52 59.40
N ILE L 202 -34.63 -7.71 58.51
CA ILE L 202 -36.03 -7.84 58.10
C ILE L 202 -36.11 -8.50 56.72
N SER L 203 -35.69 -7.76 55.69
CA SER L 203 -35.85 -8.23 54.31
C SER L 203 -34.72 -7.69 53.45
N VAL L 204 -34.00 -8.60 52.80
CA VAL L 204 -33.01 -8.25 51.79
C VAL L 204 -33.59 -8.57 50.42
N GLU L 205 -33.34 -7.70 49.44
CA GLU L 205 -33.89 -7.90 48.10
C GLU L 205 -32.98 -7.28 47.06
N TRP L 206 -32.95 -7.90 45.89
CA TRP L 206 -32.19 -7.43 44.74
C TRP L 206 -33.14 -6.88 43.69
N ARG L 207 -32.77 -5.73 43.12
CA ARG L 207 -33.56 -5.08 42.08
C ARG L 207 -32.62 -4.46 41.06
N LEU L 208 -32.87 -4.69 39.79
CA LEU L 208 -32.04 -4.09 38.75
C LEU L 208 -32.68 -2.82 38.21
N GLN L 209 -31.86 -2.03 37.52
CA GLN L 209 -32.35 -0.86 36.81
C GLN L 209 -31.48 -0.67 35.58
N HIS L 210 -32.11 -0.42 34.42
CA HIS L 210 -31.36 -0.27 33.19
C HIS L 210 -32.22 0.41 32.15
N LYS L 211 -31.64 1.40 31.46
CA LYS L 211 -32.28 2.08 30.35
C LYS L 211 -33.61 2.63 30.84
N GLY L 212 -34.73 2.34 30.17
CA GLY L 212 -35.98 3.01 30.50
C GLY L 212 -36.83 2.33 31.54
N ARG L 213 -36.60 1.03 31.82
CA ARG L 213 -37.41 0.31 32.77
C ARG L 213 -36.52 -0.42 33.77
N GLY L 214 -36.86 -0.29 35.04
CA GLY L 214 -36.25 -1.07 36.09
C GLY L 214 -37.22 -2.14 36.56
N GLN L 215 -36.66 -3.29 36.92
CA GLN L 215 -37.46 -4.45 37.31
C GLN L 215 -36.98 -4.99 38.64
N LEU L 216 -37.84 -5.80 39.26
CA LEU L 216 -37.46 -6.59 40.43
C LEU L 216 -36.90 -7.91 39.94
N VAL L 217 -35.77 -8.33 40.52
CA VAL L 217 -35.16 -9.61 40.19
C VAL L 217 -35.30 -10.61 41.34
N TYR L 218 -35.16 -10.17 42.58
CA TYR L 218 -35.28 -11.12 43.68
C TYR L 218 -35.85 -10.46 44.92
N SER L 219 -36.82 -11.13 45.53
CA SER L 219 -37.37 -10.77 46.84
C SER L 219 -36.89 -11.82 47.83
N TRP L 220 -35.96 -11.44 48.69
CA TRP L 220 -35.38 -12.35 49.66
C TRP L 220 -35.87 -12.03 51.08
N THR L 221 -37.13 -11.61 51.20
CA THR L 221 -37.71 -11.39 52.51
C THR L 221 -37.87 -12.72 53.21
N ALA L 222 -38.48 -12.71 54.40
CA ALA L 222 -38.91 -13.94 55.07
C ALA L 222 -39.39 -14.92 54.00
N GLY L 223 -38.69 -16.05 53.89
CA GLY L 223 -38.84 -17.04 52.83
C GLY L 223 -39.52 -16.58 51.56
N GLN L 224 -39.17 -15.40 51.07
CA GLN L 224 -39.86 -14.84 49.91
C GLN L 224 -39.41 -15.55 48.64
N GLY L 225 -40.04 -15.18 47.52
CA GLY L 225 -39.81 -15.85 46.26
C GLY L 225 -38.94 -15.05 45.30
N GLN L 226 -38.61 -15.70 44.20
CA GLN L 226 -37.82 -15.10 43.13
C GLN L 226 -38.75 -14.53 42.07
N ALA L 227 -38.40 -13.35 41.56
CA ALA L 227 -39.18 -12.76 40.47
C ALA L 227 -39.10 -13.66 39.25
N VAL L 228 -39.98 -13.39 38.27
CA VAL L 228 -40.03 -14.19 37.04
C VAL L 228 -38.68 -14.31 36.36
N ARG L 229 -37.70 -13.49 36.75
CA ARG L 229 -36.30 -13.74 36.44
C ARG L 229 -36.02 -15.19 36.77
N LYS L 230 -35.96 -16.04 35.75
CA LYS L 230 -35.68 -17.44 35.95
C LYS L 230 -34.20 -17.60 36.32
N GLY L 231 -33.95 -18.42 37.33
CA GLY L 231 -32.59 -18.72 37.71
C GLY L 231 -32.14 -18.18 39.05
N ALA L 232 -32.57 -16.96 39.38
CA ALA L 232 -32.08 -16.27 40.57
C ALA L 232 -32.25 -17.10 41.83
N THR L 233 -31.16 -17.18 42.61
CA THR L 233 -31.02 -17.91 43.87
C THR L 233 -29.65 -17.60 44.46
N LEU L 234 -29.25 -18.39 45.46
CA LEU L 234 -27.97 -18.15 46.14
C LEU L 234 -27.53 -19.43 46.83
N GLU L 235 -26.59 -20.14 46.21
CA GLU L 235 -25.95 -21.29 46.87
C GLU L 235 -24.50 -20.90 47.23
N MET L 241 -20.76 -10.40 62.82
CA MET L 241 -21.93 -11.05 62.26
C MET L 241 -22.05 -10.82 60.76
N ALA L 242 -21.09 -11.37 60.01
CA ALA L 242 -21.06 -11.23 58.56
C ALA L 242 -22.07 -12.17 57.93
N ARG L 243 -23.04 -11.61 57.22
CA ARG L 243 -24.07 -12.36 56.50
C ARG L 243 -23.89 -12.24 54.99
N ASP L 244 -24.34 -13.26 54.28
CA ASP L 244 -24.13 -13.41 52.85
C ASP L 244 -25.42 -13.14 52.09
N ALA L 245 -25.33 -12.21 51.13
CA ALA L 245 -26.42 -11.95 50.19
C ALA L 245 -25.90 -11.93 48.75
N SER L 246 -24.72 -12.50 48.52
CA SER L 246 -24.15 -12.54 47.18
C SER L 246 -25.08 -13.25 46.23
N LEU L 247 -25.54 -12.54 45.21
CA LEU L 247 -26.48 -13.12 44.25
C LEU L 247 -25.82 -14.23 43.44
N THR L 248 -26.65 -14.89 42.63
CA THR L 248 -26.19 -15.92 41.71
C THR L 248 -27.20 -16.00 40.59
N LEU L 249 -26.73 -15.90 39.34
CA LEU L 249 -27.60 -15.85 38.18
C LEU L 249 -27.14 -16.87 37.14
N PRO L 250 -27.82 -18.00 37.01
CA PRO L 250 -27.53 -18.89 35.88
C PRO L 250 -27.73 -18.20 34.54
N GLY L 251 -28.90 -17.59 34.34
CA GLY L 251 -29.19 -16.80 33.16
C GLY L 251 -28.84 -17.46 31.84
N LEU L 252 -28.19 -16.70 30.95
CA LEU L 252 -27.87 -15.31 31.20
C LEU L 252 -28.09 -14.50 29.93
N THR L 253 -29.20 -13.76 29.90
CA THR L 253 -29.65 -13.10 28.69
C THR L 253 -29.15 -11.67 28.62
N ILE L 254 -29.12 -11.12 27.40
CA ILE L 254 -28.83 -9.71 27.22
C ILE L 254 -29.79 -8.87 28.04
N GLN L 255 -31.05 -9.31 28.14
CA GLN L 255 -32.05 -8.60 28.94
C GLN L 255 -31.64 -8.50 30.40
N ASP L 256 -30.78 -9.40 30.86
CA ASP L 256 -30.27 -9.37 32.23
C ASP L 256 -29.10 -8.41 32.41
N GLU L 257 -28.82 -7.54 31.44
CA GLU L 257 -27.76 -6.56 31.59
C GLU L 257 -28.31 -5.27 32.18
N GLY L 258 -27.49 -4.60 32.98
CA GLY L 258 -27.91 -3.32 33.54
C GLY L 258 -27.12 -2.90 34.77
N THR L 259 -27.82 -2.37 35.77
CA THR L 259 -27.21 -1.97 37.03
C THR L 259 -28.04 -2.59 38.15
N TYR L 260 -27.56 -3.72 38.67
CA TYR L 260 -28.21 -4.41 39.76
C TYR L 260 -27.93 -3.70 41.08
N ILE L 261 -28.85 -3.89 42.03
CA ILE L 261 -28.82 -3.19 43.30
C ILE L 261 -29.17 -4.18 44.40
N CYS L 262 -28.25 -4.38 45.33
CA CYS L 262 -28.46 -5.19 46.53
C CYS L 262 -28.94 -4.28 47.65
N GLN L 263 -30.12 -4.57 48.19
CA GLN L 263 -30.76 -3.71 49.18
C GLN L 263 -30.99 -4.50 50.46
N ILE L 264 -30.48 -3.96 51.57
CA ILE L 264 -30.61 -4.58 52.88
C ILE L 264 -31.59 -3.71 53.68
N THR L 265 -32.83 -4.16 53.76
CA THR L 265 -33.88 -3.45 54.48
C THR L 265 -34.04 -4.11 55.85
N THR L 266 -33.25 -3.64 56.82
CA THR L 266 -33.32 -4.14 58.18
C THR L 266 -34.60 -3.62 58.84
N SER L 267 -34.84 -4.04 60.08
CA SER L 267 -35.80 -3.36 60.93
C SER L 267 -35.47 -1.87 60.94
N LEU L 268 -36.20 -1.09 60.15
CA LEU L 268 -35.88 0.31 59.87
C LEU L 268 -34.52 0.30 59.15
N TYR L 269 -33.54 1.12 59.56
CA TYR L 269 -32.14 1.05 59.17
C TYR L 269 -31.86 0.40 57.81
N ARG L 270 -32.39 0.96 56.73
CA ARG L 270 -32.23 0.37 55.40
C ARG L 270 -31.02 0.97 54.68
N ALA L 271 -30.26 0.11 54.01
CA ALA L 271 -29.08 0.53 53.25
C ALA L 271 -29.02 -0.26 51.94
N GLN L 272 -27.99 0.02 51.13
CA GLN L 272 -27.88 -0.60 49.81
C GLN L 272 -26.45 -0.52 49.31
N GLN L 273 -26.20 -1.24 48.22
CA GLN L 273 -24.95 -1.21 47.47
C GLN L 273 -25.26 -1.65 46.05
N ILE L 274 -24.53 -1.11 45.09
CA ILE L 274 -24.88 -1.27 43.67
C ILE L 274 -23.76 -1.98 42.94
N ILE L 275 -24.15 -2.90 42.05
CA ILE L 275 -23.22 -3.63 41.18
C ILE L 275 -23.74 -3.52 39.75
N GLN L 276 -22.96 -2.90 38.87
CA GLN L 276 -23.35 -2.79 37.47
C GLN L 276 -22.81 -3.97 36.67
N LEU L 277 -23.65 -4.51 35.78
CA LEU L 277 -23.32 -5.71 35.02
C LEU L 277 -23.52 -5.43 33.53
N ASN L 278 -22.51 -5.76 32.74
CA ASN L 278 -22.57 -5.63 31.30
C ASN L 278 -22.10 -6.92 30.64
N ILE L 279 -22.70 -7.19 29.49
CA ILE L 279 -22.49 -8.42 28.74
C ILE L 279 -21.90 -8.07 27.38
N GLN L 280 -20.86 -8.79 26.99
CA GLN L 280 -20.18 -8.57 25.73
C GLN L 280 -20.11 -9.87 24.96
N ALA L 281 -20.12 -9.76 23.63
CA ALA L 281 -20.14 -10.93 22.75
C ALA L 281 -18.92 -10.89 21.83
N SER L 282 -18.77 -11.98 21.06
CA SER L 282 -17.66 -12.15 20.15
C SER L 282 -18.18 -12.22 18.73
N PRO L 283 -17.84 -11.26 17.86
CA PRO L 283 -18.30 -11.32 16.47
C PRO L 283 -17.74 -12.52 15.71
N LYS L 284 -18.64 -13.19 14.99
CA LYS L 284 -18.29 -14.22 14.03
C LYS L 284 -18.08 -13.56 12.67
N VAL L 285 -16.94 -13.83 12.04
CA VAL L 285 -16.58 -13.18 10.79
C VAL L 285 -16.65 -14.19 9.66
N ARG L 286 -17.04 -13.71 8.49
CA ARG L 286 -16.99 -14.46 7.24
C ARG L 286 -16.50 -13.53 6.15
N LEU L 287 -16.14 -14.12 5.00
CA LEU L 287 -15.64 -13.33 3.88
C LEU L 287 -16.08 -14.03 2.60
N SER L 288 -17.10 -13.47 1.96
CA SER L 288 -17.61 -13.97 0.69
C SER L 288 -17.57 -12.83 -0.33
N LEU L 289 -17.98 -13.15 -1.56
CA LEU L 289 -17.94 -12.16 -2.64
C LEU L 289 -18.86 -12.60 -3.77
N ALA L 290 -19.33 -11.63 -4.53
CA ALA L 290 -20.19 -11.90 -5.68
C ALA L 290 -19.42 -11.79 -6.99
N LEU L 294 -18.27 -5.31 -15.28
CA LEU L 294 -17.15 -4.92 -14.43
C LEU L 294 -17.20 -5.66 -13.10
N LEU L 295 -16.10 -6.33 -12.77
CA LEU L 295 -16.01 -7.12 -11.55
C LEU L 295 -14.81 -6.67 -10.72
N PRO L 296 -14.79 -7.01 -9.42
CA PRO L 296 -15.81 -7.70 -8.62
C PRO L 296 -16.26 -6.94 -7.37
N THR L 297 -17.02 -7.61 -6.52
CA THR L 297 -17.50 -7.07 -5.25
C THR L 297 -17.08 -7.99 -4.11
N LEU L 298 -17.22 -7.48 -2.89
CA LEU L 298 -16.62 -8.01 -1.67
C LEU L 298 -17.54 -7.79 -0.48
N ILE L 299 -17.55 -8.78 0.42
CA ILE L 299 -18.39 -8.80 1.61
C ILE L 299 -17.55 -9.29 2.78
N CYS L 300 -17.75 -8.68 3.96
CA CYS L 300 -17.13 -9.14 5.20
C CYS L 300 -18.21 -9.12 6.28
N ASP L 301 -19.02 -10.16 6.32
CA ASP L 301 -20.16 -10.21 7.22
C ASP L 301 -19.70 -10.42 8.67
N ILE L 302 -20.37 -9.72 9.58
CA ILE L 302 -20.09 -9.76 11.01
C ILE L 302 -21.37 -10.16 11.73
N ALA L 303 -21.28 -11.12 12.64
CA ALA L 303 -22.47 -11.73 13.24
C ALA L 303 -22.32 -11.84 14.75
N GLY L 304 -23.32 -11.36 15.48
CA GLY L 304 -23.37 -11.54 16.92
C GLY L 304 -22.22 -10.88 17.66
N TYR L 305 -22.17 -9.55 17.61
CA TYR L 305 -21.03 -8.81 18.14
C TYR L 305 -21.40 -7.85 19.26
N TYR L 306 -22.58 -8.01 19.85
CA TYR L 306 -23.03 -7.13 20.93
C TYR L 306 -21.94 -6.94 22.00
N PRO L 307 -21.68 -5.70 22.43
CA PRO L 307 -22.31 -4.40 22.11
C PRO L 307 -22.01 -3.84 20.71
N LEU L 308 -22.63 -2.71 20.39
CA LEU L 308 -22.69 -2.21 19.01
C LEU L 308 -21.33 -1.77 18.48
N ASP L 309 -20.37 -1.50 19.37
CA ASP L 309 -19.08 -0.97 18.92
C ASP L 309 -18.35 -1.98 18.05
N VAL L 310 -17.89 -1.54 16.88
CA VAL L 310 -17.20 -2.43 15.94
C VAL L 310 -16.45 -1.57 14.93
N VAL L 311 -15.25 -2.00 14.58
CA VAL L 311 -14.45 -1.34 13.55
C VAL L 311 -14.04 -2.39 12.53
N VAL L 312 -13.86 -1.94 11.28
CA VAL L 312 -13.47 -2.82 10.19
C VAL L 312 -12.39 -2.13 9.38
N THR L 313 -11.39 -2.90 8.94
CA THR L 313 -10.33 -2.38 8.09
C THR L 313 -9.97 -3.44 7.06
N TRP L 314 -9.22 -3.02 6.04
CA TRP L 314 -8.88 -3.89 4.92
C TRP L 314 -7.45 -3.64 4.48
N THR L 315 -6.82 -4.68 3.95
CA THR L 315 -5.52 -4.56 3.28
C THR L 315 -5.56 -5.33 1.97
N ARG L 316 -4.75 -4.87 1.02
CA ARG L 316 -4.73 -5.42 -0.34
C ARG L 316 -3.28 -5.62 -0.78
N GLU L 317 -2.88 -6.87 -0.95
CA GLU L 317 -1.52 -7.18 -1.37
C GLU L 317 -1.46 -7.34 -2.88
N GLU L 318 -0.34 -7.87 -3.38
CA GLU L 318 -0.18 -8.11 -4.81
C GLU L 318 0.96 -9.08 -5.08
N LEU L 319 0.84 -10.30 -4.54
CA LEU L 319 1.88 -11.32 -4.67
C LEU L 319 3.22 -10.79 -4.17
N SER L 322 3.38 -4.18 1.24
CA SER L 322 2.42 -3.88 0.17
C SER L 322 0.92 -3.94 0.49
N PRO L 323 0.50 -3.81 1.77
CA PRO L 323 -0.94 -3.96 2.05
C PRO L 323 -1.79 -2.79 1.60
N ALA L 324 -1.29 -1.57 1.78
CA ALA L 324 -2.03 -0.35 1.43
C ALA L 324 -3.44 -0.38 2.00
N GLN L 325 -3.55 -0.12 3.30
CA GLN L 325 -4.83 -0.11 4.00
C GLN L 325 -5.88 0.70 3.24
N VAL L 326 -6.90 0.03 2.71
CA VAL L 326 -7.87 0.69 1.85
C VAL L 326 -8.76 1.61 2.68
N SER L 327 -9.19 2.72 2.05
CA SER L 327 -9.91 3.78 2.76
C SER L 327 -11.22 4.15 2.07
N GLY L 328 -11.74 3.30 1.19
CA GLY L 328 -12.98 3.62 0.50
C GLY L 328 -14.00 2.52 0.55
N ALA L 329 -14.63 2.33 1.71
CA ALA L 329 -15.58 1.24 1.92
C ALA L 329 -16.86 1.77 2.54
N SER L 330 -17.86 0.89 2.60
CA SER L 330 -19.15 1.20 3.19
C SER L 330 -19.67 -0.01 3.94
N PHE L 331 -20.65 0.22 4.80
CA PHE L 331 -21.26 -0.83 5.59
C PHE L 331 -22.70 -1.05 5.15
N SER L 332 -23.25 -2.21 5.52
CA SER L 332 -24.64 -2.50 5.24
C SER L 332 -25.51 -1.92 6.36
N SER L 333 -26.81 -2.21 6.29
CA SER L 333 -27.72 -1.75 7.33
C SER L 333 -27.48 -2.55 8.60
N LEU L 334 -28.23 -2.21 9.65
CA LEU L 334 -28.07 -2.83 10.96
C LEU L 334 -29.05 -3.99 11.10
N ARG L 335 -28.52 -5.22 11.12
CA ARG L 335 -29.28 -6.42 11.42
C ARG L 335 -29.02 -6.84 12.87
N GLN L 336 -29.70 -7.91 13.30
CA GLN L 336 -29.53 -8.42 14.64
C GLN L 336 -30.20 -9.79 14.73
N SER L 337 -30.02 -10.44 15.87
CA SER L 337 -30.64 -11.72 16.18
C SER L 337 -31.73 -11.53 17.23
N VAL L 338 -32.56 -12.56 17.38
CA VAL L 338 -33.66 -12.51 18.33
C VAL L 338 -33.13 -12.43 19.76
N ALA L 339 -31.96 -13.02 20.01
CA ALA L 339 -31.35 -12.92 21.33
C ALA L 339 -30.88 -11.50 21.63
N GLY L 340 -30.70 -10.67 20.61
CA GLY L 340 -30.25 -9.30 20.77
C GLY L 340 -28.91 -8.99 20.15
N THR L 341 -28.17 -10.01 19.72
CA THR L 341 -26.85 -9.79 19.13
C THR L 341 -26.99 -9.16 17.75
N TYR L 342 -26.20 -8.11 17.50
CA TYR L 342 -26.29 -7.37 16.25
C TYR L 342 -25.44 -8.03 15.17
N SER L 343 -25.70 -7.64 13.92
CA SER L 343 -24.99 -8.18 12.77
C SER L 343 -24.98 -7.13 11.66
N ILE L 344 -23.91 -7.12 10.87
CA ILE L 344 -23.74 -6.12 9.82
C ILE L 344 -22.65 -6.58 8.88
N SER L 345 -22.81 -6.28 7.60
CA SER L 345 -21.81 -6.57 6.59
C SER L 345 -21.21 -5.28 6.05
N SER L 346 -19.94 -5.36 5.62
CA SER L 346 -19.20 -4.23 5.08
C SER L 346 -19.03 -4.43 3.58
N SER L 347 -19.79 -3.68 2.80
CA SER L 347 -19.74 -3.79 1.35
C SER L 347 -18.49 -3.12 0.80
N LEU L 348 -17.85 -3.74 -0.19
CA LEU L 348 -16.65 -3.16 -0.78
C LEU L 348 -16.47 -3.76 -2.17
N THR L 349 -15.63 -3.14 -2.98
CA THR L 349 -15.32 -3.65 -4.32
C THR L 349 -13.83 -3.96 -4.44
N ALA L 350 -13.52 -5.10 -5.06
CA ALA L 350 -12.18 -5.67 -4.95
C ALA L 350 -11.12 -4.79 -5.58
N GLU L 351 -11.35 -4.32 -6.81
CA GLU L 351 -10.35 -3.72 -7.68
C GLU L 351 -9.03 -4.49 -7.57
N PRO L 352 -8.91 -5.65 -8.24
CA PRO L 352 -7.77 -6.56 -8.17
C PRO L 352 -6.42 -5.87 -8.36
N ALA L 355 -0.66 -12.81 -10.39
CA ALA L 355 -0.47 -11.76 -9.39
C ALA L 355 -1.73 -11.57 -8.56
N GLY L 356 -2.55 -10.60 -8.97
CA GLY L 356 -3.78 -10.32 -8.26
C GLY L 356 -3.53 -9.80 -6.85
N ALA L 357 -4.61 -9.71 -6.09
CA ALA L 357 -4.58 -9.01 -4.80
C ALA L 357 -5.30 -9.84 -3.74
N THR L 358 -4.60 -10.14 -2.65
CA THR L 358 -5.21 -10.78 -1.50
C THR L 358 -5.65 -9.70 -0.52
N TYR L 359 -6.89 -9.81 -0.04
CA TYR L 359 -7.49 -8.83 0.85
C TYR L 359 -7.69 -9.41 2.23
N THR L 360 -7.48 -8.58 3.26
CA THR L 360 -7.76 -8.96 4.63
C THR L 360 -8.72 -7.95 5.25
N CYS L 361 -9.71 -8.48 5.98
CA CYS L 361 -10.73 -7.69 6.66
C CYS L 361 -10.57 -7.92 8.15
N GLN L 362 -10.11 -6.91 8.87
CA GLN L 362 -9.80 -7.02 10.29
C GLN L 362 -10.83 -6.25 11.12
N VAL L 363 -11.25 -6.86 12.22
CA VAL L 363 -12.30 -6.32 13.09
C VAL L 363 -11.78 -6.31 14.51
N THR L 364 -11.86 -5.16 15.18
CA THR L 364 -11.44 -5.02 16.57
C THR L 364 -12.69 -4.65 17.39
N HIS L 365 -13.37 -5.66 17.92
CA HIS L 365 -14.49 -5.47 18.82
C HIS L 365 -13.97 -5.07 20.20
N ILE L 366 -14.89 -4.80 21.13
CA ILE L 366 -14.50 -4.43 22.47
C ILE L 366 -13.79 -5.57 23.19
N SER L 367 -13.94 -6.80 22.70
CA SER L 367 -13.38 -7.97 23.37
C SER L 367 -12.29 -8.65 22.55
N LEU L 368 -12.59 -9.11 21.35
CA LEU L 368 -11.70 -10.01 20.62
C LEU L 368 -10.81 -9.22 19.64
N GLU L 369 -10.23 -9.94 18.68
CA GLU L 369 -9.43 -9.36 17.61
C GLU L 369 -9.32 -10.40 16.50
N GLU L 370 -9.76 -10.06 15.28
CA GLU L 370 -9.86 -11.07 14.24
C GLU L 370 -9.54 -10.54 12.85
N PRO L 371 -8.77 -11.29 12.06
CA PRO L 371 -8.67 -11.00 10.62
C PRO L 371 -9.37 -12.04 9.77
N LEU L 372 -9.40 -11.83 8.45
CA LEU L 372 -9.95 -12.80 7.51
C LEU L 372 -9.47 -12.42 6.12
N GLY L 373 -8.88 -13.35 5.41
CA GLY L 373 -8.23 -13.06 4.13
C GLY L 373 -8.68 -13.95 3.00
N ALA L 374 -8.84 -13.36 1.83
CA ALA L 374 -9.17 -14.09 0.61
C ALA L 374 -8.50 -13.42 -0.57
N SER L 375 -7.99 -14.22 -1.51
CA SER L 375 -7.26 -13.72 -2.66
C SER L 375 -8.19 -13.56 -3.87
N THR L 376 -7.90 -12.54 -4.69
CA THR L 376 -8.76 -12.16 -5.80
C THR L 376 -7.93 -12.03 -7.08
N GLN L 377 -8.42 -12.65 -8.15
CA GLN L 377 -7.80 -12.64 -9.47
C GLN L 377 -8.87 -12.96 -10.50
N VAL L 378 -8.93 -12.17 -11.56
CA VAL L 378 -9.92 -12.39 -12.62
C VAL L 378 -9.46 -13.47 -13.59
#